data_6VR4
#
_entry.id   6VR4
#
_cell.length_a   266.441
_cell.length_b   297.181
_cell.length_c   92.015
_cell.angle_alpha   90.000
_cell.angle_beta   90.000
_cell.angle_gamma   90.000
#
_symmetry.space_group_name_H-M   'P 21 21 2'
#
loop_
_entity.id
_entity.type
_entity.pdbx_description
1 polymer 'DNA-dependent RNA polymerase'
2 non-polymer 'CHLORIDE ION'
3 non-polymer 'SODIUM ION'
#
_entity_poly.entity_id   1
_entity_poly.type   'polypeptide(L)'
_entity_poly.pdbx_seq_one_letter_code
;(MSE)GSSHHHHHHSQDP(MSE)ACKIENIKYKGKEVESKLGSQLIDIFNDLDRAKEEYDKLSSPEFIAKFGDWINDEVE
RNVNEDGEPLLIQDVRQDSSKHYFFILKNGERFDLLTREFDSFTSPDLTNEIKEITDQLSYYIYNKHFSSDFEQVEGAKL
NIQNEISQFVKEGKAPVQAAYNKLQDPDIKDLLDYYDNIEKHSDEFESEIVKFFSEKKLIIKDAELEDVTQEGLNEGLQG
GDLVQAFEKNSKDNATANVKL(MSE)LSFLPKIDNLTGEPALGDYLNKPVFRSFDSIHSELLEVLSDITTLHVQGEVLDV
FSS(MSE)YNKIKELADFKKSFKPLLEILDTIDEQKKTEFVQAFYLSKINFYTTTIETLETEDQNNTLTTFKVQNVSNAN
NPISSKLTEYYTNFKYKILPGGKLNKGKLKDLQSTVTSLLEKTRKENNPKYKSDSDFYEVFEEGVVEL(MSE)QVFEDLG
VDSITFEA(MSE)DIFLKQFRFDLPENNAYKI(MSE)YQQYQGKLTNLNNLLKDIQSNKINPYKINPFKNYSNLIFNSLA
EAENYFIENNNESTIFSNGKTYWNFARPSYISNRINTFKNNPGVLRQLLNTSYGQSSLWAKHLLGEEKNVTGDFVLAGNA
RESASENRLKSLELSIFNSLQEKDKGAEGNDNGSISIVDQLADKLNKVLRGGTKNGTSIYSTVTPGDKSTLHEIKIDHFI
PETISSFSNGT(MSE)IFNDKIVNAFTDHFVSEVNR(MSE)KEAYQELETLPESKRVVHYHTDARGNV(MSE)KDGKLAG
NAFKSGHILSELSFDQITQDDNE(MSE)LKLYNEDGSPINPKGAVSNEQKILIKQTINKVLNQRIKENIRYFKDQGLVID
TVNKDGNKGFHFHGLDKSI(MSE)SEYTDDIQLTEFDISHVVSDFTLNSILASIEYTKLFTGDPANYKN(MSE)VDFFKR
VPATYTNGTNLRLGLEANDHLFDVAVLENIVKPSAYLKEIGESLKLSDLSEAEKKYILEAYEDVNQTDAQAWITPKRWAF
LISRTGKWNSKYQSVYNKILKSESLDASE(MSE)KLAAQPLKGVYFGLVNNTPTYLKYSQAVLLPQLVAGTQLQSLADA
(MSE)NKQDIGESIVLDGVKVGATTPNIVTDENGDILKSISLNPLTLSNADWKLQQDLPVKTIKPTLLGSQIQKNIYSSL
TDEATYTIENEAFNGSG(MSE)FQAINDTVSA(MSE)SNLSIAGLSSELGKDSEGKIDKRKLYD(MSE)LERE(MSE)LD
KGSAINLLKSIQKNLPIEA(MSE)PGIKDKLYNIVFSKINSAAVKLKTNGGSFIQLSNFGLDKQTADAKGITWLVEPSDL
KPPVIEKDADGKNYIRPGQIF(MSE)SHVQIAKLVPDYAK(MSE)DSKTLSS(MSE)IDPKALRAIGYRIPNQGQSSNDP
LQIVGILPEA(MSE)GDTIVAYTEIPTKTGSDFDIDK(MSE)YV(MSE)LPNFKVEHTKKSFKLAKDYIAQNEITVEE
(MSE)YDELEDHGFNIDDIANGEEVTESAITEAFIKNHILNSNSELEYHNDFVKQHNIDAVNKIDFLGYSEELHKNKSEQ
LQNRLFDLYWAVLTNEKTYGDLITPIDFPHVKDEIKRVFGDNSKQTGENLKFHDPLYQLKLKFTYAGGKSGVGITAN
(MSE)LVDHNRSKGID(MSE)QFNQYNLGVGHTQNGNTVFDKEYSEELNGTRFKIKDTISAFLNAFVDNAKDPYINDGNF
NTYTSSVAF(MSE)LIRAGVHPDWIISFIGQPVLRELADFTQRYESKIIPKEDVGKSSFDIIVEKYETINQESYKDAESR
AFSLDTLQESIEVGVHGIDLDVLKTFKGFQEQAKRLNESVQLSRFDTNGSGKNILDLIILKNKIKNLYVSEQTQQKGS
(MSE)(MSE)NHFKKYHNNGKITSLGTQVKNTLLFTDDILNNNPSLFLLGSKPIQDLVNSISNNLVDSRGGSRGLLTNED
VGKLFYKEVYKYI(MSE)ADFAPFKVGDP(MSE)AYIKDTIFDLVNYKTEDKQYDSSNFFIEN(MSE)TVYENSFGITNK
NKSVDFQDRLYRSAYDL(MSE)(MSE)ENPELANK(MSE)FISSFL(MSE)NGFENKLIDIKEYIPYQWFLENDIRSFIE
SKNTGLKDSSESLRSFEEQFIKNNSDSNILAPKVSQSVIKSIKGIKSKHVFELPINDKTKRYILGATETKEEVLPNYVKV
GSDLYRLKAYREKSGVYVRTNKLGFEDPKSFLSIKEYKFGTRTGGNFTGELTKQELVYTNQWVNENITLANGYISADSRT
VDNPADKILEQNSLENILFSQNNVVSSDENDITKQECK
;
_entity_poly.pdbx_strand_id   A,B
#
loop_
_chem_comp.id
_chem_comp.type
_chem_comp.name
_chem_comp.formula
CL non-polymer 'CHLORIDE ION' 'Cl -1'
NA non-polymer 'SODIUM ION' 'Na 1'
#
# COMPACT_ATOMS: atom_id res chain seq x y z
N ALA A 16 14.30 50.90 23.05
CA ALA A 16 13.92 51.99 22.16
C ALA A 16 15.15 52.64 21.53
N CYS A 17 15.34 53.92 21.83
CA CYS A 17 16.42 54.73 21.25
C CYS A 17 16.38 54.66 19.72
N LYS A 18 15.19 54.92 19.18
CA LYS A 18 14.99 54.83 17.75
C LYS A 18 15.60 56.03 17.03
N ILE A 19 15.61 55.96 15.70
CA ILE A 19 16.21 56.98 14.85
C ILE A 19 15.16 58.00 14.44
N GLU A 20 15.58 59.27 14.37
CA GLU A 20 14.68 60.40 14.16
C GLU A 20 14.84 60.99 12.77
N ASN A 21 13.80 61.71 12.34
CA ASN A 21 13.80 62.34 11.03
C ASN A 21 14.86 63.42 10.93
N ILE A 22 15.73 63.31 9.92
CA ILE A 22 16.74 64.33 9.70
C ILE A 22 16.11 65.63 9.18
N LYS A 23 15.08 65.52 8.33
CA LYS A 23 14.43 66.73 7.82
C LYS A 23 13.79 67.53 8.95
N TYR A 24 13.27 66.86 9.97
CA TYR A 24 12.74 67.52 11.16
C TYR A 24 13.71 67.38 12.33
N LYS A 25 14.96 67.78 12.10
CA LYS A 25 16.01 67.64 13.09
C LYS A 25 15.72 68.49 14.33
N GLY A 26 15.96 67.92 15.50
CA GLY A 26 15.70 68.62 16.74
C GLY A 26 14.26 68.63 17.18
N LYS A 27 13.50 67.58 16.88
CA LYS A 27 12.10 67.50 17.26
C LYS A 27 11.81 66.10 17.81
N GLU A 28 10.63 65.94 18.40
CA GLU A 28 10.25 64.67 19.01
C GLU A 28 10.01 63.59 17.97
N VAL A 29 9.81 63.95 16.71
CA VAL A 29 9.41 62.97 15.71
C VAL A 29 10.53 61.95 15.48
N GLU A 30 10.13 60.75 15.08
CA GLU A 30 11.06 59.67 14.74
C GLU A 30 10.94 59.35 13.26
N SER A 31 11.87 58.53 12.79
CA SER A 31 11.91 58.14 11.38
C SER A 31 11.11 56.86 11.19
N LYS A 32 9.98 56.98 10.48
CA LYS A 32 9.23 55.78 10.11
C LYS A 32 10.02 54.92 9.13
N LEU A 33 10.68 55.57 8.15
CA LEU A 33 11.64 54.87 7.31
C LEU A 33 12.74 54.24 8.16
N GLY A 34 13.16 54.92 9.21
CA GLY A 34 14.17 54.36 10.09
C GLY A 34 13.69 53.10 10.78
N SER A 35 12.44 53.10 11.24
CA SER A 35 11.86 51.89 11.83
C SER A 35 11.79 50.77 10.79
N GLN A 36 11.42 51.10 9.56
CA GLN A 36 11.38 50.08 8.50
C GLN A 36 12.76 49.47 8.27
N LEU A 37 13.77 50.33 8.17
CA LEU A 37 15.15 49.87 7.99
C LEU A 37 15.58 49.01 9.16
N ILE A 38 15.21 49.40 10.37
CA ILE A 38 15.53 48.61 11.56
C ILE A 38 14.92 47.22 11.45
N ASP A 39 13.65 47.15 11.02
CA ASP A 39 12.96 45.88 10.93
C ASP A 39 13.55 44.99 9.84
N ILE A 40 14.11 45.57 8.77
CA ILE A 40 14.54 44.73 7.66
C ILE A 40 16.03 44.34 7.70
N PHE A 41 16.91 45.15 8.29
CA PHE A 41 18.30 44.72 8.45
C PHE A 41 18.61 43.99 9.76
N ASN A 42 17.76 44.12 10.78
CA ASN A 42 17.98 43.44 12.06
C ASN A 42 19.29 43.87 12.72
N ASP A 43 19.77 45.07 12.41
CA ASP A 43 20.95 45.63 13.05
C ASP A 43 20.67 47.09 13.37
N LEU A 44 20.66 47.41 14.67
CA LEU A 44 20.35 48.76 15.09
C LEU A 44 21.37 49.78 14.59
N ASP A 45 22.65 49.37 14.51
CA ASP A 45 23.69 50.27 14.04
C ASP A 45 23.66 50.42 12.51
N ARG A 46 23.50 49.31 11.79
CA ARG A 46 23.50 49.34 10.33
C ARG A 46 22.34 50.15 9.77
N ALA A 47 21.18 50.14 10.44
CA ALA A 47 20.05 50.91 9.96
C ALA A 47 20.36 52.40 9.98
N LYS A 48 20.88 52.91 11.10
CA LYS A 48 21.27 54.30 11.15
C LYS A 48 22.43 54.59 10.21
N GLU A 49 23.30 53.60 9.98
CA GLU A 49 24.39 53.79 9.02
C GLU A 49 23.85 54.03 7.61
N GLU A 50 22.92 53.17 7.18
CA GLU A 50 22.31 53.36 5.86
C GLU A 50 21.49 54.64 5.81
N TYR A 51 20.84 55.01 6.91
CA TYR A 51 20.07 56.25 6.95
C TYR A 51 20.96 57.46 6.78
N ASP A 52 22.11 57.49 7.47
CA ASP A 52 23.06 58.57 7.27
C ASP A 52 23.66 58.54 5.88
N LYS A 53 23.75 57.36 5.27
CA LYS A 53 24.14 57.27 3.87
C LYS A 53 23.11 57.93 2.97
N LEU A 54 21.83 57.82 3.34
CA LEU A 54 20.78 58.47 2.55
C LEU A 54 20.93 59.98 2.54
N SER A 55 21.32 60.56 3.67
CA SER A 55 21.48 62.01 3.78
C SER A 55 22.73 62.53 3.07
N SER A 56 23.53 61.66 2.46
CA SER A 56 24.72 62.10 1.75
C SER A 56 24.32 62.95 0.54
N PRO A 57 25.20 63.87 0.12
CA PRO A 57 24.82 64.77 -0.98
C PRO A 57 24.58 64.07 -2.31
N GLU A 58 25.28 62.97 -2.58
CA GLU A 58 25.07 62.26 -3.84
C GLU A 58 23.67 61.67 -3.91
N PHE A 59 23.18 61.13 -2.80
CA PHE A 59 21.80 60.62 -2.77
C PHE A 59 20.81 61.76 -2.93
N ILE A 60 21.10 62.92 -2.36
CA ILE A 60 20.21 64.07 -2.51
C ILE A 60 20.17 64.54 -3.97
N ALA A 61 21.31 64.47 -4.66
CA ALA A 61 21.35 64.91 -6.05
C ALA A 61 20.67 63.89 -6.97
N LYS A 62 20.87 62.60 -6.71
CA LYS A 62 20.31 61.58 -7.59
C LYS A 62 18.83 61.34 -7.32
N PHE A 63 18.38 61.54 -6.08
CA PHE A 63 17.03 61.22 -5.64
C PHE A 63 16.16 62.44 -5.42
N GLY A 64 16.73 63.53 -4.90
CA GLY A 64 15.96 64.69 -4.54
C GLY A 64 16.28 65.14 -3.12
N ASP A 65 15.91 66.37 -2.78
CA ASP A 65 16.18 66.93 -1.47
C ASP A 65 14.92 66.82 -0.63
N TRP A 66 14.85 65.78 0.21
CA TRP A 66 13.75 65.63 1.14
C TRP A 66 14.01 66.30 2.48
N ILE A 67 15.24 66.74 2.73
CA ILE A 67 15.55 67.39 4.00
C ILE A 67 15.07 68.84 4.00
N ASN A 68 15.35 69.57 2.93
CA ASN A 68 14.92 70.96 2.84
C ASN A 68 13.60 71.07 2.06
N ASP A 69 13.63 70.78 0.77
CA ASP A 69 12.42 70.77 -0.03
C ASP A 69 11.56 69.56 0.31
N GLU A 70 10.31 69.57 -0.17
CA GLU A 70 9.39 68.47 0.01
C GLU A 70 9.08 67.83 -1.34
N VAL A 71 9.61 66.62 -1.55
CA VAL A 71 9.36 65.89 -2.79
C VAL A 71 7.97 65.27 -2.72
N GLU A 72 7.41 64.97 -3.90
CA GLU A 72 6.05 64.44 -4.01
C GLU A 72 6.01 62.97 -4.42
N ARG A 73 6.86 62.55 -5.35
CA ARG A 73 6.78 61.19 -5.89
C ARG A 73 7.34 60.17 -4.90
N ASN A 74 8.59 60.34 -4.52
CA ASN A 74 9.37 59.31 -3.84
C ASN A 74 9.53 59.67 -2.37
N VAL A 75 8.42 59.59 -1.64
CA VAL A 75 8.44 60.04 -0.25
C VAL A 75 7.41 59.26 0.55
N ASN A 76 7.65 59.17 1.86
CA ASN A 76 6.73 58.54 2.80
C ASN A 76 5.86 59.61 3.47
N GLU A 77 5.06 59.20 4.45
CA GLU A 77 4.13 60.12 5.09
C GLU A 77 4.86 61.31 5.72
N ASP A 78 5.95 61.04 6.44
CA ASP A 78 6.65 62.07 7.20
C ASP A 78 7.73 62.78 6.41
N GLY A 79 7.79 62.59 5.10
CA GLY A 79 8.72 63.32 4.27
C GLY A 79 10.04 62.65 3.99
N GLU A 80 10.13 61.32 4.17
CA GLU A 80 11.35 60.55 4.01
C GLU A 80 11.27 59.65 2.78
N PRO A 81 12.42 59.36 2.15
CA PRO A 81 12.41 58.47 0.97
C PRO A 81 11.86 57.11 1.34
N LEU A 82 10.75 56.72 0.70
CA LEU A 82 10.08 55.49 1.09
C LEU A 82 10.83 54.27 0.57
N LEU A 83 10.91 53.24 1.40
CA LEU A 83 11.38 51.93 0.95
C LEU A 83 10.29 51.23 0.18
N ILE A 84 10.64 50.66 -0.97
CA ILE A 84 9.73 49.88 -1.78
C ILE A 84 10.17 48.43 -1.71
N GLN A 85 9.24 47.56 -1.30
CA GLN A 85 9.48 46.15 -1.11
C GLN A 85 8.85 45.38 -2.27
N ASP A 86 9.66 44.63 -2.98
CA ASP A 86 9.19 43.76 -4.05
C ASP A 86 9.29 42.32 -3.55
N VAL A 87 8.15 41.63 -3.54
CA VAL A 87 8.11 40.20 -3.25
C VAL A 87 8.02 39.48 -4.59
N ARG A 88 8.94 38.55 -4.81
CA ARG A 88 9.08 37.91 -6.11
C ARG A 88 8.17 36.69 -6.20
N GLN A 89 8.29 35.94 -7.30
CA GLN A 89 7.46 34.75 -7.48
C GLN A 89 7.82 33.66 -6.47
N ASP A 90 9.09 33.58 -6.08
CA ASP A 90 9.54 32.62 -5.08
C ASP A 90 9.50 33.19 -3.66
N SER A 91 8.68 34.23 -3.43
CA SER A 91 8.50 34.85 -2.12
C SER A 91 9.77 35.51 -1.60
N SER A 92 10.74 35.78 -2.47
CA SER A 92 11.92 36.53 -2.06
C SER A 92 11.57 38.00 -1.86
N LYS A 93 12.10 38.59 -0.80
CA LYS A 93 11.83 39.99 -0.46
C LYS A 93 13.05 40.83 -0.78
N HIS A 94 12.87 41.83 -1.63
CA HIS A 94 13.93 42.78 -1.96
C HIS A 94 13.44 44.20 -1.65
N TYR A 95 14.36 45.05 -1.21
CA TYR A 95 14.04 46.41 -0.82
C TYR A 95 14.89 47.38 -1.61
N PHE A 96 14.25 48.45 -2.10
CA PHE A 96 14.96 49.41 -2.93
C PHE A 96 14.31 50.78 -2.84
N PHE A 97 15.01 51.78 -3.37
CA PHE A 97 14.53 53.14 -3.51
C PHE A 97 14.35 53.48 -4.98
N ILE A 98 13.51 54.48 -5.26
CA ILE A 98 13.36 55.04 -6.59
C ILE A 98 13.88 56.47 -6.56
N LEU A 99 14.82 56.78 -7.44
CA LEU A 99 15.44 58.10 -7.50
C LEU A 99 14.64 59.02 -8.41
N LYS A 100 15.18 60.21 -8.68
CA LYS A 100 14.58 61.09 -9.68
C LYS A 100 14.42 60.39 -11.01
N ASN A 101 15.47 59.68 -11.44
CA ASN A 101 15.50 59.10 -12.78
C ASN A 101 14.49 57.97 -12.96
N GLY A 102 13.93 57.45 -11.88
CA GLY A 102 13.23 56.20 -11.93
C GLY A 102 14.12 54.99 -11.76
N GLU A 103 15.41 55.20 -11.53
CA GLU A 103 16.36 54.11 -11.37
C GLU A 103 16.15 53.43 -10.02
N ARG A 104 16.60 52.18 -9.94
CA ARG A 104 16.54 51.40 -8.71
C ARG A 104 17.80 51.67 -7.90
N PHE A 105 17.62 52.14 -6.67
CA PHE A 105 18.69 52.20 -5.68
C PHE A 105 18.56 50.97 -4.79
N ASP A 106 19.35 49.95 -5.09
CA ASP A 106 19.26 48.70 -4.35
C ASP A 106 19.82 48.86 -2.94
N LEU A 107 19.10 48.31 -1.97
CA LEU A 107 19.49 48.42 -0.58
C LEU A 107 20.44 47.32 -0.13
N LEU A 108 20.65 46.30 -0.97
CA LEU A 108 21.60 45.23 -0.71
C LEU A 108 21.27 44.50 0.60
N THR A 109 20.03 44.05 0.71
CA THR A 109 19.64 43.21 1.83
C THR A 109 20.23 41.80 1.67
N ARG A 110 20.53 41.17 2.79
CA ARG A 110 21.14 39.85 2.80
C ARG A 110 20.18 38.84 3.41
N GLU A 111 20.18 37.63 2.86
CA GLU A 111 19.43 36.53 3.45
C GLU A 111 20.22 35.90 4.59
N PHE A 112 19.50 35.32 5.54
CA PHE A 112 20.08 34.74 6.76
C PHE A 112 20.89 35.79 7.52
N ASP A 113 20.23 36.92 7.84
CA ASP A 113 20.95 38.00 8.50
C ASP A 113 21.37 37.61 9.92
N SER A 114 20.55 36.80 10.60
CA SER A 114 20.80 36.50 12.01
C SER A 114 22.10 35.72 12.21
N PHE A 115 22.49 34.89 11.25
CA PHE A 115 23.74 34.14 11.36
C PHE A 115 24.89 35.01 10.89
N THR A 116 25.92 35.12 11.73
CA THR A 116 26.97 36.11 11.51
C THR A 116 28.37 35.50 11.45
N SER A 117 28.47 34.21 11.16
CA SER A 117 29.79 33.60 11.05
C SER A 117 30.54 34.18 9.85
N PRO A 118 31.84 34.46 9.99
CA PRO A 118 32.61 34.92 8.84
C PRO A 118 32.66 33.88 7.73
N ASP A 119 32.70 32.60 8.11
CA ASP A 119 32.51 31.51 7.16
C ASP A 119 31.04 31.09 7.21
N LEU A 120 30.20 31.95 6.63
CA LEU A 120 28.76 31.80 6.71
C LEU A 120 28.26 30.64 5.85
N THR A 121 28.95 30.35 4.75
CA THR A 121 28.48 29.36 3.79
C THR A 121 28.31 28.00 4.43
N ASN A 122 29.38 27.46 5.02
CA ASN A 122 29.29 26.13 5.60
C ASN A 122 28.43 26.13 6.86
N GLU A 123 28.23 27.27 7.52
CA GLU A 123 27.31 27.32 8.65
C GLU A 123 25.87 27.04 8.21
N ILE A 124 25.37 27.84 7.26
CA ILE A 124 24.03 27.56 6.74
C ILE A 124 23.97 26.20 6.03
N LYS A 125 25.09 25.74 5.45
CA LYS A 125 25.07 24.43 4.84
C LYS A 125 24.90 23.32 5.89
N GLU A 126 25.57 23.46 7.03
CA GLU A 126 25.42 22.49 8.12
C GLU A 126 23.97 22.47 8.60
N ILE A 127 23.40 23.65 8.84
CA ILE A 127 22.02 23.70 9.34
C ILE A 127 21.06 23.10 8.32
N THR A 128 21.21 23.48 7.05
CA THR A 128 20.32 22.96 6.00
C THR A 128 20.46 21.45 5.84
N ASP A 129 21.70 20.94 5.88
CA ASP A 129 21.92 19.50 5.74
C ASP A 129 21.31 18.74 6.92
N GLN A 130 21.40 19.29 8.13
CA GLN A 130 20.81 18.59 9.27
C GLN A 130 19.29 18.61 9.19
N LEU A 131 18.70 19.74 8.77
CA LEU A 131 17.24 19.76 8.59
C LEU A 131 16.82 18.76 7.52
N SER A 132 17.59 18.68 6.43
CA SER A 132 17.27 17.75 5.35
C SER A 132 17.38 16.30 5.83
N TYR A 133 18.40 16.01 6.65
CA TYR A 133 18.51 14.66 7.20
C TYR A 133 17.36 14.35 8.14
N TYR A 134 16.95 15.32 8.95
CA TYR A 134 15.79 15.13 9.82
C TYR A 134 14.57 14.72 9.00
N ILE A 135 14.26 15.50 7.96
CA ILE A 135 13.06 15.22 7.17
C ILE A 135 13.21 13.92 6.39
N TYR A 136 14.42 13.63 5.89
CA TYR A 136 14.63 12.39 5.16
C TYR A 136 14.43 11.17 6.06
N ASN A 137 15.10 11.17 7.22
CA ASN A 137 14.97 10.05 8.15
C ASN A 137 13.54 9.89 8.64
N LYS A 138 12.80 10.99 8.78
CA LYS A 138 11.43 10.89 9.25
C LYS A 138 10.52 10.32 8.16
N HIS A 139 10.50 10.97 6.99
CA HIS A 139 9.56 10.61 5.93
C HIS A 139 10.17 9.65 4.90
N PHE A 140 11.25 10.06 4.24
CA PHE A 140 11.73 9.37 3.06
C PHE A 140 12.59 8.15 3.37
N SER A 141 12.74 7.78 4.65
CA SER A 141 13.63 6.67 4.99
C SER A 141 13.17 5.37 4.35
N SER A 142 11.87 5.21 4.12
CA SER A 142 11.34 4.01 3.48
C SER A 142 11.37 4.15 1.97
N ASP A 143 10.54 5.05 1.43
CA ASP A 143 10.46 5.29 0.00
C ASP A 143 10.28 6.79 -0.23
N PHE A 144 10.50 7.21 -1.48
CA PHE A 144 10.43 8.62 -1.81
C PHE A 144 9.46 8.91 -2.96
N GLU A 145 9.38 7.99 -3.92
CA GLU A 145 8.72 8.31 -5.18
C GLU A 145 7.21 8.51 -5.06
N GLN A 146 6.61 8.35 -3.88
CA GLN A 146 5.18 8.62 -3.75
C GLN A 146 4.89 9.93 -3.03
N VAL A 147 5.80 10.40 -2.18
CA VAL A 147 5.53 11.59 -1.38
C VAL A 147 5.97 12.87 -2.09
N GLU A 148 7.13 12.82 -2.76
CA GLU A 148 7.67 13.94 -3.54
C GLU A 148 7.84 15.19 -2.68
N GLY A 149 7.95 15.04 -1.37
CA GLY A 149 8.10 16.19 -0.50
C GLY A 149 6.91 17.13 -0.50
N ALA A 150 5.70 16.58 -0.61
CA ALA A 150 4.48 17.37 -0.58
C ALA A 150 3.50 16.93 0.49
N LYS A 151 3.48 15.66 0.86
CA LYS A 151 2.68 15.23 2.01
C LYS A 151 3.15 15.93 3.27
N LEU A 152 4.45 15.89 3.53
CA LEU A 152 5.05 16.63 4.64
C LEU A 152 4.92 18.13 4.43
N ASN A 153 4.73 18.85 5.53
CA ASN A 153 4.86 20.30 5.56
C ASN A 153 6.22 20.64 6.15
N ILE A 154 7.06 21.31 5.36
CA ILE A 154 8.42 21.64 5.80
C ILE A 154 8.40 22.45 7.09
N GLN A 155 7.52 23.45 7.17
CA GLN A 155 7.55 24.41 8.28
C GLN A 155 7.36 23.70 9.62
N ASN A 156 6.37 22.82 9.70
CA ASN A 156 6.15 22.05 10.91
C ASN A 156 7.39 21.23 11.26
N GLU A 157 8.11 20.74 10.25
CA GLU A 157 9.30 19.95 10.53
C GLU A 157 10.44 20.80 11.06
N ILE A 158 10.60 22.00 10.49
CA ILE A 158 11.58 22.95 11.03
C ILE A 158 11.29 23.22 12.50
N SER A 159 10.03 23.56 12.80
CA SER A 159 9.68 23.92 14.18
C SER A 159 9.85 22.72 15.12
N GLN A 160 9.50 21.52 14.65
CA GLN A 160 9.61 20.34 15.48
C GLN A 160 11.06 19.98 15.75
N PHE A 161 11.92 20.07 14.73
CA PHE A 161 13.36 19.86 14.94
C PHE A 161 13.92 20.88 15.92
N VAL A 162 13.48 22.13 15.81
CA VAL A 162 13.95 23.17 16.73
C VAL A 162 13.55 22.83 18.16
N LYS A 163 12.28 22.46 18.37
CA LYS A 163 11.82 22.10 19.70
C LYS A 163 12.59 20.91 20.26
N GLU A 164 12.80 19.88 19.44
CA GLU A 164 13.48 18.68 19.90
C GLU A 164 14.92 18.95 20.28
N GLY A 165 15.65 19.70 19.43
CA GLY A 165 17.01 20.06 19.78
C GLY A 165 17.12 21.08 20.89
N LYS A 166 16.03 21.79 21.18
CA LYS A 166 16.05 22.85 22.19
C LYS A 166 15.71 22.35 23.58
N ALA A 167 14.86 21.32 23.70
CA ALA A 167 14.38 20.85 24.99
C ALA A 167 15.50 20.55 26.00
N PRO A 168 16.47 19.69 25.69
CA PRO A 168 17.49 19.40 26.71
C PRO A 168 18.35 20.60 27.04
N VAL A 169 18.59 21.47 26.06
CA VAL A 169 19.35 22.69 26.32
C VAL A 169 18.56 23.62 27.25
N GLN A 170 17.25 23.70 27.06
CA GLN A 170 16.41 24.49 27.96
C GLN A 170 16.44 23.91 29.37
N ALA A 171 16.46 22.57 29.49
CA ALA A 171 16.57 21.95 30.81
C ALA A 171 17.90 22.32 31.47
N ALA A 172 19.01 22.17 30.73
CA ALA A 172 20.32 22.54 31.25
C ALA A 172 20.38 24.01 31.64
N TYR A 173 19.63 24.87 30.93
CA TYR A 173 19.58 26.27 31.30
C TYR A 173 18.80 26.46 32.60
N ASN A 174 17.68 25.75 32.74
CA ASN A 174 16.88 25.86 33.96
C ASN A 174 17.65 25.37 35.18
N LYS A 175 18.55 24.40 35.00
CA LYS A 175 19.33 23.91 36.13
C LYS A 175 20.22 25.00 36.70
N LEU A 176 21.02 25.64 35.85
CA LEU A 176 21.90 26.73 36.28
C LEU A 176 21.97 27.75 35.16
N GLN A 177 21.80 29.03 35.49
CA GLN A 177 21.78 30.07 34.48
C GLN A 177 23.19 30.33 33.97
N ASP A 178 23.39 30.22 32.65
CA ASP A 178 24.68 30.39 32.02
C ASP A 178 24.47 31.06 30.67
N PRO A 179 25.18 32.14 30.36
CA PRO A 179 24.98 32.83 29.07
C PRO A 179 25.29 31.96 27.86
N ASP A 180 26.17 30.96 28.00
CA ASP A 180 26.46 30.08 26.86
C ASP A 180 25.24 29.27 26.46
N ILE A 181 24.49 28.77 27.46
CA ILE A 181 23.29 28.00 27.17
C ILE A 181 22.24 28.89 26.54
N LYS A 182 22.12 30.14 27.02
CA LYS A 182 21.21 31.09 26.38
C LYS A 182 21.63 31.36 24.93
N ASP A 183 22.94 31.39 24.68
CA ASP A 183 23.42 31.56 23.31
C ASP A 183 22.98 30.40 22.43
N LEU A 184 23.11 29.17 22.93
CA LEU A 184 22.65 28.01 22.17
C LEU A 184 21.15 28.07 21.93
N LEU A 185 20.39 28.48 22.95
CA LEU A 185 18.95 28.59 22.80
C LEU A 185 18.58 29.62 21.76
N ASP A 186 19.27 30.77 21.77
CA ASP A 186 19.04 31.79 20.76
C ASP A 186 19.47 31.31 19.38
N TYR A 187 20.48 30.45 19.29
CA TYR A 187 20.86 29.91 17.99
C TYR A 187 19.76 29.02 17.41
N TYR A 188 19.18 28.16 18.24
CA TYR A 188 18.05 27.35 17.76
C TYR A 188 16.84 28.23 17.43
N ASP A 189 16.59 29.25 18.25
CA ASP A 189 15.52 30.20 17.95
C ASP A 189 15.76 30.90 16.62
N ASN A 190 17.03 31.18 16.30
CA ASN A 190 17.36 31.82 15.02
C ASN A 190 17.17 30.84 13.87
N ILE A 191 17.50 29.57 14.08
CA ILE A 191 17.21 28.54 13.09
C ILE A 191 15.72 28.53 12.77
N GLU A 192 14.87 28.63 13.80
CA GLU A 192 13.43 28.70 13.55
C GLU A 192 13.02 30.04 12.94
N LYS A 193 13.79 31.10 13.22
CA LYS A 193 13.44 32.43 12.75
C LYS A 193 13.44 32.49 11.22
N HIS A 194 14.47 31.92 10.60
CA HIS A 194 14.58 31.84 9.14
C HIS A 194 14.01 30.56 8.58
N SER A 195 12.89 30.07 9.14
CA SER A 195 12.41 28.74 8.77
C SER A 195 12.00 28.67 7.30
N ASP A 196 11.50 29.78 6.74
CA ASP A 196 11.08 29.75 5.34
C ASP A 196 12.27 29.74 4.39
N GLU A 197 13.38 30.38 4.76
CA GLU A 197 14.56 30.36 3.91
C GLU A 197 15.21 28.96 3.89
N PHE A 198 15.33 28.33 5.06
CA PHE A 198 15.77 26.94 5.11
C PHE A 198 14.79 26.04 4.38
N GLU A 199 13.50 26.35 4.46
CA GLU A 199 12.50 25.63 3.68
C GLU A 199 12.81 25.70 2.18
N SER A 200 13.09 26.90 1.69
CA SER A 200 13.44 27.06 0.27
C SER A 200 14.66 26.24 -0.09
N GLU A 201 15.71 26.32 0.74
CA GLU A 201 16.92 25.56 0.47
C GLU A 201 16.65 24.06 0.40
N ILE A 202 15.87 23.53 1.35
CA ILE A 202 15.68 22.08 1.36
C ILE A 202 14.67 21.65 0.30
N VAL A 203 13.74 22.52 -0.09
CA VAL A 203 12.89 22.20 -1.25
C VAL A 203 13.74 22.09 -2.50
N LYS A 204 14.71 22.99 -2.66
CA LYS A 204 15.66 22.85 -3.76
C LYS A 204 16.43 21.53 -3.65
N PHE A 205 16.88 21.19 -2.44
CA PHE A 205 17.62 19.95 -2.23
C PHE A 205 16.80 18.74 -2.66
N PHE A 206 15.56 18.63 -2.21
CA PHE A 206 14.75 17.45 -2.49
C PHE A 206 14.20 17.41 -3.91
N SER A 207 13.98 18.58 -4.54
CA SER A 207 13.49 18.58 -5.90
C SER A 207 14.57 18.17 -6.90
N GLU A 208 15.83 18.52 -6.62
CA GLU A 208 16.93 18.17 -7.52
C GLU A 208 17.13 16.67 -7.62
N LYS A 209 16.74 15.91 -6.59
CA LYS A 209 16.97 14.46 -6.60
C LYS A 209 16.09 13.77 -7.65
N LYS A 210 14.77 13.91 -7.52
CA LYS A 210 13.86 13.35 -8.51
C LYS A 210 14.08 14.03 -9.85
N LEU A 211 14.30 13.23 -10.89
CA LEU A 211 14.53 13.77 -12.22
C LEU A 211 13.21 14.22 -12.82
N ILE A 212 13.25 15.36 -13.52
CA ILE A 212 12.06 15.98 -14.09
C ILE A 212 11.99 15.63 -15.57
N ILE A 213 10.86 15.10 -15.98
CA ILE A 213 10.63 14.77 -17.38
C ILE A 213 10.01 15.97 -18.08
N LYS A 214 10.55 16.32 -19.24
CA LYS A 214 10.17 17.53 -19.97
C LYS A 214 9.70 17.10 -21.34
N ASP A 215 8.39 17.17 -21.58
CA ASP A 215 7.82 16.60 -22.80
C ASP A 215 7.88 17.55 -23.99
N ALA A 216 7.67 18.85 -23.76
CA ALA A 216 7.53 19.79 -24.86
C ALA A 216 8.81 19.90 -25.67
N GLU A 217 9.90 20.33 -25.03
CA GLU A 217 11.15 20.51 -25.75
C GLU A 217 11.76 19.18 -26.16
N LEU A 218 11.47 18.10 -25.42
CA LEU A 218 11.89 16.78 -25.86
C LEU A 218 11.26 16.44 -27.21
N GLU A 219 9.95 16.65 -27.34
CA GLU A 219 9.29 16.39 -28.61
C GLU A 219 9.77 17.35 -29.69
N ASP A 220 10.05 18.60 -29.32
CA ASP A 220 10.55 19.57 -30.29
C ASP A 220 11.89 19.12 -30.86
N VAL A 221 12.84 18.77 -29.99
CA VAL A 221 14.16 18.34 -30.45
C VAL A 221 14.07 17.00 -31.16
N THR A 222 13.13 16.14 -30.77
CA THR A 222 12.94 14.87 -31.46
C THR A 222 12.48 15.11 -32.90
N GLN A 223 11.50 16.00 -33.07
CA GLN A 223 11.03 16.32 -34.41
C GLN A 223 12.13 16.99 -35.24
N GLU A 224 12.91 17.86 -34.61
CA GLU A 224 14.00 18.51 -35.33
C GLU A 224 15.05 17.50 -35.79
N GLY A 225 15.42 16.57 -34.92
CA GLY A 225 16.38 15.55 -35.29
C GLY A 225 15.85 14.60 -36.34
N LEU A 226 14.57 14.26 -36.27
CA LEU A 226 13.97 13.43 -37.30
C LEU A 226 13.92 14.15 -38.64
N ASN A 227 13.65 15.46 -38.61
CA ASN A 227 13.75 16.27 -39.82
C ASN A 227 15.17 16.21 -40.39
N GLU A 228 16.16 16.41 -39.52
CA GLU A 228 17.56 16.34 -39.93
C GLU A 228 18.01 14.93 -40.24
N GLY A 229 17.23 13.91 -39.87
CA GLY A 229 17.54 12.54 -40.25
C GLY A 229 18.26 11.74 -39.17
N LEU A 230 17.77 11.79 -37.94
CA LEU A 230 18.33 11.06 -36.82
C LEU A 230 17.35 9.97 -36.39
N GLN A 231 17.49 8.79 -37.00
CA GLN A 231 16.57 7.67 -36.74
C GLN A 231 16.92 7.03 -35.40
N GLY A 232 16.03 7.20 -34.42
CA GLY A 232 16.14 6.45 -33.18
C GLY A 232 17.09 7.02 -32.15
N GLY A 233 17.77 6.13 -31.43
CA GLY A 233 18.70 6.52 -30.37
C GLY A 233 19.80 7.45 -30.84
N ASP A 234 20.04 7.53 -32.16
CA ASP A 234 21.02 8.45 -32.70
C ASP A 234 20.57 9.92 -32.62
N LEU A 235 19.40 10.19 -32.04
CA LEU A 235 18.95 11.56 -31.85
C LEU A 235 19.94 12.32 -30.97
N VAL A 236 20.04 11.95 -29.70
CA VAL A 236 21.06 12.46 -28.79
C VAL A 236 21.95 11.31 -28.38
N GLN A 237 23.25 11.54 -28.40
CA GLN A 237 24.20 10.47 -28.11
C GLN A 237 24.15 10.09 -26.63
N ALA A 238 24.59 8.87 -26.34
CA ALA A 238 24.55 8.37 -24.97
C ALA A 238 25.44 9.19 -24.05
N PHE A 239 26.60 9.62 -24.54
CA PHE A 239 27.52 10.41 -23.74
C PHE A 239 27.12 11.88 -23.65
N GLU A 240 26.06 12.28 -24.34
CA GLU A 240 25.51 13.62 -24.18
C GLU A 240 24.58 13.72 -22.97
N LYS A 241 24.16 12.59 -22.41
CA LYS A 241 23.35 12.55 -21.20
C LYS A 241 24.26 12.24 -20.01
N ASN A 242 24.08 12.96 -18.92
CA ASN A 242 24.94 12.81 -17.77
C ASN A 242 24.62 11.53 -17.00
N SER A 243 25.63 11.00 -16.32
CA SER A 243 25.49 9.73 -15.61
C SER A 243 24.68 9.87 -14.33
N LYS A 244 24.62 11.07 -13.74
CA LYS A 244 23.84 11.24 -12.52
C LYS A 244 22.33 11.19 -12.77
N ASP A 245 21.90 11.29 -14.03
CA ASP A 245 20.49 11.12 -14.36
C ASP A 245 20.06 9.66 -14.25
N ASN A 246 21.00 8.74 -14.12
CA ASN A 246 20.69 7.32 -13.98
C ASN A 246 20.46 6.92 -12.53
N ALA A 247 20.84 7.77 -11.57
CA ALA A 247 20.68 7.48 -10.15
C ALA A 247 19.30 7.98 -9.71
N THR A 248 18.43 7.05 -9.32
CA THR A 248 17.12 7.40 -8.80
C THR A 248 17.26 8.27 -7.55
N ALA A 249 16.19 9.01 -7.23
CA ALA A 249 16.20 9.92 -6.10
C ALA A 249 16.50 9.20 -4.79
N ASN A 250 16.05 7.95 -4.66
CA ASN A 250 16.38 7.17 -3.47
C ASN A 250 17.89 6.99 -3.34
N VAL A 251 18.54 6.57 -4.43
CA VAL A 251 19.98 6.37 -4.42
C VAL A 251 20.69 7.72 -4.22
N LYS A 252 20.16 8.77 -4.83
CA LYS A 252 20.76 10.09 -4.67
C LYS A 252 20.78 10.51 -3.21
N LEU A 253 19.64 10.38 -2.51
CA LEU A 253 19.60 10.76 -1.10
C LEU A 253 20.48 9.83 -0.27
N MSE A 254 20.43 8.54 -0.55
CA MSE A 254 21.18 7.51 0.16
C MSE A 254 22.68 7.80 0.12
O MSE A 254 23.38 7.59 1.11
CB MSE A 254 20.85 6.16 -0.45
CG MSE A 254 21.57 4.96 0.13
SE MSE A 254 20.95 3.37 -0.81
CE MSE A 254 22.03 3.52 -2.41
N LEU A 255 23.15 8.28 -1.03
CA LEU A 255 24.53 8.71 -1.15
C LEU A 255 24.75 10.10 -0.60
N SER A 256 23.70 10.93 -0.53
CA SER A 256 23.85 12.29 -0.04
C SER A 256 24.17 12.29 1.46
N PHE A 257 23.47 11.48 2.24
CA PHE A 257 23.60 11.54 3.70
C PHE A 257 24.64 10.54 4.21
N LEU A 258 25.89 10.71 3.75
CA LEU A 258 26.99 9.96 4.34
C LEU A 258 27.91 10.88 5.13
N PRO A 259 28.42 10.43 6.27
CA PRO A 259 29.18 11.33 7.15
C PRO A 259 30.65 11.45 6.76
N LYS A 260 31.20 12.63 7.02
CA LYS A 260 32.64 12.85 6.94
C LYS A 260 33.32 12.25 8.15
N ILE A 261 34.34 11.43 7.92
CA ILE A 261 35.11 10.85 9.01
C ILE A 261 36.19 11.84 9.43
N ASP A 262 36.39 11.96 10.75
CA ASP A 262 37.42 12.86 11.27
C ASP A 262 38.80 12.27 11.00
N ASN A 263 39.66 13.04 10.33
CA ASN A 263 40.99 12.57 9.95
C ASN A 263 41.86 12.20 11.15
N LEU A 264 41.47 12.59 12.37
CA LEU A 264 42.25 12.29 13.57
C LEU A 264 41.65 11.12 14.35
N THR A 265 40.38 11.22 14.72
CA THR A 265 39.75 10.18 15.53
C THR A 265 39.33 8.95 14.71
N GLY A 266 39.29 9.06 13.39
CA GLY A 266 38.86 7.95 12.57
C GLY A 266 37.40 7.59 12.73
N GLU A 267 36.58 8.55 13.11
CA GLU A 267 35.15 8.36 13.33
C GLU A 267 34.43 9.59 12.81
N PRO A 268 33.13 9.48 12.53
CA PRO A 268 32.41 10.61 11.92
C PRO A 268 32.58 11.91 12.69
N ALA A 269 32.85 12.98 11.96
CA ALA A 269 33.13 14.28 12.55
C ALA A 269 31.85 15.05 12.81
N LEU A 270 31.94 16.02 13.72
CA LEU A 270 30.81 16.81 14.16
C LEU A 270 30.96 18.24 13.67
N GLY A 271 29.84 18.86 13.31
CA GLY A 271 29.85 20.25 12.88
C GLY A 271 30.14 21.16 14.06
N ASP A 272 31.17 21.99 13.95
CA ASP A 272 31.58 22.86 15.05
C ASP A 272 30.58 23.97 15.37
N TYR A 273 29.47 24.07 14.64
CA TYR A 273 28.44 25.05 14.95
C TYR A 273 27.30 24.48 15.80
N LEU A 274 26.83 23.27 15.50
CA LEU A 274 25.72 22.66 16.22
C LEU A 274 26.08 21.36 16.90
N ASN A 275 27.31 20.86 16.72
CA ASN A 275 27.73 19.56 17.25
C ASN A 275 26.82 18.43 16.78
N LYS A 276 26.23 18.60 15.61
CA LYS A 276 25.54 17.55 14.89
C LYS A 276 26.40 17.09 13.72
N PRO A 277 26.41 15.81 13.39
CA PRO A 277 27.36 15.31 12.40
C PRO A 277 27.15 15.95 11.04
N VAL A 278 28.25 16.34 10.41
CA VAL A 278 28.22 16.96 9.09
C VAL A 278 28.41 15.88 8.05
N PHE A 279 27.78 16.08 6.89
CA PHE A 279 27.71 15.06 5.86
C PHE A 279 28.64 15.40 4.70
N ARG A 280 29.04 14.36 3.98
CA ARG A 280 29.94 14.50 2.84
C ARG A 280 29.15 14.81 1.57
N SER A 281 29.79 15.55 0.67
CA SER A 281 29.16 15.98 -0.58
C SER A 281 28.69 14.79 -1.40
N PHE A 282 27.57 14.99 -2.10
CA PHE A 282 27.04 13.93 -2.96
C PHE A 282 27.86 13.76 -4.23
N ASP A 283 28.31 14.86 -4.82
CA ASP A 283 29.02 14.79 -6.10
C ASP A 283 30.31 13.97 -5.97
N SER A 284 31.08 14.20 -4.91
CA SER A 284 32.34 13.47 -4.75
C SER A 284 32.10 11.98 -4.56
N ILE A 285 31.08 11.63 -3.76
CA ILE A 285 30.77 10.23 -3.53
C ILE A 285 30.32 9.56 -4.82
N HIS A 286 29.47 10.24 -5.59
CA HIS A 286 29.02 9.69 -6.85
C HIS A 286 30.19 9.51 -7.82
N SER A 287 31.12 10.45 -7.85
CA SER A 287 32.29 10.34 -8.72
C SER A 287 33.13 9.12 -8.33
N GLU A 288 33.46 8.99 -7.04
CA GLU A 288 34.26 7.85 -6.61
C GLU A 288 33.57 6.52 -6.93
N LEU A 289 32.28 6.43 -6.62
CA LEU A 289 31.57 5.17 -6.86
C LEU A 289 31.51 4.85 -8.35
N LEU A 290 31.34 5.87 -9.21
CA LEU A 290 31.45 5.61 -10.65
C LEU A 290 32.82 5.06 -11.01
N GLU A 291 33.88 5.66 -10.45
CA GLU A 291 35.23 5.20 -10.77
C GLU A 291 35.42 3.74 -10.38
N VAL A 292 34.85 3.32 -9.26
CA VAL A 292 35.11 1.97 -8.75
C VAL A 292 34.02 0.97 -9.16
N LEU A 293 32.78 1.43 -9.32
CA LEU A 293 31.69 0.51 -9.66
C LEU A 293 31.44 0.39 -11.17
N SER A 294 32.12 1.16 -12.01
CA SER A 294 31.88 1.06 -13.43
C SER A 294 32.49 -0.22 -14.01
N ASP A 295 32.05 -0.56 -15.22
CA ASP A 295 32.55 -1.71 -15.96
C ASP A 295 32.43 -3.01 -15.16
N ILE A 296 31.35 -3.13 -14.41
CA ILE A 296 30.96 -4.36 -13.73
C ILE A 296 29.71 -4.86 -14.41
N THR A 297 29.73 -6.11 -14.88
CA THR A 297 28.62 -6.65 -15.64
C THR A 297 28.38 -8.10 -15.23
N THR A 298 27.21 -8.62 -15.62
CA THR A 298 26.88 -10.00 -15.33
C THR A 298 27.80 -10.95 -16.08
N LEU A 299 28.27 -11.98 -15.38
CA LEU A 299 29.21 -12.95 -15.94
C LEU A 299 28.73 -14.35 -15.62
N HIS A 300 28.91 -15.26 -16.59
CA HIS A 300 28.63 -16.68 -16.40
C HIS A 300 29.91 -17.43 -16.05
N VAL A 301 30.49 -17.04 -14.92
CA VAL A 301 31.79 -17.58 -14.49
C VAL A 301 31.57 -18.91 -13.78
N GLN A 302 32.02 -20.00 -14.41
CA GLN A 302 31.98 -21.35 -13.85
C GLN A 302 30.57 -21.76 -13.46
N GLY A 303 29.64 -21.64 -14.41
CA GLY A 303 28.26 -21.99 -14.16
C GLY A 303 27.60 -21.20 -13.05
N GLU A 304 28.20 -20.08 -12.65
CA GLU A 304 27.68 -19.21 -11.61
C GLU A 304 27.37 -17.86 -12.22
N VAL A 305 26.09 -17.50 -12.28
CA VAL A 305 25.69 -16.18 -12.78
C VAL A 305 25.94 -15.15 -11.70
N LEU A 306 26.68 -14.11 -12.07
CA LEU A 306 27.13 -13.10 -11.11
C LEU A 306 26.03 -12.05 -10.95
N ASP A 307 25.57 -11.88 -9.71
CA ASP A 307 24.68 -10.77 -9.38
C ASP A 307 25.53 -9.51 -9.25
N VAL A 308 25.34 -8.57 -10.17
CA VAL A 308 26.17 -7.37 -10.23
C VAL A 308 26.18 -6.65 -8.88
N PHE A 309 25.08 -6.72 -8.13
CA PHE A 309 25.02 -6.07 -6.84
C PHE A 309 26.07 -6.61 -5.87
N SER A 310 26.40 -7.89 -5.97
CA SER A 310 27.38 -8.47 -5.05
C SER A 310 28.77 -7.88 -5.29
N SER A 311 29.28 -8.02 -6.52
CA SER A 311 30.59 -7.46 -6.85
C SER A 311 30.68 -5.99 -6.45
N MSE A 312 29.73 -5.19 -6.90
CA MSE A 312 29.58 -3.81 -6.47
C MSE A 312 29.75 -3.69 -4.96
O MSE A 312 30.66 -3.00 -4.48
CB MSE A 312 28.21 -3.27 -6.89
CG MSE A 312 28.08 -3.01 -8.37
SE MSE A 312 26.62 -1.78 -8.77
CE MSE A 312 26.94 -1.57 -10.68
N TYR A 313 28.90 -4.41 -4.22
CA TYR A 313 28.99 -4.44 -2.77
C TYR A 313 30.42 -4.72 -2.31
N ASN A 314 31.01 -5.80 -2.84
CA ASN A 314 32.38 -6.15 -2.48
C ASN A 314 33.31 -4.97 -2.67
N LYS A 315 33.22 -4.32 -3.84
CA LYS A 315 34.01 -3.12 -4.10
C LYS A 315 33.85 -2.12 -2.97
N ILE A 316 32.60 -1.77 -2.65
CA ILE A 316 32.33 -0.86 -1.55
C ILE A 316 33.06 -1.31 -0.30
N LYS A 317 32.87 -2.59 0.07
CA LYS A 317 33.52 -3.13 1.26
C LYS A 317 35.02 -2.90 1.17
N GLU A 318 35.63 -3.32 0.06
CA GLU A 318 37.06 -3.09 -0.12
C GLU A 318 37.40 -1.62 0.05
N LEU A 319 36.63 -0.76 -0.63
CA LEU A 319 36.89 0.67 -0.53
C LEU A 319 36.64 1.17 0.88
N ALA A 320 35.66 0.59 1.58
CA ALA A 320 35.38 1.00 2.94
C ALA A 320 36.55 0.71 3.88
N ASP A 321 37.48 -0.16 3.48
CA ASP A 321 38.66 -0.40 4.30
C ASP A 321 39.67 0.73 4.16
N PHE A 322 39.70 1.41 3.01
CA PHE A 322 40.63 2.53 2.81
C PHE A 322 40.00 3.82 3.35
N LYS A 323 38.96 4.31 2.69
CA LYS A 323 38.24 5.49 3.12
C LYS A 323 37.04 5.06 3.96
N LYS A 324 37.13 5.26 5.28
CA LYS A 324 36.08 4.80 6.19
C LYS A 324 34.76 5.54 6.02
N SER A 325 34.74 6.63 5.24
CA SER A 325 33.51 7.37 5.03
C SER A 325 32.41 6.51 4.41
N PHE A 326 32.78 5.42 3.76
CA PHE A 326 31.84 4.54 3.08
C PHE A 326 31.41 3.37 3.96
N LYS A 327 31.84 3.33 5.21
CA LYS A 327 31.37 2.29 6.13
C LYS A 327 29.85 2.25 6.25
N PRO A 328 29.13 3.37 6.44
CA PRO A 328 27.67 3.27 6.57
C PRO A 328 26.96 2.91 5.28
N LEU A 329 27.47 3.35 4.12
CA LEU A 329 26.86 3.00 2.86
C LEU A 329 26.72 1.49 2.72
N LEU A 330 27.83 0.77 2.90
CA LEU A 330 27.78 -0.68 3.02
C LEU A 330 26.67 -1.12 3.97
N GLU A 331 26.68 -0.57 5.19
CA GLU A 331 25.63 -0.87 6.17
C GLU A 331 24.24 -0.69 5.55
N ILE A 332 24.03 0.44 4.87
CA ILE A 332 22.72 0.70 4.26
C ILE A 332 22.39 -0.41 3.27
N LEU A 333 23.36 -0.78 2.43
CA LEU A 333 23.13 -1.84 1.44
C LEU A 333 22.75 -3.16 2.09
N ASP A 334 23.04 -3.34 3.38
CA ASP A 334 22.58 -4.54 4.06
C ASP A 334 21.14 -4.42 4.52
N THR A 335 20.75 -3.25 5.04
CA THR A 335 19.42 -3.01 5.56
C THR A 335 18.48 -2.40 4.53
N ILE A 336 18.70 -2.66 3.25
CA ILE A 336 17.95 -2.02 2.18
C ILE A 336 17.12 -3.07 1.44
N ASP A 337 16.04 -2.61 0.82
CA ASP A 337 15.17 -3.49 0.04
C ASP A 337 15.88 -4.01 -1.19
N GLU A 338 15.44 -5.17 -1.69
CA GLU A 338 16.02 -5.73 -2.90
C GLU A 338 15.70 -4.87 -4.12
N GLN A 339 14.50 -4.28 -4.15
CA GLN A 339 14.17 -3.35 -5.21
C GLN A 339 15.11 -2.14 -5.20
N LYS A 340 15.40 -1.61 -4.01
CA LYS A 340 16.35 -0.52 -3.92
C LYS A 340 17.77 -0.99 -4.21
N LYS A 341 18.07 -2.25 -3.94
CA LYS A 341 19.33 -2.82 -4.41
C LYS A 341 19.44 -2.72 -5.93
N THR A 342 18.39 -3.13 -6.64
CA THR A 342 18.40 -3.04 -8.09
C THR A 342 18.49 -1.59 -8.55
N GLU A 343 17.84 -0.67 -7.83
CA GLU A 343 17.92 0.75 -8.16
C GLU A 343 19.35 1.26 -8.04
N PHE A 344 20.05 0.88 -6.97
CA PHE A 344 21.46 1.22 -6.81
C PHE A 344 22.28 0.64 -7.96
N VAL A 345 22.05 -0.64 -8.28
CA VAL A 345 22.78 -1.29 -9.36
C VAL A 345 22.67 -0.47 -10.64
N GLN A 346 21.43 -0.25 -11.09
CA GLN A 346 21.23 0.50 -12.31
C GLN A 346 21.68 1.94 -12.19
N ALA A 347 21.82 2.46 -10.97
CA ALA A 347 22.40 3.79 -10.79
C ALA A 347 23.88 3.80 -11.16
N PHE A 348 24.61 2.74 -10.84
CA PHE A 348 26.02 2.66 -11.20
C PHE A 348 26.38 1.55 -12.17
N TYR A 349 25.39 0.91 -12.80
CA TYR A 349 25.66 -0.18 -13.73
C TYR A 349 25.92 0.42 -15.11
N LEU A 350 27.12 1.00 -15.25
CA LEU A 350 27.54 1.76 -16.41
C LEU A 350 28.91 1.25 -16.86
N SER A 351 29.45 1.87 -17.90
CA SER A 351 30.74 1.52 -18.45
C SER A 351 31.54 2.78 -18.74
N LYS A 352 32.85 2.73 -18.46
CA LYS A 352 33.73 3.84 -18.81
C LYS A 352 33.85 3.97 -20.32
N ILE A 353 33.81 5.21 -20.80
CA ILE A 353 33.81 5.52 -22.22
C ILE A 353 34.86 6.59 -22.45
N ASN A 354 36.09 6.18 -22.73
CA ASN A 354 37.20 7.10 -22.87
C ASN A 354 37.43 7.50 -24.32
N PHE A 355 37.74 8.77 -24.51
CA PHE A 355 37.80 9.38 -25.83
C PHE A 355 39.24 9.56 -26.26
N TYR A 356 39.57 9.14 -27.48
CA TYR A 356 40.90 9.26 -28.04
C TYR A 356 40.92 10.45 -28.99
N THR A 357 41.75 11.44 -28.68
CA THR A 357 41.95 12.60 -29.55
C THR A 357 43.33 12.52 -30.16
N THR A 358 43.40 12.57 -31.48
CA THR A 358 44.66 12.50 -32.22
C THR A 358 45.09 13.92 -32.56
N THR A 359 46.18 14.35 -31.93
CA THR A 359 46.77 15.65 -32.22
C THR A 359 47.94 15.47 -33.17
N ILE A 360 47.92 16.20 -34.27
CA ILE A 360 48.98 16.16 -35.28
C ILE A 360 49.77 17.46 -35.18
N GLU A 361 51.09 17.35 -35.13
CA GLU A 361 51.97 18.50 -35.09
C GLU A 361 53.01 18.38 -36.19
N THR A 362 53.15 19.44 -36.98
CA THR A 362 54.10 19.45 -38.09
C THR A 362 55.21 20.44 -37.78
N LEU A 363 56.46 19.98 -37.89
CA LEU A 363 57.63 20.82 -37.72
C LEU A 363 58.49 20.72 -38.97
N GLU A 364 59.54 21.53 -39.01
CA GLU A 364 60.48 21.53 -40.11
C GLU A 364 61.87 21.19 -39.56
N THR A 365 62.66 20.51 -40.38
CA THR A 365 63.97 20.03 -39.94
C THR A 365 64.91 21.19 -39.63
N GLU A 366 65.94 20.88 -38.85
CA GLU A 366 66.90 21.89 -38.41
C GLU A 366 67.63 22.51 -39.61
N ASP A 367 68.33 21.68 -40.38
CA ASP A 367 69.12 22.14 -41.50
C ASP A 367 68.42 21.94 -42.84
N GLN A 368 67.93 20.72 -43.10
CA GLN A 368 67.39 20.41 -44.42
C GLN A 368 66.15 21.21 -44.77
N ASN A 369 65.46 21.78 -43.77
CA ASN A 369 64.31 22.65 -43.98
C ASN A 369 63.21 21.92 -44.75
N ASN A 370 62.99 20.65 -44.42
CA ASN A 370 61.90 19.84 -44.93
C ASN A 370 60.96 19.47 -43.80
N THR A 371 59.71 19.20 -44.14
CA THR A 371 58.67 18.99 -43.14
C THR A 371 58.69 17.57 -42.60
N LEU A 372 58.24 17.43 -41.35
CA LEU A 372 58.04 16.13 -40.71
C LEU A 372 56.99 16.30 -39.62
N THR A 373 56.11 15.31 -39.50
CA THR A 373 54.94 15.40 -38.64
C THR A 373 55.03 14.37 -37.51
N THR A 374 54.15 14.55 -36.52
CA THR A 374 54.03 13.66 -35.37
C THR A 374 52.56 13.52 -35.00
N PHE A 375 52.09 12.28 -34.89
CA PHE A 375 50.75 11.97 -34.42
C PHE A 375 50.82 11.49 -32.98
N LYS A 376 50.02 12.11 -32.11
CA LYS A 376 49.98 11.72 -30.70
C LYS A 376 48.53 11.54 -30.29
N VAL A 377 48.19 10.34 -29.84
CA VAL A 377 46.82 10.00 -29.46
C VAL A 377 46.72 10.07 -27.94
N GLN A 378 45.97 11.05 -27.43
CA GLN A 378 45.79 11.23 -26.00
C GLN A 378 44.39 10.82 -25.60
N ASN A 379 44.25 10.37 -24.35
CA ASN A 379 42.97 9.98 -23.78
C ASN A 379 42.41 11.19 -23.02
N VAL A 380 41.45 11.88 -23.63
CA VAL A 380 40.95 13.12 -23.05
C VAL A 380 40.02 12.87 -21.87
N SER A 381 39.35 11.71 -21.81
CA SER A 381 38.39 11.46 -20.74
C SER A 381 39.07 11.44 -19.38
N ASN A 382 40.15 10.69 -19.26
CA ASN A 382 40.92 10.65 -18.02
C ASN A 382 42.21 11.43 -18.20
N ALA A 383 42.12 12.64 -18.77
CA ALA A 383 43.28 13.49 -19.02
C ALA A 383 43.59 14.36 -17.80
N ASN A 384 42.64 15.18 -17.38
CA ASN A 384 42.82 16.00 -16.19
C ASN A 384 42.38 15.26 -14.94
N ASN A 385 42.86 14.02 -14.78
CA ASN A 385 42.58 13.24 -13.60
C ASN A 385 43.21 13.88 -12.38
N PRO A 386 42.70 13.57 -11.17
CA PRO A 386 43.18 14.28 -9.98
C PRO A 386 44.67 14.15 -9.73
N ILE A 387 45.28 13.00 -10.04
CA ILE A 387 46.69 12.82 -9.76
C ILE A 387 47.54 13.63 -10.72
N SER A 388 47.36 13.40 -12.03
CA SER A 388 48.20 14.07 -13.03
C SER A 388 48.11 15.58 -12.92
N SER A 389 46.90 16.10 -12.71
CA SER A 389 46.73 17.54 -12.52
C SER A 389 47.62 18.04 -11.40
N LYS A 390 47.64 17.32 -10.27
CA LYS A 390 48.47 17.72 -9.15
C LYS A 390 49.94 17.80 -9.56
N LEU A 391 50.39 16.85 -10.39
CA LEU A 391 51.76 16.92 -10.88
C LEU A 391 52.01 18.23 -11.61
N THR A 392 51.12 18.57 -12.55
CA THR A 392 51.25 19.86 -13.22
C THR A 392 51.14 21.00 -12.22
N GLU A 393 50.24 20.84 -11.24
CA GLU A 393 50.14 21.84 -10.18
C GLU A 393 51.46 22.00 -9.45
N TYR A 394 52.15 20.87 -9.20
CA TYR A 394 53.49 20.95 -8.64
C TYR A 394 54.42 21.73 -9.56
N TYR A 395 54.43 21.38 -10.85
CA TYR A 395 55.44 21.90 -11.76
C TYR A 395 55.38 23.42 -11.84
N THR A 396 54.19 23.97 -12.05
CA THR A 396 54.07 25.42 -12.09
C THR A 396 54.47 26.03 -10.76
N ASN A 397 54.04 25.43 -9.64
CA ASN A 397 54.46 25.92 -8.34
C ASN A 397 55.96 25.77 -8.16
N PHE A 398 56.55 24.76 -8.80
CA PHE A 398 58.00 24.61 -8.79
C PHE A 398 58.66 25.71 -9.60
N LYS A 399 58.03 26.12 -10.70
CA LYS A 399 58.56 27.22 -11.50
C LYS A 399 58.59 28.52 -10.70
N TYR A 400 57.61 28.73 -9.83
CA TYR A 400 57.55 29.96 -9.05
C TYR A 400 58.65 30.00 -8.00
N LYS A 401 58.85 28.90 -7.28
CA LYS A 401 59.71 28.91 -6.10
C LYS A 401 61.18 28.63 -6.42
N ILE A 402 61.49 27.95 -7.52
CA ILE A 402 62.87 27.55 -7.77
C ILE A 402 63.41 28.15 -9.07
N LEU A 403 62.52 28.47 -10.02
CA LEU A 403 62.92 29.05 -11.30
C LEU A 403 62.32 30.44 -11.50
N PRO A 404 62.78 31.44 -10.73
CA PRO A 404 62.27 32.81 -10.94
C PRO A 404 62.79 33.40 -12.24
N GLY A 405 61.91 33.56 -13.23
CA GLY A 405 62.31 34.12 -14.50
C GLY A 405 63.23 33.25 -15.33
N GLY A 406 63.31 31.95 -15.03
CA GLY A 406 64.16 31.05 -15.78
C GLY A 406 65.56 30.87 -15.26
N LYS A 407 65.80 31.19 -13.98
CA LYS A 407 67.12 31.02 -13.36
C LYS A 407 67.00 30.03 -12.22
N LEU A 408 67.73 28.92 -12.31
CA LEU A 408 67.62 27.88 -11.30
C LEU A 408 68.31 28.32 -10.02
N ASN A 409 67.54 28.45 -8.94
CA ASN A 409 68.09 28.87 -7.64
C ASN A 409 68.86 27.68 -7.06
N LYS A 410 70.08 27.48 -7.57
CA LYS A 410 70.90 26.36 -7.16
C LYS A 410 71.35 26.47 -5.70
N GLY A 411 71.37 27.68 -5.13
CA GLY A 411 71.75 27.79 -3.73
C GLY A 411 70.74 27.15 -2.80
N LYS A 412 69.47 27.54 -2.92
CA LYS A 412 68.43 26.94 -2.10
C LYS A 412 68.21 25.47 -2.42
N LEU A 413 68.40 25.07 -3.68
CA LEU A 413 68.27 23.66 -4.04
C LEU A 413 69.39 22.85 -3.41
N LYS A 414 70.61 23.38 -3.38
CA LYS A 414 71.68 22.74 -2.64
C LYS A 414 71.39 22.71 -1.14
N ASP A 415 70.70 23.74 -0.62
CA ASP A 415 70.27 23.70 0.77
C ASP A 415 69.32 22.53 1.00
N LEU A 416 68.40 22.31 0.07
CA LEU A 416 67.50 21.15 0.18
C LEU A 416 68.28 19.85 0.08
N GLN A 417 69.31 19.81 -0.78
CA GLN A 417 70.19 18.65 -0.85
C GLN A 417 70.83 18.37 0.50
N SER A 418 71.37 19.42 1.13
CA SER A 418 72.01 19.25 2.44
C SER A 418 71.01 18.76 3.47
N THR A 419 69.78 19.30 3.45
CA THR A 419 68.77 18.88 4.40
C THR A 419 68.44 17.40 4.23
N VAL A 420 68.22 16.96 3.00
CA VAL A 420 67.84 15.56 2.79
C VAL A 420 69.01 14.62 3.08
N THR A 421 70.25 15.06 2.82
CA THR A 421 71.40 14.21 3.15
C THR A 421 71.58 14.09 4.66
N SER A 422 71.38 15.19 5.39
CA SER A 422 71.43 15.11 6.86
C SER A 422 70.31 14.23 7.38
N LEU A 423 69.14 14.26 6.75
CA LEU A 423 68.05 13.39 7.17
C LEU A 423 68.40 11.93 6.92
N LEU A 424 69.03 11.63 5.79
CA LEU A 424 69.48 10.25 5.53
C LEU A 424 70.52 9.81 6.55
N GLU A 425 71.43 10.73 6.92
CA GLU A 425 72.39 10.42 7.98
C GLU A 425 71.67 10.08 9.28
N LYS A 426 70.64 10.85 9.62
CA LYS A 426 69.90 10.61 10.85
C LYS A 426 69.17 9.27 10.80
N THR A 427 68.62 8.91 9.64
CA THR A 427 67.98 7.61 9.49
C THR A 427 68.98 6.48 9.68
N ARG A 428 70.15 6.59 9.05
CA ARG A 428 71.17 5.56 9.22
C ARG A 428 71.63 5.48 10.67
N LYS A 429 71.60 6.60 11.40
CA LYS A 429 72.09 6.61 12.76
C LYS A 429 71.07 6.01 13.74
N GLU A 430 69.80 6.39 13.63
CA GLU A 430 68.80 6.04 14.63
C GLU A 430 67.98 4.79 14.29
N ASN A 431 68.31 4.08 13.21
CA ASN A 431 67.54 2.90 12.85
C ASN A 431 67.83 1.76 13.83
N ASN A 432 66.77 1.12 14.31
CA ASN A 432 66.90 0.02 15.27
C ASN A 432 65.70 -0.90 15.10
N PRO A 433 65.91 -2.21 14.93
CA PRO A 433 64.78 -3.12 14.72
C PRO A 433 63.84 -3.22 15.91
N LYS A 434 64.28 -2.83 17.11
CA LYS A 434 63.41 -2.92 18.27
C LYS A 434 62.20 -2.00 18.14
N TYR A 435 62.34 -0.92 17.36
CA TYR A 435 61.18 -0.10 17.03
C TYR A 435 60.23 -0.89 16.15
N LYS A 436 58.94 -0.89 16.51
CA LYS A 436 57.98 -1.71 15.79
C LYS A 436 56.64 -1.02 15.53
N SER A 437 56.21 -0.08 16.37
CA SER A 437 54.92 0.58 16.21
C SER A 437 55.10 1.93 15.54
N ASP A 438 53.97 2.48 15.06
CA ASP A 438 54.00 3.82 14.48
C ASP A 438 54.39 4.88 15.51
N SER A 439 54.02 4.67 16.77
CA SER A 439 54.39 5.61 17.82
C SER A 439 55.90 5.70 17.97
N ASP A 440 56.59 4.56 17.89
CA ASP A 440 58.05 4.56 17.98
C ASP A 440 58.67 5.30 16.80
N PHE A 441 58.19 5.00 15.58
CA PHE A 441 58.69 5.67 14.39
C PHE A 441 58.53 7.17 14.50
N TYR A 442 57.37 7.63 14.99
CA TYR A 442 57.18 9.07 15.14
C TYR A 442 58.09 9.62 16.24
N GLU A 443 58.19 8.91 17.36
CA GLU A 443 59.08 9.32 18.45
C GLU A 443 60.49 9.58 17.96
N VAL A 444 60.95 8.79 16.98
CA VAL A 444 62.30 8.97 16.50
C VAL A 444 62.41 9.86 15.25
N PHE A 445 61.30 10.12 14.54
CA PHE A 445 61.46 10.81 13.27
C PHE A 445 60.42 11.90 12.96
N GLU A 446 59.72 12.45 13.96
CA GLU A 446 58.74 13.49 13.65
C GLU A 446 59.41 14.74 13.07
N GLU A 447 60.55 15.13 13.64
CA GLU A 447 61.25 16.31 13.14
C GLU A 447 61.74 16.10 11.71
N GLY A 448 62.20 14.90 11.39
CA GLY A 448 62.60 14.60 10.03
C GLY A 448 61.42 14.63 9.06
N VAL A 449 60.28 14.10 9.51
CA VAL A 449 59.09 14.14 8.66
C VAL A 449 58.67 15.59 8.39
N VAL A 450 58.79 16.45 9.40
CA VAL A 450 58.46 17.86 9.22
C VAL A 450 59.43 18.51 8.24
N GLU A 451 60.71 18.18 8.35
CA GLU A 451 61.68 18.73 7.39
C GLU A 451 61.40 18.24 5.97
N LEU A 452 60.91 17.00 5.81
CA LEU A 452 60.47 16.58 4.48
C LEU A 452 59.27 17.39 4.01
N MSE A 453 58.33 17.67 4.89
CA MSE A 453 57.20 18.51 4.51
C MSE A 453 57.73 19.81 3.96
O MSE A 453 57.27 20.30 2.93
CB MSE A 453 56.27 18.79 5.68
CG MSE A 453 55.47 17.60 6.16
SE MSE A 453 54.02 18.21 7.29
CE MSE A 453 53.52 19.80 6.29
N GLN A 454 58.74 20.36 4.65
CA GLN A 454 59.27 21.66 4.25
C GLN A 454 60.02 21.58 2.93
N VAL A 455 60.78 20.51 2.69
CA VAL A 455 61.52 20.42 1.44
C VAL A 455 60.57 20.18 0.27
N PHE A 456 59.52 19.40 0.48
CA PHE A 456 58.49 19.24 -0.54
C PHE A 456 57.77 20.55 -0.82
N GLU A 457 57.44 21.30 0.24
CA GLU A 457 56.77 22.59 0.06
C GLU A 457 57.66 23.56 -0.70
N ASP A 458 58.94 23.61 -0.37
CA ASP A 458 59.86 24.49 -1.08
C ASP A 458 60.07 24.04 -2.51
N LEU A 459 59.97 22.73 -2.77
CA LEU A 459 60.03 22.21 -4.13
C LEU A 459 58.79 22.52 -4.95
N GLY A 460 57.73 23.04 -4.32
CA GLY A 460 56.49 23.38 -5.01
C GLY A 460 55.26 22.64 -4.53
N VAL A 461 55.38 21.69 -3.61
CA VAL A 461 54.21 21.03 -3.03
C VAL A 461 53.61 21.93 -1.95
N ASP A 462 53.01 23.05 -2.38
CA ASP A 462 52.44 24.00 -1.42
C ASP A 462 51.35 23.35 -0.58
N SER A 463 50.44 22.62 -1.22
CA SER A 463 49.27 22.03 -0.59
C SER A 463 49.61 20.96 0.44
N ILE A 464 50.89 20.70 0.69
CA ILE A 464 51.29 19.59 1.55
C ILE A 464 50.70 19.77 2.95
N THR A 465 50.26 18.66 3.53
CA THR A 465 49.72 18.62 4.88
C THR A 465 50.29 17.41 5.61
N PHE A 466 50.42 17.55 6.93
CA PHE A 466 51.03 16.48 7.73
C PHE A 466 50.24 15.18 7.63
N GLU A 467 48.91 15.28 7.73
CA GLU A 467 48.06 14.08 7.66
C GLU A 467 48.40 13.22 6.45
N ALA A 468 48.43 13.85 5.26
CA ALA A 468 48.79 13.13 4.05
C ALA A 468 50.14 12.43 4.19
N MSE A 469 51.12 13.13 4.76
CA MSE A 469 52.44 12.55 5.02
C MSE A 469 52.32 11.23 5.74
O MSE A 469 52.98 10.25 5.39
CB MSE A 469 53.30 13.51 5.83
CG MSE A 469 53.93 14.61 5.00
SE MSE A 469 55.42 13.98 3.95
CE MSE A 469 55.67 15.56 2.85
N ASP A 470 51.45 11.20 6.76
CA ASP A 470 51.17 9.96 7.48
C ASP A 470 50.85 8.84 6.49
N ILE A 471 49.81 9.04 5.68
CA ILE A 471 49.47 8.06 4.66
C ILE A 471 50.65 7.84 3.71
N PHE A 472 51.32 8.93 3.34
CA PHE A 472 52.47 8.81 2.45
C PHE A 472 53.55 7.92 3.05
N LEU A 473 53.70 7.94 4.37
CA LEU A 473 54.66 7.06 5.01
C LEU A 473 54.05 5.69 5.28
N LYS A 474 52.74 5.62 5.43
CA LYS A 474 52.08 4.35 5.68
C LYS A 474 51.95 3.49 4.43
N GLN A 475 52.37 4.01 3.28
CA GLN A 475 52.28 3.29 2.00
C GLN A 475 50.85 2.86 1.70
N PHE A 476 49.90 3.73 2.07
CA PHE A 476 48.47 3.52 1.82
C PHE A 476 47.94 2.26 2.49
N ARG A 477 48.57 1.84 3.58
CA ARG A 477 48.06 0.76 4.42
C ARG A 477 47.56 1.36 5.72
N PHE A 478 46.27 1.20 5.99
CA PHE A 478 45.62 1.84 7.14
C PHE A 478 45.35 0.82 8.23
N ASP A 479 44.35 -0.04 8.06
CA ASP A 479 44.07 -1.09 9.04
C ASP A 479 44.98 -2.29 8.86
N LEU A 480 45.79 -2.32 7.80
CA LEU A 480 46.66 -3.47 7.57
C LEU A 480 47.84 -3.55 8.55
N PRO A 481 48.60 -2.47 8.80
CA PRO A 481 49.81 -2.62 9.62
C PRO A 481 49.55 -3.12 11.04
N GLU A 482 48.51 -2.61 11.70
CA GLU A 482 48.14 -3.00 13.06
C GLU A 482 49.29 -2.62 14.00
N ASN A 483 49.82 -3.55 14.81
CA ASN A 483 50.83 -3.18 15.80
C ASN A 483 52.20 -2.94 15.18
N ASN A 484 52.62 -3.79 14.25
CA ASN A 484 53.96 -3.72 13.67
C ASN A 484 53.88 -2.87 12.40
N ALA A 485 54.30 -1.61 12.50
CA ALA A 485 54.25 -0.69 11.38
C ALA A 485 55.51 0.12 11.17
N TYR A 486 56.47 0.09 12.10
CA TYR A 486 57.65 0.94 11.99
C TYR A 486 58.43 0.63 10.73
N LYS A 487 58.55 -0.65 10.39
CA LYS A 487 59.35 -1.05 9.23
C LYS A 487 58.82 -0.40 7.96
N ILE A 488 57.57 -0.72 7.59
CA ILE A 488 56.95 -0.21 6.37
C ILE A 488 57.21 1.27 6.22
N MSE A 489 56.70 2.06 7.17
CA MSE A 489 56.92 3.51 7.20
C MSE A 489 58.37 3.85 6.94
O MSE A 489 58.68 4.50 5.93
CB MSE A 489 56.47 4.09 8.54
CG MSE A 489 55.05 3.72 8.93
SE MSE A 489 54.34 4.77 10.41
CE MSE A 489 53.82 6.38 9.43
N TYR A 490 59.25 3.34 7.80
CA TYR A 490 60.69 3.63 7.66
C TYR A 490 61.15 3.40 6.24
N GLN A 491 60.81 2.23 5.68
CA GLN A 491 61.17 1.90 4.31
C GLN A 491 60.83 3.08 3.41
N GLN A 492 59.52 3.35 3.30
CA GLN A 492 59.06 4.44 2.45
C GLN A 492 59.86 5.70 2.74
N TYR A 493 59.98 6.03 4.03
CA TYR A 493 60.71 7.23 4.43
C TYR A 493 62.06 7.28 3.74
N GLN A 494 62.94 6.32 4.05
CA GLN A 494 64.27 6.37 3.47
C GLN A 494 64.18 6.31 1.96
N GLY A 495 63.31 5.43 1.45
CA GLY A 495 63.22 5.25 0.02
C GLY A 495 62.95 6.60 -0.60
N LYS A 496 61.86 7.24 -0.18
CA LYS A 496 61.51 8.49 -0.82
C LYS A 496 62.59 9.53 -0.56
N LEU A 497 63.13 9.52 0.65
CA LEU A 497 64.21 10.45 0.98
C LEU A 497 65.38 10.23 0.04
N THR A 498 65.83 8.98 -0.10
CA THR A 498 66.90 8.69 -1.04
C THR A 498 66.53 9.16 -2.43
N ASN A 499 65.30 8.87 -2.86
CA ASN A 499 64.89 9.26 -4.21
C ASN A 499 64.98 10.77 -4.37
N LEU A 500 64.58 11.53 -3.34
CA LEU A 500 64.69 12.98 -3.43
C LEU A 500 66.12 13.38 -3.69
N ASN A 501 67.06 12.81 -2.93
CA ASN A 501 68.46 13.13 -3.15
C ASN A 501 68.83 12.83 -4.59
N ASN A 502 68.44 11.66 -5.10
CA ASN A 502 68.73 11.33 -6.48
C ASN A 502 68.09 12.35 -7.40
N LEU A 503 66.82 12.67 -7.15
CA LEU A 503 66.16 13.70 -7.95
C LEU A 503 66.93 15.00 -7.89
N LEU A 504 67.34 15.41 -6.70
CA LEU A 504 68.08 16.65 -6.59
C LEU A 504 69.40 16.54 -7.34
N LYS A 505 70.07 15.38 -7.23
CA LYS A 505 71.33 15.22 -7.94
C LYS A 505 71.09 15.20 -9.45
N ASP A 506 69.91 14.77 -9.88
CA ASP A 506 69.60 14.84 -11.30
C ASP A 506 69.15 16.24 -11.70
N ILE A 507 68.56 17.00 -10.78
CA ILE A 507 68.13 18.35 -11.12
C ILE A 507 69.24 19.38 -10.89
N GLN A 508 70.15 19.12 -9.96
CA GLN A 508 71.29 20.02 -9.76
C GLN A 508 72.31 19.87 -10.88
N SER A 509 72.74 18.63 -11.14
CA SER A 509 73.70 18.34 -12.19
C SER A 509 73.10 18.49 -13.58
N ASN A 510 71.82 18.83 -13.68
CA ASN A 510 71.14 19.11 -14.94
C ASN A 510 71.04 17.88 -15.83
N LYS A 511 70.97 16.69 -15.23
CA LYS A 511 70.60 15.51 -16.00
C LYS A 511 69.16 15.63 -16.48
N ILE A 512 68.29 16.21 -15.66
CA ILE A 512 66.92 16.53 -16.03
C ILE A 512 66.77 18.04 -15.89
N ASN A 513 66.60 18.73 -17.02
CA ASN A 513 66.52 20.18 -16.96
C ASN A 513 65.11 20.63 -16.58
N PRO A 514 64.96 21.49 -15.58
CA PRO A 514 63.61 21.94 -15.20
C PRO A 514 62.94 22.79 -16.26
N TYR A 515 63.71 23.42 -17.15
CA TYR A 515 63.16 24.34 -18.14
C TYR A 515 62.47 23.63 -19.29
N LYS A 516 62.67 22.32 -19.46
CA LYS A 516 62.10 21.59 -20.58
C LYS A 516 61.24 20.42 -20.13
N ILE A 517 61.78 19.52 -19.32
CA ILE A 517 61.07 18.32 -18.89
C ILE A 517 60.62 18.49 -17.44
N ASN A 518 59.38 18.09 -17.16
CA ASN A 518 58.80 18.25 -15.82
C ASN A 518 59.43 17.25 -14.86
N PRO A 519 60.09 17.69 -13.78
CA PRO A 519 60.72 16.73 -12.87
C PRO A 519 59.73 15.87 -12.12
N PHE A 520 58.60 16.42 -11.68
CA PHE A 520 57.62 15.64 -10.94
C PHE A 520 57.06 14.50 -11.78
N LYS A 521 56.90 14.72 -13.08
CA LYS A 521 56.44 13.64 -13.96
C LYS A 521 57.50 12.54 -14.08
N ASN A 522 58.78 12.93 -14.13
CA ASN A 522 59.85 11.94 -14.24
C ASN A 522 59.93 11.07 -12.99
N TYR A 523 59.95 11.69 -11.82
CA TYR A 523 59.98 10.97 -10.56
C TYR A 523 58.59 10.65 -10.04
N SER A 524 57.59 10.59 -10.93
CA SER A 524 56.23 10.29 -10.51
C SER A 524 56.15 8.92 -9.85
N ASN A 525 56.66 7.89 -10.53
CA ASN A 525 56.59 6.53 -9.99
C ASN A 525 57.34 6.44 -8.67
N LEU A 526 58.52 7.06 -8.59
CA LEU A 526 59.37 6.89 -7.41
C LEU A 526 58.92 7.74 -6.22
N ILE A 527 58.33 8.92 -6.46
CA ILE A 527 58.02 9.83 -5.36
C ILE A 527 56.60 10.36 -5.44
N PHE A 528 56.31 11.17 -6.44
CA PHE A 528 55.20 12.12 -6.37
C PHE A 528 53.85 11.55 -6.78
N ASN A 529 53.80 10.39 -7.43
CA ASN A 529 52.50 9.75 -7.61
C ASN A 529 51.89 9.39 -6.27
N SER A 530 52.67 8.73 -5.41
CA SER A 530 52.18 8.35 -4.09
C SER A 530 51.86 9.58 -3.25
N LEU A 531 52.66 10.63 -3.36
CA LEU A 531 52.42 11.85 -2.58
C LEU A 531 51.12 12.53 -3.02
N ALA A 532 50.95 12.71 -4.33
CA ALA A 532 49.71 13.29 -4.84
C ALA A 532 48.51 12.45 -4.45
N GLU A 533 48.65 11.12 -4.52
CA GLU A 533 47.57 10.25 -4.09
C GLU A 533 47.24 10.45 -2.62
N ALA A 534 48.28 10.54 -1.78
CA ALA A 534 48.07 10.65 -0.34
C ALA A 534 47.41 11.96 0.04
N GLU A 535 47.79 13.06 -0.61
CA GLU A 535 47.17 14.34 -0.27
C GLU A 535 45.89 14.61 -1.04
N ASN A 536 45.55 13.78 -2.01
CA ASN A 536 44.22 13.81 -2.60
C ASN A 536 43.20 13.02 -1.78
N TYR A 537 43.68 12.15 -0.89
CA TYR A 537 42.80 11.38 -0.02
C TYR A 537 41.92 12.27 0.85
N PHE A 538 42.38 13.47 1.19
CA PHE A 538 41.65 14.32 2.12
C PHE A 538 40.83 15.41 1.44
N ILE A 539 40.93 15.56 0.12
CA ILE A 539 40.20 16.59 -0.60
C ILE A 539 39.02 15.93 -1.33
N GLU A 540 37.88 16.62 -1.33
CA GLU A 540 36.71 16.16 -2.06
C GLU A 540 36.76 16.69 -3.49
N ASN A 541 36.48 15.82 -4.45
CA ASN A 541 36.47 16.17 -5.87
C ASN A 541 35.01 16.22 -6.31
N ASN A 542 34.44 17.42 -6.33
CA ASN A 542 33.04 17.60 -6.69
C ASN A 542 32.82 17.69 -8.19
N ASN A 543 33.87 17.54 -9.00
CA ASN A 543 33.74 17.64 -10.44
C ASN A 543 33.13 16.37 -11.02
N GLU A 544 32.56 16.51 -12.23
CA GLU A 544 32.04 15.39 -12.98
C GLU A 544 33.05 14.94 -14.03
N SER A 545 33.09 13.63 -14.28
CA SER A 545 34.01 13.05 -15.25
C SER A 545 33.48 13.34 -16.65
N THR A 546 33.82 14.51 -17.18
CA THR A 546 33.32 14.99 -18.46
C THR A 546 34.48 15.45 -19.32
N ILE A 547 34.18 15.65 -20.61
CA ILE A 547 35.08 16.29 -21.55
C ILE A 547 34.28 17.35 -22.32
N PHE A 548 35.01 18.21 -23.01
CA PHE A 548 34.44 19.25 -23.84
C PHE A 548 34.94 19.06 -25.27
N SER A 549 34.04 18.79 -26.19
CA SER A 549 34.41 18.47 -27.57
C SER A 549 33.49 19.22 -28.53
N ASN A 550 34.09 20.02 -29.41
CA ASN A 550 33.41 20.77 -30.47
C ASN A 550 32.09 21.38 -29.97
N GLY A 551 32.22 22.19 -28.91
CA GLY A 551 31.09 22.91 -28.36
C GLY A 551 30.15 22.09 -27.52
N LYS A 552 30.18 20.77 -27.63
CA LYS A 552 29.32 19.90 -26.84
C LYS A 552 30.05 19.43 -25.59
N THR A 553 29.28 19.06 -24.58
CA THR A 553 29.80 18.51 -23.34
C THR A 553 29.42 17.03 -23.25
N TYR A 554 30.43 16.17 -23.15
CA TYR A 554 30.25 14.73 -23.10
C TYR A 554 30.62 14.20 -21.72
N TRP A 555 29.99 13.09 -21.34
CA TRP A 555 30.25 12.46 -20.05
C TRP A 555 31.02 11.15 -20.27
N ASN A 556 31.95 10.87 -19.36
CA ASN A 556 32.90 9.77 -19.51
C ASN A 556 32.36 8.45 -18.96
N PHE A 557 31.07 8.37 -18.65
CA PHE A 557 30.46 7.11 -18.23
C PHE A 557 29.12 6.97 -18.94
N ALA A 558 28.93 5.84 -19.63
CA ALA A 558 27.74 5.65 -20.45
C ALA A 558 27.17 4.27 -20.19
N ARG A 559 25.88 4.13 -20.46
CA ARG A 559 25.19 2.87 -20.19
C ARG A 559 25.77 1.78 -21.09
N PRO A 560 26.09 0.59 -20.56
CA PRO A 560 27.01 -0.32 -21.26
C PRO A 560 26.51 -0.76 -22.63
N SER A 561 27.47 -1.10 -23.49
CA SER A 561 27.24 -1.59 -24.83
C SER A 561 27.69 -3.04 -24.93
N TYR A 562 27.25 -3.71 -26.00
CA TYR A 562 27.65 -5.09 -26.20
C TYR A 562 29.16 -5.22 -26.29
N ILE A 563 29.83 -4.30 -27.00
CA ILE A 563 31.26 -4.41 -27.18
C ILE A 563 32.00 -4.17 -25.87
N SER A 564 31.54 -3.19 -25.08
CA SER A 564 32.14 -2.95 -23.78
C SER A 564 31.88 -4.10 -22.82
N ASN A 565 30.67 -4.67 -22.87
CA ASN A 565 30.37 -5.84 -22.05
C ASN A 565 31.27 -7.02 -22.44
N ARG A 566 31.50 -7.18 -23.74
CA ARG A 566 32.32 -8.28 -24.23
C ARG A 566 33.78 -8.12 -23.80
N ILE A 567 34.30 -6.89 -23.86
CA ILE A 567 35.69 -6.67 -23.43
C ILE A 567 35.81 -6.82 -21.92
N ASN A 568 34.82 -6.33 -21.17
CA ASN A 568 34.84 -6.53 -19.72
C ASN A 568 34.74 -8.02 -19.37
N THR A 569 34.04 -8.80 -20.19
CA THR A 569 33.98 -10.24 -19.98
C THR A 569 35.33 -10.89 -20.25
N PHE A 570 35.98 -10.49 -21.35
CA PHE A 570 37.34 -10.98 -21.63
C PHE A 570 38.29 -10.64 -20.48
N LYS A 571 38.13 -9.45 -19.90
CA LYS A 571 39.05 -8.98 -18.87
C LYS A 571 38.78 -9.64 -17.52
N ASN A 572 37.51 -9.89 -17.19
CA ASN A 572 37.13 -10.40 -15.88
C ASN A 572 36.70 -11.86 -15.90
N ASN A 573 36.56 -12.46 -17.08
CA ASN A 573 36.23 -13.89 -17.19
C ASN A 573 36.88 -14.42 -18.46
N PRO A 574 38.21 -14.53 -18.47
CA PRO A 574 38.92 -14.92 -19.70
C PRO A 574 38.59 -16.32 -20.18
N GLY A 575 37.95 -17.14 -19.35
CA GLY A 575 37.68 -18.51 -19.74
C GLY A 575 36.85 -18.63 -20.99
N VAL A 576 35.91 -17.69 -21.20
CA VAL A 576 35.11 -17.70 -22.43
C VAL A 576 36.02 -17.64 -23.64
N LEU A 577 37.10 -16.87 -23.55
CA LEU A 577 38.09 -16.83 -24.63
C LEU A 577 38.55 -18.23 -24.98
N ARG A 578 38.90 -19.03 -23.97
CA ARG A 578 39.28 -20.41 -24.20
C ARG A 578 38.18 -21.14 -24.96
N GLN A 579 36.94 -20.99 -24.51
CA GLN A 579 35.83 -21.64 -25.20
C GLN A 579 35.69 -21.10 -26.62
N LEU A 580 35.95 -19.80 -26.80
CA LEU A 580 35.98 -19.24 -28.15
C LEU A 580 37.03 -19.92 -29.00
N LEU A 581 38.20 -20.21 -28.42
CA LEU A 581 39.22 -20.93 -29.16
C LEU A 581 38.83 -22.37 -29.43
N ASN A 582 37.88 -22.92 -28.65
CA ASN A 582 37.46 -24.30 -28.87
C ASN A 582 36.43 -24.43 -29.99
N THR A 583 35.75 -23.35 -30.36
CA THR A 583 34.76 -23.47 -31.41
C THR A 583 35.44 -23.46 -32.78
N SER A 584 34.67 -23.83 -33.80
CA SER A 584 35.23 -24.01 -35.13
C SER A 584 35.80 -22.72 -35.68
N TYR A 585 35.01 -21.65 -35.66
CA TYR A 585 35.45 -20.40 -36.28
C TYR A 585 36.47 -19.67 -35.42
N GLY A 586 36.26 -19.63 -34.10
CA GLY A 586 37.14 -18.90 -33.22
C GLY A 586 38.46 -19.58 -32.94
N GLN A 587 38.75 -20.70 -33.59
CA GLN A 587 40.01 -21.41 -33.34
C GLN A 587 41.22 -20.63 -33.87
N SER A 588 41.05 -19.89 -34.95
CA SER A 588 42.13 -19.17 -35.60
C SER A 588 42.35 -17.78 -35.02
N SER A 589 41.78 -17.46 -33.87
CA SER A 589 41.88 -16.13 -33.29
C SER A 589 43.30 -15.87 -32.81
N LEU A 590 43.97 -14.88 -33.41
CA LEU A 590 45.25 -14.44 -32.88
C LEU A 590 45.06 -13.64 -31.60
N TRP A 591 43.98 -12.85 -31.52
CA TRP A 591 43.81 -11.96 -30.39
C TRP A 591 43.43 -12.71 -29.13
N ALA A 592 42.61 -13.77 -29.26
CA ALA A 592 42.27 -14.58 -28.10
C ALA A 592 43.52 -15.24 -27.52
N LYS A 593 44.34 -15.84 -28.39
CA LYS A 593 45.58 -16.46 -27.94
C LYS A 593 46.50 -15.43 -27.29
N HIS A 594 46.66 -14.26 -27.92
CA HIS A 594 47.55 -13.24 -27.39
C HIS A 594 47.09 -12.75 -26.02
N LEU A 595 45.80 -12.44 -25.89
CA LEU A 595 45.25 -12.00 -24.61
C LEU A 595 45.36 -13.09 -23.56
N LEU A 596 45.24 -14.35 -23.97
CA LEU A 596 45.23 -15.47 -23.05
C LEU A 596 46.61 -16.07 -22.83
N GLY A 597 47.63 -15.62 -23.57
CA GLY A 597 49.01 -15.97 -23.30
C GLY A 597 49.54 -17.15 -24.08
N GLU A 598 48.67 -17.94 -24.73
CA GLU A 598 49.06 -19.17 -25.41
C GLU A 598 49.53 -18.90 -26.84
N GLU A 599 50.42 -17.92 -26.93
CA GLU A 599 51.07 -17.58 -28.19
C GLU A 599 51.95 -18.73 -28.68
N LYS A 600 51.71 -19.17 -29.92
CA LYS A 600 52.43 -20.32 -30.47
C LYS A 600 53.45 -19.85 -31.50
N ASN A 601 54.49 -20.66 -31.68
CA ASN A 601 55.58 -20.36 -32.59
C ASN A 601 55.31 -21.03 -33.95
N VAL A 602 56.34 -21.13 -34.79
CA VAL A 602 56.13 -21.61 -36.16
C VAL A 602 55.88 -23.11 -36.23
N THR A 603 56.30 -23.87 -35.21
CA THR A 603 56.09 -25.32 -35.22
C THR A 603 54.91 -25.77 -34.39
N GLY A 604 54.46 -24.97 -33.43
CA GLY A 604 53.32 -25.34 -32.61
C GLY A 604 53.57 -25.24 -31.12
N ASP A 605 54.81 -24.98 -30.74
CA ASP A 605 55.17 -24.85 -29.34
C ASP A 605 54.85 -23.44 -28.83
N PHE A 606 54.54 -23.36 -27.54
CA PHE A 606 54.29 -22.06 -26.92
C PHE A 606 55.57 -21.24 -26.88
N VAL A 607 55.43 -19.95 -27.17
CA VAL A 607 56.61 -19.08 -27.19
C VAL A 607 57.00 -18.66 -25.78
N LEU A 608 56.09 -18.77 -24.81
CA LEU A 608 56.33 -18.34 -23.45
C LEU A 608 56.15 -19.52 -22.51
N ALA A 609 56.95 -19.52 -21.43
CA ALA A 609 56.84 -20.56 -20.41
C ALA A 609 55.58 -20.35 -19.57
N GLY A 610 55.27 -21.35 -18.75
CA GLY A 610 54.05 -21.32 -17.97
C GLY A 610 54.01 -20.14 -17.01
N ASN A 611 55.12 -19.89 -16.31
CA ASN A 611 55.18 -18.75 -15.41
C ASN A 611 55.05 -17.44 -16.17
N ALA A 612 55.66 -17.35 -17.35
CA ALA A 612 55.53 -16.15 -18.17
C ALA A 612 54.13 -16.02 -18.76
N ARG A 613 53.48 -17.14 -19.07
CA ARG A 613 52.17 -17.09 -19.74
C ARG A 613 51.11 -16.49 -18.83
N GLU A 614 51.09 -16.89 -17.55
CA GLU A 614 50.11 -16.37 -16.62
C GLU A 614 50.27 -14.86 -16.42
N SER A 615 51.51 -14.42 -16.20
CA SER A 615 51.76 -13.00 -15.99
C SER A 615 51.49 -12.20 -17.26
N ALA A 616 51.82 -12.75 -18.43
CA ALA A 616 51.61 -12.05 -19.69
C ALA A 616 50.12 -11.82 -19.95
N SER A 617 49.30 -12.86 -19.78
CA SER A 617 47.86 -12.73 -20.02
C SER A 617 47.25 -11.64 -19.14
N GLU A 618 47.69 -11.56 -17.88
CA GLU A 618 47.16 -10.53 -16.98
C GLU A 618 47.43 -9.13 -17.52
N ASN A 619 48.68 -8.87 -17.90
CA ASN A 619 49.04 -7.55 -18.41
C ASN A 619 48.40 -7.28 -19.76
N ARG A 620 48.35 -8.29 -20.64
CA ARG A 620 47.73 -8.11 -21.95
C ARG A 620 46.24 -7.81 -21.80
N LEU A 621 45.59 -8.41 -20.81
CA LEU A 621 44.19 -8.13 -20.57
C LEU A 621 43.99 -6.75 -19.95
N LYS A 622 44.90 -6.35 -19.06
CA LYS A 622 44.76 -5.04 -18.43
C LYS A 622 45.00 -3.91 -19.44
N SER A 623 45.93 -4.10 -20.38
CA SER A 623 46.24 -3.03 -21.33
C SER A 623 45.15 -2.87 -22.37
N LEU A 624 44.40 -3.94 -22.66
CA LEU A 624 43.31 -3.88 -23.63
C LEU A 624 42.31 -2.80 -23.25
N GLU A 625 42.12 -1.82 -24.12
CA GLU A 625 41.29 -0.65 -23.79
C GLU A 625 40.36 -0.32 -24.94
N LEU A 626 39.06 -0.43 -24.69
CA LEU A 626 38.07 0.12 -25.62
C LEU A 626 38.08 1.63 -25.52
N SER A 627 37.84 2.29 -26.65
CA SER A 627 37.79 3.75 -26.70
C SER A 627 36.89 4.19 -27.83
N ILE A 628 36.55 5.47 -27.84
CA ILE A 628 35.83 6.08 -28.95
C ILE A 628 36.67 7.21 -29.53
N PHE A 629 36.80 7.23 -30.85
CA PHE A 629 37.55 8.28 -31.54
C PHE A 629 36.81 9.60 -31.40
N ASN A 630 37.38 10.52 -30.62
CA ASN A 630 36.71 11.80 -30.36
C ASN A 630 36.94 12.79 -31.51
N SER A 631 38.20 13.14 -31.77
CA SER A 631 38.49 14.13 -32.80
C SER A 631 39.95 14.05 -33.21
N LEU A 632 40.22 14.55 -34.41
CA LEU A 632 41.56 14.79 -34.91
C LEU A 632 41.75 16.29 -35.10
N GLN A 633 42.90 16.80 -34.67
CA GLN A 633 43.14 18.23 -34.66
C GLN A 633 44.62 18.52 -34.83
N GLU A 634 44.90 19.66 -35.47
CA GLU A 634 46.26 20.18 -35.52
C GLU A 634 46.63 20.82 -34.19
N LYS A 635 47.91 20.71 -33.83
CA LYS A 635 48.38 21.18 -32.54
C LYS A 635 48.07 22.66 -32.36
N ASP A 636 47.61 23.01 -31.16
CA ASP A 636 47.28 24.37 -30.75
C ASP A 636 46.13 24.98 -31.56
N LYS A 637 45.41 24.17 -32.32
CA LYS A 637 44.25 24.62 -33.08
C LYS A 637 43.10 23.63 -32.89
N GLY A 638 42.69 23.46 -31.62
CA GLY A 638 41.62 22.54 -31.31
C GLY A 638 40.25 22.97 -31.81
N ALA A 639 40.06 24.27 -32.04
CA ALA A 639 38.79 24.75 -32.57
C ALA A 639 38.53 24.28 -33.99
N GLU A 640 39.60 23.92 -34.71
CA GLU A 640 39.48 23.43 -36.09
C GLU A 640 39.54 21.91 -36.13
N GLY A 641 38.90 21.24 -35.17
CA GLY A 641 38.98 19.80 -35.08
C GLY A 641 37.83 19.10 -35.78
N ASN A 642 38.07 17.83 -36.13
CA ASN A 642 37.11 17.01 -36.85
C ASN A 642 36.77 15.79 -36.02
N ASP A 643 35.48 15.57 -35.77
CA ASP A 643 35.03 14.36 -35.10
C ASP A 643 34.84 13.25 -36.14
N ASN A 644 34.11 12.20 -35.79
CA ASN A 644 33.89 11.11 -36.75
C ASN A 644 32.94 11.50 -37.88
N GLY A 645 32.28 12.65 -37.78
CA GLY A 645 31.33 13.05 -38.81
C GLY A 645 31.88 14.02 -39.83
N SER A 646 32.86 14.83 -39.43
CA SER A 646 33.39 15.89 -40.28
C SER A 646 34.81 15.63 -40.75
N ILE A 647 35.42 14.51 -40.36
CA ILE A 647 36.80 14.23 -40.73
C ILE A 647 36.85 13.76 -42.18
N SER A 648 37.87 14.23 -42.91
CA SER A 648 38.05 13.83 -44.29
C SER A 648 38.61 12.42 -44.36
N ILE A 649 38.40 11.77 -45.51
CA ILE A 649 38.88 10.40 -45.67
C ILE A 649 40.40 10.34 -45.61
N VAL A 650 41.07 11.39 -46.08
CA VAL A 650 42.54 11.38 -46.06
C VAL A 650 43.06 11.50 -44.64
N ASP A 651 42.49 12.43 -43.86
CA ASP A 651 42.93 12.62 -42.48
C ASP A 651 42.66 11.37 -41.66
N GLN A 652 41.48 10.77 -41.83
CA GLN A 652 41.16 9.56 -41.08
C GLN A 652 42.03 8.39 -41.52
N LEU A 653 42.37 8.32 -42.82
CA LEU A 653 43.26 7.26 -43.28
C LEU A 653 44.63 7.42 -42.65
N ALA A 654 45.14 8.65 -42.57
CA ALA A 654 46.45 8.86 -41.95
C ALA A 654 46.42 8.52 -40.47
N ASP A 655 45.37 8.95 -39.76
CA ASP A 655 45.25 8.63 -38.35
C ASP A 655 45.19 7.12 -38.13
N LYS A 656 44.39 6.42 -38.95
CA LYS A 656 44.30 4.97 -38.86
C LYS A 656 45.65 4.32 -39.13
N LEU A 657 46.37 4.83 -40.14
CA LEU A 657 47.70 4.30 -40.46
C LEU A 657 48.62 4.39 -39.25
N ASN A 658 48.72 5.58 -38.65
CA ASN A 658 49.63 5.75 -37.52
C ASN A 658 49.19 4.94 -36.31
N LYS A 659 47.88 4.89 -36.06
CA LYS A 659 47.38 4.12 -34.92
C LYS A 659 47.67 2.63 -35.09
N VAL A 660 47.61 2.12 -36.32
CA VAL A 660 47.89 0.71 -36.56
C VAL A 660 49.38 0.44 -36.43
N LEU A 661 50.21 1.30 -37.04
CA LEU A 661 51.65 1.06 -37.06
C LEU A 661 52.36 1.45 -35.77
N ARG A 662 51.67 2.12 -34.84
CA ARG A 662 52.34 2.55 -33.62
C ARG A 662 52.85 1.40 -32.78
N GLY A 663 52.38 0.17 -33.03
CA GLY A 663 52.92 -1.00 -32.36
C GLY A 663 54.28 -1.45 -32.85
N GLY A 664 54.77 -0.86 -33.94
CA GLY A 664 56.11 -1.20 -34.41
C GLY A 664 57.22 -0.59 -33.56
N THR A 665 56.97 0.57 -32.97
CA THR A 665 57.94 1.20 -32.10
C THR A 665 57.95 0.52 -30.74
N LYS A 666 59.13 0.47 -30.12
CA LYS A 666 59.24 -0.10 -28.78
C LYS A 666 58.51 0.76 -27.77
N ASN A 667 57.95 0.10 -26.75
CA ASN A 667 57.11 0.76 -25.75
C ASN A 667 55.92 1.46 -26.41
N GLY A 668 55.37 0.83 -27.45
CA GLY A 668 54.22 1.36 -28.14
C GLY A 668 53.17 0.29 -28.35
N THR A 669 51.92 0.74 -28.49
CA THR A 669 50.79 -0.15 -28.65
C THR A 669 49.95 0.30 -29.84
N SER A 670 49.43 -0.66 -30.59
CA SER A 670 48.57 -0.36 -31.72
C SER A 670 47.13 -0.15 -31.26
N ILE A 671 46.39 0.62 -32.04
CA ILE A 671 44.98 0.90 -31.78
C ILE A 671 44.20 0.55 -33.03
N TYR A 672 43.48 -0.58 -33.00
CA TYR A 672 42.76 -1.05 -34.16
C TYR A 672 41.29 -0.67 -34.06
N SER A 673 40.77 -0.04 -35.11
CA SER A 673 39.35 0.27 -35.16
C SER A 673 38.56 -0.98 -35.54
N THR A 674 37.29 -1.00 -35.14
CA THR A 674 36.44 -2.15 -35.42
C THR A 674 36.09 -2.18 -36.91
N VAL A 675 35.38 -3.23 -37.31
CA VAL A 675 34.76 -3.24 -38.62
C VAL A 675 33.77 -2.08 -38.68
N THR A 676 33.71 -1.41 -39.82
CA THR A 676 32.92 -0.20 -39.94
C THR A 676 31.46 -0.49 -39.59
N PRO A 677 30.90 0.18 -38.58
CA PRO A 677 29.55 -0.13 -38.08
C PRO A 677 28.45 0.56 -38.90
N GLY A 678 28.31 0.13 -40.14
CA GLY A 678 27.24 0.64 -40.98
C GLY A 678 27.30 2.15 -41.12
N ASP A 679 26.17 2.79 -40.84
CA ASP A 679 26.05 4.24 -40.92
C ASP A 679 26.05 4.90 -39.55
N LYS A 680 26.44 4.18 -38.50
CA LYS A 680 26.44 4.76 -37.16
C LYS A 680 27.44 5.90 -37.07
N SER A 681 27.07 6.92 -36.29
CA SER A 681 27.89 8.12 -36.21
C SER A 681 29.17 7.87 -35.42
N THR A 682 29.09 7.10 -34.33
CA THR A 682 30.25 6.88 -33.49
C THR A 682 31.18 5.84 -34.13
N LEU A 683 32.37 5.72 -33.55
CA LEU A 683 33.37 4.77 -34.06
C LEU A 683 34.20 4.26 -32.89
N HIS A 684 34.13 2.96 -32.65
CA HIS A 684 34.88 2.33 -31.56
C HIS A 684 36.26 1.90 -32.04
N GLU A 685 37.22 1.97 -31.12
CA GLU A 685 38.60 1.58 -31.40
C GLU A 685 39.15 0.85 -30.19
N ILE A 686 39.63 -0.37 -30.39
CA ILE A 686 40.16 -1.18 -29.30
C ILE A 686 41.68 -1.17 -29.39
N LYS A 687 42.33 -0.90 -28.27
CA LYS A 687 43.77 -0.81 -28.17
C LYS A 687 44.28 -2.10 -27.54
N ILE A 688 45.13 -2.80 -28.28
CA ILE A 688 45.68 -4.10 -27.87
C ILE A 688 47.11 -4.19 -28.40
N ASP A 689 48.02 -4.66 -27.55
CA ASP A 689 49.43 -4.77 -27.93
C ASP A 689 49.65 -6.06 -28.72
N HIS A 690 49.15 -6.05 -29.96
CA HIS A 690 49.37 -7.15 -30.90
C HIS A 690 49.67 -6.54 -32.27
N PHE A 691 50.93 -6.63 -32.68
CA PHE A 691 51.38 -6.11 -33.97
C PHE A 691 52.38 -7.10 -34.56
N ILE A 692 52.26 -7.34 -35.87
CA ILE A 692 53.18 -8.22 -36.57
C ILE A 692 54.18 -7.37 -37.35
N PRO A 693 55.39 -7.19 -36.86
CA PRO A 693 56.37 -6.34 -37.56
C PRO A 693 57.05 -7.11 -38.69
N GLU A 694 57.73 -6.35 -39.55
CA GLU A 694 58.49 -6.90 -40.67
C GLU A 694 57.63 -7.87 -41.49
N THR A 695 56.50 -7.34 -41.97
CA THR A 695 55.52 -8.17 -42.65
C THR A 695 56.08 -8.78 -43.93
N ILE A 696 56.96 -8.06 -44.64
CA ILE A 696 57.58 -8.56 -45.86
C ILE A 696 59.05 -8.82 -45.56
N SER A 697 59.46 -10.08 -45.69
CA SER A 697 60.83 -10.46 -45.37
C SER A 697 61.79 -10.14 -46.50
N SER A 698 61.38 -10.36 -47.75
CA SER A 698 62.28 -10.16 -48.87
C SER A 698 61.46 -9.92 -50.14
N PHE A 699 62.17 -9.61 -51.22
CA PHE A 699 61.57 -9.33 -52.52
C PHE A 699 62.19 -10.24 -53.58
N SER A 700 61.34 -10.91 -54.35
CA SER A 700 61.76 -11.68 -55.52
C SER A 700 61.30 -10.89 -56.75
N ASN A 701 62.21 -10.09 -57.29
CA ASN A 701 61.88 -9.15 -58.36
C ASN A 701 60.74 -8.25 -57.92
N GLY A 702 59.58 -8.38 -58.57
CA GLY A 702 58.42 -7.59 -58.22
C GLY A 702 57.60 -8.15 -57.06
N THR A 703 57.44 -9.47 -57.04
CA THR A 703 56.61 -10.12 -56.04
C THR A 703 57.22 -10.00 -54.64
N MSE A 704 56.36 -10.02 -53.63
CA MSE A 704 56.78 -9.88 -52.24
C MSE A 704 56.75 -11.21 -51.52
O MSE A 704 55.80 -11.99 -51.63
CB MSE A 704 55.86 -8.88 -51.52
CG MSE A 704 55.69 -7.54 -52.22
SE MSE A 704 54.82 -6.20 -51.11
CE MSE A 704 54.63 -4.80 -52.45
N ILE A 705 57.80 -11.48 -50.75
CA ILE A 705 57.87 -12.66 -49.89
C ILE A 705 57.55 -12.22 -48.47
N PHE A 706 56.54 -12.85 -47.87
CA PHE A 706 55.96 -12.38 -46.63
C PHE A 706 56.49 -13.13 -45.42
N ASN A 707 56.43 -12.46 -44.26
CA ASN A 707 56.82 -13.08 -43.00
C ASN A 707 56.01 -14.35 -42.76
N ASP A 708 56.67 -15.35 -42.17
CA ASP A 708 56.03 -16.64 -41.96
C ASP A 708 54.82 -16.53 -41.04
N LYS A 709 54.83 -15.58 -40.11
CA LYS A 709 53.69 -15.43 -39.19
C LYS A 709 52.43 -15.07 -39.94
N ILE A 710 52.53 -14.19 -40.94
CA ILE A 710 51.34 -13.75 -41.67
C ILE A 710 50.78 -14.88 -42.53
N VAL A 711 51.66 -15.58 -43.25
CA VAL A 711 51.20 -16.71 -44.07
C VAL A 711 50.57 -17.77 -43.18
N ASN A 712 51.18 -18.03 -42.02
CA ASN A 712 50.64 -19.03 -41.10
C ASN A 712 49.27 -18.59 -40.56
N ALA A 713 49.14 -17.32 -40.19
CA ALA A 713 47.86 -16.85 -39.64
C ALA A 713 46.76 -16.90 -40.69
N PHE A 714 47.05 -16.50 -41.93
CA PHE A 714 46.02 -16.53 -42.95
C PHE A 714 45.66 -17.95 -43.35
N THR A 715 46.65 -18.84 -43.41
CA THR A 715 46.35 -20.25 -43.65
C THR A 715 45.50 -20.83 -42.53
N ASP A 716 45.79 -20.44 -41.28
CA ASP A 716 44.97 -20.88 -40.17
C ASP A 716 43.54 -20.37 -40.30
N HIS A 717 43.37 -19.11 -40.68
CA HIS A 717 42.03 -18.56 -40.89
C HIS A 717 41.28 -19.39 -41.93
N PHE A 718 41.94 -19.70 -43.06
CA PHE A 718 41.22 -20.40 -44.12
C PHE A 718 40.95 -21.86 -43.75
N VAL A 719 41.87 -22.51 -43.05
CA VAL A 719 41.60 -23.89 -42.66
C VAL A 719 40.51 -23.93 -41.60
N SER A 720 40.40 -22.90 -40.76
CA SER A 720 39.26 -22.82 -39.85
C SER A 720 37.97 -22.60 -40.62
N GLU A 721 38.03 -21.83 -41.71
CA GLU A 721 36.86 -21.68 -42.57
C GLU A 721 36.42 -23.03 -43.11
N VAL A 722 37.37 -23.82 -43.61
CA VAL A 722 37.05 -25.13 -44.17
C VAL A 722 36.53 -26.07 -43.08
N ASN A 723 37.13 -26.01 -41.89
CA ASN A 723 36.65 -26.81 -40.78
C ASN A 723 35.21 -26.45 -40.42
N ARG A 724 34.90 -25.16 -40.43
CA ARG A 724 33.52 -24.71 -40.18
C ARG A 724 32.59 -25.24 -41.26
N MSE A 725 33.04 -25.24 -42.51
CA MSE A 725 32.25 -25.80 -43.61
C MSE A 725 31.89 -27.25 -43.33
O MSE A 725 30.73 -27.66 -43.43
CB MSE A 725 33.02 -25.71 -44.93
CG MSE A 725 33.46 -24.31 -45.32
SE MSE A 725 34.19 -24.36 -47.11
CE MSE A 725 32.87 -25.61 -47.83
N LYS A 726 32.91 -28.04 -42.97
CA LYS A 726 32.69 -29.46 -42.69
C LYS A 726 31.79 -29.65 -41.47
N GLU A 727 31.99 -28.85 -40.43
CA GLU A 727 31.17 -28.93 -39.23
C GLU A 727 29.71 -28.65 -39.55
N ALA A 728 29.45 -27.64 -40.38
CA ALA A 728 28.06 -27.34 -40.75
C ALA A 728 27.48 -28.42 -41.65
N TYR A 729 28.30 -28.99 -42.54
CA TYR A 729 27.82 -30.07 -43.39
C TYR A 729 27.41 -31.28 -42.56
N GLN A 730 28.16 -31.57 -41.49
CA GLN A 730 27.77 -32.67 -40.61
C GLN A 730 26.56 -32.27 -39.75
N GLU A 731 26.50 -31.00 -39.32
CA GLU A 731 25.35 -30.52 -38.56
C GLU A 731 24.06 -30.63 -39.38
N LEU A 732 24.17 -30.58 -40.71
CA LEU A 732 23.00 -30.74 -41.55
C LEU A 732 22.23 -32.01 -41.21
N GLU A 733 22.95 -33.10 -40.95
CA GLU A 733 22.33 -34.36 -40.55
C GLU A 733 22.20 -34.50 -39.04
N THR A 734 23.18 -33.98 -38.28
CA THR A 734 23.15 -34.11 -36.83
C THR A 734 22.00 -33.31 -36.23
N LEU A 735 21.93 -32.02 -36.53
CA LEU A 735 20.91 -31.16 -35.95
C LEU A 735 19.56 -31.41 -36.61
N PRO A 736 18.48 -31.38 -35.84
CA PRO A 736 17.14 -31.50 -36.44
C PRO A 736 16.80 -30.30 -37.29
N GLU A 737 15.76 -30.45 -38.12
CA GLU A 737 15.35 -29.37 -38.98
C GLU A 737 14.92 -28.14 -38.18
N SER A 738 14.47 -28.33 -36.95
CA SER A 738 13.96 -27.24 -36.14
C SER A 738 15.03 -26.38 -35.51
N LYS A 739 16.32 -26.71 -35.71
CA LYS A 739 17.40 -25.96 -35.10
C LYS A 739 18.46 -25.56 -36.12
N ARG A 740 18.05 -25.38 -37.38
CA ARG A 740 18.96 -24.97 -38.44
C ARG A 740 18.99 -23.45 -38.51
N VAL A 741 20.19 -22.87 -38.52
CA VAL A 741 20.30 -21.43 -38.57
C VAL A 741 19.88 -20.92 -39.95
N VAL A 742 19.20 -19.78 -39.97
CA VAL A 742 18.43 -19.37 -41.15
C VAL A 742 19.33 -19.07 -42.35
N HIS A 743 20.49 -18.45 -42.13
CA HIS A 743 21.39 -18.13 -43.22
C HIS A 743 22.67 -18.97 -43.19
N TYR A 744 22.79 -19.89 -42.25
CA TYR A 744 24.02 -20.63 -42.03
C TYR A 744 23.93 -21.97 -42.73
N HIS A 745 23.05 -22.84 -42.23
CA HIS A 745 22.83 -24.15 -42.82
C HIS A 745 21.89 -24.13 -44.01
N THR A 746 21.22 -23.00 -44.27
CA THR A 746 20.15 -22.97 -45.25
C THR A 746 20.02 -21.54 -45.78
N ASP A 747 19.15 -21.39 -46.79
CA ASP A 747 18.89 -20.08 -47.38
C ASP A 747 17.82 -19.35 -46.58
N ALA A 748 17.54 -18.10 -46.99
CA ALA A 748 16.62 -17.26 -46.23
C ALA A 748 15.22 -17.85 -46.12
N ARG A 749 14.84 -18.75 -47.03
CA ARG A 749 13.50 -19.33 -47.00
C ARG A 749 13.43 -20.67 -46.30
N GLY A 750 14.56 -21.35 -46.11
CA GLY A 750 14.58 -22.65 -45.47
C GLY A 750 15.03 -23.80 -46.34
N ASN A 751 15.33 -23.55 -47.61
CA ASN A 751 15.77 -24.61 -48.52
C ASN A 751 17.26 -24.88 -48.33
N VAL A 752 17.62 -26.16 -48.19
CA VAL A 752 19.02 -26.50 -48.00
C VAL A 752 19.75 -26.56 -49.34
N MSE A 753 19.04 -26.85 -50.42
CA MSE A 753 19.64 -26.93 -51.75
C MSE A 753 18.94 -26.00 -52.73
O MSE A 753 17.72 -26.03 -52.85
CB MSE A 753 19.60 -28.37 -52.28
CG MSE A 753 20.51 -29.34 -51.55
SE MSE A 753 22.32 -29.32 -52.27
CE MSE A 753 22.82 -31.16 -51.85
N LYS A 754 19.72 -25.18 -53.42
CA LYS A 754 19.20 -24.28 -54.45
C LYS A 754 19.96 -24.52 -55.74
N ASP A 755 19.22 -24.64 -56.85
CA ASP A 755 19.76 -25.03 -58.15
C ASP A 755 20.39 -26.41 -57.99
N GLY A 756 21.69 -26.59 -58.22
CA GLY A 756 22.30 -27.89 -58.07
C GLY A 756 23.20 -28.00 -56.87
N LYS A 757 23.76 -26.88 -56.43
CA LYS A 757 24.76 -26.85 -55.37
C LYS A 757 24.10 -26.51 -54.03
N LEU A 758 24.93 -26.43 -53.00
CA LEU A 758 24.45 -26.14 -51.65
C LEU A 758 24.09 -24.67 -51.51
N ALA A 759 23.07 -24.41 -50.70
CA ALA A 759 22.51 -23.06 -50.56
C ALA A 759 23.02 -22.31 -49.35
N GLY A 760 23.32 -23.00 -48.25
CA GLY A 760 23.71 -22.30 -47.04
C GLY A 760 25.00 -21.52 -47.20
N ASN A 761 25.13 -20.45 -46.42
CA ASN A 761 26.33 -19.62 -46.45
C ASN A 761 27.47 -20.22 -45.63
N ALA A 762 27.21 -21.29 -44.88
CA ALA A 762 28.27 -21.93 -44.10
C ALA A 762 29.27 -22.65 -44.99
N PHE A 763 28.83 -23.08 -46.17
CA PHE A 763 29.67 -23.83 -47.09
C PHE A 763 30.41 -22.92 -48.06
N LYS A 764 30.50 -21.64 -47.73
CA LYS A 764 31.10 -20.63 -48.59
C LYS A 764 32.03 -19.75 -47.79
N SER A 765 33.20 -19.45 -48.35
CA SER A 765 34.14 -18.52 -47.73
C SER A 765 34.03 -17.21 -48.51
N GLY A 766 33.09 -16.37 -48.10
CA GLY A 766 32.82 -15.14 -48.79
C GLY A 766 33.64 -13.94 -48.38
N HIS A 767 34.49 -14.07 -47.37
CA HIS A 767 35.22 -12.91 -46.87
C HIS A 767 36.70 -13.20 -46.68
N ILE A 768 37.06 -14.41 -46.30
CA ILE A 768 38.46 -14.83 -46.17
C ILE A 768 38.76 -15.77 -47.33
N LEU A 769 39.64 -15.32 -48.24
CA LEU A 769 40.01 -16.06 -49.44
C LEU A 769 38.76 -16.43 -50.26
N SER A 770 38.13 -15.38 -50.80
CA SER A 770 36.96 -15.58 -51.64
C SER A 770 37.31 -16.39 -52.88
N GLU A 771 38.54 -16.28 -53.37
CA GLU A 771 38.97 -17.00 -54.56
C GLU A 771 38.92 -18.52 -54.37
N LEU A 772 38.80 -18.99 -53.13
CA LEU A 772 38.75 -20.42 -52.86
C LEU A 772 37.39 -20.86 -52.33
N SER A 773 36.37 -20.02 -52.48
CA SER A 773 35.01 -20.41 -52.14
C SER A 773 34.40 -21.18 -53.30
N PHE A 774 33.70 -22.27 -52.99
CA PHE A 774 33.30 -23.22 -54.01
C PHE A 774 32.51 -22.58 -55.15
N ASP A 775 31.79 -21.50 -54.88
CA ASP A 775 30.99 -20.86 -55.92
C ASP A 775 31.81 -19.95 -56.82
N GLN A 776 33.11 -19.81 -56.59
CA GLN A 776 33.93 -18.93 -57.43
C GLN A 776 35.40 -19.32 -57.41
N ILE A 777 35.69 -20.59 -57.68
CA ILE A 777 37.05 -21.08 -57.86
C ILE A 777 37.27 -21.33 -59.33
N THR A 778 38.46 -20.97 -59.82
CA THR A 778 38.86 -21.45 -61.14
C THR A 778 39.10 -22.95 -61.08
N GLN A 779 38.59 -23.67 -62.08
CA GLN A 779 38.58 -25.13 -62.03
C GLN A 779 39.97 -25.70 -61.77
N ASP A 780 41.03 -25.01 -62.21
CA ASP A 780 42.38 -25.48 -61.93
C ASP A 780 42.66 -25.49 -60.44
N ASP A 781 42.29 -24.42 -59.73
CA ASP A 781 42.55 -24.36 -58.30
C ASP A 781 41.75 -25.40 -57.53
N ASN A 782 40.52 -25.71 -57.98
CA ASN A 782 39.74 -26.76 -57.35
C ASN A 782 40.38 -28.13 -57.59
N GLU A 783 40.87 -28.37 -58.81
CA GLU A 783 41.47 -29.66 -59.11
C GLU A 783 42.80 -29.87 -58.39
N MSE A 784 43.54 -28.78 -58.15
CA MSE A 784 44.77 -28.86 -57.36
C MSE A 784 44.44 -29.16 -55.91
O MSE A 784 44.95 -30.13 -55.33
CB MSE A 784 45.57 -27.57 -57.45
CG MSE A 784 46.02 -27.16 -58.85
SE MSE A 784 47.23 -28.41 -59.71
CE MSE A 784 47.55 -27.41 -61.36
N LEU A 785 43.58 -28.32 -55.33
CA LEU A 785 43.20 -28.47 -53.93
C LEU A 785 42.43 -29.76 -53.69
N LYS A 786 41.58 -30.16 -54.63
CA LYS A 786 40.65 -31.28 -54.44
C LYS A 786 39.87 -31.05 -53.13
N LEU A 787 39.08 -29.98 -53.14
CA LEU A 787 38.46 -29.47 -51.92
C LEU A 787 36.94 -29.47 -51.95
N TYR A 788 36.30 -29.54 -53.12
CA TYR A 788 34.85 -29.53 -53.20
C TYR A 788 34.37 -30.54 -54.24
N ASN A 789 33.12 -30.93 -54.11
CA ASN A 789 32.42 -31.76 -55.10
C ASN A 789 31.65 -30.85 -56.05
N GLU A 790 30.78 -31.45 -56.88
CA GLU A 790 29.99 -30.64 -57.80
C GLU A 790 28.89 -29.88 -57.08
N ASP A 791 28.22 -30.53 -56.11
CA ASP A 791 27.17 -29.89 -55.35
C ASP A 791 27.69 -28.99 -54.24
N GLY A 792 28.98 -28.67 -54.24
CA GLY A 792 29.54 -27.75 -53.27
C GLY A 792 29.85 -28.34 -51.92
N SER A 793 29.55 -29.62 -51.69
CA SER A 793 29.83 -30.22 -50.40
C SER A 793 31.34 -30.36 -50.20
N PRO A 794 31.83 -30.17 -48.96
CA PRO A 794 33.27 -30.29 -48.72
C PRO A 794 33.72 -31.75 -48.80
N ILE A 795 34.81 -31.98 -49.51
CA ILE A 795 35.35 -33.34 -49.63
C ILE A 795 35.91 -33.77 -48.28
N ASN A 796 35.72 -35.06 -47.96
CA ASN A 796 36.14 -35.66 -46.70
C ASN A 796 35.64 -34.82 -45.52
N PRO A 797 34.33 -34.85 -45.24
CA PRO A 797 33.80 -33.98 -44.18
C PRO A 797 34.31 -34.34 -42.79
N LYS A 798 34.65 -35.61 -42.55
CA LYS A 798 35.12 -36.01 -41.22
C LYS A 798 36.61 -35.77 -41.05
N GLY A 799 37.39 -35.95 -42.13
CA GLY A 799 38.82 -35.75 -42.04
C GLY A 799 39.21 -34.28 -42.03
N ALA A 800 40.40 -34.02 -41.51
CA ALA A 800 40.92 -32.66 -41.45
C ALA A 800 41.52 -32.25 -42.79
N VAL A 801 41.95 -31.00 -42.87
CA VAL A 801 42.54 -30.47 -44.10
C VAL A 801 43.96 -31.01 -44.24
N SER A 802 44.29 -31.47 -45.45
CA SER A 802 45.59 -32.10 -45.69
C SER A 802 46.67 -31.04 -45.86
N ASN A 803 47.92 -31.51 -45.90
CA ASN A 803 49.07 -30.60 -45.99
C ASN A 803 49.32 -30.12 -47.41
N GLU A 804 49.06 -30.97 -48.41
CA GLU A 804 49.05 -30.51 -49.80
C GLU A 804 48.11 -29.33 -49.96
N GLN A 805 46.88 -29.48 -49.43
CA GLN A 805 45.93 -28.39 -49.47
C GLN A 805 46.47 -27.17 -48.75
N LYS A 806 47.22 -27.35 -47.67
CA LYS A 806 47.75 -26.22 -46.93
C LYS A 806 48.82 -25.48 -47.72
N ILE A 807 49.69 -26.20 -48.43
CA ILE A 807 50.71 -25.51 -49.22
C ILE A 807 50.08 -24.81 -50.42
N LEU A 808 49.03 -25.40 -51.01
CA LEU A 808 48.33 -24.70 -52.09
C LEU A 808 47.62 -23.45 -51.56
N ILE A 809 47.05 -23.53 -50.36
CA ILE A 809 46.45 -22.37 -49.72
C ILE A 809 47.51 -21.29 -49.49
N LYS A 810 48.72 -21.69 -49.12
CA LYS A 810 49.78 -20.71 -48.91
C LYS A 810 50.18 -20.03 -50.20
N GLN A 811 50.23 -20.79 -51.30
CA GLN A 811 50.47 -20.18 -52.61
C GLN A 811 49.40 -19.16 -52.95
N THR A 812 48.13 -19.56 -52.81
CA THR A 812 47.03 -18.64 -53.08
C THR A 812 47.08 -17.41 -52.19
N ILE A 813 47.48 -17.60 -50.94
CA ILE A 813 47.58 -16.49 -49.99
C ILE A 813 48.66 -15.51 -50.43
N ASN A 814 49.83 -16.03 -50.83
CA ASN A 814 50.89 -15.14 -51.31
C ASN A 814 50.43 -14.33 -52.50
N LYS A 815 49.77 -14.99 -53.47
CA LYS A 815 49.25 -14.27 -54.63
C LYS A 815 48.27 -13.18 -54.22
N VAL A 816 47.30 -13.53 -53.36
CA VAL A 816 46.27 -12.60 -52.94
C VAL A 816 46.87 -11.41 -52.20
N LEU A 817 47.81 -11.67 -51.29
CA LEU A 817 48.41 -10.59 -50.51
C LEU A 817 49.24 -9.67 -51.41
N ASN A 818 49.95 -10.24 -52.39
CA ASN A 818 50.67 -9.41 -53.35
C ASN A 818 49.73 -8.47 -54.08
N GLN A 819 48.64 -9.02 -54.62
CA GLN A 819 47.69 -8.18 -55.36
C GLN A 819 47.07 -7.12 -54.45
N ARG A 820 46.73 -7.50 -53.21
CA ARG A 820 46.12 -6.56 -52.27
C ARG A 820 47.05 -5.40 -51.96
N ILE A 821 48.32 -5.70 -51.64
CA ILE A 821 49.23 -4.63 -51.25
C ILE A 821 49.59 -3.77 -52.45
N LYS A 822 49.63 -4.35 -53.65
CA LYS A 822 49.82 -3.51 -54.83
C LYS A 822 48.64 -2.57 -55.05
N GLU A 823 47.41 -3.08 -54.88
CA GLU A 823 46.24 -2.21 -54.96
C GLU A 823 46.30 -1.10 -53.91
N ASN A 824 46.79 -1.42 -52.72
CA ASN A 824 46.78 -0.44 -51.64
C ASN A 824 47.86 0.62 -51.84
N ILE A 825 49.05 0.23 -52.31
CA ILE A 825 50.04 1.26 -52.65
C ILE A 825 49.53 2.12 -53.80
N ARG A 826 48.78 1.51 -54.74
CA ARG A 826 48.16 2.28 -55.81
C ARG A 826 47.19 3.32 -55.25
N TYR A 827 46.36 2.92 -54.29
CA TYR A 827 45.41 3.86 -53.71
C TYR A 827 46.12 4.97 -52.94
N PHE A 828 47.17 4.62 -52.19
CA PHE A 828 47.93 5.63 -51.48
C PHE A 828 48.58 6.61 -52.44
N LYS A 829 49.00 6.13 -53.61
CA LYS A 829 49.49 7.04 -54.65
C LYS A 829 48.38 7.93 -55.18
N ASP A 830 47.20 7.35 -55.42
CA ASP A 830 46.11 8.10 -56.04
C ASP A 830 45.57 9.18 -55.12
N GLN A 831 45.61 8.97 -53.81
CA GLN A 831 45.13 9.96 -52.86
C GLN A 831 46.18 10.99 -52.46
N GLY A 832 47.30 11.06 -53.18
CA GLY A 832 48.29 12.09 -52.89
C GLY A 832 49.00 11.95 -51.56
N LEU A 833 48.79 10.86 -50.82
CA LEU A 833 49.49 10.67 -49.57
C LEU A 833 50.98 10.43 -49.79
N VAL A 834 51.32 9.37 -50.54
CA VAL A 834 52.67 9.22 -51.06
C VAL A 834 52.82 10.05 -52.32
N ILE A 835 53.95 10.74 -52.44
CA ILE A 835 54.22 11.56 -53.62
C ILE A 835 55.70 11.46 -53.96
N ASP A 836 56.00 11.26 -55.24
CA ASP A 836 57.38 11.15 -55.67
C ASP A 836 58.08 12.50 -55.55
N THR A 837 59.32 12.48 -55.07
CA THR A 837 60.08 13.69 -54.81
C THR A 837 61.54 13.44 -55.16
N VAL A 838 62.33 14.51 -55.11
CA VAL A 838 63.75 14.45 -55.43
C VAL A 838 64.52 15.22 -54.35
N ASN A 839 65.58 14.62 -53.84
CA ASN A 839 66.39 15.24 -52.79
C ASN A 839 67.40 16.20 -53.42
N LYS A 840 68.34 16.70 -52.61
CA LYS A 840 69.26 17.73 -53.08
C LYS A 840 70.25 17.18 -54.10
N ASP A 841 70.67 15.91 -53.96
CA ASP A 841 71.65 15.34 -54.87
C ASP A 841 71.05 14.85 -56.18
N GLY A 842 69.75 15.03 -56.39
CA GLY A 842 69.11 14.64 -57.62
C GLY A 842 68.60 13.22 -57.67
N ASN A 843 68.65 12.48 -56.56
CA ASN A 843 68.14 11.12 -56.51
C ASN A 843 66.65 11.14 -56.20
N LYS A 844 65.92 10.22 -56.83
CA LYS A 844 64.47 10.16 -56.67
C LYS A 844 64.08 9.32 -55.46
N GLY A 845 62.91 9.64 -54.92
CA GLY A 845 62.39 8.90 -53.79
C GLY A 845 60.93 9.28 -53.57
N PHE A 846 60.43 8.98 -52.38
CA PHE A 846 59.04 9.27 -52.06
C PHE A 846 58.95 9.98 -50.71
N HIS A 847 57.98 10.88 -50.61
CA HIS A 847 57.60 11.50 -49.35
C HIS A 847 56.16 11.14 -49.06
N PHE A 848 55.89 10.71 -47.83
CA PHE A 848 54.60 10.12 -47.49
C PHE A 848 53.94 10.95 -46.39
N HIS A 849 52.91 11.68 -46.77
CA HIS A 849 52.26 12.62 -45.87
C HIS A 849 51.53 11.90 -44.75
N GLY A 850 51.44 12.55 -43.60
CA GLY A 850 50.68 12.02 -42.49
C GLY A 850 51.27 10.82 -41.79
N LEU A 851 52.54 10.50 -42.04
CA LEU A 851 53.25 9.47 -41.27
C LEU A 851 54.22 10.17 -40.34
N ASP A 852 54.15 9.85 -39.05
CA ASP A 852 54.95 10.55 -38.06
C ASP A 852 56.39 10.04 -38.06
N LYS A 853 57.31 10.91 -37.62
CA LYS A 853 58.72 10.58 -37.66
C LYS A 853 59.04 9.36 -36.79
N SER A 854 58.27 9.12 -35.74
CA SER A 854 58.55 8.01 -34.84
C SER A 854 58.37 6.66 -35.54
N ILE A 855 57.34 6.54 -36.39
CA ILE A 855 57.12 5.29 -37.09
C ILE A 855 58.00 5.19 -38.32
N MSE A 856 58.18 6.30 -39.02
CA MSE A 856 59.01 6.31 -40.22
C MSE A 856 60.45 5.94 -39.89
O MSE A 856 61.15 5.32 -40.71
CB MSE A 856 58.96 7.68 -40.91
CG MSE A 856 59.50 7.68 -42.33
SE MSE A 856 59.77 9.48 -43.01
CE MSE A 856 57.99 10.20 -42.75
N SER A 857 60.89 6.31 -38.68
CA SER A 857 62.23 5.93 -38.25
C SER A 857 62.38 4.43 -38.11
N GLU A 858 61.28 3.73 -37.82
CA GLU A 858 61.31 2.27 -37.71
C GLU A 858 61.51 1.59 -39.07
N TYR A 859 61.49 2.36 -40.16
CA TYR A 859 61.68 1.82 -41.49
C TYR A 859 63.00 2.30 -42.08
N THR A 860 63.14 3.61 -42.31
CA THR A 860 64.43 4.21 -42.65
C THR A 860 64.56 5.55 -41.95
N ASP A 861 65.76 5.85 -41.47
CA ASP A 861 66.02 7.12 -40.81
C ASP A 861 66.27 8.24 -41.80
N ASP A 862 66.51 7.90 -43.07
CA ASP A 862 66.75 8.91 -44.10
C ASP A 862 65.48 9.73 -44.35
N ILE A 863 65.69 10.94 -44.86
CA ILE A 863 64.58 11.86 -45.05
C ILE A 863 63.66 11.40 -46.17
N GLN A 864 64.21 10.71 -47.18
CA GLN A 864 63.43 10.25 -48.32
C GLN A 864 63.10 8.77 -48.18
N LEU A 865 61.91 8.40 -48.65
CA LEU A 865 61.48 7.01 -48.65
C LEU A 865 61.65 6.42 -50.05
N THR A 866 62.12 5.18 -50.11
CA THR A 866 62.25 4.49 -51.38
C THR A 866 60.94 3.77 -51.70
N GLU A 867 60.91 3.10 -52.85
CA GLU A 867 59.72 2.31 -53.18
C GLU A 867 59.60 1.09 -52.27
N PHE A 868 60.72 0.54 -51.82
CA PHE A 868 60.67 -0.62 -50.95
C PHE A 868 60.17 -0.25 -49.56
N ASP A 869 60.54 0.94 -49.07
CA ASP A 869 60.05 1.38 -47.77
C ASP A 869 58.58 1.71 -47.81
N ILE A 870 58.09 2.25 -48.94
CA ILE A 870 56.66 2.45 -49.12
C ILE A 870 55.95 1.10 -49.15
N SER A 871 56.50 0.12 -49.86
CA SER A 871 55.92 -1.21 -49.85
C SER A 871 55.88 -1.77 -48.43
N HIS A 872 56.94 -1.56 -47.66
CA HIS A 872 56.99 -2.04 -46.28
C HIS A 872 55.88 -1.42 -45.44
N VAL A 873 55.77 -0.09 -45.46
CA VAL A 873 54.78 0.58 -44.61
C VAL A 873 53.36 0.20 -45.03
N VAL A 874 53.08 0.18 -46.34
CA VAL A 874 51.73 -0.12 -46.78
C VAL A 874 51.39 -1.58 -46.53
N SER A 875 52.36 -2.49 -46.68
CA SER A 875 52.12 -3.89 -46.40
C SER A 875 51.85 -4.13 -44.92
N ASP A 876 52.66 -3.51 -44.05
CA ASP A 876 52.40 -3.59 -42.62
C ASP A 876 51.00 -3.13 -42.30
N PHE A 877 50.63 -1.93 -42.75
CA PHE A 877 49.31 -1.38 -42.47
C PHE A 877 48.21 -2.30 -42.97
N THR A 878 48.25 -2.66 -44.26
CA THR A 878 47.20 -3.46 -44.86
C THR A 878 47.04 -4.80 -44.16
N LEU A 879 48.14 -5.55 -44.00
CA LEU A 879 48.04 -6.89 -43.44
C LEU A 879 47.60 -6.84 -41.98
N ASN A 880 48.16 -5.93 -41.19
CA ASN A 880 47.77 -5.86 -39.78
C ASN A 880 46.32 -5.46 -39.64
N SER A 881 45.84 -4.53 -40.47
CA SER A 881 44.45 -4.10 -40.36
C SER A 881 43.50 -5.21 -40.83
N ILE A 882 43.90 -5.96 -41.86
CA ILE A 882 43.10 -7.10 -42.30
C ILE A 882 42.98 -8.12 -41.18
N LEU A 883 44.12 -8.44 -40.55
CA LEU A 883 44.10 -9.41 -39.47
C LEU A 883 43.29 -8.90 -38.30
N ALA A 884 43.32 -7.59 -38.04
CA ALA A 884 42.53 -7.03 -36.95
C ALA A 884 41.03 -7.10 -37.26
N SER A 885 40.66 -6.85 -38.51
CA SER A 885 39.26 -7.00 -38.92
C SER A 885 38.81 -8.45 -38.73
N ILE A 886 39.64 -9.40 -39.15
CA ILE A 886 39.30 -10.81 -38.97
C ILE A 886 39.16 -11.13 -37.49
N GLU A 887 40.07 -10.61 -36.66
CA GLU A 887 39.99 -10.84 -35.23
C GLU A 887 38.70 -10.27 -34.65
N TYR A 888 38.30 -9.09 -35.12
CA TYR A 888 37.05 -8.50 -34.63
C TYR A 888 35.87 -9.36 -35.01
N THR A 889 35.90 -9.95 -36.22
CA THR A 889 34.84 -10.89 -36.58
C THR A 889 34.89 -12.15 -35.72
N LYS A 890 36.08 -12.52 -35.25
CA LYS A 890 36.22 -13.74 -34.47
C LYS A 890 35.74 -13.55 -33.03
N LEU A 891 35.98 -12.37 -32.44
CA LEU A 891 35.73 -12.14 -31.03
C LEU A 891 34.43 -11.41 -30.74
N PHE A 892 34.01 -10.48 -31.60
CA PHE A 892 32.87 -9.62 -31.32
C PHE A 892 31.70 -9.88 -32.26
N THR A 893 31.92 -9.79 -33.56
CA THR A 893 30.83 -9.91 -34.52
C THR A 893 30.34 -11.34 -34.62
N GLY A 894 31.24 -12.31 -34.65
CA GLY A 894 30.90 -13.69 -34.91
C GLY A 894 31.18 -14.06 -36.35
N ASP A 895 31.00 -15.35 -36.63
CA ASP A 895 31.24 -15.89 -37.97
C ASP A 895 30.36 -15.17 -38.98
N PRO A 896 30.93 -14.44 -39.94
CA PRO A 896 30.10 -13.72 -40.92
C PRO A 896 29.23 -14.63 -41.78
N ALA A 897 29.47 -15.93 -41.77
CA ALA A 897 28.63 -16.85 -42.55
C ALA A 897 27.20 -16.89 -42.03
N ASN A 898 26.97 -16.52 -40.77
CA ASN A 898 25.64 -16.49 -40.19
C ASN A 898 24.79 -15.32 -40.69
N TYR A 899 25.34 -14.48 -41.57
CA TYR A 899 24.65 -13.29 -42.04
C TYR A 899 24.09 -13.52 -43.44
N LYS A 900 23.06 -12.75 -43.78
CA LYS A 900 22.35 -12.95 -45.04
C LYS A 900 23.30 -12.96 -46.23
N ASN A 901 24.21 -11.99 -46.29
CA ASN A 901 25.34 -12.01 -47.21
C ASN A 901 26.39 -11.04 -46.67
N MSE A 902 27.48 -10.91 -47.42
CA MSE A 902 28.58 -10.06 -46.96
C MSE A 902 28.21 -8.57 -46.99
O MSE A 902 28.74 -7.78 -46.22
CB MSE A 902 29.84 -10.30 -47.80
CG MSE A 902 30.53 -11.62 -47.50
SE MSE A 902 30.94 -11.79 -45.60
CE MSE A 902 31.92 -10.13 -45.34
N VAL A 903 27.31 -8.21 -47.90
CA VAL A 903 26.89 -6.81 -47.99
C VAL A 903 26.03 -6.44 -46.78
N ASP A 904 25.09 -7.31 -46.43
CA ASP A 904 24.27 -7.11 -45.24
C ASP A 904 25.08 -7.23 -43.96
N PHE A 905 26.25 -7.86 -44.03
CA PHE A 905 27.09 -8.03 -42.85
C PHE A 905 27.48 -6.69 -42.25
N PHE A 906 27.97 -5.77 -43.08
CA PHE A 906 28.35 -4.46 -42.57
C PHE A 906 27.14 -3.68 -42.09
N LYS A 907 25.97 -3.90 -42.71
CA LYS A 907 24.76 -3.27 -42.24
C LYS A 907 24.32 -3.81 -40.88
N ARG A 908 24.70 -5.04 -40.54
CA ARG A 908 24.36 -5.62 -39.26
C ARG A 908 25.44 -5.44 -38.20
N VAL A 909 26.65 -5.05 -38.59
CA VAL A 909 27.73 -4.78 -37.65
C VAL A 909 27.28 -3.83 -36.53
N PRO A 910 26.54 -2.72 -36.81
CA PRO A 910 26.14 -1.82 -35.72
C PRO A 910 25.50 -2.50 -34.51
N ALA A 911 25.05 -3.74 -34.66
CA ALA A 911 24.52 -4.48 -33.52
C ALA A 911 25.55 -4.59 -32.41
N THR A 912 26.82 -4.75 -32.78
CA THR A 912 27.89 -4.85 -31.79
C THR A 912 28.11 -3.55 -31.04
N TYR A 913 27.63 -2.43 -31.57
CA TYR A 913 27.77 -1.13 -30.92
C TYR A 913 26.62 -0.80 -29.98
N THR A 914 25.56 -1.61 -29.98
CA THR A 914 24.32 -1.24 -29.31
C THR A 914 24.52 -0.99 -27.82
N ASN A 915 23.95 0.11 -27.33
CA ASN A 915 23.96 0.47 -25.93
C ASN A 915 22.54 0.47 -25.40
N GLY A 916 22.41 0.26 -24.09
CA GLY A 916 21.10 0.30 -23.48
C GLY A 916 21.18 -0.16 -22.05
N THR A 917 20.07 -0.02 -21.34
CA THR A 917 19.97 -0.42 -19.95
C THR A 917 20.08 -1.93 -19.85
N ASN A 918 21.29 -2.43 -19.60
CA ASN A 918 21.42 -3.85 -19.32
C ASN A 918 20.78 -4.13 -17.95
N LEU A 919 20.38 -5.38 -17.75
CA LEU A 919 19.50 -5.72 -16.65
C LEU A 919 20.19 -6.66 -15.65
N ARG A 920 19.77 -6.53 -14.38
CA ARG A 920 20.39 -7.26 -13.28
C ARG A 920 19.95 -8.72 -13.26
N LEU A 921 20.92 -9.62 -13.09
CA LEU A 921 20.68 -11.05 -13.10
C LEU A 921 21.37 -11.71 -11.91
N GLY A 922 21.21 -13.02 -11.81
CA GLY A 922 21.95 -13.81 -10.85
C GLY A 922 21.36 -13.90 -9.47
N LEU A 923 20.05 -13.66 -9.30
CA LEU A 923 19.46 -13.61 -7.98
C LEU A 923 18.37 -14.63 -7.72
N GLU A 924 17.79 -15.25 -8.76
CA GLU A 924 16.88 -16.37 -8.54
C GLU A 924 16.92 -17.32 -9.73
N ALA A 925 17.07 -18.61 -9.44
CA ALA A 925 16.92 -19.69 -10.42
C ALA A 925 17.71 -19.48 -11.70
N ASN A 926 17.02 -19.40 -12.83
CA ASN A 926 17.64 -19.22 -14.14
C ASN A 926 17.36 -17.81 -14.64
N ASP A 927 18.01 -16.83 -14.00
CA ASP A 927 17.86 -15.44 -14.41
C ASP A 927 18.36 -15.23 -15.84
N HIS A 928 19.51 -15.82 -16.17
CA HIS A 928 20.24 -15.45 -17.38
C HIS A 928 19.59 -15.92 -18.67
N LEU A 929 18.53 -16.71 -18.63
CA LEU A 929 17.94 -17.24 -19.85
C LEU A 929 16.49 -16.83 -19.99
N PHE A 930 16.04 -16.76 -21.24
CA PHE A 930 14.64 -16.53 -21.58
C PHE A 930 14.39 -17.10 -22.97
N ASP A 931 13.23 -17.74 -23.14
CA ASP A 931 12.94 -18.47 -24.37
C ASP A 931 12.22 -17.57 -25.38
N VAL A 932 12.63 -17.69 -26.64
CA VAL A 932 12.09 -16.89 -27.74
C VAL A 932 11.69 -17.84 -28.86
N ALA A 933 10.62 -17.48 -29.56
CA ALA A 933 10.15 -18.22 -30.72
C ALA A 933 10.32 -17.35 -31.96
N VAL A 934 11.04 -17.86 -32.95
CA VAL A 934 11.21 -17.17 -34.23
C VAL A 934 10.08 -17.60 -35.16
N LEU A 935 9.32 -16.63 -35.66
CA LEU A 935 8.13 -16.90 -36.46
C LEU A 935 8.32 -16.48 -37.91
N GLU A 936 7.52 -17.10 -38.77
CA GLU A 936 7.54 -16.81 -40.19
C GLU A 936 7.17 -15.35 -40.44
N ASN A 937 7.69 -14.82 -41.55
CA ASN A 937 7.25 -13.50 -42.00
C ASN A 937 5.82 -13.59 -42.52
N ILE A 938 5.04 -12.56 -42.22
CA ILE A 938 3.63 -12.52 -42.60
C ILE A 938 3.55 -11.58 -43.81
N VAL A 939 3.69 -12.15 -45.00
CA VAL A 939 3.70 -11.41 -46.25
C VAL A 939 2.45 -11.79 -47.03
N LYS A 940 1.46 -10.92 -47.00
CA LYS A 940 0.20 -11.12 -47.69
C LYS A 940 0.09 -10.22 -48.91
N PRO A 941 -0.74 -10.59 -49.88
CA PRO A 941 -1.28 -9.59 -50.80
C PRO A 941 -2.43 -8.86 -50.15
N SER A 942 -2.59 -7.59 -50.53
CA SER A 942 -3.63 -6.76 -49.93
C SER A 942 -5.00 -7.39 -50.13
N ALA A 943 -5.74 -7.55 -49.03
CA ALA A 943 -7.07 -8.13 -49.12
C ALA A 943 -8.01 -7.29 -49.96
N TYR A 944 -7.83 -5.97 -49.94
CA TYR A 944 -8.70 -5.04 -50.67
C TYR A 944 -8.04 -4.55 -51.95
N LEU A 945 -7.50 -5.50 -52.73
CA LEU A 945 -6.75 -5.15 -53.93
C LEU A 945 -7.68 -4.65 -55.04
N LYS A 946 -8.86 -5.24 -55.15
CA LYS A 946 -9.81 -4.83 -56.19
C LYS A 946 -10.23 -3.38 -55.97
N GLU A 947 -10.50 -3.00 -54.73
CA GLU A 947 -10.95 -1.64 -54.43
C GLU A 947 -9.86 -0.62 -54.71
N ILE A 948 -8.60 -0.95 -54.44
CA ILE A 948 -7.51 -0.02 -54.73
C ILE A 948 -7.41 0.22 -56.23
N GLY A 949 -7.59 -0.81 -57.04
CA GLY A 949 -7.55 -0.63 -58.48
C GLY A 949 -8.74 0.16 -59.01
N GLU A 950 -9.94 -0.14 -58.52
CA GLU A 950 -11.11 0.62 -58.94
C GLU A 950 -11.02 2.08 -58.49
N SER A 951 -10.31 2.35 -57.39
CA SER A 951 -10.08 3.72 -56.98
C SER A 951 -9.02 4.41 -57.82
N LEU A 952 -7.96 3.67 -58.18
CA LEU A 952 -6.92 4.23 -59.04
C LEU A 952 -7.46 4.55 -60.41
N LYS A 953 -8.50 3.84 -60.85
CA LYS A 953 -9.13 4.14 -62.12
C LYS A 953 -9.63 5.58 -62.20
N LEU A 954 -9.88 6.21 -61.06
CA LEU A 954 -10.34 7.60 -61.00
C LEU A 954 -9.21 8.60 -60.77
N SER A 955 -7.96 8.14 -60.74
CA SER A 955 -6.86 8.96 -60.24
C SER A 955 -6.22 9.85 -61.28
N ASP A 956 -6.58 9.69 -62.56
CA ASP A 956 -5.97 10.45 -63.65
C ASP A 956 -4.46 10.21 -63.66
N LEU A 957 -4.08 8.94 -63.55
CA LEU A 957 -2.69 8.55 -63.42
C LEU A 957 -2.30 7.62 -64.56
N SER A 958 -1.00 7.50 -64.79
CA SER A 958 -0.49 6.66 -65.87
C SER A 958 -0.89 5.20 -65.68
N GLU A 959 -0.91 4.46 -66.79
CA GLU A 959 -1.31 3.06 -66.73
C GLU A 959 -0.24 2.20 -66.09
N ALA A 960 1.01 2.34 -66.55
CA ALA A 960 2.11 1.59 -65.94
C ALA A 960 2.31 2.00 -64.49
N GLU A 961 2.01 3.26 -64.16
CA GLU A 961 2.11 3.70 -62.77
C GLU A 961 1.09 2.98 -61.90
N LYS A 962 -0.15 2.87 -62.38
CA LYS A 962 -1.18 2.14 -61.64
C LYS A 962 -0.82 0.66 -61.52
N LYS A 963 -0.26 0.08 -62.58
CA LYS A 963 0.19 -1.30 -62.50
C LYS A 963 1.28 -1.45 -61.43
N TYR A 964 2.22 -0.50 -61.38
CA TYR A 964 3.28 -0.54 -60.38
C TYR A 964 2.71 -0.46 -58.97
N ILE A 965 1.75 0.44 -58.75
CA ILE A 965 1.13 0.56 -57.43
C ILE A 965 0.44 -0.73 -57.03
N LEU A 966 -0.32 -1.31 -57.95
CA LEU A 966 -1.08 -2.52 -57.64
C LEU A 966 -0.15 -3.68 -57.33
N GLU A 967 0.89 -3.89 -58.17
CA GLU A 967 1.80 -4.99 -57.91
C GLU A 967 2.68 -4.73 -56.69
N ALA A 968 2.84 -3.47 -56.28
CA ALA A 968 3.50 -3.18 -55.03
C ALA A 968 2.63 -3.56 -53.85
N TYR A 969 1.31 -3.34 -53.97
CA TYR A 969 0.39 -3.77 -52.93
C TYR A 969 0.05 -5.25 -53.01
N GLU A 970 0.54 -5.96 -54.03
CA GLU A 970 0.37 -7.41 -54.07
C GLU A 970 1.32 -8.15 -53.12
N ASP A 971 2.26 -7.45 -52.49
CA ASP A 971 3.28 -8.08 -51.63
C ASP A 971 3.51 -7.16 -50.44
N VAL A 972 2.71 -7.35 -49.39
CA VAL A 972 2.74 -6.49 -48.21
C VAL A 972 3.37 -7.28 -47.05
N ASN A 973 4.43 -6.73 -46.47
CA ASN A 973 5.06 -7.32 -45.29
C ASN A 973 4.33 -6.78 -44.06
N GLN A 974 3.41 -7.58 -43.53
CA GLN A 974 2.52 -7.10 -42.47
C GLN A 974 3.25 -6.92 -41.15
N THR A 975 4.24 -7.76 -40.86
CA THR A 975 4.84 -7.81 -39.53
C THR A 975 6.34 -7.54 -39.58
N ASP A 976 6.75 -6.55 -40.37
CA ASP A 976 8.18 -6.29 -40.55
C ASP A 976 8.81 -5.87 -39.22
N ALA A 977 9.74 -6.69 -38.74
CA ALA A 977 10.50 -6.41 -37.51
C ALA A 977 9.57 -6.20 -36.31
N GLN A 978 8.56 -7.07 -36.20
CA GLN A 978 7.58 -6.98 -35.14
C GLN A 978 7.72 -8.14 -34.15
N ALA A 979 7.55 -7.84 -32.87
CA ALA A 979 7.63 -8.84 -31.82
C ALA A 979 6.57 -8.59 -30.78
N TRP A 980 6.21 -9.66 -30.08
CA TRP A 980 5.23 -9.65 -29.01
C TRP A 980 5.83 -10.32 -27.78
N ILE A 981 5.62 -9.73 -26.61
CA ILE A 981 6.09 -10.31 -25.36
C ILE A 981 4.93 -10.51 -24.41
N THR A 982 5.04 -11.53 -23.56
CA THR A 982 4.04 -11.80 -22.56
C THR A 982 4.15 -10.79 -21.41
N PRO A 983 3.04 -10.47 -20.74
CA PRO A 983 3.11 -9.55 -19.59
C PRO A 983 4.09 -9.98 -18.52
N LYS A 984 4.27 -11.29 -18.32
CA LYS A 984 5.29 -11.78 -17.40
C LYS A 984 6.68 -11.30 -17.83
N ARG A 985 6.97 -11.39 -19.13
CA ARG A 985 8.26 -10.92 -19.64
C ARG A 985 8.41 -9.42 -19.49
N TRP A 986 7.32 -8.68 -19.74
CA TRP A 986 7.35 -7.22 -19.56
C TRP A 986 7.66 -6.86 -18.12
N ALA A 987 6.99 -7.52 -17.18
CA ALA A 987 7.24 -7.28 -15.76
C ALA A 987 8.67 -7.62 -15.38
N PHE A 988 9.19 -8.74 -15.89
CA PHE A 988 10.57 -9.10 -15.61
C PHE A 988 11.54 -8.05 -16.14
N LEU A 989 11.33 -7.61 -17.39
CA LEU A 989 12.22 -6.62 -17.99
C LEU A 989 12.22 -5.32 -17.22
N ILE A 990 11.04 -4.85 -16.80
CA ILE A 990 10.99 -3.58 -16.08
C ILE A 990 11.55 -3.72 -14.67
N SER A 991 11.28 -4.85 -14.01
CA SER A 991 11.80 -5.02 -12.65
C SER A 991 13.31 -5.12 -12.65
N ARG A 992 13.90 -5.81 -13.63
CA ARG A 992 15.34 -6.00 -13.65
C ARG A 992 16.11 -4.78 -14.16
N THR A 993 15.41 -3.79 -14.71
CA THR A 993 16.04 -2.53 -15.09
C THR A 993 15.87 -1.46 -14.02
N GLY A 994 15.45 -1.85 -12.81
CA GLY A 994 15.27 -0.91 -11.72
C GLY A 994 14.03 -0.06 -11.80
N LYS A 995 13.30 -0.12 -12.91
CA LYS A 995 12.14 0.75 -13.13
C LYS A 995 10.92 0.34 -12.32
N TRP A 996 10.95 -0.82 -11.65
CA TRP A 996 9.76 -1.31 -10.99
C TRP A 996 9.40 -0.44 -9.78
N ASN A 997 8.13 -0.50 -9.42
CA ASN A 997 7.57 0.28 -8.31
C ASN A 997 6.27 -0.41 -7.90
N SER A 998 5.75 0.00 -6.74
CA SER A 998 4.51 -0.60 -6.25
C SER A 998 3.36 -0.31 -7.19
N LYS A 999 3.42 0.82 -7.92
CA LYS A 999 2.35 1.16 -8.85
C LYS A 999 2.46 0.39 -10.16
N TYR A 1000 3.68 0.11 -10.64
CA TYR A 1000 3.82 -0.97 -11.62
C TYR A 1000 3.24 -2.28 -11.13
N GLN A 1001 3.40 -2.60 -9.85
CA GLN A 1001 2.81 -3.85 -9.36
C GLN A 1001 1.29 -3.80 -9.46
N SER A 1002 0.70 -2.65 -9.11
CA SER A 1002 -0.75 -2.50 -9.21
C SER A 1002 -1.21 -2.60 -10.65
N VAL A 1003 -0.55 -1.87 -11.57
CA VAL A 1003 -0.99 -1.89 -12.96
C VAL A 1003 -0.76 -3.26 -13.58
N TYR A 1004 0.26 -3.99 -13.15
CA TYR A 1004 0.48 -5.35 -13.65
C TYR A 1004 -0.61 -6.29 -13.17
N ASN A 1005 -0.95 -6.21 -11.87
CA ASN A 1005 -2.03 -7.03 -11.36
C ASN A 1005 -3.34 -6.72 -12.08
N LYS A 1006 -3.56 -5.45 -12.40
CA LYS A 1006 -4.77 -5.09 -13.14
C LYS A 1006 -4.70 -5.56 -14.60
N ILE A 1007 -3.50 -5.56 -15.19
CA ILE A 1007 -3.34 -6.03 -16.56
C ILE A 1007 -3.69 -7.51 -16.65
N LEU A 1008 -3.22 -8.30 -15.67
CA LEU A 1008 -3.51 -9.73 -15.71
C LEU A 1008 -4.99 -10.02 -15.53
N LYS A 1009 -5.69 -9.17 -14.76
CA LYS A 1009 -7.11 -9.36 -14.49
C LYS A 1009 -8.00 -8.55 -15.42
N SER A 1010 -7.44 -7.97 -16.48
CA SER A 1010 -8.20 -7.21 -17.47
C SER A 1010 -8.96 -6.05 -16.86
N GLU A 1011 -8.44 -5.47 -15.78
CA GLU A 1011 -9.08 -4.34 -15.12
C GLU A 1011 -8.56 -3.03 -15.71
N SER A 1012 -9.46 -2.06 -15.84
CA SER A 1012 -9.11 -0.79 -16.45
C SER A 1012 -8.28 0.07 -15.50
N LEU A 1013 -7.28 0.74 -16.06
CA LEU A 1013 -6.40 1.60 -15.27
C LEU A 1013 -7.13 2.88 -14.86
N ASP A 1014 -6.77 3.39 -13.69
CA ASP A 1014 -7.29 4.67 -13.24
C ASP A 1014 -6.45 5.79 -13.84
N ALA A 1015 -6.82 7.04 -13.52
CA ALA A 1015 -6.13 8.19 -14.11
C ALA A 1015 -4.67 8.28 -13.65
N SER A 1016 -4.36 7.79 -12.45
CA SER A 1016 -3.01 7.90 -11.94
C SER A 1016 -2.06 6.93 -12.62
N GLU A 1017 -2.54 5.76 -13.02
CA GLU A 1017 -1.70 4.71 -13.56
C GLU A 1017 -1.49 4.83 -15.06
N MSE A 1018 -2.11 5.81 -15.72
CA MSE A 1018 -2.04 5.94 -17.17
C MSE A 1018 -0.60 6.09 -17.66
O MSE A 1018 -0.22 5.54 -18.69
CB MSE A 1018 -2.87 7.14 -17.64
CG MSE A 1018 -4.32 7.11 -17.19
SE MSE A 1018 -5.47 6.04 -18.35
CE MSE A 1018 -7.21 6.47 -17.58
N LYS A 1019 0.20 6.83 -16.89
CA LYS A 1019 1.61 7.03 -17.23
C LYS A 1019 2.46 5.81 -16.95
N LEU A 1020 1.88 4.73 -16.43
CA LEU A 1020 2.60 3.53 -16.07
C LEU A 1020 2.22 2.35 -16.95
N ALA A 1021 1.78 2.63 -18.18
CA ALA A 1021 1.25 1.60 -19.05
C ALA A 1021 2.36 0.68 -19.55
N ALA A 1022 1.94 -0.44 -20.13
CA ALA A 1022 2.87 -1.43 -20.67
C ALA A 1022 3.06 -1.22 -22.17
N GLN A 1023 3.52 -0.04 -22.55
CA GLN A 1023 3.74 0.24 -23.95
C GLN A 1023 4.93 -0.57 -24.45
N PRO A 1024 5.00 -0.86 -25.75
CA PRO A 1024 6.04 -1.77 -26.25
C PRO A 1024 7.44 -1.28 -25.92
N LEU A 1025 8.25 -2.18 -25.37
CA LEU A 1025 9.61 -1.83 -24.98
C LEU A 1025 10.49 -1.69 -26.21
N LYS A 1026 11.22 -0.59 -26.28
CA LYS A 1026 12.10 -0.31 -27.42
C LYS A 1026 13.48 -0.86 -27.13
N GLY A 1027 13.56 -2.19 -27.07
CA GLY A 1027 14.79 -2.88 -26.78
C GLY A 1027 15.44 -3.49 -28.02
N VAL A 1028 16.70 -3.92 -27.84
CA VAL A 1028 17.49 -4.52 -28.90
C VAL A 1028 18.33 -5.62 -28.27
N TYR A 1029 18.75 -6.57 -29.10
CA TYR A 1029 19.51 -7.71 -28.59
C TYR A 1029 20.62 -8.07 -29.57
N PHE A 1030 21.79 -8.39 -29.03
CA PHE A 1030 22.83 -9.01 -29.83
C PHE A 1030 23.71 -9.84 -28.92
N GLY A 1031 23.89 -11.11 -29.28
CA GLY A 1031 24.69 -12.00 -28.46
C GLY A 1031 25.24 -13.14 -29.29
N LEU A 1032 25.94 -14.04 -28.62
CA LEU A 1032 26.51 -15.23 -29.24
C LEU A 1032 25.86 -16.45 -28.58
N VAL A 1033 24.82 -16.98 -29.22
CA VAL A 1033 24.12 -18.16 -28.71
C VAL A 1033 24.81 -19.38 -29.30
N ASN A 1034 25.48 -20.15 -28.45
CA ASN A 1034 26.33 -21.29 -28.83
C ASN A 1034 27.18 -20.97 -30.06
N ASN A 1035 27.86 -19.82 -29.97
CA ASN A 1035 28.81 -19.35 -30.99
C ASN A 1035 28.15 -19.04 -32.32
N THR A 1036 26.84 -18.79 -32.33
CA THR A 1036 26.16 -18.23 -33.48
C THR A 1036 25.67 -16.83 -33.12
N PRO A 1037 26.07 -15.80 -33.85
CA PRO A 1037 25.60 -14.44 -33.55
C PRO A 1037 24.10 -14.31 -33.79
N THR A 1038 23.38 -13.89 -32.75
CA THR A 1038 21.95 -13.66 -32.82
C THR A 1038 21.70 -12.17 -32.61
N TYR A 1039 21.07 -11.53 -33.60
CA TYR A 1039 20.80 -10.09 -33.60
C TYR A 1039 19.30 -9.90 -33.72
N LEU A 1040 18.73 -9.19 -32.76
CA LEU A 1040 17.29 -8.98 -32.64
C LEU A 1040 17.03 -7.47 -32.66
N LYS A 1041 16.52 -6.99 -33.78
CA LYS A 1041 16.05 -5.61 -33.95
C LYS A 1041 14.53 -5.64 -34.02
N TYR A 1042 13.86 -5.17 -32.98
CA TYR A 1042 12.44 -5.46 -32.85
C TYR A 1042 11.80 -4.54 -31.81
N SER A 1043 10.48 -4.40 -31.92
CA SER A 1043 9.65 -3.73 -30.93
C SER A 1043 8.88 -4.77 -30.14
N GLN A 1044 8.84 -4.61 -28.83
CA GLN A 1044 8.32 -5.65 -27.93
C GLN A 1044 6.94 -5.24 -27.42
N ALA A 1045 5.94 -5.40 -28.28
CA ALA A 1045 4.56 -5.16 -27.86
C ALA A 1045 4.15 -6.19 -26.81
N VAL A 1046 3.50 -5.72 -25.76
CA VAL A 1046 3.12 -6.59 -24.64
C VAL A 1046 1.73 -7.16 -24.92
N LEU A 1047 1.64 -8.49 -24.94
CA LEU A 1047 0.38 -9.18 -25.23
C LEU A 1047 -0.49 -9.14 -23.98
N LEU A 1048 -1.13 -7.98 -23.77
CA LEU A 1048 -2.05 -7.83 -22.65
C LEU A 1048 -3.21 -8.80 -22.82
N PRO A 1049 -3.72 -9.39 -21.73
CA PRO A 1049 -4.92 -10.22 -21.86
C PRO A 1049 -6.09 -9.45 -22.42
N GLN A 1050 -6.18 -8.16 -22.12
CA GLN A 1050 -7.26 -7.35 -22.66
C GLN A 1050 -7.10 -7.15 -24.17
N LEU A 1051 -5.87 -7.14 -24.67
CA LEU A 1051 -5.68 -7.04 -26.12
C LEU A 1051 -6.00 -8.36 -26.81
N VAL A 1052 -5.36 -9.45 -26.38
CA VAL A 1052 -5.55 -10.73 -27.06
C VAL A 1052 -6.92 -11.32 -26.82
N ALA A 1053 -7.67 -10.83 -25.85
CA ALA A 1053 -9.00 -11.36 -25.58
C ALA A 1053 -9.92 -11.11 -26.77
N GLY A 1054 -10.60 -12.17 -27.22
CA GLY A 1054 -11.57 -12.06 -28.28
C GLY A 1054 -10.99 -11.95 -29.68
N THR A 1055 -9.68 -12.13 -29.83
CA THR A 1055 -9.04 -12.08 -31.14
C THR A 1055 -8.26 -13.35 -31.38
N GLN A 1056 -7.82 -13.54 -32.62
CA GLN A 1056 -7.06 -14.74 -32.96
C GLN A 1056 -5.75 -14.81 -32.18
N LEU A 1057 -5.04 -13.69 -32.09
CA LEU A 1057 -3.71 -13.66 -31.51
C LEU A 1057 -3.66 -14.30 -30.13
N GLN A 1058 -4.80 -14.32 -29.42
CA GLN A 1058 -4.91 -14.98 -28.13
C GLN A 1058 -4.21 -16.34 -28.13
N SER A 1059 -4.54 -17.17 -29.12
CA SER A 1059 -3.94 -18.50 -29.19
C SER A 1059 -2.43 -18.42 -29.04
N LEU A 1060 -1.79 -17.60 -29.88
CA LEU A 1060 -0.36 -17.36 -29.78
C LEU A 1060 0.04 -17.05 -28.34
N ALA A 1061 -0.53 -15.97 -27.79
CA ALA A 1061 -0.21 -15.56 -26.43
C ALA A 1061 -0.37 -16.73 -25.47
N ASP A 1062 -1.45 -17.49 -25.61
CA ASP A 1062 -1.68 -18.63 -24.73
C ASP A 1062 -0.46 -19.54 -24.68
N ALA A 1063 0.01 -19.99 -25.85
CA ALA A 1063 1.14 -20.90 -25.88
C ALA A 1063 2.34 -20.32 -25.14
N MSE A 1064 2.56 -19.01 -25.26
CA MSE A 1064 3.74 -18.40 -24.68
C MSE A 1064 3.68 -18.43 -23.18
O MSE A 1064 4.70 -18.56 -22.49
CB MSE A 1064 3.90 -16.97 -25.17
CG MSE A 1064 4.11 -16.95 -26.64
SE MSE A 1064 4.40 -15.26 -27.50
CE MSE A 1064 4.28 -16.10 -29.24
N ASN A 1065 2.47 -18.30 -22.64
CA ASN A 1065 2.30 -18.45 -21.21
C ASN A 1065 2.45 -19.89 -20.80
N LYS A 1066 1.99 -20.81 -21.66
CA LYS A 1066 2.08 -22.24 -21.34
C LYS A 1066 3.53 -22.73 -21.43
N GLN A 1067 4.27 -22.28 -22.43
CA GLN A 1067 5.61 -22.78 -22.70
C GLN A 1067 6.70 -21.89 -22.10
N ASP A 1068 6.32 -20.92 -21.27
CA ASP A 1068 7.27 -19.97 -20.67
C ASP A 1068 8.17 -19.34 -21.73
N ILE A 1069 7.59 -19.01 -22.88
CA ILE A 1069 8.28 -18.28 -23.92
C ILE A 1069 8.02 -16.80 -23.70
N GLY A 1070 9.08 -16.06 -23.36
CA GLY A 1070 8.90 -14.66 -23.02
C GLY A 1070 8.65 -13.77 -24.22
N GLU A 1071 9.39 -13.98 -25.30
CA GLU A 1071 9.35 -13.10 -26.46
C GLU A 1071 9.07 -13.90 -27.73
N SER A 1072 8.58 -13.18 -28.74
CA SER A 1072 8.20 -13.79 -30.00
C SER A 1072 8.46 -12.79 -31.12
N ILE A 1073 9.44 -13.08 -31.97
CA ILE A 1073 9.89 -12.12 -32.97
C ILE A 1073 9.71 -12.71 -34.35
N VAL A 1074 9.28 -11.87 -35.30
CA VAL A 1074 9.21 -12.32 -36.68
C VAL A 1074 10.63 -12.53 -37.22
N LEU A 1075 10.72 -13.29 -38.31
CA LEU A 1075 12.03 -13.57 -38.90
C LEU A 1075 12.75 -12.28 -39.31
N ASP A 1076 12.01 -11.32 -39.87
CA ASP A 1076 12.62 -10.03 -40.22
C ASP A 1076 13.05 -9.25 -38.98
N GLY A 1077 12.59 -9.64 -37.80
CA GLY A 1077 13.04 -9.05 -36.55
C GLY A 1077 14.27 -9.68 -35.96
N VAL A 1078 14.70 -10.81 -36.50
CA VAL A 1078 15.94 -11.48 -36.11
C VAL A 1078 16.85 -11.43 -37.32
N LYS A 1079 17.74 -10.44 -37.36
CA LYS A 1079 18.54 -10.21 -38.56
C LYS A 1079 19.49 -11.37 -38.84
N VAL A 1080 20.14 -11.91 -37.80
CA VAL A 1080 21.07 -13.02 -37.96
C VAL A 1080 20.86 -14.02 -36.83
N GLY A 1081 21.28 -15.25 -37.09
CA GLY A 1081 21.24 -16.29 -36.07
C GLY A 1081 19.87 -16.85 -35.78
N ALA A 1082 18.88 -16.56 -36.60
CA ALA A 1082 17.55 -17.12 -36.39
C ALA A 1082 17.56 -18.61 -36.72
N THR A 1083 16.91 -19.40 -35.87
CA THR A 1083 16.64 -20.79 -36.22
C THR A 1083 15.51 -20.83 -37.25
N THR A 1084 15.23 -22.04 -37.74
CA THR A 1084 14.18 -22.19 -38.74
C THR A 1084 12.86 -21.70 -38.17
N PRO A 1085 12.24 -20.68 -38.75
CA PRO A 1085 11.04 -20.11 -38.14
C PRO A 1085 9.92 -21.13 -38.07
N ASN A 1086 9.16 -21.08 -36.99
CA ASN A 1086 8.01 -21.97 -36.83
C ASN A 1086 6.76 -21.29 -37.38
N ILE A 1087 5.93 -22.08 -38.05
CA ILE A 1087 4.74 -21.59 -38.74
C ILE A 1087 3.57 -21.52 -37.77
N VAL A 1088 2.79 -20.45 -37.88
CA VAL A 1088 1.68 -20.20 -36.97
C VAL A 1088 0.41 -19.85 -37.73
N THR A 1089 0.41 -20.05 -39.05
CA THR A 1089 -0.69 -19.62 -39.90
C THR A 1089 -1.28 -20.80 -40.67
N ASP A 1090 -2.53 -20.62 -41.09
CA ASP A 1090 -3.27 -21.60 -41.87
C ASP A 1090 -2.99 -21.41 -43.36
N GLU A 1091 -3.56 -22.30 -44.17
CA GLU A 1091 -3.49 -22.13 -45.62
C GLU A 1091 -4.18 -20.84 -46.03
N ASN A 1092 -5.27 -20.48 -45.35
CA ASN A 1092 -6.05 -19.31 -45.68
C ASN A 1092 -5.52 -18.04 -45.03
N GLY A 1093 -4.41 -18.12 -44.29
CA GLY A 1093 -3.82 -16.97 -43.63
C GLY A 1093 -4.23 -16.79 -42.19
N ASP A 1094 -5.31 -17.43 -41.75
CA ASP A 1094 -5.69 -17.40 -40.35
C ASP A 1094 -4.62 -18.10 -39.51
N ILE A 1095 -4.51 -17.70 -38.25
CA ILE A 1095 -3.51 -18.30 -37.38
C ILE A 1095 -4.10 -19.54 -36.72
N LEU A 1096 -3.22 -20.41 -36.25
CA LEU A 1096 -3.64 -21.72 -35.77
C LEU A 1096 -4.42 -21.59 -34.46
N LYS A 1097 -5.38 -22.50 -34.28
CA LYS A 1097 -6.21 -22.49 -33.08
C LYS A 1097 -5.39 -22.88 -31.85
N SER A 1098 -4.62 -23.95 -31.96
CA SER A 1098 -3.72 -24.39 -30.91
C SER A 1098 -2.30 -24.41 -31.46
N ILE A 1099 -1.39 -23.73 -30.79
CA ILE A 1099 -0.03 -23.54 -31.28
C ILE A 1099 0.96 -24.12 -30.27
N SER A 1100 1.98 -24.80 -30.77
CA SER A 1100 3.11 -25.26 -29.98
C SER A 1100 4.38 -24.79 -30.66
N LEU A 1101 5.17 -23.97 -29.97
CA LEU A 1101 6.29 -23.28 -30.56
C LEU A 1101 7.60 -24.01 -30.27
N ASN A 1102 8.52 -23.94 -31.24
CA ASN A 1102 9.88 -24.42 -31.05
C ASN A 1102 10.70 -23.31 -30.41
N PRO A 1103 11.07 -23.42 -29.14
CA PRO A 1103 11.75 -22.31 -28.47
C PRO A 1103 13.21 -22.21 -28.84
N LEU A 1104 13.74 -21.00 -28.70
CA LEU A 1104 15.17 -20.72 -28.83
C LEU A 1104 15.60 -19.99 -27.57
N THR A 1105 16.48 -20.62 -26.80
CA THR A 1105 16.91 -20.05 -25.53
C THR A 1105 18.04 -19.05 -25.74
N LEU A 1106 17.86 -17.85 -25.17
CA LEU A 1106 18.80 -16.75 -25.31
C LEU A 1106 19.34 -16.36 -23.94
N SER A 1107 20.22 -15.37 -23.93
CA SER A 1107 20.87 -14.90 -22.71
C SER A 1107 20.40 -13.49 -22.37
N ASN A 1108 19.89 -13.32 -21.15
CA ASN A 1108 19.43 -12.01 -20.72
C ASN A 1108 20.56 -11.00 -20.62
N ALA A 1109 21.78 -11.46 -20.38
CA ALA A 1109 22.92 -10.54 -20.25
C ALA A 1109 23.20 -9.77 -21.53
N ASP A 1110 22.78 -10.30 -22.68
CA ASP A 1110 23.00 -9.63 -23.96
C ASP A 1110 21.84 -8.73 -24.36
N TRP A 1111 20.72 -8.78 -23.64
CA TRP A 1111 19.60 -7.90 -23.92
C TRP A 1111 19.80 -6.55 -23.23
N LYS A 1112 19.22 -5.52 -23.84
CA LYS A 1112 19.37 -4.16 -23.33
C LYS A 1112 18.19 -3.33 -23.81
N LEU A 1113 17.64 -2.52 -22.91
CA LEU A 1113 16.56 -1.61 -23.27
C LEU A 1113 17.19 -0.38 -23.92
N GLN A 1114 17.07 -0.29 -25.25
CA GLN A 1114 17.84 0.70 -25.99
C GLN A 1114 17.27 2.10 -25.81
N GLN A 1115 15.97 2.27 -26.01
CA GLN A 1115 15.30 3.55 -25.84
C GLN A 1115 14.26 3.43 -24.75
N ASP A 1116 14.39 4.24 -23.70
CA ASP A 1116 13.39 4.31 -22.63
C ASP A 1116 12.37 5.40 -22.95
N LEU A 1117 11.65 5.19 -24.05
CA LEU A 1117 10.66 6.17 -24.51
C LEU A 1117 9.60 6.36 -23.44
N PRO A 1118 9.29 7.60 -23.05
CA PRO A 1118 8.27 7.82 -22.02
C PRO A 1118 6.87 7.60 -22.58
N VAL A 1119 5.92 7.51 -21.65
CA VAL A 1119 4.51 7.35 -21.98
C VAL A 1119 3.86 8.72 -21.95
N LYS A 1120 3.56 9.27 -23.13
CA LYS A 1120 2.92 10.58 -23.27
C LYS A 1120 1.53 10.38 -23.85
N THR A 1121 0.51 10.59 -23.03
CA THR A 1121 -0.87 10.33 -23.43
C THR A 1121 -1.32 11.35 -24.47
N ILE A 1122 -2.61 11.34 -24.80
CA ILE A 1122 -3.17 12.37 -25.67
C ILE A 1122 -2.95 13.72 -25.01
N LYS A 1123 -2.31 14.63 -25.73
CA LYS A 1123 -1.82 15.87 -25.14
C LYS A 1123 -1.72 16.92 -26.24
N PRO A 1124 -1.50 18.18 -25.87
CA PRO A 1124 -1.03 19.16 -26.87
C PRO A 1124 0.29 18.70 -27.48
N THR A 1125 0.28 18.52 -28.79
CA THR A 1125 1.40 17.98 -29.53
C THR A 1125 1.79 18.95 -30.63
N LEU A 1126 3.10 19.21 -30.74
CA LEU A 1126 3.61 20.15 -31.73
C LEU A 1126 3.34 19.62 -33.12
N LEU A 1127 2.59 20.38 -33.92
CA LEU A 1127 2.27 19.95 -35.28
C LEU A 1127 3.54 19.86 -36.11
N GLY A 1128 3.70 18.73 -36.79
CA GLY A 1128 4.86 18.48 -37.65
C GLY A 1128 5.21 19.62 -38.57
N SER A 1129 6.49 19.97 -38.64
CA SER A 1129 6.91 21.09 -39.47
C SER A 1129 6.81 20.77 -40.95
N GLN A 1130 6.88 19.50 -41.32
CA GLN A 1130 6.91 19.12 -42.73
C GLN A 1130 5.52 18.89 -43.32
N ILE A 1131 4.61 18.27 -42.55
CA ILE A 1131 3.29 17.95 -43.08
C ILE A 1131 2.52 19.21 -43.44
N GLN A 1132 2.57 20.23 -42.56
CA GLN A 1132 1.76 21.42 -42.77
C GLN A 1132 2.11 22.17 -44.05
N LYS A 1133 3.20 21.79 -44.71
CA LYS A 1133 3.57 22.34 -46.00
C LYS A 1133 3.56 21.33 -47.12
N ASN A 1134 3.75 20.03 -46.83
CA ASN A 1134 3.62 19.00 -47.85
C ASN A 1134 2.17 18.75 -48.22
N ILE A 1135 1.21 19.28 -47.45
CA ILE A 1135 -0.19 19.10 -47.78
C ILE A 1135 -0.57 19.82 -49.07
N TYR A 1136 0.19 20.87 -49.45
CA TYR A 1136 -0.10 21.59 -50.69
C TYR A 1136 0.25 20.79 -51.93
N SER A 1137 0.93 19.65 -51.79
CA SER A 1137 1.41 18.91 -52.97
C SER A 1137 0.26 18.42 -53.82
N SER A 1138 -0.83 17.98 -53.20
CA SER A 1138 -1.96 17.39 -53.90
C SER A 1138 -3.05 18.39 -54.23
N LEU A 1139 -2.86 19.67 -53.90
CA LEU A 1139 -3.87 20.68 -54.18
C LEU A 1139 -3.91 20.97 -55.67
N THR A 1140 -5.10 20.84 -56.27
CA THR A 1140 -5.31 21.17 -57.67
C THR A 1140 -6.59 21.97 -57.81
N ASP A 1141 -6.57 22.94 -58.74
CA ASP A 1141 -7.77 23.74 -58.98
C ASP A 1141 -8.85 22.97 -59.73
N GLU A 1142 -8.53 21.79 -60.23
CA GLU A 1142 -9.51 20.93 -60.89
C GLU A 1142 -10.33 20.10 -59.91
N ALA A 1143 -10.20 20.35 -58.60
CA ALA A 1143 -10.95 19.67 -57.58
C ALA A 1143 -11.72 20.67 -56.73
N THR A 1144 -12.71 20.18 -56.00
CA THR A 1144 -13.51 21.00 -55.09
C THR A 1144 -13.45 20.36 -53.70
N TYR A 1145 -12.66 20.96 -52.81
CA TYR A 1145 -12.51 20.47 -51.45
C TYR A 1145 -13.61 21.09 -50.60
N THR A 1146 -14.41 20.25 -49.95
CA THR A 1146 -15.63 20.70 -49.28
C THR A 1146 -15.58 20.38 -47.80
N ILE A 1147 -15.70 21.41 -46.96
CA ILE A 1147 -15.91 21.24 -45.54
C ILE A 1147 -17.30 21.78 -45.21
N GLU A 1148 -17.73 21.55 -43.97
CA GLU A 1148 -19.07 21.97 -43.54
C GLU A 1148 -19.34 23.42 -43.86
N ASN A 1149 -20.27 23.65 -44.81
CA ASN A 1149 -20.74 24.96 -45.23
C ASN A 1149 -19.68 25.80 -45.94
N GLU A 1150 -18.58 25.18 -46.38
CA GLU A 1150 -17.55 25.89 -47.12
C GLU A 1150 -17.01 25.00 -48.24
N ALA A 1151 -16.67 25.63 -49.36
CA ALA A 1151 -16.13 24.92 -50.51
C ALA A 1151 -15.00 25.74 -51.11
N PHE A 1152 -13.89 25.06 -51.41
CA PHE A 1152 -12.70 25.72 -51.93
C PHE A 1152 -12.22 24.96 -53.15
N ASN A 1153 -11.47 25.65 -54.01
CA ASN A 1153 -10.72 24.98 -55.05
C ASN A 1153 -9.29 24.77 -54.58
N GLY A 1154 -8.40 24.36 -55.48
CA GLY A 1154 -7.02 24.13 -55.11
C GLY A 1154 -6.35 25.37 -54.56
N SER A 1155 -6.55 26.51 -55.24
CA SER A 1155 -5.94 27.75 -54.80
C SER A 1155 -6.52 28.21 -53.47
N GLY A 1156 -7.86 28.20 -53.36
CA GLY A 1156 -8.51 28.71 -52.17
C GLY A 1156 -7.99 28.05 -50.90
N MSE A 1157 -7.99 26.72 -50.87
CA MSE A 1157 -7.40 25.98 -49.76
C MSE A 1157 -6.02 26.47 -49.38
O MSE A 1157 -5.75 26.69 -48.20
CB MSE A 1157 -7.33 24.49 -50.07
CG MSE A 1157 -8.59 23.74 -49.72
SE MSE A 1157 -8.50 23.30 -47.82
CE MSE A 1157 -10.15 22.26 -47.72
N PHE A 1158 -5.16 26.65 -50.39
CA PHE A 1158 -3.83 27.20 -50.13
C PHE A 1158 -3.93 28.43 -49.24
N GLN A 1159 -4.72 29.42 -49.65
CA GLN A 1159 -4.94 30.59 -48.80
C GLN A 1159 -5.58 30.18 -47.48
N ALA A 1160 -6.68 29.43 -47.56
CA ALA A 1160 -7.46 29.06 -46.37
C ALA A 1160 -6.56 28.48 -45.30
N ILE A 1161 -5.86 27.39 -45.64
CA ILE A 1161 -4.95 26.76 -44.69
C ILE A 1161 -3.98 27.81 -44.15
N ASN A 1162 -3.30 28.52 -45.06
CA ASN A 1162 -2.35 29.54 -44.62
C ASN A 1162 -3.04 30.51 -43.67
N ASP A 1163 -4.20 31.02 -44.09
CA ASP A 1163 -4.92 31.97 -43.25
C ASP A 1163 -5.11 31.39 -41.86
N THR A 1164 -5.65 30.16 -41.79
CA THR A 1164 -5.92 29.56 -40.49
C THR A 1164 -4.65 29.46 -39.66
N VAL A 1165 -3.58 28.92 -40.25
CA VAL A 1165 -2.36 28.77 -39.46
C VAL A 1165 -1.85 30.14 -39.04
N SER A 1166 -1.93 31.12 -39.96
CA SER A 1166 -1.53 32.47 -39.61
C SER A 1166 -2.30 32.93 -38.37
N ALA A 1167 -3.61 32.72 -38.39
CA ALA A 1167 -4.45 33.13 -37.26
C ALA A 1167 -3.90 32.56 -35.96
N MSE A 1168 -3.58 31.27 -35.96
CA MSE A 1168 -3.06 30.62 -34.77
C MSE A 1168 -1.85 31.39 -34.27
O MSE A 1168 -1.83 31.84 -33.13
CB MSE A 1168 -2.70 29.16 -35.05
CG MSE A 1168 -3.92 28.25 -35.15
SE MSE A 1168 -3.54 26.50 -35.92
CE MSE A 1168 -4.74 26.64 -37.45
N SER A 1169 -0.88 31.58 -35.18
CA SER A 1169 0.31 32.33 -34.82
C SER A 1169 -0.06 33.67 -34.21
N ASN A 1170 -0.95 34.41 -34.89
CA ASN A 1170 -1.33 35.74 -34.41
C ASN A 1170 -1.94 35.66 -33.03
N LEU A 1171 -2.78 34.65 -32.78
CA LEU A 1171 -3.27 34.42 -31.43
C LEU A 1171 -2.12 34.25 -30.46
N SER A 1172 -1.25 33.27 -30.72
CA SER A 1172 -0.21 32.91 -29.76
C SER A 1172 0.68 34.10 -29.42
N ILE A 1173 1.19 34.77 -30.46
CA ILE A 1173 2.10 35.89 -30.20
C ILE A 1173 1.35 36.99 -29.45
N ALA A 1174 0.06 37.16 -29.73
CA ALA A 1174 -0.73 38.15 -28.98
C ALA A 1174 -0.67 37.87 -27.50
N GLY A 1175 -0.85 36.60 -27.12
CA GLY A 1175 -0.68 36.23 -25.72
C GLY A 1175 0.66 36.67 -25.18
N LEU A 1176 1.73 36.36 -25.90
CA LEU A 1176 3.06 36.78 -25.50
C LEU A 1176 3.13 38.31 -25.38
N SER A 1177 2.46 39.01 -26.31
CA SER A 1177 2.39 40.46 -26.22
C SER A 1177 1.80 40.90 -24.89
N SER A 1178 0.68 40.29 -24.49
CA SER A 1178 0.10 40.63 -23.20
C SER A 1178 1.04 40.28 -22.05
N GLU A 1179 1.87 39.25 -22.23
CA GLU A 1179 2.84 38.91 -21.20
C GLU A 1179 3.89 39.99 -21.05
N LEU A 1180 4.13 40.78 -22.09
CA LEU A 1180 5.21 41.76 -22.10
C LEU A 1180 4.70 43.20 -22.09
N GLY A 1181 3.39 43.41 -22.16
CA GLY A 1181 2.85 44.76 -22.21
C GLY A 1181 3.37 45.55 -23.40
N LYS A 1182 3.40 44.92 -24.59
CA LYS A 1182 3.87 45.58 -25.79
C LYS A 1182 2.98 46.77 -26.13
N ASP A 1183 3.56 47.97 -26.10
CA ASP A 1183 2.85 49.18 -26.49
C ASP A 1183 2.55 49.16 -27.99
N SER A 1184 1.75 50.13 -28.42
CA SER A 1184 1.51 50.31 -29.85
C SER A 1184 2.82 50.56 -30.60
N GLU A 1185 3.73 51.33 -30.01
CA GLU A 1185 5.01 51.59 -30.65
C GLU A 1185 5.91 50.36 -30.60
N GLY A 1186 5.86 49.61 -29.50
CA GLY A 1186 6.70 48.44 -29.36
C GLY A 1186 7.44 48.39 -28.04
N LYS A 1187 7.33 49.45 -27.24
CA LYS A 1187 7.95 49.44 -25.92
C LYS A 1187 7.23 48.42 -25.03
N ILE A 1188 7.99 47.71 -24.21
CA ILE A 1188 7.47 46.64 -23.38
C ILE A 1188 7.66 46.99 -21.91
N ASP A 1189 6.97 46.26 -21.05
CA ASP A 1189 7.03 46.47 -19.62
C ASP A 1189 8.24 45.75 -19.04
N LYS A 1190 9.16 46.51 -18.46
CA LYS A 1190 10.36 45.94 -17.87
C LYS A 1190 10.02 44.94 -16.77
N ARG A 1191 9.09 45.31 -15.88
CA ARG A 1191 8.68 44.42 -14.81
C ARG A 1191 8.22 43.08 -15.35
N LYS A 1192 7.38 43.11 -16.39
CA LYS A 1192 6.81 41.87 -16.93
C LYS A 1192 7.88 41.01 -17.61
N LEU A 1193 8.80 41.65 -18.33
CA LEU A 1193 9.92 40.93 -18.93
C LEU A 1193 10.72 40.19 -17.86
N TYR A 1194 11.12 40.91 -16.80
CA TYR A 1194 11.92 40.25 -15.78
C TYR A 1194 11.11 39.20 -15.02
N ASP A 1195 9.80 39.39 -14.89
CA ASP A 1195 8.96 38.36 -14.28
C ASP A 1195 8.98 37.08 -15.11
N MSE A 1196 8.83 37.21 -16.42
CA MSE A 1196 8.86 36.05 -17.33
C MSE A 1196 10.20 35.33 -17.24
O MSE A 1196 10.26 34.10 -17.13
CB MSE A 1196 8.61 36.49 -18.77
CG MSE A 1196 9.10 35.49 -19.79
SE MSE A 1196 8.90 36.16 -21.61
CE MSE A 1196 7.07 36.80 -21.49
N LEU A 1197 11.28 36.11 -17.28
CA LEU A 1197 12.62 35.54 -17.19
C LEU A 1197 12.83 34.82 -15.86
N GLU A 1198 12.38 35.42 -14.76
CA GLU A 1198 12.50 34.77 -13.46
C GLU A 1198 11.72 33.47 -13.42
N ARG A 1199 10.49 33.46 -13.94
CA ARG A 1199 9.70 32.23 -13.92
C ARG A 1199 10.35 31.14 -14.74
N GLU A 1200 10.91 31.49 -15.90
CA GLU A 1200 11.56 30.48 -16.72
C GLU A 1200 12.82 29.94 -16.04
N MSE A 1201 13.59 30.81 -15.40
CA MSE A 1201 14.80 30.35 -14.70
C MSE A 1201 14.45 29.51 -13.47
O MSE A 1201 15.20 28.61 -13.09
CB MSE A 1201 15.66 31.55 -14.30
CG MSE A 1201 16.20 32.31 -15.48
SE MSE A 1201 17.61 31.34 -16.40
CE MSE A 1201 19.10 31.78 -15.23
N LEU A 1202 13.32 29.82 -12.83
CA LEU A 1202 12.85 29.01 -11.71
C LEU A 1202 12.42 27.63 -12.18
N ASP A 1203 11.62 27.56 -13.24
CA ASP A 1203 11.16 26.28 -13.75
C ASP A 1203 12.33 25.43 -14.24
N LYS A 1204 13.28 26.05 -14.95
CA LYS A 1204 14.42 25.30 -15.47
C LYS A 1204 15.40 24.91 -14.36
N GLY A 1205 15.52 25.74 -13.33
CA GLY A 1205 16.49 25.50 -12.27
C GLY A 1205 17.74 26.31 -12.49
N SER A 1206 18.00 27.27 -11.61
CA SER A 1206 19.10 28.22 -11.81
C SER A 1206 19.88 28.38 -10.51
N ALA A 1207 21.16 28.75 -10.67
CA ALA A 1207 21.97 29.13 -9.52
C ALA A 1207 21.40 30.38 -8.85
N ILE A 1208 21.44 30.40 -7.51
CA ILE A 1208 20.80 31.49 -6.78
C ILE A 1208 21.43 32.83 -7.14
N ASN A 1209 22.73 32.85 -7.44
CA ASN A 1209 23.39 34.09 -7.84
C ASN A 1209 22.68 34.70 -9.05
N LEU A 1210 22.46 33.88 -10.09
CA LEU A 1210 21.94 34.40 -11.35
C LEU A 1210 20.47 34.77 -11.21
N LEU A 1211 19.72 33.99 -10.43
CA LEU A 1211 18.31 34.29 -10.23
C LEU A 1211 18.13 35.54 -9.38
N LYS A 1212 19.02 35.77 -8.40
CA LYS A 1212 18.97 37.02 -7.66
C LYS A 1212 19.34 38.21 -8.53
N SER A 1213 20.34 38.03 -9.41
CA SER A 1213 20.65 39.06 -10.38
C SER A 1213 19.43 39.43 -11.21
N ILE A 1214 18.67 38.41 -11.65
CA ILE A 1214 17.44 38.68 -12.41
C ILE A 1214 16.40 39.37 -11.53
N GLN A 1215 16.24 38.91 -10.29
CA GLN A 1215 15.23 39.47 -9.41
C GLN A 1215 15.49 40.93 -9.10
N LYS A 1216 16.76 41.34 -9.07
CA LYS A 1216 17.07 42.74 -8.81
C LYS A 1216 16.72 43.65 -9.99
N ASN A 1217 16.11 43.13 -11.05
CA ASN A 1217 15.70 43.91 -12.21
C ASN A 1217 16.87 44.69 -12.80
N LEU A 1218 18.08 44.15 -12.65
CA LEU A 1218 19.25 44.75 -13.25
C LEU A 1218 19.11 44.75 -14.78
N PRO A 1219 19.71 45.73 -15.46
CA PRO A 1219 19.71 45.70 -16.92
C PRO A 1219 20.39 44.44 -17.42
N ILE A 1220 19.83 43.86 -18.49
CA ILE A 1220 20.32 42.59 -19.02
C ILE A 1220 21.82 42.64 -19.28
N GLU A 1221 22.35 43.80 -19.66
CA GLU A 1221 23.76 43.90 -19.99
C GLU A 1221 24.66 43.95 -18.75
N ALA A 1222 24.08 44.26 -17.58
CA ALA A 1222 24.85 44.33 -16.35
C ALA A 1222 25.07 42.96 -15.72
N MSE A 1223 24.56 41.90 -16.31
CA MSE A 1223 24.68 40.55 -15.78
C MSE A 1223 25.54 39.71 -16.71
O MSE A 1223 25.02 38.95 -17.52
CB MSE A 1223 23.29 39.94 -15.62
CG MSE A 1223 22.45 40.62 -14.55
SE MSE A 1223 20.65 39.89 -14.43
CE MSE A 1223 19.88 40.75 -15.99
N PRO A 1224 26.86 39.84 -16.56
CA PRO A 1224 27.77 39.22 -17.55
C PRO A 1224 27.63 37.71 -17.65
N GLY A 1225 27.34 37.04 -16.54
CA GLY A 1225 27.27 35.59 -16.55
C GLY A 1225 26.12 35.04 -17.35
N ILE A 1226 25.02 35.79 -17.44
CA ILE A 1226 23.78 35.23 -17.99
C ILE A 1226 23.18 36.07 -19.11
N LYS A 1227 23.93 37.04 -19.64
CA LYS A 1227 23.38 37.89 -20.69
C LYS A 1227 22.95 37.06 -21.89
N ASP A 1228 23.79 36.12 -22.32
CA ASP A 1228 23.48 35.31 -23.49
C ASP A 1228 22.29 34.39 -23.23
N LYS A 1229 22.22 33.80 -22.03
CA LYS A 1229 21.08 32.94 -21.70
C LYS A 1229 19.78 33.73 -21.69
N LEU A 1230 19.81 34.98 -21.20
CA LEU A 1230 18.61 35.80 -21.17
C LEU A 1230 18.15 36.18 -22.57
N TYR A 1231 19.09 36.58 -23.44
CA TYR A 1231 18.73 36.80 -24.84
C TYR A 1231 18.15 35.53 -25.45
N ASN A 1232 18.75 34.39 -25.16
CA ASN A 1232 18.25 33.11 -25.66
C ASN A 1232 16.83 32.86 -25.18
N ILE A 1233 16.53 33.17 -23.92
CA ILE A 1233 15.20 32.93 -23.37
C ILE A 1233 14.18 33.82 -24.08
N VAL A 1234 14.52 35.09 -24.31
CA VAL A 1234 13.58 35.98 -25.00
C VAL A 1234 13.32 35.46 -26.41
N PHE A 1235 14.39 35.14 -27.15
CA PHE A 1235 14.23 34.64 -28.51
C PHE A 1235 13.43 33.35 -28.53
N SER A 1236 13.67 32.46 -27.56
CA SER A 1236 12.97 31.19 -27.51
C SER A 1236 11.49 31.38 -27.25
N LYS A 1237 11.14 32.27 -26.31
CA LYS A 1237 9.73 32.54 -26.06
C LYS A 1237 9.04 33.08 -27.29
N ILE A 1238 9.68 34.04 -27.97
CA ILE A 1238 9.06 34.62 -29.17
C ILE A 1238 8.86 33.55 -30.23
N ASN A 1239 9.91 32.77 -30.53
CA ASN A 1239 9.80 31.76 -31.58
C ASN A 1239 8.79 30.69 -31.21
N SER A 1240 8.85 30.18 -29.97
CA SER A 1240 7.93 29.14 -29.54
C SER A 1240 6.48 29.61 -29.62
N ALA A 1241 6.23 30.87 -29.24
CA ALA A 1241 4.88 31.40 -29.35
C ALA A 1241 4.44 31.47 -30.80
N ALA A 1242 5.25 32.10 -31.65
CA ALA A 1242 4.79 32.39 -33.01
C ALA A 1242 4.86 31.19 -33.94
N VAL A 1243 5.75 30.22 -33.67
CA VAL A 1243 6.08 29.18 -34.63
C VAL A 1243 5.69 27.79 -34.12
N LYS A 1244 6.05 27.46 -32.88
CA LYS A 1244 5.84 26.11 -32.35
C LYS A 1244 4.36 25.90 -32.03
N LEU A 1245 3.56 25.85 -33.09
CA LEU A 1245 2.12 25.70 -32.94
C LEU A 1245 1.77 24.25 -32.62
N LYS A 1246 0.68 24.06 -31.88
CA LYS A 1246 0.30 22.76 -31.36
C LYS A 1246 -1.15 22.45 -31.70
N THR A 1247 -1.46 21.15 -31.76
CA THR A 1247 -2.83 20.69 -31.83
C THR A 1247 -3.02 19.60 -30.80
N ASN A 1248 -4.15 18.89 -30.83
CA ASN A 1248 -4.33 17.74 -29.96
C ASN A 1248 -3.81 16.49 -30.67
N GLY A 1249 -3.13 15.62 -29.91
CA GLY A 1249 -2.62 14.41 -30.53
C GLY A 1249 -1.57 13.77 -29.64
N GLY A 1250 -0.59 13.14 -30.28
CA GLY A 1250 0.47 12.50 -29.53
C GLY A 1250 1.38 11.73 -30.44
N SER A 1251 2.40 11.14 -29.81
CA SER A 1251 3.38 10.30 -30.49
C SER A 1251 3.10 8.84 -30.12
N PHE A 1252 3.02 7.98 -31.12
CA PHE A 1252 2.52 6.62 -30.92
C PHE A 1252 3.46 5.60 -31.55
N ILE A 1253 3.62 4.48 -30.87
CA ILE A 1253 4.41 3.35 -31.37
C ILE A 1253 3.49 2.44 -32.18
N GLN A 1254 3.93 2.06 -33.37
CA GLN A 1254 3.10 1.23 -34.24
C GLN A 1254 3.16 -0.24 -33.83
N LEU A 1255 2.02 -0.90 -33.92
CA LEU A 1255 1.89 -2.33 -33.64
C LEU A 1255 1.18 -2.99 -34.82
N SER A 1256 1.72 -4.11 -35.29
CA SER A 1256 1.13 -4.81 -36.42
C SER A 1256 -0.24 -5.37 -36.05
N ASN A 1257 -1.16 -5.30 -37.00
CA ASN A 1257 -2.51 -5.84 -36.85
C ASN A 1257 -2.57 -7.32 -37.24
N PHE A 1258 -1.60 -8.10 -36.77
CA PHE A 1258 -1.46 -9.47 -37.25
C PHE A 1258 -2.69 -10.31 -36.91
N GLY A 1259 -2.95 -10.52 -35.63
CA GLY A 1259 -4.08 -11.32 -35.23
C GLY A 1259 -5.07 -10.53 -34.41
N LEU A 1260 -5.16 -9.23 -34.68
CA LEU A 1260 -5.97 -8.32 -33.89
C LEU A 1260 -7.21 -7.83 -34.62
N ASP A 1261 -7.12 -7.61 -35.94
CA ASP A 1261 -8.31 -7.17 -36.68
C ASP A 1261 -9.23 -8.34 -37.05
N LYS A 1262 -8.73 -9.58 -37.00
CA LYS A 1262 -9.53 -10.76 -37.27
C LYS A 1262 -9.98 -11.36 -35.95
N GLN A 1263 -11.29 -11.38 -35.71
CA GLN A 1263 -11.85 -11.64 -34.40
C GLN A 1263 -12.38 -13.08 -34.30
N THR A 1264 -12.34 -13.62 -33.09
CA THR A 1264 -12.95 -14.91 -32.75
C THR A 1264 -13.69 -14.77 -31.43
N ALA A 1265 -14.82 -15.47 -31.33
CA ALA A 1265 -15.68 -15.50 -30.13
C ALA A 1265 -16.13 -14.07 -29.83
N ASP A 1266 -16.19 -13.66 -28.57
CA ASP A 1266 -16.63 -12.31 -28.19
C ASP A 1266 -15.51 -11.58 -27.47
N ALA A 1267 -15.25 -10.35 -27.91
CA ALA A 1267 -14.12 -9.56 -27.45
C ALA A 1267 -14.53 -8.70 -26.25
N LYS A 1268 -14.20 -9.15 -25.04
CA LYS A 1268 -14.31 -8.27 -23.88
C LYS A 1268 -13.20 -7.24 -23.81
N GLY A 1269 -12.15 -7.39 -24.60
CA GLY A 1269 -10.99 -6.52 -24.47
C GLY A 1269 -11.01 -5.23 -25.26
N ILE A 1270 -10.79 -5.30 -26.57
CA ILE A 1270 -10.66 -4.08 -27.37
C ILE A 1270 -12.04 -3.43 -27.47
N THR A 1271 -12.15 -2.20 -27.00
CA THR A 1271 -13.41 -1.47 -27.01
C THR A 1271 -13.73 -1.06 -28.44
N TRP A 1272 -14.62 -1.82 -29.09
CA TRP A 1272 -14.98 -1.54 -30.47
C TRP A 1272 -16.06 -0.47 -30.53
N LEU A 1273 -15.88 0.50 -31.42
CA LEU A 1273 -16.84 1.58 -31.61
C LEU A 1273 -17.73 1.39 -32.83
N VAL A 1274 -17.44 0.38 -33.64
CA VAL A 1274 -18.26 -0.01 -34.78
C VAL A 1274 -18.45 -1.52 -34.72
N GLU A 1275 -19.11 -2.06 -35.73
CA GLU A 1275 -19.23 -3.50 -35.83
C GLU A 1275 -17.86 -4.10 -36.07
N PRO A 1276 -17.44 -5.10 -35.30
CA PRO A 1276 -16.07 -5.64 -35.45
C PRO A 1276 -15.86 -6.19 -36.85
N SER A 1277 -14.74 -5.78 -37.47
CA SER A 1277 -14.42 -6.17 -38.83
C SER A 1277 -12.93 -5.97 -39.04
N ASP A 1278 -12.46 -6.30 -40.25
CA ASP A 1278 -11.06 -6.12 -40.59
C ASP A 1278 -10.69 -4.64 -40.60
N LEU A 1279 -9.41 -4.36 -40.39
CA LEU A 1279 -8.90 -3.00 -40.54
C LEU A 1279 -8.65 -2.73 -42.02
N LYS A 1280 -9.28 -1.68 -42.55
CA LYS A 1280 -9.31 -1.52 -43.99
C LYS A 1280 -8.48 -0.31 -44.44
N PRO A 1281 -7.84 -0.40 -45.60
CA PRO A 1281 -7.02 0.71 -46.09
C PRO A 1281 -7.89 1.82 -46.66
N PRO A 1282 -7.29 2.99 -46.95
CA PRO A 1282 -8.07 4.07 -47.59
C PRO A 1282 -8.40 3.71 -49.03
N VAL A 1283 -9.69 3.75 -49.36
CA VAL A 1283 -10.18 3.49 -50.71
C VAL A 1283 -11.22 4.55 -51.07
N ILE A 1284 -11.51 4.65 -52.36
CA ILE A 1284 -12.48 5.62 -52.86
C ILE A 1284 -13.86 4.99 -52.81
N GLU A 1285 -14.83 5.76 -52.32
CA GLU A 1285 -16.22 5.33 -52.25
C GLU A 1285 -17.11 6.53 -52.55
N LYS A 1286 -18.40 6.26 -52.73
CA LYS A 1286 -19.39 7.30 -53.00
C LYS A 1286 -20.23 7.57 -51.77
N ASP A 1287 -20.49 8.85 -51.50
CA ASP A 1287 -21.37 9.23 -50.41
C ASP A 1287 -22.82 9.09 -50.86
N ALA A 1288 -23.76 9.58 -50.03
CA ALA A 1288 -25.17 9.51 -50.39
C ALA A 1288 -25.47 10.34 -51.64
N ASP A 1289 -24.79 11.47 -51.81
CA ASP A 1289 -25.04 12.36 -52.94
C ASP A 1289 -24.32 11.93 -54.21
N GLY A 1290 -23.52 10.87 -54.15
CA GLY A 1290 -22.86 10.34 -55.33
C GLY A 1290 -21.46 10.85 -55.58
N LYS A 1291 -20.95 11.77 -54.76
CA LYS A 1291 -19.60 12.28 -54.96
C LYS A 1291 -18.59 11.29 -54.42
N ASN A 1292 -17.46 11.17 -55.12
CA ASN A 1292 -16.43 10.22 -54.73
C ASN A 1292 -15.56 10.84 -53.64
N TYR A 1293 -15.52 10.22 -52.49
CA TYR A 1293 -14.63 10.59 -51.39
C TYR A 1293 -13.71 9.42 -51.08
N ILE A 1294 -12.77 9.65 -50.16
CA ILE A 1294 -11.86 8.61 -49.70
C ILE A 1294 -12.38 8.07 -48.38
N ARG A 1295 -12.71 6.78 -48.36
CA ARG A 1295 -12.97 6.11 -47.10
C ARG A 1295 -11.69 6.11 -46.29
N PRO A 1296 -11.64 6.78 -45.13
CA PRO A 1296 -10.38 6.83 -44.37
C PRO A 1296 -9.93 5.45 -43.96
N GLY A 1297 -8.63 5.30 -43.74
CA GLY A 1297 -8.10 4.08 -43.16
C GLY A 1297 -8.67 3.86 -41.77
N GLN A 1298 -8.49 2.65 -41.26
CA GLN A 1298 -9.04 2.29 -39.96
C GLN A 1298 -7.91 2.03 -38.98
N ILE A 1299 -8.08 2.49 -37.75
CA ILE A 1299 -6.99 2.60 -36.78
C ILE A 1299 -7.45 2.09 -35.43
N PHE A 1300 -6.52 1.51 -34.68
CA PHE A 1300 -6.68 1.23 -33.26
C PHE A 1300 -5.75 2.15 -32.48
N MSE A 1301 -6.24 2.67 -31.35
CA MSE A 1301 -5.41 3.59 -30.59
C MSE A 1301 -5.88 3.74 -29.15
O MSE A 1301 -7.08 3.71 -28.87
CB MSE A 1301 -5.42 4.96 -31.29
CG MSE A 1301 -4.61 6.02 -30.59
SE MSE A 1301 -4.73 7.69 -31.56
CE MSE A 1301 -6.52 8.17 -31.02
N SER A 1302 -4.93 3.89 -28.23
CA SER A 1302 -5.23 4.09 -26.82
C SER A 1302 -5.63 5.54 -26.62
N HIS A 1303 -6.94 5.81 -26.58
CA HIS A 1303 -7.44 7.17 -26.50
C HIS A 1303 -7.63 7.51 -25.02
N VAL A 1304 -6.51 7.78 -24.35
CA VAL A 1304 -6.52 8.10 -22.92
C VAL A 1304 -7.47 9.25 -22.62
N GLN A 1305 -7.62 10.18 -23.56
CA GLN A 1305 -8.54 11.29 -23.38
C GLN A 1305 -9.95 10.80 -23.14
N ILE A 1306 -10.45 9.91 -24.01
CA ILE A 1306 -11.78 9.33 -23.81
C ILE A 1306 -11.82 8.53 -22.52
N ALA A 1307 -10.74 7.81 -22.21
CA ALA A 1307 -10.73 6.96 -21.01
C ALA A 1307 -10.90 7.79 -19.74
N LYS A 1308 -10.24 8.94 -19.68
CA LYS A 1308 -10.39 9.81 -18.51
C LYS A 1308 -11.72 10.56 -18.52
N LEU A 1309 -12.17 10.97 -19.71
CA LEU A 1309 -13.44 11.68 -19.82
C LEU A 1309 -14.62 10.75 -19.64
N VAL A 1310 -14.53 9.54 -20.19
CA VAL A 1310 -15.58 8.54 -20.03
C VAL A 1310 -14.97 7.32 -19.35
N PRO A 1311 -14.81 7.32 -18.04
CA PRO A 1311 -14.38 6.10 -17.35
C PRO A 1311 -15.43 5.01 -17.51
N ASP A 1312 -14.98 3.77 -17.38
CA ASP A 1312 -15.83 2.59 -17.61
C ASP A 1312 -16.33 2.53 -19.04
N TYR A 1313 -15.54 3.05 -19.99
CA TYR A 1313 -15.96 2.96 -21.38
C TYR A 1313 -15.83 1.53 -21.91
N ALA A 1314 -14.89 0.76 -21.37
CA ALA A 1314 -14.79 -0.64 -21.78
C ALA A 1314 -16.00 -1.45 -21.33
N LYS A 1315 -16.65 -1.02 -20.26
CA LYS A 1315 -17.84 -1.72 -19.76
C LYS A 1315 -19.02 -1.55 -20.72
N MSE A 1316 -19.21 -0.33 -21.24
CA MSE A 1316 -20.37 0.00 -22.05
C MSE A 1316 -20.50 -0.85 -23.31
O MSE A 1316 -19.50 -1.27 -23.89
CB MSE A 1316 -20.32 1.48 -22.45
CG MSE A 1316 -20.41 2.44 -21.30
SE MSE A 1316 -20.51 4.29 -21.92
CE MSE A 1316 -20.55 5.19 -20.20
N ASP A 1317 -21.74 -1.10 -23.71
CA ASP A 1317 -21.99 -1.77 -24.97
C ASP A 1317 -21.61 -0.87 -26.15
N SER A 1318 -21.41 -1.51 -27.32
CA SER A 1318 -20.95 -0.79 -28.50
C SER A 1318 -21.91 0.34 -28.87
N LYS A 1319 -23.22 0.11 -28.72
CA LYS A 1319 -24.20 1.06 -29.23
C LYS A 1319 -24.21 2.35 -28.42
N THR A 1320 -24.02 2.25 -27.10
CA THR A 1320 -24.05 3.46 -26.27
C THR A 1320 -22.82 4.32 -26.51
N LEU A 1321 -21.66 3.70 -26.72
CA LEU A 1321 -20.46 4.49 -27.00
C LEU A 1321 -20.50 5.06 -28.40
N SER A 1322 -21.02 4.30 -29.37
CA SER A 1322 -21.09 4.79 -30.74
C SER A 1322 -21.92 6.07 -30.82
N SER A 1323 -23.08 6.08 -30.14
CA SER A 1323 -23.90 7.29 -30.12
C SER A 1323 -23.31 8.36 -29.20
N MSE A 1324 -22.56 7.97 -28.18
CA MSE A 1324 -22.09 8.91 -27.17
C MSE A 1324 -21.05 9.90 -27.70
O MSE A 1324 -21.09 11.08 -27.36
CB MSE A 1324 -21.50 8.17 -25.97
CG MSE A 1324 -21.12 9.07 -24.82
SE MSE A 1324 -20.54 8.06 -23.27
CE MSE A 1324 -22.28 7.38 -22.71
N ILE A 1325 -20.12 9.43 -28.52
CA ILE A 1325 -19.05 10.27 -29.05
C ILE A 1325 -19.34 10.56 -30.51
N ASP A 1326 -19.17 11.82 -30.89
CA ASP A 1326 -19.37 12.25 -32.27
C ASP A 1326 -18.51 11.41 -33.21
N PRO A 1327 -19.09 10.83 -34.26
CA PRO A 1327 -18.27 10.14 -35.26
C PRO A 1327 -17.15 10.98 -35.82
N LYS A 1328 -17.35 12.30 -35.96
CA LYS A 1328 -16.26 13.17 -36.39
C LYS A 1328 -15.22 13.40 -35.31
N ALA A 1329 -15.40 12.82 -34.12
CA ALA A 1329 -14.39 12.90 -33.08
C ALA A 1329 -13.51 11.66 -33.03
N LEU A 1330 -13.89 10.59 -33.72
CA LEU A 1330 -13.07 9.38 -33.78
C LEU A 1330 -12.16 9.35 -35.01
N ARG A 1331 -11.85 10.51 -35.56
CA ARG A 1331 -10.96 10.61 -36.70
C ARG A 1331 -9.61 11.16 -36.26
N ALA A 1332 -8.61 11.00 -37.12
CA ALA A 1332 -7.27 11.45 -36.84
C ALA A 1332 -6.51 11.57 -38.14
N ILE A 1333 -5.41 12.33 -38.09
CA ILE A 1333 -4.53 12.50 -39.24
C ILE A 1333 -3.12 12.13 -38.79
N GLY A 1334 -2.60 11.03 -39.33
CA GLY A 1334 -1.33 10.50 -38.89
C GLY A 1334 -0.19 10.70 -39.87
N TYR A 1335 0.85 11.41 -39.44
CA TYR A 1335 2.00 11.67 -40.29
C TYR A 1335 3.24 11.05 -39.67
N ARG A 1336 4.26 10.88 -40.51
CA ARG A 1336 5.55 10.35 -40.07
C ARG A 1336 6.64 11.32 -40.48
N ILE A 1337 7.50 11.66 -39.54
CA ILE A 1337 8.66 12.52 -39.79
C ILE A 1337 9.88 11.61 -39.99
N PRO A 1338 10.61 11.72 -41.10
CA PRO A 1338 10.43 12.70 -42.18
C PRO A 1338 9.28 12.38 -43.13
N ASN A 1339 8.51 13.41 -43.50
CA ASN A 1339 7.49 13.29 -44.55
C ASN A 1339 8.20 13.23 -45.90
N GLN A 1340 8.36 12.04 -46.44
CA GLN A 1340 8.96 11.89 -47.76
C GLN A 1340 7.97 12.11 -48.88
N GLY A 1341 6.68 12.20 -48.57
CA GLY A 1341 5.67 12.46 -49.57
C GLY A 1341 4.31 12.54 -48.93
N GLN A 1342 3.29 12.65 -49.77
CA GLN A 1342 1.92 12.64 -49.26
C GLN A 1342 1.54 11.28 -48.70
N SER A 1343 2.26 10.22 -49.08
CA SER A 1343 1.98 8.89 -48.57
C SER A 1343 2.23 8.79 -47.08
N SER A 1344 3.19 9.55 -46.55
CA SER A 1344 3.50 9.52 -45.12
C SER A 1344 2.33 10.01 -44.27
N ASN A 1345 1.44 10.82 -44.84
CA ASN A 1345 0.26 11.30 -44.14
C ASN A 1345 -0.93 10.39 -44.48
N ASP A 1346 -1.72 10.06 -43.46
CA ASP A 1346 -2.88 9.20 -43.59
C ASP A 1346 -4.09 9.82 -42.91
N PRO A 1347 -5.25 9.79 -43.57
CA PRO A 1347 -6.50 10.10 -42.86
C PRO A 1347 -7.13 8.84 -42.28
N LEU A 1348 -7.34 8.80 -40.97
CA LEU A 1348 -7.68 7.58 -40.28
C LEU A 1348 -8.91 7.79 -39.40
N GLN A 1349 -9.63 6.69 -39.17
CA GLN A 1349 -10.83 6.64 -38.34
C GLN A 1349 -10.63 5.62 -37.24
N ILE A 1350 -10.96 6.00 -36.02
CA ILE A 1350 -10.77 5.15 -34.85
C ILE A 1350 -11.94 4.19 -34.76
N VAL A 1351 -11.71 2.92 -35.12
CA VAL A 1351 -12.75 1.91 -34.99
C VAL A 1351 -12.76 1.25 -33.62
N GLY A 1352 -11.65 1.29 -32.89
CA GLY A 1352 -11.59 0.69 -31.57
C GLY A 1352 -10.56 1.39 -30.71
N ILE A 1353 -10.85 1.46 -29.42
CA ILE A 1353 -9.95 2.06 -28.44
C ILE A 1353 -9.20 0.94 -27.74
N LEU A 1354 -7.88 0.88 -27.97
CA LEU A 1354 -7.04 -0.14 -27.36
C LEU A 1354 -7.04 -0.01 -25.84
N PRO A 1355 -6.66 -1.07 -25.13
CA PRO A 1355 -6.54 -1.00 -23.67
C PRO A 1355 -5.57 0.10 -23.26
N GLU A 1356 -5.91 0.81 -22.18
CA GLU A 1356 -5.11 1.96 -21.76
C GLU A 1356 -3.69 1.55 -21.44
N ALA A 1357 -3.48 0.29 -21.06
CA ALA A 1357 -2.16 -0.16 -20.62
C ALA A 1357 -1.22 -0.46 -21.78
N MSE A 1358 -1.63 -0.23 -23.03
CA MSE A 1358 -0.68 -0.36 -24.12
C MSE A 1358 0.05 0.95 -24.36
O MSE A 1358 0.86 1.06 -25.27
CB MSE A 1358 -1.38 -0.79 -25.41
CG MSE A 1358 -2.20 -2.04 -25.27
SE MSE A 1358 -1.05 -3.55 -25.68
CE MSE A 1358 -0.49 -3.02 -27.45
N GLY A 1359 -0.24 1.95 -23.53
CA GLY A 1359 0.47 3.20 -23.64
C GLY A 1359 0.24 3.87 -24.99
N ASP A 1360 1.31 4.41 -25.55
CA ASP A 1360 1.24 5.10 -26.83
C ASP A 1360 1.37 4.10 -27.98
N THR A 1361 0.29 3.35 -28.19
CA THR A 1361 0.28 2.26 -29.15
C THR A 1361 -0.82 2.50 -30.19
N ILE A 1362 -0.46 2.31 -31.45
CA ILE A 1362 -1.33 2.59 -32.58
C ILE A 1362 -1.29 1.39 -33.51
N VAL A 1363 -2.45 0.82 -33.81
CA VAL A 1363 -2.56 -0.35 -34.68
C VAL A 1363 -3.33 0.07 -35.91
N ALA A 1364 -2.67 0.01 -37.07
CA ALA A 1364 -3.22 0.54 -38.31
C ALA A 1364 -3.60 -0.62 -39.24
N TYR A 1365 -4.12 -0.26 -40.41
CA TYR A 1365 -4.55 -1.25 -41.38
C TYR A 1365 -3.35 -2.01 -41.92
N THR A 1366 -3.64 -3.16 -42.55
CA THR A 1366 -2.61 -4.12 -42.90
C THR A 1366 -1.67 -3.66 -44.01
N GLU A 1367 -1.95 -2.57 -44.71
CA GLU A 1367 -1.11 -2.13 -45.82
C GLU A 1367 -0.27 -0.89 -45.50
N ILE A 1368 -0.32 -0.38 -44.28
CA ILE A 1368 0.36 0.88 -43.97
C ILE A 1368 1.87 0.76 -44.06
N PRO A 1369 2.50 -0.41 -43.81
CA PRO A 1369 3.96 -0.46 -43.99
C PRO A 1369 4.39 -0.23 -45.43
N THR A 1370 3.71 -0.86 -46.38
CA THR A 1370 4.06 -0.68 -47.79
C THR A 1370 3.86 0.76 -48.23
N LYS A 1371 2.78 1.40 -47.77
CA LYS A 1371 2.48 2.77 -48.19
C LYS A 1371 3.46 3.77 -47.57
N THR A 1372 3.67 3.70 -46.25
CA THR A 1372 4.49 4.69 -45.56
C THR A 1372 5.97 4.37 -45.60
N GLY A 1373 6.37 3.21 -46.10
CA GLY A 1373 7.77 2.80 -46.05
C GLY A 1373 8.29 2.72 -44.63
N SER A 1374 7.55 2.02 -43.77
CA SER A 1374 7.83 2.00 -42.35
C SER A 1374 7.96 0.56 -41.87
N ASP A 1375 8.96 0.32 -41.03
CA ASP A 1375 9.10 -0.92 -40.29
C ASP A 1375 8.22 -0.84 -39.05
N PHE A 1376 8.52 -1.66 -38.05
CA PHE A 1376 7.86 -1.56 -36.76
C PHE A 1376 8.85 -1.27 -35.65
N ASP A 1377 10.14 -1.10 -35.97
CA ASP A 1377 11.13 -0.57 -35.04
C ASP A 1377 11.51 0.86 -35.37
N ILE A 1378 10.85 1.49 -36.35
CA ILE A 1378 11.08 2.90 -36.61
C ILE A 1378 10.43 3.74 -35.50
N ASP A 1379 10.87 4.99 -35.40
CA ASP A 1379 10.49 5.88 -34.32
C ASP A 1379 8.98 6.08 -34.26
N LYS A 1380 8.54 6.75 -33.18
CA LYS A 1380 7.12 6.96 -32.93
C LYS A 1380 6.46 7.71 -34.07
N MSE A 1381 5.29 7.22 -34.47
CA MSE A 1381 4.38 7.92 -35.37
C MSE A 1381 3.79 9.13 -34.68
O MSE A 1381 3.61 9.13 -33.46
CB MSE A 1381 3.26 6.97 -35.79
CG MSE A 1381 2.48 7.41 -36.99
SE MSE A 1381 1.16 6.06 -37.40
CE MSE A 1381 0.43 6.82 -39.04
N TYR A 1382 3.47 10.17 -35.44
CA TYR A 1382 2.78 11.34 -34.93
C TYR A 1382 1.39 11.42 -35.54
N VAL A 1383 0.41 11.80 -34.72
CA VAL A 1383 -0.96 11.98 -35.17
C VAL A 1383 -1.49 13.28 -34.60
N MSE A 1384 -2.44 13.89 -35.32
CA MSE A 1384 -3.15 15.06 -34.82
C MSE A 1384 -4.62 14.72 -34.65
O MSE A 1384 -5.26 14.16 -35.55
CB MSE A 1384 -2.94 16.26 -35.75
CG MSE A 1384 -3.48 16.12 -37.17
SE MSE A 1384 -3.24 17.74 -38.24
CE MSE A 1384 -4.30 18.99 -37.19
N LEU A 1385 -5.14 15.02 -33.46
CA LEU A 1385 -6.47 14.64 -33.04
C LEU A 1385 -7.36 15.86 -32.88
N PRO A 1386 -8.68 15.70 -33.03
CA PRO A 1386 -9.59 16.83 -32.80
C PRO A 1386 -9.73 17.13 -31.32
N ASN A 1387 -10.18 18.35 -31.05
CA ASN A 1387 -10.50 18.80 -29.70
C ASN A 1387 -11.96 18.52 -29.38
N PHE A 1388 -12.24 18.19 -28.13
CA PHE A 1388 -13.56 17.73 -27.72
C PHE A 1388 -14.36 18.83 -27.03
N LYS A 1389 -15.64 18.90 -27.38
CA LYS A 1389 -16.64 19.62 -26.59
C LYS A 1389 -17.45 18.61 -25.81
N VAL A 1390 -17.50 18.77 -24.49
CA VAL A 1390 -18.02 17.74 -23.60
C VAL A 1390 -19.26 18.28 -22.86
N GLU A 1391 -20.26 17.42 -22.73
CA GLU A 1391 -21.46 17.75 -21.94
C GLU A 1391 -21.33 17.06 -20.58
N HIS A 1392 -20.92 17.84 -19.57
CA HIS A 1392 -20.76 17.29 -18.23
C HIS A 1392 -22.12 17.10 -17.55
N THR A 1393 -22.16 16.14 -16.64
CA THR A 1393 -23.42 15.77 -15.99
C THR A 1393 -23.93 16.91 -15.11
N LYS A 1394 -25.26 16.96 -14.96
CA LYS A 1394 -25.87 17.90 -14.03
C LYS A 1394 -25.35 17.69 -12.60
N LYS A 1395 -25.09 16.44 -12.22
CA LYS A 1395 -24.56 16.17 -10.89
C LYS A 1395 -23.17 16.76 -10.71
N SER A 1396 -22.35 16.73 -11.76
CA SER A 1396 -21.04 17.36 -11.69
C SER A 1396 -21.17 18.87 -11.44
N PHE A 1397 -22.10 19.52 -12.14
CA PHE A 1397 -22.33 20.95 -11.92
C PHE A 1397 -22.83 21.21 -10.51
N LYS A 1398 -23.74 20.37 -10.01
CA LYS A 1398 -24.25 20.56 -8.66
C LYS A 1398 -23.14 20.43 -7.63
N LEU A 1399 -22.31 19.39 -7.75
CA LEU A 1399 -21.22 19.19 -6.79
C LEU A 1399 -20.20 20.32 -6.90
N ALA A 1400 -19.94 20.81 -8.10
CA ALA A 1400 -19.00 21.92 -8.27
C ALA A 1400 -19.55 23.20 -7.67
N LYS A 1401 -20.86 23.45 -7.81
CA LYS A 1401 -21.46 24.61 -7.18
C LYS A 1401 -21.42 24.51 -5.66
N ASP A 1402 -21.72 23.33 -5.12
CA ASP A 1402 -21.64 23.13 -3.68
C ASP A 1402 -20.22 23.35 -3.17
N TYR A 1403 -19.22 22.85 -3.90
CA TYR A 1403 -17.84 23.05 -3.50
C TYR A 1403 -17.43 24.52 -3.58
N ILE A 1404 -17.83 25.21 -4.64
CA ILE A 1404 -17.36 26.58 -4.85
C ILE A 1404 -18.06 27.56 -3.91
N ALA A 1405 -19.30 27.29 -3.52
CA ALA A 1405 -19.92 28.10 -2.48
C ALA A 1405 -19.44 27.72 -1.09
N GLN A 1406 -19.14 26.43 -0.88
CA GLN A 1406 -18.66 25.97 0.42
C GLN A 1406 -17.27 26.51 0.72
N ASN A 1407 -16.34 26.37 -0.24
CA ASN A 1407 -14.99 26.86 -0.08
C ASN A 1407 -14.89 28.38 -0.22
N GLU A 1408 -16.01 29.05 -0.50
CA GLU A 1408 -16.09 30.51 -0.47
C GLU A 1408 -15.17 31.15 -1.51
N ILE A 1409 -15.18 30.61 -2.72
CA ILE A 1409 -14.51 31.26 -3.84
C ILE A 1409 -15.41 32.39 -4.32
N THR A 1410 -14.93 33.62 -4.20
CA THR A 1410 -15.75 34.77 -4.54
C THR A 1410 -16.05 34.82 -6.02
N VAL A 1411 -17.11 35.57 -6.38
CA VAL A 1411 -17.52 35.63 -7.78
C VAL A 1411 -16.44 36.29 -8.62
N GLU A 1412 -15.79 37.32 -8.06
CA GLU A 1412 -14.72 38.01 -8.79
C GLU A 1412 -13.50 37.10 -8.97
N GLU A 1413 -13.10 36.39 -7.91
CA GLU A 1413 -11.93 35.53 -7.97
C GLU A 1413 -11.98 34.59 -9.17
N MSE A 1414 -13.14 33.97 -9.41
CA MSE A 1414 -13.36 33.18 -10.61
C MSE A 1414 -12.96 33.96 -11.85
O MSE A 1414 -12.04 33.60 -12.59
CB MSE A 1414 -14.82 32.74 -10.73
CG MSE A 1414 -15.20 31.56 -9.86
SE MSE A 1414 -17.09 31.12 -10.03
CE MSE A 1414 -17.79 32.21 -8.60
N TYR A 1415 -13.67 35.09 -12.06
CA TYR A 1415 -13.33 36.02 -13.12
C TYR A 1415 -11.84 36.34 -13.12
N ASP A 1416 -11.24 36.48 -11.94
CA ASP A 1416 -9.82 36.79 -11.85
C ASP A 1416 -8.96 35.66 -12.40
N GLU A 1417 -9.27 34.41 -12.04
CA GLU A 1417 -8.46 33.27 -12.49
C GLU A 1417 -8.66 32.93 -13.96
N LEU A 1418 -9.80 33.30 -14.55
CA LEU A 1418 -10.06 33.02 -15.97
C LEU A 1418 -9.60 34.19 -16.84
N GLU A 1419 -8.28 34.29 -17.00
CA GLU A 1419 -7.66 35.31 -17.83
C GLU A 1419 -7.99 35.16 -19.31
N ASP A 1420 -8.63 34.06 -19.72
CA ASP A 1420 -9.01 33.89 -21.11
C ASP A 1420 -9.97 34.99 -21.57
N HIS A 1421 -10.95 35.32 -20.72
CA HIS A 1421 -11.94 36.37 -20.98
C HIS A 1421 -12.52 36.28 -22.39
N GLY A 1422 -13.23 35.19 -22.65
CA GLY A 1422 -13.83 34.99 -23.96
C GLY A 1422 -15.01 35.90 -24.23
N PHE A 1423 -15.77 36.24 -23.19
CA PHE A 1423 -16.96 37.07 -23.34
C PHE A 1423 -16.72 38.56 -23.10
N ASN A 1424 -15.67 38.92 -22.36
CA ASN A 1424 -15.46 40.32 -22.00
C ASN A 1424 -15.25 41.21 -23.23
N ILE A 1425 -14.59 40.69 -24.26
CA ILE A 1425 -14.25 41.54 -25.41
C ILE A 1425 -15.50 41.89 -26.22
N ASP A 1426 -16.34 40.90 -26.52
CA ASP A 1426 -17.46 41.12 -27.43
C ASP A 1426 -18.83 40.71 -26.92
N ASP A 1427 -18.95 39.85 -25.91
CA ASP A 1427 -20.25 39.34 -25.50
C ASP A 1427 -20.77 39.94 -24.20
N ILE A 1428 -20.12 41.01 -23.71
CA ILE A 1428 -20.64 41.77 -22.57
C ILE A 1428 -21.67 42.80 -22.96
N ALA A 1429 -22.03 42.90 -24.24
CA ALA A 1429 -23.10 43.83 -24.63
C ALA A 1429 -24.39 43.51 -23.89
N ASN A 1430 -24.81 42.24 -23.90
CA ASN A 1430 -25.89 41.82 -23.03
C ASN A 1430 -25.39 41.48 -21.64
N GLY A 1431 -24.14 41.01 -21.54
CA GLY A 1431 -23.61 40.58 -20.25
C GLY A 1431 -23.32 41.74 -19.32
N GLU A 1432 -22.61 42.76 -19.81
CA GLU A 1432 -22.28 43.95 -19.02
C GLU A 1432 -21.60 43.55 -17.72
N GLU A 1433 -21.99 44.18 -16.62
CA GLU A 1433 -21.52 43.82 -15.29
C GLU A 1433 -22.47 42.89 -14.54
N VAL A 1434 -23.68 42.66 -15.05
CA VAL A 1434 -24.72 41.94 -14.30
C VAL A 1434 -24.52 40.43 -14.29
N THR A 1435 -24.01 39.82 -15.36
CA THR A 1435 -24.04 38.35 -15.47
C THR A 1435 -22.90 37.71 -14.67
N GLU A 1436 -23.28 37.03 -13.58
CA GLU A 1436 -22.38 36.19 -12.81
C GLU A 1436 -22.50 34.71 -13.11
N SER A 1437 -23.70 34.23 -13.46
CA SER A 1437 -23.91 32.80 -13.68
C SER A 1437 -23.07 32.28 -14.83
N ALA A 1438 -22.92 33.08 -15.90
CA ALA A 1438 -22.11 32.68 -17.03
C ALA A 1438 -20.66 32.48 -16.62
N ILE A 1439 -20.10 33.43 -15.85
CA ILE A 1439 -18.71 33.31 -15.44
C ILE A 1439 -18.53 32.12 -14.51
N THR A 1440 -19.50 31.87 -13.62
CA THR A 1440 -19.40 30.70 -12.75
C THR A 1440 -19.41 29.41 -13.55
N GLU A 1441 -20.32 29.29 -14.51
CA GLU A 1441 -20.37 28.09 -15.34
C GLU A 1441 -19.09 27.89 -16.12
N ALA A 1442 -18.58 28.96 -16.72
CA ALA A 1442 -17.36 28.86 -17.52
C ALA A 1442 -16.17 28.50 -16.65
N PHE A 1443 -16.07 29.10 -15.46
CA PHE A 1443 -14.98 28.77 -14.55
C PHE A 1443 -15.05 27.31 -14.12
N ILE A 1444 -16.25 26.84 -13.77
CA ILE A 1444 -16.42 25.42 -13.45
C ILE A 1444 -15.84 24.58 -14.57
N LYS A 1445 -16.37 24.78 -15.79
CA LYS A 1445 -15.97 23.98 -16.94
C LYS A 1445 -14.46 24.02 -17.17
N ASN A 1446 -13.86 25.20 -17.07
CA ASN A 1446 -12.48 25.39 -17.50
C ASN A 1446 -11.43 25.12 -16.43
N HIS A 1447 -11.81 25.10 -15.14
CA HIS A 1447 -10.78 24.96 -14.11
C HIS A 1447 -11.15 24.05 -12.95
N ILE A 1448 -12.35 23.46 -12.92
CA ILE A 1448 -12.73 22.51 -11.89
C ILE A 1448 -13.11 21.15 -12.49
N LEU A 1449 -13.92 21.17 -13.54
CA LEU A 1449 -14.27 19.98 -14.30
C LEU A 1449 -13.33 19.74 -15.48
N ASN A 1450 -12.27 20.53 -15.62
CA ASN A 1450 -11.26 20.32 -16.64
C ASN A 1450 -10.18 19.42 -16.07
N SER A 1451 -9.98 18.25 -16.69
CA SER A 1451 -9.07 17.26 -16.14
C SER A 1451 -7.64 17.78 -16.08
N ASN A 1452 -7.14 18.35 -17.17
CA ASN A 1452 -5.79 18.92 -17.20
C ASN A 1452 -5.85 20.42 -16.96
N SER A 1453 -5.52 20.82 -15.73
CA SER A 1453 -5.42 22.23 -15.38
C SER A 1453 -4.36 22.40 -14.31
N GLU A 1454 -3.55 23.45 -14.44
CA GLU A 1454 -2.52 23.74 -13.45
C GLU A 1454 -3.07 24.52 -12.25
N LEU A 1455 -4.25 25.12 -12.36
CA LEU A 1455 -4.84 25.90 -11.27
C LEU A 1455 -4.98 25.17 -9.92
N GLU A 1456 -4.89 23.82 -9.93
CA GLU A 1456 -5.05 22.91 -8.80
C GLU A 1456 -6.45 22.90 -8.24
N TYR A 1457 -7.38 23.63 -8.86
CA TYR A 1457 -8.77 23.55 -8.40
C TYR A 1457 -9.39 22.18 -8.70
N HIS A 1458 -9.04 21.60 -9.83
CA HIS A 1458 -9.56 20.29 -10.19
C HIS A 1458 -9.06 19.22 -9.24
N ASN A 1459 -7.80 19.32 -8.80
CA ASN A 1459 -7.25 18.32 -7.90
C ASN A 1459 -7.86 18.39 -6.51
N ASP A 1460 -7.90 19.59 -5.91
CA ASP A 1460 -8.57 19.74 -4.62
C ASP A 1460 -10.04 19.35 -4.71
N PHE A 1461 -10.68 19.62 -5.85
CA PHE A 1461 -12.08 19.23 -6.01
C PHE A 1461 -12.23 17.71 -6.04
N VAL A 1462 -11.40 17.02 -6.83
CA VAL A 1462 -11.52 15.57 -6.93
C VAL A 1462 -10.94 14.87 -5.71
N LYS A 1463 -10.32 15.62 -4.79
CA LYS A 1463 -9.89 15.06 -3.51
C LYS A 1463 -11.03 14.30 -2.83
N GLN A 1464 -12.18 14.96 -2.65
CA GLN A 1464 -13.31 14.32 -2.01
C GLN A 1464 -14.53 14.16 -2.91
N HIS A 1465 -14.84 15.14 -3.75
CA HIS A 1465 -15.88 14.97 -4.76
C HIS A 1465 -15.33 14.20 -5.95
N ASN A 1466 -16.17 13.37 -6.55
CA ASN A 1466 -15.76 12.57 -7.71
C ASN A 1466 -16.56 13.00 -8.94
N ILE A 1467 -15.84 13.39 -10.01
CA ILE A 1467 -16.50 13.77 -11.25
C ILE A 1467 -17.23 12.57 -11.86
N ASP A 1468 -18.12 12.88 -12.81
CA ASP A 1468 -18.95 11.88 -13.46
C ASP A 1468 -18.63 11.81 -14.94
N ALA A 1469 -19.00 10.69 -15.55
CA ALA A 1469 -18.74 10.47 -16.96
C ALA A 1469 -19.52 11.47 -17.81
N VAL A 1470 -18.82 12.06 -18.78
CA VAL A 1470 -19.44 13.04 -19.66
C VAL A 1470 -20.60 12.40 -20.44
N ASN A 1471 -21.68 13.17 -20.62
CA ASN A 1471 -22.83 12.67 -21.36
C ASN A 1471 -22.49 12.49 -22.84
N LYS A 1472 -21.92 13.51 -23.47
CA LYS A 1472 -21.59 13.43 -24.89
C LYS A 1472 -20.26 14.11 -25.16
N ILE A 1473 -19.46 13.48 -26.03
CA ILE A 1473 -18.22 14.04 -26.54
C ILE A 1473 -18.46 14.38 -28.01
N ASP A 1474 -18.16 15.61 -28.40
CA ASP A 1474 -18.45 16.09 -29.74
C ASP A 1474 -17.23 16.77 -30.35
N PHE A 1475 -17.21 16.79 -31.68
CA PHE A 1475 -16.24 17.60 -32.42
C PHE A 1475 -16.47 19.07 -32.13
N LEU A 1476 -15.47 19.71 -31.53
CA LEU A 1476 -15.59 21.12 -31.21
C LEU A 1476 -15.64 21.94 -32.50
N GLY A 1477 -16.52 22.93 -32.54
CA GLY A 1477 -16.84 23.61 -33.77
C GLY A 1477 -16.05 24.89 -34.01
N TYR A 1478 -15.92 25.24 -35.29
CA TYR A 1478 -15.22 26.45 -35.72
C TYR A 1478 -16.19 27.38 -36.42
N SER A 1479 -15.77 28.64 -36.54
CA SER A 1479 -16.50 29.64 -37.30
C SER A 1479 -15.77 29.97 -38.59
N GLU A 1480 -16.52 30.37 -39.62
CA GLU A 1480 -15.88 30.85 -40.84
C GLU A 1480 -14.99 32.05 -40.55
N GLU A 1481 -15.40 32.89 -39.61
CA GLU A 1481 -14.67 34.09 -39.24
C GLU A 1481 -13.63 33.71 -38.20
N LEU A 1482 -12.35 33.76 -38.59
CA LEU A 1482 -11.29 33.21 -37.76
C LEU A 1482 -11.12 33.98 -36.45
N HIS A 1483 -11.50 35.26 -36.43
CA HIS A 1483 -11.36 36.02 -35.19
C HIS A 1483 -12.33 35.55 -34.13
N LYS A 1484 -13.45 34.95 -34.52
CA LYS A 1484 -14.38 34.39 -33.54
C LYS A 1484 -13.81 33.13 -32.89
N ASN A 1485 -12.91 32.43 -33.57
CA ASN A 1485 -12.39 31.17 -33.09
C ASN A 1485 -11.23 31.37 -32.12
N LYS A 1486 -11.23 30.58 -31.04
CA LYS A 1486 -10.10 30.54 -30.12
C LYS A 1486 -9.09 29.50 -30.62
N SER A 1487 -8.14 29.13 -29.76
CA SER A 1487 -7.04 28.26 -30.20
C SER A 1487 -7.54 26.88 -30.61
N GLU A 1488 -8.34 26.25 -29.74
CA GLU A 1488 -8.85 24.91 -30.04
C GLU A 1488 -9.70 24.91 -31.31
N GLN A 1489 -10.51 25.95 -31.51
CA GLN A 1489 -11.37 26.01 -32.69
C GLN A 1489 -10.53 26.13 -33.96
N LEU A 1490 -9.50 26.97 -33.94
CA LEU A 1490 -8.62 27.08 -35.10
C LEU A 1490 -7.89 25.78 -35.36
N GLN A 1491 -7.48 25.08 -34.30
CA GLN A 1491 -6.83 23.78 -34.45
C GLN A 1491 -7.75 22.79 -35.15
N ASN A 1492 -9.00 22.72 -34.69
CA ASN A 1492 -9.96 21.81 -35.34
C ASN A 1492 -10.26 22.24 -36.76
N ARG A 1493 -10.22 23.54 -37.04
CA ARG A 1493 -10.45 24.00 -38.42
C ARG A 1493 -9.32 23.54 -39.33
N LEU A 1494 -8.08 23.69 -38.88
CA LEU A 1494 -6.95 23.16 -39.64
C LEU A 1494 -7.09 21.65 -39.82
N PHE A 1495 -7.55 20.96 -38.78
CA PHE A 1495 -7.75 19.51 -38.88
C PHE A 1495 -8.75 19.19 -39.98
N ASP A 1496 -9.88 19.90 -40.02
CA ASP A 1496 -10.89 19.61 -41.03
C ASP A 1496 -10.43 20.00 -42.42
N LEU A 1497 -9.63 21.06 -42.55
CA LEU A 1497 -9.08 21.41 -43.85
C LEU A 1497 -8.14 20.32 -44.37
N TYR A 1498 -7.23 19.86 -43.51
CA TYR A 1498 -6.35 18.77 -43.87
C TYR A 1498 -7.15 17.51 -44.19
N TRP A 1499 -8.26 17.30 -43.48
CA TRP A 1499 -9.12 16.16 -43.76
C TRP A 1499 -9.73 16.26 -45.16
N ALA A 1500 -10.24 17.44 -45.51
CA ALA A 1500 -10.81 17.62 -46.84
C ALA A 1500 -9.76 17.43 -47.92
N VAL A 1501 -8.51 17.84 -47.64
CA VAL A 1501 -7.45 17.61 -48.62
C VAL A 1501 -7.13 16.13 -48.75
N LEU A 1502 -7.04 15.42 -47.62
CA LEU A 1502 -6.61 14.03 -47.61
C LEU A 1502 -7.72 13.04 -47.94
N THR A 1503 -8.98 13.47 -47.92
CA THR A 1503 -10.11 12.59 -48.21
C THR A 1503 -10.77 12.93 -49.54
N ASN A 1504 -10.08 13.66 -50.41
CA ASN A 1504 -10.64 14.06 -51.69
C ASN A 1504 -10.31 13.05 -52.77
N GLU A 1505 -11.20 12.94 -53.75
CA GLU A 1505 -10.99 12.11 -54.92
C GLU A 1505 -9.60 12.33 -55.52
N LYS A 1506 -9.33 13.55 -55.96
CA LYS A 1506 -8.15 13.83 -56.78
C LYS A 1506 -6.84 13.56 -56.06
N THR A 1507 -6.86 13.43 -54.74
CA THR A 1507 -5.63 13.18 -53.99
C THR A 1507 -5.35 11.71 -53.77
N TYR A 1508 -6.32 10.82 -54.05
CA TYR A 1508 -6.14 9.40 -53.72
C TYR A 1508 -4.86 8.84 -54.31
N GLY A 1509 -4.58 9.17 -55.56
CA GLY A 1509 -3.32 8.76 -56.18
C GLY A 1509 -2.15 9.12 -55.29
N ASP A 1510 -1.99 10.42 -55.02
CA ASP A 1510 -0.89 10.87 -54.18
C ASP A 1510 -0.89 10.21 -52.81
N LEU A 1511 -2.05 9.74 -52.35
CA LEU A 1511 -2.11 9.06 -51.07
C LEU A 1511 -1.65 7.61 -51.18
N ILE A 1512 -2.06 6.91 -52.23
CA ILE A 1512 -1.90 5.47 -52.27
C ILE A 1512 -0.60 5.01 -52.92
N THR A 1513 0.08 5.88 -53.66
CA THR A 1513 1.35 5.52 -54.26
C THR A 1513 2.35 5.17 -53.18
N PRO A 1514 2.96 3.98 -53.21
CA PRO A 1514 3.99 3.65 -52.23
C PRO A 1514 5.15 4.64 -52.28
N ILE A 1515 5.87 4.74 -51.16
CA ILE A 1515 6.84 5.80 -50.98
C ILE A 1515 8.10 5.61 -51.82
N ASP A 1516 8.32 4.42 -52.38
CA ASP A 1516 9.49 4.22 -53.23
C ASP A 1516 9.29 4.94 -54.56
N PHE A 1517 10.26 5.78 -54.92
CA PHE A 1517 10.25 6.47 -56.20
C PHE A 1517 11.49 6.07 -56.97
N PRO A 1518 11.37 5.25 -58.02
CA PRO A 1518 12.51 4.48 -58.52
C PRO A 1518 13.27 5.06 -59.70
N HIS A 1519 12.86 6.20 -60.28
CA HIS A 1519 13.49 6.62 -61.54
C HIS A 1519 14.96 6.97 -61.33
N VAL A 1520 15.26 7.77 -60.29
CA VAL A 1520 16.64 8.16 -60.06
C VAL A 1520 17.49 6.97 -59.66
N LYS A 1521 16.95 6.08 -58.81
CA LYS A 1521 17.68 4.88 -58.40
C LYS A 1521 18.01 4.00 -59.60
N ASP A 1522 17.02 3.74 -60.45
CA ASP A 1522 17.21 2.85 -61.58
C ASP A 1522 18.18 3.44 -62.59
N GLU A 1523 18.09 4.75 -62.85
CA GLU A 1523 19.03 5.36 -63.79
C GLU A 1523 20.44 5.36 -63.24
N ILE A 1524 20.61 5.68 -61.95
CA ILE A 1524 21.94 5.63 -61.35
C ILE A 1524 22.51 4.23 -61.45
N LYS A 1525 21.69 3.21 -61.18
CA LYS A 1525 22.20 1.85 -61.17
C LYS A 1525 22.46 1.33 -62.58
N ARG A 1526 21.72 1.81 -63.59
CA ARG A 1526 22.01 1.38 -64.95
C ARG A 1526 23.26 2.06 -65.50
N VAL A 1527 23.46 3.35 -65.19
CA VAL A 1527 24.57 4.08 -65.78
C VAL A 1527 25.87 3.87 -65.01
N PHE A 1528 25.81 3.51 -63.72
CA PHE A 1528 27.01 3.33 -62.92
C PHE A 1528 27.17 1.93 -62.32
N GLY A 1529 26.14 1.11 -62.34
CA GLY A 1529 26.30 -0.25 -61.88
C GLY A 1529 25.59 -0.51 -60.56
N ASP A 1530 25.20 -1.77 -60.36
CA ASP A 1530 24.58 -2.22 -59.12
C ASP A 1530 25.67 -2.67 -58.16
N ASN A 1531 25.92 -1.88 -57.12
CA ASN A 1531 26.94 -2.19 -56.13
C ASN A 1531 26.39 -3.02 -54.97
N SER A 1532 25.14 -3.47 -55.05
CA SER A 1532 24.59 -4.36 -54.05
C SER A 1532 25.16 -5.77 -54.16
N LYS A 1533 25.79 -6.09 -55.29
CA LYS A 1533 26.45 -7.37 -55.50
C LYS A 1533 27.95 -7.13 -55.47
N GLN A 1534 28.61 -7.60 -54.40
CA GLN A 1534 30.04 -7.42 -54.24
C GLN A 1534 30.69 -8.74 -53.88
N THR A 1535 31.92 -8.92 -54.35
CA THR A 1535 32.73 -10.09 -54.08
C THR A 1535 34.01 -9.67 -53.36
N GLY A 1536 34.57 -10.60 -52.59
CA GLY A 1536 35.75 -10.29 -51.79
C GLY A 1536 37.06 -10.69 -52.43
N GLU A 1537 37.25 -10.36 -53.71
CA GLU A 1537 38.53 -10.62 -54.37
C GLU A 1537 39.65 -9.89 -53.65
N ASN A 1538 40.80 -10.55 -53.53
CA ASN A 1538 41.97 -10.01 -52.84
C ASN A 1538 41.64 -9.63 -51.40
N LEU A 1539 40.81 -10.45 -50.76
CA LEU A 1539 40.48 -10.30 -49.34
C LEU A 1539 39.94 -8.89 -49.06
N LYS A 1540 39.01 -8.47 -49.92
CA LYS A 1540 38.54 -7.09 -49.93
C LYS A 1540 37.78 -6.74 -48.65
N PHE A 1541 36.90 -7.64 -48.19
CA PHE A 1541 35.95 -7.28 -47.15
C PHE A 1541 36.62 -6.97 -45.81
N HIS A 1542 37.89 -7.35 -45.64
CA HIS A 1542 38.65 -7.00 -44.46
C HIS A 1542 39.69 -5.91 -44.71
N ASP A 1543 39.80 -5.45 -45.95
CA ASP A 1543 40.75 -4.39 -46.27
C ASP A 1543 40.38 -3.10 -45.52
N PRO A 1544 41.35 -2.40 -44.93
CA PRO A 1544 41.02 -1.14 -44.24
C PRO A 1544 40.48 -0.09 -45.19
N LEU A 1545 41.01 -0.03 -46.40
CA LEU A 1545 40.60 0.99 -47.35
C LEU A 1545 39.16 0.79 -47.81
N TYR A 1546 38.79 -0.46 -48.08
CA TYR A 1546 37.40 -0.76 -48.43
C TYR A 1546 36.46 -0.36 -47.31
N GLN A 1547 36.82 -0.67 -46.06
CA GLN A 1547 35.92 -0.34 -44.95
C GLN A 1547 35.83 1.16 -44.74
N LEU A 1548 36.93 1.90 -44.91
CA LEU A 1548 36.88 3.35 -44.79
C LEU A 1548 35.97 3.95 -45.85
N LYS A 1549 36.14 3.53 -47.11
CA LYS A 1549 35.28 4.02 -48.18
C LYS A 1549 33.81 3.66 -47.92
N LEU A 1550 33.57 2.45 -47.41
CA LEU A 1550 32.19 2.04 -47.12
C LEU A 1550 31.59 2.88 -45.99
N LYS A 1551 32.39 3.21 -44.98
CA LYS A 1551 31.90 4.06 -43.89
C LYS A 1551 31.51 5.43 -44.42
N PHE A 1552 32.33 6.02 -45.27
CA PHE A 1552 31.98 7.32 -45.83
C PHE A 1552 30.74 7.23 -46.73
N THR A 1553 30.66 6.15 -47.53
CA THR A 1553 29.50 5.93 -48.38
C THR A 1553 28.22 5.89 -47.56
N TYR A 1554 28.24 5.17 -46.43
CA TYR A 1554 27.05 5.10 -45.57
C TYR A 1554 26.77 6.43 -44.88
N ALA A 1555 27.82 7.12 -44.43
CA ALA A 1555 27.63 8.36 -43.69
C ALA A 1555 27.20 9.53 -44.57
N GLY A 1556 27.28 9.38 -45.89
CA GLY A 1556 26.85 10.45 -46.78
C GLY A 1556 25.42 10.91 -46.56
N GLY A 1557 24.52 9.99 -46.23
CA GLY A 1557 23.09 10.28 -46.29
C GLY A 1557 22.56 11.15 -45.17
N LYS A 1558 23.20 11.08 -43.99
CA LYS A 1558 22.74 11.90 -42.87
C LYS A 1558 22.81 13.38 -43.18
N SER A 1559 23.71 13.78 -44.08
CA SER A 1559 23.79 15.17 -44.50
C SER A 1559 22.71 15.51 -45.51
N GLY A 1560 22.49 14.64 -46.50
CA GLY A 1560 21.58 14.95 -47.58
C GLY A 1560 20.11 14.87 -47.22
N VAL A 1561 19.75 14.09 -46.19
CA VAL A 1561 18.33 13.94 -45.87
C VAL A 1561 17.71 15.28 -45.49
N GLY A 1562 18.42 16.10 -44.72
CA GLY A 1562 17.85 17.36 -44.27
C GLY A 1562 17.67 18.35 -45.40
N ILE A 1563 18.71 18.54 -46.21
CA ILE A 1563 18.62 19.47 -47.33
C ILE A 1563 17.56 19.02 -48.33
N THR A 1564 17.44 17.70 -48.55
CA THR A 1564 16.42 17.21 -49.48
C THR A 1564 15.02 17.43 -48.92
N ALA A 1565 14.83 17.22 -47.62
CA ALA A 1565 13.52 17.48 -47.01
C ALA A 1565 13.16 18.95 -47.16
N ASN A 1566 14.10 19.84 -46.84
CA ASN A 1566 13.84 21.28 -46.99
C ASN A 1566 13.52 21.63 -48.43
N MSE A 1567 14.20 21.02 -49.38
CA MSE A 1567 14.01 21.37 -50.78
C MSE A 1567 12.64 20.90 -51.26
O MSE A 1567 11.93 21.64 -51.95
CB MSE A 1567 15.15 20.76 -51.61
CG MSE A 1567 15.39 21.45 -52.93
SE MSE A 1567 16.15 23.22 -52.63
CE MSE A 1567 17.98 22.72 -52.13
N LEU A 1568 12.27 19.67 -50.88
CA LEU A 1568 10.93 19.17 -51.21
C LEU A 1568 9.85 20.07 -50.62
N VAL A 1569 9.97 20.39 -49.34
CA VAL A 1569 8.90 21.11 -48.67
C VAL A 1569 8.81 22.54 -49.20
N ASP A 1570 9.94 23.13 -49.61
CA ASP A 1570 9.91 24.46 -50.21
C ASP A 1570 9.30 24.42 -51.60
N HIS A 1571 9.65 23.42 -52.41
CA HIS A 1571 9.03 23.31 -53.72
C HIS A 1571 7.52 23.14 -53.61
N ASN A 1572 7.07 22.32 -52.66
CA ASN A 1572 5.63 22.18 -52.46
C ASN A 1572 5.01 23.47 -51.95
N ARG A 1573 5.77 24.26 -51.18
CA ARG A 1573 5.25 25.55 -50.71
C ARG A 1573 5.14 26.56 -51.84
N SER A 1574 6.16 26.63 -52.70
CA SER A 1574 6.30 27.71 -53.67
C SER A 1574 6.00 27.26 -55.10
N LYS A 1575 5.08 26.31 -55.28
CA LYS A 1575 4.74 25.87 -56.63
C LYS A 1575 4.02 26.96 -57.41
N GLY A 1576 3.10 27.67 -56.76
CA GLY A 1576 2.34 28.70 -57.46
C GLY A 1576 3.21 29.84 -57.95
N ILE A 1577 4.01 30.43 -57.05
CA ILE A 1577 4.87 31.53 -57.42
C ILE A 1577 5.91 31.04 -58.42
N ASP A 1578 6.34 31.93 -59.31
CA ASP A 1578 7.28 31.58 -60.36
C ASP A 1578 8.60 32.31 -60.12
N MSE A 1579 9.32 31.84 -59.09
CA MSE A 1579 10.67 32.32 -58.83
C MSE A 1579 11.54 32.06 -60.05
O MSE A 1579 11.41 31.01 -60.69
CB MSE A 1579 11.26 31.62 -57.60
CG MSE A 1579 10.91 32.29 -56.28
SE MSE A 1579 12.00 31.65 -54.80
CE MSE A 1579 11.48 29.77 -54.85
N GLN A 1580 12.41 33.00 -60.37
CA GLN A 1580 13.20 32.90 -61.59
C GLN A 1580 14.43 33.78 -61.47
N PHE A 1581 15.43 33.47 -62.29
CA PHE A 1581 16.63 34.28 -62.35
C PHE A 1581 16.39 35.49 -63.24
N ASN A 1582 16.96 36.63 -62.85
CA ASN A 1582 16.63 37.90 -63.51
C ASN A 1582 16.91 37.85 -65.01
N GLN A 1583 18.18 37.59 -65.37
CA GLN A 1583 18.54 37.53 -66.79
C GLN A 1583 19.43 36.33 -67.06
N TYR A 1584 19.23 35.23 -66.33
CA TYR A 1584 20.08 34.06 -66.44
C TYR A 1584 19.26 32.88 -66.94
N ASN A 1585 19.80 32.16 -67.91
CA ASN A 1585 19.25 30.89 -68.36
C ASN A 1585 20.34 29.84 -68.22
N LEU A 1586 20.02 28.76 -67.50
CA LEU A 1586 20.97 27.68 -67.32
C LEU A 1586 21.28 26.96 -68.63
N GLY A 1587 20.42 27.12 -69.64
CA GLY A 1587 20.49 26.34 -70.85
C GLY A 1587 19.63 25.10 -70.83
N VAL A 1588 19.30 24.60 -69.65
CA VAL A 1588 18.38 23.48 -69.48
C VAL A 1588 17.35 23.89 -68.43
N GLY A 1589 16.17 23.30 -68.53
CA GLY A 1589 15.10 23.57 -67.61
C GLY A 1589 14.08 24.54 -68.16
N HIS A 1590 12.96 24.64 -67.45
CA HIS A 1590 11.85 25.47 -67.91
C HIS A 1590 12.23 26.95 -67.86
N THR A 1591 11.73 27.71 -68.84
CA THR A 1591 12.03 29.12 -68.98
C THR A 1591 10.77 29.95 -69.15
N GLN A 1592 10.74 31.11 -68.51
CA GLN A 1592 9.67 32.09 -68.69
C GLN A 1592 10.29 33.43 -69.05
N ASN A 1593 9.95 33.93 -70.24
CA ASN A 1593 10.45 35.23 -70.71
C ASN A 1593 11.97 35.28 -70.73
N GLY A 1594 12.59 34.18 -71.16
CA GLY A 1594 14.03 34.10 -71.22
C GLY A 1594 14.72 33.89 -69.89
N ASN A 1595 13.97 33.60 -68.84
CA ASN A 1595 14.52 33.39 -67.50
C ASN A 1595 14.20 31.99 -67.02
N THR A 1596 15.15 31.37 -66.32
CA THR A 1596 14.92 30.03 -65.79
C THR A 1596 13.92 30.12 -64.65
N VAL A 1597 12.80 29.41 -64.78
CA VAL A 1597 11.71 29.48 -63.82
C VAL A 1597 11.72 28.20 -62.98
N PHE A 1598 11.37 28.33 -61.70
CA PHE A 1598 11.48 27.25 -60.75
C PHE A 1598 10.11 26.75 -60.32
N ASP A 1599 10.08 25.49 -59.89
CA ASP A 1599 8.94 24.91 -59.18
C ASP A 1599 7.68 24.83 -60.04
N LYS A 1600 7.86 24.39 -61.27
CA LYS A 1600 6.71 23.96 -62.06
C LYS A 1600 6.29 22.56 -61.62
N GLU A 1601 5.17 22.08 -62.17
CA GLU A 1601 4.66 20.76 -61.78
C GLU A 1601 5.59 19.65 -62.27
N TYR A 1602 5.72 19.51 -63.58
CA TYR A 1602 6.50 18.44 -64.18
C TYR A 1602 7.88 18.95 -64.57
N SER A 1603 8.71 18.03 -65.04
CA SER A 1603 10.02 18.36 -65.56
C SER A 1603 9.94 18.43 -67.09
N GLU A 1604 11.09 18.73 -67.71
CA GLU A 1604 11.17 18.65 -69.16
C GLU A 1604 10.93 17.22 -69.62
N GLU A 1605 10.48 17.07 -70.87
CA GLU A 1605 10.31 15.75 -71.45
C GLU A 1605 11.58 15.37 -72.20
N LEU A 1606 12.06 14.15 -71.94
CA LEU A 1606 13.32 13.70 -72.54
C LEU A 1606 13.19 12.20 -72.76
N ASN A 1607 13.20 11.78 -74.03
CA ASN A 1607 13.03 10.37 -74.41
C ASN A 1607 11.67 9.84 -73.97
N GLY A 1608 10.63 10.65 -74.13
CA GLY A 1608 9.27 10.21 -73.89
C GLY A 1608 8.85 10.15 -72.44
N THR A 1609 9.73 10.48 -71.50
CA THR A 1609 9.42 10.42 -70.08
C THR A 1609 9.58 11.79 -69.46
N ARG A 1610 8.64 12.14 -68.58
CA ARG A 1610 8.74 13.36 -67.77
C ARG A 1610 8.23 13.04 -66.38
N PHE A 1611 8.92 13.57 -65.38
CA PHE A 1611 8.66 13.24 -63.99
C PHE A 1611 8.37 14.51 -63.19
N LYS A 1612 7.35 14.43 -62.33
CA LYS A 1612 7.03 15.54 -61.44
C LYS A 1612 8.23 15.89 -60.58
N ILE A 1613 8.40 17.20 -60.34
CA ILE A 1613 9.50 17.65 -59.49
C ILE A 1613 9.31 17.12 -58.08
N LYS A 1614 8.06 17.10 -57.60
CA LYS A 1614 7.77 16.51 -56.30
C LYS A 1614 8.32 15.10 -56.21
N ASP A 1615 8.09 14.31 -57.27
CA ASP A 1615 8.50 12.91 -57.24
C ASP A 1615 10.01 12.75 -57.28
N THR A 1616 10.70 13.62 -58.02
CA THR A 1616 12.17 13.53 -58.05
C THR A 1616 12.77 13.91 -56.70
N ILE A 1617 12.29 15.00 -56.09
CA ILE A 1617 12.84 15.36 -54.79
C ILE A 1617 12.48 14.31 -53.74
N SER A 1618 11.29 13.70 -53.86
CA SER A 1618 10.92 12.63 -52.95
C SER A 1618 11.81 11.42 -53.15
N ALA A 1619 12.18 11.13 -54.40
CA ALA A 1619 13.08 10.02 -54.67
C ALA A 1619 14.45 10.25 -54.04
N PHE A 1620 14.98 11.47 -54.17
CA PHE A 1620 16.25 11.78 -53.52
C PHE A 1620 16.14 11.68 -52.00
N LEU A 1621 15.03 12.19 -51.44
CA LEU A 1621 14.83 12.10 -50.00
C LEU A 1621 14.78 10.64 -49.53
N ASN A 1622 14.07 9.79 -50.27
CA ASN A 1622 13.98 8.39 -49.91
C ASN A 1622 15.34 7.71 -50.03
N ALA A 1623 16.10 8.06 -51.06
CA ALA A 1623 17.47 7.55 -51.18
C ALA A 1623 18.29 7.90 -49.95
N PHE A 1624 18.22 9.16 -49.52
CA PHE A 1624 19.04 9.58 -48.38
C PHE A 1624 18.57 8.93 -47.09
N VAL A 1625 17.26 8.77 -46.90
CA VAL A 1625 16.78 8.22 -45.64
C VAL A 1625 17.01 6.71 -45.58
N ASP A 1626 16.96 6.01 -46.72
CA ASP A 1626 17.27 4.59 -46.78
C ASP A 1626 18.67 4.32 -47.29
N ASN A 1627 19.58 5.29 -47.13
CA ASN A 1627 20.97 5.12 -47.56
C ASN A 1627 21.60 3.87 -46.96
N ALA A 1628 21.26 3.55 -45.71
CA ALA A 1628 21.85 2.38 -45.06
C ALA A 1628 21.38 1.09 -45.73
N LYS A 1629 20.12 1.04 -46.14
CA LYS A 1629 19.59 -0.17 -46.77
C LYS A 1629 20.15 -0.37 -48.18
N ASP A 1630 20.44 0.72 -48.90
CA ASP A 1630 21.05 0.66 -50.22
C ASP A 1630 21.72 1.99 -50.53
N PRO A 1631 23.05 2.04 -50.52
CA PRO A 1631 23.79 3.31 -50.72
C PRO A 1631 24.11 3.60 -52.19
N TYR A 1632 23.08 3.90 -52.97
CA TYR A 1632 23.27 4.16 -54.39
C TYR A 1632 23.40 5.64 -54.73
N ILE A 1633 22.95 6.54 -53.86
CA ILE A 1633 22.91 7.96 -54.23
C ILE A 1633 24.31 8.54 -54.35
N ASN A 1634 25.26 8.08 -53.53
CA ASN A 1634 26.63 8.57 -53.64
C ASN A 1634 27.31 8.07 -54.91
N ASP A 1635 26.83 6.98 -55.50
CA ASP A 1635 27.46 6.46 -56.72
C ASP A 1635 27.25 7.39 -57.90
N GLY A 1636 26.29 8.31 -57.83
CA GLY A 1636 26.04 9.22 -58.92
C GLY A 1636 26.64 10.60 -58.69
N ASN A 1637 27.68 10.67 -57.85
CA ASN A 1637 28.33 11.92 -57.47
C ASN A 1637 27.38 12.90 -56.82
N PHE A 1638 26.29 12.41 -56.22
CA PHE A 1638 25.36 13.26 -55.48
C PHE A 1638 25.86 13.33 -54.05
N ASN A 1639 26.51 14.44 -53.71
CA ASN A 1639 27.12 14.63 -52.41
C ASN A 1639 27.00 16.10 -52.03
N THR A 1640 27.64 16.48 -50.92
CA THR A 1640 27.52 17.84 -50.41
C THR A 1640 28.17 18.86 -51.34
N TYR A 1641 29.05 18.44 -52.24
CA TYR A 1641 29.62 19.36 -53.22
C TYR A 1641 28.65 19.61 -54.37
N THR A 1642 27.82 18.64 -54.70
CA THR A 1642 26.91 18.74 -55.84
C THR A 1642 25.44 18.78 -55.45
N SER A 1643 25.12 18.78 -54.15
CA SER A 1643 23.71 18.73 -53.75
C SER A 1643 22.96 19.98 -54.19
N SER A 1644 23.55 21.16 -53.94
CA SER A 1644 22.87 22.41 -54.26
C SER A 1644 22.56 22.50 -55.75
N VAL A 1645 23.55 22.22 -56.58
CA VAL A 1645 23.33 22.28 -58.03
C VAL A 1645 22.34 21.20 -58.47
N ALA A 1646 22.38 20.02 -57.85
CA ALA A 1646 21.43 18.97 -58.23
C ALA A 1646 20.00 19.41 -57.94
N PHE A 1647 19.76 19.98 -56.77
CA PHE A 1647 18.40 20.37 -56.44
C PHE A 1647 17.97 21.62 -57.21
N MSE A 1648 18.92 22.46 -57.62
CA MSE A 1648 18.52 23.60 -58.43
C MSE A 1648 18.06 23.09 -59.79
O MSE A 1648 17.04 23.52 -60.32
CB MSE A 1648 19.67 24.61 -58.61
CG MSE A 1648 19.36 25.65 -59.67
SE MSE A 1648 20.92 26.62 -60.27
CE MSE A 1648 22.08 25.09 -60.52
N LEU A 1649 18.83 22.15 -60.35
CA LEU A 1649 18.46 21.54 -61.62
C LEU A 1649 17.11 20.83 -61.51
N ILE A 1650 16.84 20.18 -60.37
CA ILE A 1650 15.57 19.48 -60.20
C ILE A 1650 14.42 20.48 -60.25
N ARG A 1651 14.49 21.54 -59.44
CA ARG A 1651 13.39 22.48 -59.35
C ARG A 1651 13.25 23.32 -60.63
N ALA A 1652 14.36 23.52 -61.35
CA ALA A 1652 14.28 24.24 -62.62
C ALA A 1652 13.46 23.48 -63.65
N GLY A 1653 13.44 22.15 -63.57
CA GLY A 1653 12.65 21.37 -64.51
C GLY A 1653 13.46 20.41 -65.35
N VAL A 1654 14.77 20.30 -65.07
CA VAL A 1654 15.62 19.41 -65.84
C VAL A 1654 15.20 17.97 -65.59
N HIS A 1655 15.27 17.15 -66.64
CA HIS A 1655 14.87 15.75 -66.52
C HIS A 1655 15.82 15.03 -65.56
N PRO A 1656 15.31 14.11 -64.73
CA PRO A 1656 16.19 13.42 -63.79
C PRO A 1656 17.33 12.68 -64.45
N ASP A 1657 17.10 12.12 -65.64
CA ASP A 1657 18.16 11.40 -66.34
C ASP A 1657 19.31 12.34 -66.70
N TRP A 1658 18.99 13.54 -67.16
CA TRP A 1658 20.04 14.51 -67.50
C TRP A 1658 20.82 14.93 -66.26
N ILE A 1659 20.13 15.11 -65.13
CA ILE A 1659 20.83 15.48 -63.90
C ILE A 1659 21.75 14.36 -63.46
N ILE A 1660 21.29 13.11 -63.57
CA ILE A 1660 22.12 11.98 -63.18
C ILE A 1660 23.35 11.87 -64.07
N SER A 1661 23.17 12.14 -65.38
CA SER A 1661 24.30 12.04 -66.30
C SER A 1661 25.26 13.22 -66.15
N PHE A 1662 24.75 14.39 -65.74
CA PHE A 1662 25.61 15.56 -65.59
C PHE A 1662 26.38 15.54 -64.29
N ILE A 1663 25.69 15.36 -63.17
CA ILE A 1663 26.36 15.35 -61.87
C ILE A 1663 27.30 14.16 -61.75
N GLY A 1664 26.91 13.02 -62.34
CA GLY A 1664 27.75 11.84 -62.36
C GLY A 1664 28.84 11.85 -63.41
N GLN A 1665 29.10 13.00 -64.02
CA GLN A 1665 30.15 13.10 -65.03
C GLN A 1665 31.51 12.81 -64.37
N PRO A 1666 32.40 12.07 -65.03
CA PRO A 1666 33.63 11.64 -64.35
C PRO A 1666 34.51 12.80 -63.88
N VAL A 1667 34.58 13.89 -64.65
CA VAL A 1667 35.49 14.97 -64.28
C VAL A 1667 34.95 15.71 -63.08
N LEU A 1668 33.62 15.85 -62.97
CA LEU A 1668 33.05 16.44 -61.77
C LEU A 1668 33.22 15.53 -60.56
N ARG A 1669 33.22 14.21 -60.75
CA ARG A 1669 33.52 13.31 -59.65
C ARG A 1669 34.96 13.49 -59.19
N GLU A 1670 35.90 13.66 -60.13
CA GLU A 1670 37.26 13.98 -59.77
C GLU A 1670 37.33 15.29 -59.00
N LEU A 1671 36.56 16.29 -59.45
CA LEU A 1671 36.50 17.58 -58.75
C LEU A 1671 36.05 17.40 -57.31
N ALA A 1672 35.00 16.62 -57.10
CA ALA A 1672 34.48 16.41 -55.75
C ALA A 1672 35.49 15.70 -54.86
N ASP A 1673 36.05 14.60 -55.36
CA ASP A 1673 37.04 13.86 -54.58
C ASP A 1673 38.24 14.75 -54.25
N PHE A 1674 38.62 15.62 -55.18
CA PHE A 1674 39.77 16.49 -54.92
C PHE A 1674 39.41 17.64 -53.98
N THR A 1675 38.15 18.08 -53.97
CA THR A 1675 37.72 19.06 -52.98
C THR A 1675 37.88 18.47 -51.58
N GLN A 1676 37.40 17.24 -51.40
CA GLN A 1676 37.57 16.61 -50.09
C GLN A 1676 39.05 16.39 -49.75
N ARG A 1677 39.83 15.87 -50.70
CA ARG A 1677 41.24 15.59 -50.46
C ARG A 1677 42.05 16.87 -50.23
N TYR A 1678 41.60 18.01 -50.77
CA TYR A 1678 42.40 19.22 -50.79
C TYR A 1678 42.39 19.96 -49.45
N GLU A 1679 41.22 20.11 -48.86
CA GLU A 1679 41.11 20.84 -47.60
C GLU A 1679 41.59 20.02 -46.40
N SER A 1680 42.11 18.82 -46.63
CA SER A 1680 42.53 17.96 -45.53
C SER A 1680 43.77 18.52 -44.85
N LYS A 1681 43.94 18.14 -43.58
CA LYS A 1681 45.08 18.60 -42.79
C LYS A 1681 46.37 17.89 -43.16
N ILE A 1682 46.27 16.64 -43.61
CA ILE A 1682 47.45 15.85 -43.92
C ILE A 1682 48.17 16.41 -45.14
N ILE A 1683 47.43 16.61 -46.23
CA ILE A 1683 48.02 17.01 -47.51
C ILE A 1683 48.28 18.52 -47.49
N PRO A 1684 49.54 18.95 -47.44
CA PRO A 1684 49.82 20.39 -47.46
C PRO A 1684 49.52 20.97 -48.83
N LYS A 1685 49.07 22.23 -48.83
CA LYS A 1685 48.67 22.89 -50.06
C LYS A 1685 49.88 23.48 -50.77
N GLU A 1686 50.03 23.14 -52.06
CA GLU A 1686 51.13 23.69 -52.84
C GLU A 1686 51.01 25.20 -52.97
N ASP A 1687 49.83 25.68 -53.34
CA ASP A 1687 49.53 27.11 -53.40
C ASP A 1687 48.23 27.35 -52.64
N VAL A 1688 48.36 27.72 -51.36
CA VAL A 1688 47.18 28.12 -50.61
C VAL A 1688 46.52 29.29 -51.31
N GLY A 1689 45.19 29.24 -51.44
CA GLY A 1689 44.45 30.21 -52.19
C GLY A 1689 44.04 29.72 -53.56
N LYS A 1690 44.79 28.80 -54.16
CA LYS A 1690 44.35 28.14 -55.37
C LYS A 1690 43.25 27.15 -55.00
N SER A 1691 42.04 27.41 -55.48
CA SER A 1691 40.91 26.55 -55.14
C SER A 1691 41.05 25.21 -55.83
N SER A 1692 40.33 24.22 -55.29
CA SER A 1692 40.30 22.90 -55.92
C SER A 1692 39.83 22.98 -57.36
N PHE A 1693 38.80 23.81 -57.62
CA PHE A 1693 38.35 24.01 -58.98
C PHE A 1693 39.47 24.51 -59.87
N ASP A 1694 40.31 25.41 -59.35
CA ASP A 1694 41.42 25.94 -60.13
C ASP A 1694 42.46 24.86 -60.43
N ILE A 1695 42.74 23.99 -59.45
CA ILE A 1695 43.68 22.90 -59.68
C ILE A 1695 43.15 21.97 -60.77
N ILE A 1696 41.85 21.68 -60.73
CA ILE A 1696 41.28 20.77 -61.73
C ILE A 1696 41.28 21.41 -63.11
N VAL A 1697 40.92 22.69 -63.21
CA VAL A 1697 40.91 23.34 -64.52
C VAL A 1697 42.33 23.44 -65.05
N GLU A 1698 43.33 23.62 -64.19
CA GLU A 1698 44.71 23.65 -64.68
C GLU A 1698 45.15 22.28 -65.15
N LYS A 1699 44.79 21.22 -64.41
CA LYS A 1699 45.10 19.86 -64.85
C LYS A 1699 44.54 19.60 -66.24
N TYR A 1700 43.25 19.89 -66.44
CA TYR A 1700 42.64 19.60 -67.73
C TYR A 1700 42.96 20.63 -68.79
N GLU A 1701 43.49 21.79 -68.41
CA GLU A 1701 44.08 22.70 -69.38
C GLU A 1701 45.40 22.14 -69.91
N THR A 1702 46.22 21.57 -69.04
CA THR A 1702 47.47 20.97 -69.47
C THR A 1702 47.23 19.72 -70.29
N ILE A 1703 46.26 18.88 -69.88
CA ILE A 1703 46.02 17.63 -70.58
C ILE A 1703 45.42 17.89 -71.97
N ASN A 1704 44.41 18.75 -72.04
CA ASN A 1704 43.72 19.00 -73.30
C ASN A 1704 44.38 20.09 -74.13
N GLN A 1705 45.38 20.79 -73.60
CA GLN A 1705 46.06 21.89 -74.28
C GLN A 1705 45.10 22.98 -74.73
N GLU A 1706 44.06 23.22 -73.93
CA GLU A 1706 43.09 24.28 -74.17
C GLU A 1706 43.09 25.20 -72.96
N SER A 1707 42.48 26.37 -73.13
CA SER A 1707 42.40 27.35 -72.07
C SER A 1707 40.97 27.46 -71.56
N TYR A 1708 40.81 27.51 -70.23
CA TYR A 1708 39.49 27.70 -69.64
C TYR A 1708 38.90 29.06 -70.01
N LYS A 1709 39.76 30.03 -70.35
CA LYS A 1709 39.26 31.33 -70.80
C LYS A 1709 38.45 31.18 -72.08
N ASP A 1710 38.95 30.40 -73.03
CA ASP A 1710 38.28 30.18 -74.30
C ASP A 1710 37.21 29.09 -74.23
N ALA A 1711 36.94 28.53 -73.06
CA ALA A 1711 35.89 27.53 -72.92
C ALA A 1711 34.56 28.20 -72.61
N GLU A 1712 33.48 27.59 -73.09
CA GLU A 1712 32.14 28.11 -72.94
C GLU A 1712 31.28 27.15 -72.13
N SER A 1713 30.15 27.68 -71.63
CA SER A 1713 29.17 26.91 -70.87
C SER A 1713 28.07 26.45 -71.83
N ARG A 1714 28.02 25.14 -72.07
CA ARG A 1714 27.13 24.54 -73.06
C ARG A 1714 26.11 23.64 -72.37
N ALA A 1715 24.86 23.71 -72.83
CA ALA A 1715 23.81 22.77 -72.42
C ALA A 1715 23.91 21.55 -73.33
N PHE A 1716 24.46 20.46 -72.81
CA PHE A 1716 24.80 19.31 -73.64
C PHE A 1716 23.57 18.43 -73.89
N SER A 1717 23.79 17.30 -74.54
CA SER A 1717 22.80 16.27 -74.78
C SER A 1717 23.08 15.05 -73.89
N LEU A 1718 22.06 14.19 -73.72
CA LEU A 1718 22.26 12.97 -72.96
C LEU A 1718 23.32 12.08 -73.61
N ASP A 1719 23.29 11.97 -74.94
CA ASP A 1719 24.20 11.05 -75.61
C ASP A 1719 25.65 11.47 -75.39
N THR A 1720 25.91 12.78 -75.34
CA THR A 1720 27.26 13.24 -75.04
C THR A 1720 27.66 12.88 -73.61
N LEU A 1721 26.81 13.21 -72.64
CA LEU A 1721 27.07 12.89 -71.24
C LEU A 1721 27.10 11.38 -71.01
N GLN A 1722 26.06 10.68 -71.44
CA GLN A 1722 26.00 9.24 -71.21
C GLN A 1722 27.16 8.51 -71.88
N GLU A 1723 27.53 8.94 -73.10
CA GLU A 1723 28.67 8.34 -73.78
C GLU A 1723 29.96 8.61 -73.03
N SER A 1724 30.19 9.87 -72.66
CA SER A 1724 31.43 10.24 -71.97
C SER A 1724 31.66 9.39 -70.73
N ILE A 1725 30.59 9.02 -70.03
CA ILE A 1725 30.72 8.15 -68.87
C ILE A 1725 31.20 6.77 -69.31
N GLU A 1726 30.54 6.19 -70.32
CA GLU A 1726 30.91 4.85 -70.78
C GLU A 1726 32.24 4.87 -71.53
N VAL A 1727 32.35 5.73 -72.54
CA VAL A 1727 33.58 5.85 -73.33
C VAL A 1727 33.96 7.32 -73.41
N GLY A 1728 35.23 7.62 -73.18
CA GLY A 1728 35.65 9.01 -73.05
C GLY A 1728 35.31 9.83 -74.28
N VAL A 1729 34.81 11.04 -74.04
CA VAL A 1729 34.57 12.04 -75.08
C VAL A 1729 35.58 13.16 -74.88
N HIS A 1730 36.25 13.55 -75.96
CA HIS A 1730 37.35 14.49 -75.90
C HIS A 1730 36.85 15.90 -76.20
N GLY A 1731 37.26 16.86 -75.36
CA GLY A 1731 36.96 18.25 -75.58
C GLY A 1731 35.86 18.82 -74.70
N ILE A 1732 35.19 17.99 -73.89
CA ILE A 1732 34.07 18.45 -73.09
C ILE A 1732 34.43 18.71 -71.64
N ASP A 1733 35.67 18.40 -71.22
CA ASP A 1733 36.04 18.51 -69.81
C ASP A 1733 35.94 19.94 -69.32
N LEU A 1734 36.68 20.86 -69.95
CA LEU A 1734 36.66 22.25 -69.52
C LEU A 1734 35.27 22.85 -69.64
N ASP A 1735 34.49 22.41 -70.63
CA ASP A 1735 33.14 22.95 -70.81
C ASP A 1735 32.21 22.50 -69.69
N VAL A 1736 32.28 21.23 -69.29
CA VAL A 1736 31.43 20.80 -68.18
C VAL A 1736 31.89 21.44 -66.88
N LEU A 1737 33.18 21.75 -66.75
CA LEU A 1737 33.64 22.47 -65.57
C LEU A 1737 33.07 23.89 -65.52
N LYS A 1738 33.08 24.59 -66.65
CA LYS A 1738 32.50 25.93 -66.68
C LYS A 1738 31.01 25.89 -66.39
N THR A 1739 30.28 24.96 -67.02
CA THR A 1739 28.86 24.82 -66.75
C THR A 1739 28.61 24.55 -65.28
N PHE A 1740 29.41 23.68 -64.66
CA PHE A 1740 29.20 23.35 -63.27
C PHE A 1740 29.50 24.53 -62.36
N LYS A 1741 30.49 25.35 -62.70
CA LYS A 1741 30.77 26.50 -61.83
C LYS A 1741 29.65 27.54 -61.93
N GLY A 1742 29.15 27.79 -63.13
CA GLY A 1742 28.01 28.67 -63.27
C GLY A 1742 26.80 28.16 -62.52
N PHE A 1743 26.50 26.87 -62.70
CA PHE A 1743 25.39 26.25 -61.98
C PHE A 1743 25.58 26.35 -60.48
N GLN A 1744 26.81 26.19 -60.00
CA GLN A 1744 27.10 26.28 -58.57
C GLN A 1744 26.81 27.67 -58.04
N GLU A 1745 27.25 28.70 -58.78
CA GLU A 1745 27.00 30.06 -58.34
C GLU A 1745 25.50 30.37 -58.31
N GLN A 1746 24.74 29.89 -59.30
CA GLN A 1746 23.30 30.16 -59.27
C GLN A 1746 22.59 29.31 -58.21
N ALA A 1747 23.12 28.12 -57.92
CA ALA A 1747 22.58 27.34 -56.82
C ALA A 1747 22.80 28.07 -55.50
N LYS A 1748 23.86 28.86 -55.41
CA LYS A 1748 24.00 29.74 -54.25
C LYS A 1748 22.80 30.66 -54.12
N ARG A 1749 22.34 31.26 -55.22
CA ARG A 1749 21.17 32.12 -55.16
C ARG A 1749 19.94 31.35 -54.70
N LEU A 1750 19.74 30.16 -55.24
CA LEU A 1750 18.56 29.38 -54.85
C LEU A 1750 18.61 29.01 -53.37
N ASN A 1751 19.77 28.59 -52.89
CA ASN A 1751 19.87 28.22 -51.47
C ASN A 1751 19.77 29.44 -50.58
N GLU A 1752 20.19 30.61 -51.06
CA GLU A 1752 19.96 31.85 -50.32
C GLU A 1752 18.48 32.12 -50.17
N SER A 1753 17.70 31.80 -51.20
CA SER A 1753 16.26 31.94 -51.08
C SER A 1753 15.68 30.92 -50.10
N VAL A 1754 16.18 29.68 -50.15
CA VAL A 1754 15.66 28.64 -49.26
C VAL A 1754 15.96 28.96 -47.80
N GLN A 1755 17.16 29.50 -47.52
CA GLN A 1755 17.54 29.79 -46.13
C GLN A 1755 16.65 30.86 -45.52
N LEU A 1756 16.09 31.75 -46.33
CA LEU A 1756 15.14 32.75 -45.85
C LEU A 1756 13.71 32.25 -45.87
N SER A 1757 13.51 30.99 -46.27
CA SER A 1757 12.19 30.36 -46.27
C SER A 1757 12.01 29.43 -45.07
N ARG A 1758 12.80 29.61 -44.02
CA ARG A 1758 12.73 28.73 -42.86
C ARG A 1758 12.41 29.51 -41.58
N PHE A 1759 11.39 30.36 -41.63
CA PHE A 1759 10.92 31.04 -40.43
C PHE A 1759 9.85 30.26 -39.70
N ASP A 1760 9.22 29.29 -40.35
CA ASP A 1760 8.23 28.42 -39.73
C ASP A 1760 8.86 27.29 -38.92
N THR A 1761 10.18 27.27 -38.80
CA THR A 1761 10.87 26.29 -37.97
C THR A 1761 11.89 27.00 -37.07
N ASN A 1762 12.90 27.61 -37.69
CA ASN A 1762 13.95 28.27 -36.92
C ASN A 1762 13.45 29.57 -36.28
N GLY A 1763 12.48 30.23 -36.88
CA GLY A 1763 12.02 31.50 -36.34
C GLY A 1763 13.02 32.62 -36.64
N SER A 1764 13.11 33.56 -35.69
CA SER A 1764 14.09 34.64 -35.80
C SER A 1764 15.49 34.23 -35.37
N GLY A 1765 15.70 32.95 -35.07
CA GLY A 1765 17.00 32.47 -34.65
C GLY A 1765 17.08 32.29 -33.14
N LYS A 1766 18.06 31.50 -32.71
CA LYS A 1766 18.26 31.27 -31.29
C LYS A 1766 19.06 32.38 -30.63
N ASN A 1767 19.84 33.12 -31.41
CA ASN A 1767 20.69 34.19 -30.89
C ASN A 1767 20.36 35.51 -31.58
N ILE A 1768 20.84 36.59 -30.97
CA ILE A 1768 20.71 37.92 -31.55
C ILE A 1768 21.46 38.00 -32.88
N LEU A 1769 22.61 37.33 -32.95
CA LEU A 1769 23.40 37.30 -34.18
C LEU A 1769 22.62 36.66 -35.32
N ASP A 1770 21.85 35.62 -35.03
CA ASP A 1770 21.07 34.96 -36.07
C ASP A 1770 19.99 35.90 -36.60
N LEU A 1771 19.37 36.70 -35.72
CA LEU A 1771 18.44 37.72 -36.17
C LEU A 1771 19.12 38.74 -37.06
N ILE A 1772 20.32 39.19 -36.67
CA ILE A 1772 21.07 40.13 -37.51
C ILE A 1772 21.29 39.55 -38.90
N ILE A 1773 21.76 38.31 -38.96
CA ILE A 1773 22.07 37.71 -40.26
C ILE A 1773 20.80 37.52 -41.08
N LEU A 1774 19.70 37.13 -40.44
CA LEU A 1774 18.46 36.94 -41.18
C LEU A 1774 17.98 38.25 -41.78
N LYS A 1775 17.97 39.32 -40.97
CA LYS A 1775 17.56 40.63 -41.46
C LYS A 1775 18.46 41.10 -42.60
N ASN A 1776 19.77 40.90 -42.45
CA ASN A 1776 20.69 41.33 -43.50
C ASN A 1776 20.52 40.51 -44.77
N LYS A 1777 20.21 39.22 -44.64
CA LYS A 1777 19.97 38.40 -45.83
C LYS A 1777 18.71 38.85 -46.55
N ILE A 1778 17.65 39.15 -45.79
CA ILE A 1778 16.43 39.69 -46.38
C ILE A 1778 16.75 40.98 -47.15
N LYS A 1779 17.46 41.90 -46.50
CA LYS A 1779 17.81 43.17 -47.14
C LYS A 1779 18.65 42.96 -48.38
N ASN A 1780 19.60 42.03 -48.33
CA ASN A 1780 20.50 41.81 -49.46
C ASN A 1780 19.76 41.23 -50.64
N LEU A 1781 18.91 40.23 -50.41
CA LEU A 1781 18.12 39.68 -51.50
C LEU A 1781 17.18 40.74 -52.08
N TYR A 1782 16.64 41.60 -51.22
CA TYR A 1782 15.76 42.65 -51.69
C TYR A 1782 16.49 43.63 -52.59
N VAL A 1783 17.64 44.15 -52.13
CA VAL A 1783 18.38 45.11 -52.95
C VAL A 1783 18.96 44.46 -54.19
N SER A 1784 19.16 43.14 -54.18
CA SER A 1784 19.57 42.46 -55.40
C SER A 1784 18.41 42.37 -56.39
N GLU A 1785 17.20 42.14 -55.90
CA GLU A 1785 16.04 42.11 -56.78
C GLU A 1785 15.75 43.50 -57.35
N GLN A 1786 15.79 44.53 -56.50
CA GLN A 1786 15.43 45.87 -56.94
C GLN A 1786 16.44 46.43 -57.92
N THR A 1787 17.73 46.22 -57.67
CA THR A 1787 18.75 46.73 -58.58
C THR A 1787 18.76 46.01 -59.93
N GLN A 1788 17.88 45.01 -60.12
CA GLN A 1788 17.81 44.23 -61.35
C GLN A 1788 19.18 43.62 -61.67
N GLN A 1789 19.76 42.98 -60.66
CA GLN A 1789 21.08 42.36 -60.82
C GLN A 1789 20.96 41.10 -61.67
N LYS A 1790 22.02 40.82 -62.45
CA LYS A 1790 21.97 39.84 -63.52
C LYS A 1790 21.47 38.48 -63.07
N GLY A 1791 22.24 37.80 -62.22
CA GLY A 1791 21.83 36.48 -61.75
C GLY A 1791 21.03 36.50 -60.47
N SER A 1792 20.22 37.54 -60.28
CA SER A 1792 19.44 37.68 -59.05
C SER A 1792 18.28 36.68 -59.04
N MSE A 1793 17.59 36.63 -57.90
CA MSE A 1793 16.44 35.77 -57.72
C MSE A 1793 15.17 36.62 -57.65
O MSE A 1793 15.06 37.51 -56.81
CB MSE A 1793 16.59 34.92 -56.47
CG MSE A 1793 15.42 33.96 -56.19
SE MSE A 1793 15.07 32.66 -57.60
CE MSE A 1793 16.65 31.55 -57.38
N MSE A 1794 14.20 36.33 -58.52
CA MSE A 1794 12.96 37.09 -58.58
C MSE A 1794 11.81 36.38 -57.88
O MSE A 1794 11.85 35.17 -57.69
CB MSE A 1794 12.58 37.37 -60.02
CG MSE A 1794 13.59 38.17 -60.82
SE MSE A 1794 13.10 38.28 -62.69
CE MSE A 1794 11.20 38.69 -62.48
N ASN A 1795 10.79 37.15 -57.51
CA ASN A 1795 9.54 36.64 -56.95
C ASN A 1795 9.72 35.92 -55.63
N HIS A 1796 10.86 36.10 -54.96
CA HIS A 1796 11.07 35.39 -53.70
C HIS A 1796 10.14 35.88 -52.61
N PHE A 1797 9.92 37.18 -52.53
CA PHE A 1797 9.09 37.73 -51.47
C PHE A 1797 7.62 37.39 -51.63
N LYS A 1798 7.25 36.71 -52.71
CA LYS A 1798 5.91 36.15 -52.82
C LYS A 1798 5.71 34.95 -51.90
N LYS A 1799 6.79 34.45 -51.29
CA LYS A 1799 6.63 33.41 -50.28
C LYS A 1799 6.04 33.99 -48.99
N TYR A 1800 6.26 35.28 -48.75
CA TYR A 1800 5.72 35.95 -47.57
C TYR A 1800 4.38 36.61 -47.86
N HIS A 1801 4.21 37.17 -49.05
CA HIS A 1801 3.01 37.93 -49.40
C HIS A 1801 2.82 37.84 -50.90
N ASN A 1802 1.73 37.21 -51.33
CA ASN A 1802 1.46 37.02 -52.75
C ASN A 1802 -0.05 37.10 -52.98
N ASN A 1803 -0.43 37.58 -54.16
CA ASN A 1803 -1.84 37.78 -54.53
C ASN A 1803 -2.53 38.74 -53.57
N GLY A 1804 -1.78 39.68 -53.00
CA GLY A 1804 -2.35 40.62 -52.04
C GLY A 1804 -2.88 39.98 -50.78
N LYS A 1805 -2.44 38.77 -50.46
CA LYS A 1805 -2.92 38.04 -49.29
C LYS A 1805 -1.73 37.53 -48.50
N ILE A 1806 -1.73 37.81 -47.19
CA ILE A 1806 -0.66 37.37 -46.32
C ILE A 1806 -0.64 35.84 -46.27
N THR A 1807 0.57 35.28 -46.29
CA THR A 1807 0.75 33.83 -46.29
C THR A 1807 1.11 33.34 -44.90
N SER A 1808 1.15 32.01 -44.78
CA SER A 1808 1.54 31.38 -43.51
C SER A 1808 2.93 31.84 -43.10
N LEU A 1809 3.92 31.60 -43.97
CA LEU A 1809 5.29 31.96 -43.63
C LEU A 1809 5.41 33.47 -43.46
N GLY A 1810 4.62 34.24 -44.20
CA GLY A 1810 4.66 35.69 -44.05
C GLY A 1810 4.26 36.12 -42.66
N THR A 1811 3.16 35.56 -42.14
CA THR A 1811 2.77 35.85 -40.77
C THR A 1811 3.85 35.37 -39.80
N GLN A 1812 4.38 34.16 -40.03
CA GLN A 1812 5.41 33.61 -39.16
C GLN A 1812 6.59 34.57 -39.03
N VAL A 1813 7.12 35.04 -40.15
CA VAL A 1813 8.26 35.95 -40.11
C VAL A 1813 7.84 37.32 -39.59
N LYS A 1814 6.57 37.69 -39.78
CA LYS A 1814 6.10 38.96 -39.23
C LYS A 1814 6.21 38.98 -37.71
N ASN A 1815 5.71 37.94 -37.05
CA ASN A 1815 5.75 37.92 -35.59
C ASN A 1815 6.86 37.03 -35.04
N THR A 1816 7.99 36.96 -35.74
CA THR A 1816 9.23 36.38 -35.20
C THR A 1816 10.41 37.31 -35.46
N LEU A 1817 10.82 37.40 -36.72
CA LEU A 1817 11.92 38.29 -37.08
C LEU A 1817 11.55 39.75 -36.84
N LEU A 1818 10.44 40.18 -37.44
CA LEU A 1818 10.04 41.58 -37.31
C LEU A 1818 9.59 41.91 -35.90
N PHE A 1819 8.93 40.95 -35.23
CA PHE A 1819 8.52 41.15 -33.84
C PHE A 1819 9.73 41.39 -32.94
N THR A 1820 10.71 40.48 -32.98
CA THR A 1820 11.90 40.62 -32.13
C THR A 1820 12.71 41.84 -32.51
N ASP A 1821 12.77 42.17 -33.81
CA ASP A 1821 13.48 43.37 -34.23
C ASP A 1821 12.81 44.61 -33.67
N ASP A 1822 11.47 44.65 -33.68
CA ASP A 1822 10.76 45.79 -33.09
C ASP A 1822 11.05 45.89 -31.60
N ILE A 1823 11.03 44.76 -30.89
CA ILE A 1823 11.35 44.78 -29.46
C ILE A 1823 12.75 45.36 -29.24
N LEU A 1824 13.73 44.83 -29.96
CA LEU A 1824 15.12 45.25 -29.78
C LEU A 1824 15.30 46.73 -30.10
N ASN A 1825 14.67 47.20 -31.18
CA ASN A 1825 14.86 48.58 -31.60
C ASN A 1825 14.15 49.54 -30.66
N ASN A 1826 12.91 49.25 -30.30
CA ASN A 1826 12.09 50.15 -29.51
C ASN A 1826 12.30 50.00 -28.01
N ASN A 1827 13.19 49.11 -27.57
CA ASN A 1827 13.60 49.05 -26.17
C ASN A 1827 15.13 49.14 -26.07
N PRO A 1828 15.71 50.29 -26.42
CA PRO A 1828 17.18 50.41 -26.33
C PRO A 1828 17.67 50.43 -24.89
N SER A 1829 16.85 50.93 -23.95
CA SER A 1829 17.25 50.97 -22.56
C SER A 1829 17.52 49.59 -21.99
N LEU A 1830 16.94 48.55 -22.57
CA LEU A 1830 17.17 47.17 -22.10
C LEU A 1830 18.28 46.51 -22.89
N PHE A 1831 18.01 46.18 -24.15
CA PHE A 1831 18.93 45.37 -24.96
C PHE A 1831 19.94 46.30 -25.63
N LEU A 1832 21.09 46.47 -24.98
CA LEU A 1832 22.14 47.31 -25.55
C LEU A 1832 22.79 46.64 -26.75
N LEU A 1833 23.14 45.35 -26.62
CA LEU A 1833 23.75 44.64 -27.74
C LEU A 1833 22.79 44.46 -28.91
N GLY A 1834 21.49 44.58 -28.66
CA GLY A 1834 20.51 44.56 -29.72
C GLY A 1834 20.10 45.91 -30.24
N SER A 1835 20.62 46.97 -29.64
CA SER A 1835 20.24 48.32 -30.06
C SER A 1835 20.76 48.60 -31.47
N LYS A 1836 20.07 49.50 -32.15
CA LYS A 1836 20.46 49.90 -33.51
C LYS A 1836 21.91 50.38 -33.64
N PRO A 1837 22.53 51.08 -32.66
CA PRO A 1837 23.94 51.44 -32.86
C PRO A 1837 24.86 50.25 -33.00
N ILE A 1838 24.68 49.21 -32.18
CA ILE A 1838 25.56 48.05 -32.25
C ILE A 1838 25.38 47.31 -33.56
N GLN A 1839 24.12 47.16 -34.01
CA GLN A 1839 23.86 46.52 -35.29
C GLN A 1839 24.48 47.31 -36.43
N ASP A 1840 24.35 48.64 -36.40
CA ASP A 1840 24.97 49.46 -37.43
C ASP A 1840 26.48 49.35 -37.39
N LEU A 1841 27.06 49.21 -36.20
CA LEU A 1841 28.50 49.05 -36.08
C LEU A 1841 28.95 47.75 -36.73
N VAL A 1842 28.23 46.67 -36.46
CA VAL A 1842 28.65 45.39 -37.04
C VAL A 1842 28.46 45.42 -38.55
N ASN A 1843 27.42 46.09 -39.04
CA ASN A 1843 27.26 46.21 -40.48
C ASN A 1843 28.42 47.00 -41.09
N SER A 1844 28.88 48.06 -40.42
CA SER A 1844 29.99 48.85 -40.95
C SER A 1844 31.27 48.05 -40.97
N ILE A 1845 31.62 47.43 -39.83
CA ILE A 1845 32.84 46.63 -39.78
C ILE A 1845 32.79 45.47 -40.76
N SER A 1846 31.61 44.89 -41.00
CA SER A 1846 31.49 43.83 -42.00
C SER A 1846 31.70 44.38 -43.40
N ASN A 1847 31.15 45.55 -43.69
CA ASN A 1847 31.34 46.16 -45.01
C ASN A 1847 32.81 46.46 -45.27
N ASN A 1848 33.56 46.82 -44.24
CA ASN A 1848 34.98 47.10 -44.42
C ASN A 1848 35.84 45.84 -44.51
N LEU A 1849 35.24 44.66 -44.66
CA LEU A 1849 35.96 43.40 -44.81
C LEU A 1849 35.82 42.87 -46.23
N VAL A 1850 36.85 42.16 -46.68
CA VAL A 1850 36.92 41.61 -48.03
C VAL A 1850 36.80 40.10 -47.98
N ASP A 1851 35.73 39.58 -48.60
CA ASP A 1851 35.61 38.14 -48.83
C ASP A 1851 36.54 37.72 -49.97
N SER A 1852 37.11 36.53 -49.82
CA SER A 1852 37.99 35.94 -50.82
C SER A 1852 37.32 35.94 -52.20
N ARG A 1853 38.12 35.83 -53.25
CA ARG A 1853 37.67 35.98 -54.64
C ARG A 1853 37.17 37.39 -54.93
N GLY A 1854 37.61 38.37 -54.14
CA GLY A 1854 37.42 39.76 -54.50
C GLY A 1854 36.06 40.36 -54.23
N GLY A 1855 35.46 40.04 -53.08
CA GLY A 1855 34.17 40.64 -52.76
C GLY A 1855 34.22 41.53 -51.55
N SER A 1856 33.29 42.48 -51.44
CA SER A 1856 33.10 43.21 -50.20
C SER A 1856 32.01 42.52 -49.39
N ARG A 1857 32.32 42.18 -48.13
CA ARG A 1857 31.38 41.41 -47.32
C ARG A 1857 30.06 42.14 -47.12
N GLY A 1858 30.08 43.47 -47.20
CA GLY A 1858 28.83 44.22 -47.11
C GLY A 1858 28.19 44.08 -45.74
N LEU A 1859 26.86 43.89 -45.74
CA LEU A 1859 26.15 43.67 -44.50
C LEU A 1859 26.64 42.40 -43.82
N LEU A 1860 26.50 42.35 -42.49
CA LEU A 1860 26.98 41.20 -41.73
C LEU A 1860 26.17 39.98 -42.13
N THR A 1861 26.81 39.05 -42.83
CA THR A 1861 26.18 37.80 -43.22
C THR A 1861 27.01 36.57 -42.89
N ASN A 1862 28.28 36.74 -42.51
CA ASN A 1862 29.12 35.63 -42.11
C ASN A 1862 29.02 35.43 -40.60
N GLU A 1863 28.92 34.17 -40.19
CA GLU A 1863 28.59 33.87 -38.79
C GLU A 1863 29.79 34.03 -37.87
N ASP A 1864 30.99 33.62 -38.33
CA ASP A 1864 32.17 33.66 -37.48
C ASP A 1864 32.56 35.10 -37.15
N VAL A 1865 32.56 35.98 -38.14
CA VAL A 1865 32.92 37.37 -37.91
C VAL A 1865 31.92 38.02 -36.97
N GLY A 1866 30.64 37.66 -37.09
CA GLY A 1866 29.65 38.18 -36.15
C GLY A 1866 29.85 37.71 -34.73
N LYS A 1867 30.23 36.43 -34.57
CA LYS A 1867 30.51 35.91 -33.24
C LYS A 1867 31.68 36.63 -32.61
N LEU A 1868 32.78 36.76 -33.36
CA LEU A 1868 33.91 37.55 -32.88
C LEU A 1868 33.49 38.98 -32.55
N PHE A 1869 32.66 39.57 -33.41
CA PHE A 1869 32.21 40.94 -33.17
C PHE A 1869 31.52 41.07 -31.84
N TYR A 1870 30.50 40.24 -31.58
CA TYR A 1870 29.74 40.41 -30.35
C TYR A 1870 30.57 40.08 -29.13
N LYS A 1871 31.40 39.03 -29.23
CA LYS A 1871 32.25 38.64 -28.11
C LYS A 1871 33.23 39.74 -27.76
N GLU A 1872 33.71 40.50 -28.74
CA GLU A 1872 34.65 41.58 -28.47
C GLU A 1872 33.97 42.91 -28.17
N VAL A 1873 32.74 43.11 -28.66
CA VAL A 1873 32.02 44.33 -28.38
C VAL A 1873 31.58 44.38 -26.95
N TYR A 1874 31.21 43.23 -26.37
CA TYR A 1874 30.93 43.25 -24.94
C TYR A 1874 32.14 43.69 -24.15
N LYS A 1875 33.33 43.20 -24.53
CA LYS A 1875 34.56 43.61 -23.86
C LYS A 1875 34.82 45.10 -24.05
N TYR A 1876 34.61 45.60 -25.27
CA TYR A 1876 34.83 47.02 -25.55
C TYR A 1876 33.91 47.90 -24.72
N ILE A 1877 32.64 47.51 -24.61
CA ILE A 1877 31.70 48.32 -23.84
C ILE A 1877 32.02 48.23 -22.34
N MSE A 1878 32.42 47.05 -21.87
CA MSE A 1878 32.69 46.88 -20.44
C MSE A 1878 34.01 47.49 -20.02
O MSE A 1878 34.23 47.72 -18.82
CB MSE A 1878 32.68 45.38 -20.09
CG MSE A 1878 31.30 44.74 -20.11
SE MSE A 1878 30.04 45.56 -18.85
CE MSE A 1878 29.15 46.79 -20.07
N ALA A 1879 34.88 47.77 -20.99
CA ALA A 1879 36.20 48.30 -20.67
C ALA A 1879 36.14 49.68 -20.04
N ASP A 1880 35.00 50.37 -20.15
CA ASP A 1880 34.82 51.69 -19.54
C ASP A 1880 34.36 51.59 -18.10
N PHE A 1881 34.01 50.40 -17.61
CA PHE A 1881 33.59 50.23 -16.23
C PHE A 1881 34.74 50.60 -15.29
N ALA A 1882 34.43 51.45 -14.31
CA ALA A 1882 35.47 52.06 -13.48
C ALA A 1882 36.42 51.06 -12.83
N PRO A 1883 35.95 49.97 -12.21
CA PRO A 1883 36.90 49.01 -11.63
C PRO A 1883 37.79 48.33 -12.67
N PHE A 1884 37.31 48.15 -13.90
CA PHE A 1884 38.07 47.46 -14.93
C PHE A 1884 39.16 48.31 -15.57
N LYS A 1885 39.16 49.63 -15.32
CA LYS A 1885 40.11 50.54 -15.95
C LYS A 1885 41.43 50.48 -15.18
N VAL A 1886 42.23 49.46 -15.50
CA VAL A 1886 43.54 49.26 -14.89
C VAL A 1886 44.57 49.16 -16.01
N GLY A 1887 45.63 49.97 -15.91
CA GLY A 1887 46.70 49.90 -16.88
C GLY A 1887 47.63 48.72 -16.62
N ASP A 1888 48.33 48.32 -17.69
CA ASP A 1888 49.18 47.13 -17.69
C ASP A 1888 48.41 45.94 -17.16
N PRO A 1889 47.49 45.38 -17.95
CA PRO A 1889 46.65 44.28 -17.43
C PRO A 1889 47.46 43.09 -16.95
N MSE A 1890 48.40 42.60 -17.76
CA MSE A 1890 49.19 41.42 -17.43
C MSE A 1890 49.81 41.50 -16.06
O MSE A 1890 49.70 40.55 -15.28
CB MSE A 1890 50.28 41.20 -18.47
CG MSE A 1890 50.95 39.87 -18.36
SE MSE A 1890 49.68 38.43 -18.70
CE MSE A 1890 50.16 37.25 -17.24
N ALA A 1891 50.45 42.62 -15.75
CA ALA A 1891 51.02 42.82 -14.42
C ALA A 1891 49.96 42.66 -13.34
N TYR A 1892 48.84 43.39 -13.49
CA TYR A 1892 47.79 43.37 -12.47
C TYR A 1892 47.40 41.95 -12.10
N ILE A 1893 46.95 41.16 -13.08
CA ILE A 1893 46.49 39.81 -12.77
C ILE A 1893 47.60 38.99 -12.15
N LYS A 1894 48.85 39.20 -12.60
CA LYS A 1894 49.98 38.53 -11.97
C LYS A 1894 49.98 38.80 -10.47
N ASP A 1895 49.93 40.08 -10.10
CA ASP A 1895 49.83 40.44 -8.69
C ASP A 1895 48.70 39.66 -8.02
N THR A 1896 47.51 39.69 -8.65
CA THR A 1896 46.38 38.93 -8.11
C THR A 1896 46.78 37.49 -7.86
N ILE A 1897 47.33 36.84 -8.90
CA ILE A 1897 47.77 35.45 -8.76
C ILE A 1897 48.63 35.30 -7.53
N PHE A 1898 49.63 36.18 -7.39
CA PHE A 1898 50.50 36.18 -6.22
C PHE A 1898 49.65 36.17 -4.95
N ASP A 1899 48.85 37.22 -4.76
CA ASP A 1899 47.97 37.28 -3.59
C ASP A 1899 47.22 35.97 -3.43
N LEU A 1900 46.62 35.49 -4.51
CA LEU A 1900 45.84 34.25 -4.47
C LEU A 1900 46.62 33.14 -3.78
N VAL A 1901 47.80 32.80 -4.32
CA VAL A 1901 48.50 31.64 -3.80
C VAL A 1901 48.87 31.87 -2.34
N ASN A 1902 49.22 33.11 -2.00
CA ASN A 1902 49.53 33.42 -0.61
C ASN A 1902 48.39 33.01 0.29
N TYR A 1903 47.17 33.48 -0.04
CA TYR A 1903 46.00 33.09 0.74
C TYR A 1903 45.99 31.60 0.99
N LYS A 1904 46.13 30.82 -0.09
CA LYS A 1904 46.09 29.36 0.02
C LYS A 1904 47.04 28.88 1.10
N THR A 1905 48.31 29.27 0.99
CA THR A 1905 49.31 28.83 1.96
C THR A 1905 48.85 29.19 3.37
N GLU A 1906 48.47 30.44 3.59
CA GLU A 1906 48.12 30.86 4.95
C GLU A 1906 46.90 30.11 5.44
N ASP A 1907 45.99 29.74 4.53
CA ASP A 1907 44.78 29.03 4.96
C ASP A 1907 45.13 27.68 5.57
N LYS A 1908 46.26 27.08 5.15
CA LYS A 1908 46.68 25.81 5.73
C LYS A 1908 46.86 25.93 7.24
N GLN A 1909 47.26 27.10 7.74
CA GLN A 1909 47.48 27.25 9.17
C GLN A 1909 46.20 27.47 9.95
N TYR A 1910 45.05 27.61 9.27
CA TYR A 1910 43.78 27.76 9.96
C TYR A 1910 42.89 26.54 9.90
N ASP A 1911 43.16 25.61 8.98
CA ASP A 1911 42.47 24.31 8.91
C ASP A 1911 40.99 24.44 8.57
N SER A 1912 40.51 25.67 8.36
CA SER A 1912 39.15 25.92 7.87
C SER A 1912 39.29 26.68 6.56
N SER A 1913 38.95 26.01 5.46
CA SER A 1913 39.24 26.52 4.13
C SER A 1913 38.06 27.27 3.53
N ASN A 1914 38.37 28.08 2.53
CA ASN A 1914 37.38 28.81 1.75
C ASN A 1914 37.14 28.04 0.45
N PHE A 1915 35.87 27.69 0.19
CA PHE A 1915 35.56 26.80 -0.91
C PHE A 1915 35.91 27.44 -2.25
N PHE A 1916 35.71 28.76 -2.39
CA PHE A 1916 35.97 29.43 -3.64
C PHE A 1916 37.45 29.39 -4.00
N ILE A 1917 38.32 29.66 -3.01
CA ILE A 1917 39.76 29.63 -3.28
C ILE A 1917 40.24 28.21 -3.51
N GLU A 1918 39.61 27.22 -2.88
CA GLU A 1918 40.07 25.85 -3.03
C GLU A 1918 39.88 25.34 -4.46
N ASN A 1919 38.84 25.80 -5.14
CA ASN A 1919 38.56 25.36 -6.50
C ASN A 1919 39.30 26.19 -7.55
N MSE A 1920 40.28 26.99 -7.15
CA MSE A 1920 41.08 27.76 -8.08
C MSE A 1920 42.37 27.04 -8.42
O MSE A 1920 43.10 26.61 -7.53
CB MSE A 1920 41.38 29.15 -7.51
CG MSE A 1920 40.18 30.06 -7.37
SE MSE A 1920 39.50 30.65 -9.09
CE MSE A 1920 37.60 30.50 -8.74
N THR A 1921 42.65 26.90 -9.71
CA THR A 1921 43.87 26.28 -10.20
C THR A 1921 44.69 27.33 -10.93
N VAL A 1922 45.85 27.68 -10.39
CA VAL A 1922 46.69 28.74 -10.94
C VAL A 1922 47.57 28.15 -12.04
N TYR A 1923 47.65 28.86 -13.16
CA TYR A 1923 48.51 28.48 -14.27
C TYR A 1923 49.72 29.41 -14.29
N GLU A 1924 50.48 29.36 -15.39
CA GLU A 1924 51.65 30.23 -15.51
C GLU A 1924 51.24 31.70 -15.55
N ASN A 1925 50.12 32.00 -16.21
CA ASN A 1925 49.70 33.39 -16.42
C ASN A 1925 48.25 33.67 -16.06
N SER A 1926 47.49 32.69 -15.59
CA SER A 1926 46.08 32.91 -15.30
C SER A 1926 45.67 32.07 -14.10
N PHE A 1927 44.37 32.11 -13.79
CA PHE A 1927 43.79 31.31 -12.72
C PHE A 1927 42.30 31.19 -12.99
N GLY A 1928 41.71 30.13 -12.43
CA GLY A 1928 40.28 29.91 -12.61
C GLY A 1928 39.89 28.52 -12.16
N ILE A 1929 38.78 28.03 -12.72
CA ILE A 1929 38.27 26.70 -12.41
C ILE A 1929 38.35 25.84 -13.66
N THR A 1930 38.36 24.52 -13.45
CA THR A 1930 38.28 23.59 -14.55
C THR A 1930 36.90 23.64 -15.20
N ASN A 1931 36.87 23.47 -16.51
CA ASN A 1931 35.63 23.59 -17.29
C ASN A 1931 34.76 22.33 -17.23
N LYS A 1932 35.07 21.38 -16.35
CA LYS A 1932 34.25 20.19 -16.22
C LYS A 1932 32.87 20.56 -15.67
N ASN A 1933 31.89 19.70 -15.95
CA ASN A 1933 30.52 20.01 -15.61
C ASN A 1933 30.33 20.05 -14.10
N LYS A 1934 29.35 20.84 -13.67
CA LYS A 1934 29.16 21.16 -12.26
C LYS A 1934 27.69 21.23 -11.93
N SER A 1935 27.28 20.51 -10.88
CA SER A 1935 25.88 20.52 -10.46
C SER A 1935 25.50 21.89 -9.90
N VAL A 1936 24.20 22.12 -9.79
CA VAL A 1936 23.71 23.41 -9.34
C VAL A 1936 24.13 23.68 -7.89
N ASP A 1937 24.13 22.64 -7.06
CA ASP A 1937 24.59 22.81 -5.68
C ASP A 1937 26.05 23.24 -5.63
N PHE A 1938 26.86 22.70 -6.54
CA PHE A 1938 28.29 23.02 -6.53
C PHE A 1938 28.52 24.47 -6.97
N GLN A 1939 27.78 24.93 -7.98
CA GLN A 1939 27.86 26.33 -8.38
C GLN A 1939 27.36 27.25 -7.27
N ASP A 1940 26.27 26.88 -6.61
CA ASP A 1940 25.73 27.71 -5.54
C ASP A 1940 26.70 27.81 -4.38
N ARG A 1941 27.35 26.70 -4.03
CA ARG A 1941 28.32 26.74 -2.94
C ARG A 1941 29.56 27.54 -3.34
N LEU A 1942 29.97 27.45 -4.61
CA LEU A 1942 31.05 28.30 -5.08
C LEU A 1942 30.70 29.78 -4.98
N TYR A 1943 29.47 30.13 -5.38
CA TYR A 1943 29.05 31.54 -5.29
C TYR A 1943 28.98 32.01 -3.86
N ARG A 1944 28.43 31.18 -2.96
CA ARG A 1944 28.36 31.56 -1.56
C ARG A 1944 29.75 31.73 -0.97
N SER A 1945 30.69 30.88 -1.35
CA SER A 1945 32.06 31.01 -0.85
C SER A 1945 32.72 32.26 -1.40
N ALA A 1946 32.44 32.61 -2.66
CA ALA A 1946 32.97 33.85 -3.21
C ALA A 1946 32.40 35.06 -2.49
N TYR A 1947 31.12 35.01 -2.13
CA TYR A 1947 30.52 36.11 -1.38
C TYR A 1947 31.14 36.20 0.02
N ASP A 1948 31.42 35.06 0.65
CA ASP A 1948 32.09 35.09 1.95
C ASP A 1948 33.48 35.70 1.84
N LEU A 1949 34.17 35.47 0.71
CA LEU A 1949 35.48 36.08 0.52
C LEU A 1949 35.35 37.57 0.28
N MSE A 1950 34.23 38.01 -0.29
CA MSE A 1950 33.99 39.41 -0.57
C MSE A 1950 33.88 40.22 0.72
O MSE A 1950 34.08 41.44 0.73
CB MSE A 1950 32.71 39.56 -1.41
CG MSE A 1950 32.75 40.65 -2.44
SE MSE A 1950 30.98 40.97 -3.17
CE MSE A 1950 30.13 41.73 -1.58
N MSE A 1951 33.55 39.53 1.81
CA MSE A 1951 33.42 40.16 3.12
C MSE A 1951 34.69 39.99 3.95
O MSE A 1951 35.13 40.91 4.63
CB MSE A 1951 32.23 39.58 3.88
CG MSE A 1951 30.94 39.51 3.07
SE MSE A 1951 30.41 41.20 2.27
CE MSE A 1951 30.42 42.31 3.88
N GLU A 1952 35.29 38.80 3.87
CA GLU A 1952 36.49 38.51 4.66
C GLU A 1952 37.69 39.30 4.15
N ASN A 1953 38.09 39.05 2.89
CA ASN A 1953 39.22 39.73 2.26
C ASN A 1953 38.68 40.44 1.03
N PRO A 1954 38.08 41.63 1.20
CA PRO A 1954 37.43 42.29 0.06
C PRO A 1954 38.40 42.71 -1.03
N GLU A 1955 39.63 43.11 -0.69
CA GLU A 1955 40.56 43.55 -1.73
C GLU A 1955 40.98 42.39 -2.62
N LEU A 1956 41.21 41.21 -2.03
CA LEU A 1956 41.58 40.04 -2.83
C LEU A 1956 40.43 39.62 -3.75
N ALA A 1957 39.20 39.65 -3.24
CA ALA A 1957 38.05 39.32 -4.08
C ALA A 1957 37.90 40.32 -5.22
N ASN A 1958 38.07 41.61 -4.92
CA ASN A 1958 38.02 42.63 -5.96
C ASN A 1958 39.09 42.38 -7.01
N LYS A 1959 40.32 42.10 -6.58
CA LYS A 1959 41.41 41.83 -7.52
C LYS A 1959 41.09 40.62 -8.39
N MSE A 1960 40.57 39.56 -7.79
CA MSE A 1960 40.23 38.35 -8.52
C MSE A 1960 39.14 38.61 -9.54
O MSE A 1960 39.19 38.10 -10.65
CB MSE A 1960 39.78 37.24 -7.56
CG MSE A 1960 40.92 36.66 -6.73
SE MSE A 1960 40.32 35.20 -5.57
CE MSE A 1960 40.07 33.82 -6.93
N PHE A 1961 38.15 39.44 -9.19
CA PHE A 1961 37.07 39.73 -10.13
C PHE A 1961 37.59 40.57 -11.31
N ILE A 1962 38.37 41.62 -11.01
CA ILE A 1962 38.96 42.41 -12.08
C ILE A 1962 39.81 41.53 -12.99
N SER A 1963 40.59 40.62 -12.40
CA SER A 1963 41.38 39.69 -13.21
C SER A 1963 40.48 38.79 -14.03
N SER A 1964 39.34 38.38 -13.48
CA SER A 1964 38.39 37.57 -14.22
C SER A 1964 37.89 38.29 -15.46
N PHE A 1965 37.72 39.61 -15.37
CA PHE A 1965 37.36 40.35 -16.58
C PHE A 1965 38.55 40.56 -17.50
N LEU A 1966 39.72 40.90 -16.94
CA LEU A 1966 40.88 41.20 -17.78
C LEU A 1966 41.37 39.97 -18.53
N MSE A 1967 41.33 38.80 -17.89
CA MSE A 1967 41.86 37.58 -18.52
C MSE A 1967 40.98 37.09 -19.67
O MSE A 1967 41.50 36.63 -20.69
CB MSE A 1967 41.98 36.47 -17.48
CG MSE A 1967 43.06 36.69 -16.44
SE MSE A 1967 43.15 35.24 -15.15
CE MSE A 1967 41.25 35.11 -14.72
N ASN A 1968 39.66 37.19 -19.52
CA ASN A 1968 38.75 36.61 -20.49
C ASN A 1968 37.73 37.58 -21.08
N GLY A 1969 37.44 38.70 -20.43
CA GLY A 1969 36.43 39.60 -20.95
C GLY A 1969 35.04 39.02 -20.93
N PHE A 1970 34.72 38.21 -19.92
CA PHE A 1970 33.43 37.55 -19.74
C PHE A 1970 33.11 36.58 -20.86
N GLU A 1971 34.07 36.29 -21.74
CA GLU A 1971 33.90 35.27 -22.76
C GLU A 1971 33.93 33.88 -22.12
N ASN A 1972 33.21 32.95 -22.75
CA ASN A 1972 33.05 31.60 -22.20
C ASN A 1972 34.32 30.78 -22.46
N LYS A 1973 35.38 31.16 -21.73
CA LYS A 1973 36.66 30.48 -21.87
C LYS A 1973 36.67 29.19 -21.06
N LEU A 1974 37.81 28.51 -21.02
CA LEU A 1974 37.95 27.22 -20.36
C LEU A 1974 38.23 27.34 -18.87
N ILE A 1975 38.52 28.54 -18.36
CA ILE A 1975 38.76 28.74 -16.94
C ILE A 1975 37.91 29.89 -16.43
N ASP A 1976 36.74 30.07 -17.04
CA ASP A 1976 35.88 31.19 -16.70
C ASP A 1976 35.28 31.01 -15.31
N ILE A 1977 35.21 32.12 -14.56
CA ILE A 1977 34.62 32.12 -13.23
C ILE A 1977 33.61 33.25 -13.12
N LYS A 1978 33.11 33.70 -14.27
CA LYS A 1978 32.22 34.87 -14.28
C LYS A 1978 30.87 34.58 -13.63
N GLU A 1979 30.38 33.35 -13.73
CA GLU A 1979 29.08 33.01 -13.17
C GLU A 1979 29.12 32.83 -11.66
N TYR A 1980 30.28 33.00 -11.01
CA TYR A 1980 30.39 32.91 -9.57
C TYR A 1980 30.81 34.23 -8.94
N ILE A 1981 30.98 35.29 -9.72
CA ILE A 1981 31.24 36.61 -9.18
C ILE A 1981 29.93 37.13 -8.61
N PRO A 1982 29.87 37.38 -7.29
CA PRO A 1982 28.58 37.77 -6.70
C PRO A 1982 28.04 39.06 -7.30
N TYR A 1983 26.73 39.06 -7.55
CA TYR A 1983 26.08 40.26 -8.09
C TYR A 1983 26.23 41.45 -7.15
N GLN A 1984 26.35 41.19 -5.85
CA GLN A 1984 26.62 42.26 -4.89
C GLN A 1984 27.82 43.10 -5.31
N TRP A 1985 28.80 42.49 -6.00
CA TRP A 1985 29.99 43.23 -6.37
C TRP A 1985 29.71 44.18 -7.54
N PHE A 1986 28.93 43.74 -8.52
CA PHE A 1986 28.56 44.63 -9.62
C PHE A 1986 27.64 45.74 -9.14
N LEU A 1987 26.65 45.40 -8.32
CA LEU A 1987 25.74 46.42 -7.78
C LEU A 1987 26.49 47.41 -6.89
N GLU A 1988 27.42 46.90 -6.08
CA GLU A 1988 28.16 47.75 -5.16
C GLU A 1988 29.07 48.72 -5.90
N ASN A 1989 29.66 48.27 -7.01
CA ASN A 1989 30.48 49.14 -7.86
C ASN A 1989 29.64 49.93 -8.85
N ASP A 1990 28.31 49.90 -8.70
CA ASP A 1990 27.38 50.71 -9.49
C ASP A 1990 27.46 50.35 -10.97
N ILE A 1991 27.03 49.12 -11.25
CA ILE A 1991 26.92 48.69 -12.64
C ILE A 1991 25.62 49.19 -13.25
N ARG A 1992 24.61 49.44 -12.42
CA ARG A 1992 23.32 49.93 -12.92
C ARG A 1992 23.47 51.31 -13.55
N SER A 1993 24.07 52.25 -12.81
CA SER A 1993 24.28 53.59 -13.36
C SER A 1993 25.19 53.55 -14.58
N PHE A 1994 26.20 52.67 -14.56
CA PHE A 1994 27.11 52.56 -15.70
C PHE A 1994 26.36 52.13 -16.95
N ILE A 1995 25.58 51.06 -16.86
CA ILE A 1995 24.86 50.55 -18.02
C ILE A 1995 23.82 51.56 -18.48
N GLU A 1996 23.15 52.24 -17.54
CA GLU A 1996 22.12 53.18 -17.93
C GLU A 1996 22.71 54.41 -18.61
N SER A 1997 23.85 54.89 -18.12
CA SER A 1997 24.53 56.00 -18.77
C SER A 1997 25.07 55.58 -20.13
N LYS A 1998 25.53 54.34 -20.27
CA LYS A 1998 25.95 53.86 -21.58
C LYS A 1998 24.78 53.83 -22.55
N ASN A 1999 23.63 53.34 -22.10
CA ASN A 1999 22.43 53.32 -22.94
C ASN A 1999 22.05 54.73 -23.38
N THR A 2000 21.97 55.66 -22.43
CA THR A 2000 21.54 57.02 -22.78
C THR A 2000 22.59 57.79 -23.56
N GLY A 2001 23.86 57.37 -23.49
CA GLY A 2001 24.90 57.99 -24.28
C GLY A 2001 24.91 57.50 -25.71
N LEU A 2002 24.62 56.22 -25.91
CA LEU A 2002 24.52 55.70 -27.27
C LEU A 2002 23.17 56.01 -27.91
N LYS A 2003 22.18 56.40 -27.11
CA LYS A 2003 20.85 56.67 -27.65
C LYS A 2003 20.87 57.82 -28.64
N ASP A 2004 21.70 58.83 -28.40
CA ASP A 2004 21.70 60.02 -29.23
C ASP A 2004 22.83 60.07 -30.25
N SER A 2005 24.02 59.57 -29.90
CA SER A 2005 25.16 59.64 -30.80
C SER A 2005 25.99 58.37 -30.68
N SER A 2006 26.30 57.77 -31.83
CA SER A 2006 27.15 56.59 -31.89
C SER A 2006 28.62 56.93 -32.09
N GLU A 2007 29.02 58.17 -31.80
CA GLU A 2007 30.42 58.56 -31.98
C GLU A 2007 31.34 57.79 -31.07
N SER A 2008 30.88 57.47 -29.86
CA SER A 2008 31.75 56.81 -28.88
C SER A 2008 32.25 55.46 -29.38
N LEU A 2009 31.47 54.79 -30.22
CA LEU A 2009 31.87 53.49 -30.76
C LEU A 2009 32.87 53.60 -31.90
N ARG A 2010 33.09 54.81 -32.43
CA ARG A 2010 33.90 54.97 -33.64
C ARG A 2010 35.28 54.35 -33.49
N SER A 2011 35.92 54.54 -32.34
CA SER A 2011 37.29 54.07 -32.13
C SER A 2011 37.38 52.58 -31.86
N PHE A 2012 36.26 51.84 -31.88
CA PHE A 2012 36.33 50.42 -31.59
C PHE A 2012 36.94 49.64 -32.75
N GLU A 2013 36.53 49.96 -33.98
CA GLU A 2013 36.80 49.11 -35.15
C GLU A 2013 38.25 48.64 -35.18
N GLU A 2014 39.19 49.57 -35.30
CA GLU A 2014 40.60 49.18 -35.44
C GLU A 2014 41.04 48.29 -34.29
N GLN A 2015 40.68 48.65 -33.06
CA GLN A 2015 41.07 47.84 -31.91
C GLN A 2015 40.60 46.41 -32.08
N PHE A 2016 39.35 46.24 -32.51
CA PHE A 2016 38.83 44.93 -32.88
C PHE A 2016 39.82 44.20 -33.78
N ILE A 2017 40.09 44.78 -34.96
CA ILE A 2017 40.98 44.12 -35.91
C ILE A 2017 42.37 43.97 -35.33
N LYS A 2018 42.77 44.87 -34.43
CA LYS A 2018 44.11 44.81 -33.88
C LYS A 2018 44.21 43.79 -32.75
N ASN A 2019 43.10 43.31 -32.21
CA ASN A 2019 43.14 42.33 -31.14
C ASN A 2019 43.05 40.91 -31.67
N ASN A 2020 42.11 40.66 -32.57
CA ASN A 2020 41.95 39.36 -33.22
C ASN A 2020 42.56 39.37 -34.62
N SER A 2021 43.78 39.89 -34.74
CA SER A 2021 44.45 40.00 -36.04
C SER A 2021 44.82 38.63 -36.62
N ASP A 2022 44.64 37.55 -35.87
CA ASP A 2022 44.90 36.22 -36.41
C ASP A 2022 43.81 35.78 -37.38
N SER A 2023 42.63 36.38 -37.31
CA SER A 2023 41.53 36.01 -38.19
C SER A 2023 41.91 36.28 -39.65
N ASN A 2024 41.72 35.27 -40.50
CA ASN A 2024 42.02 35.41 -41.91
C ASN A 2024 40.97 36.20 -42.67
N ILE A 2025 39.87 36.57 -42.03
CA ILE A 2025 38.86 37.41 -42.65
C ILE A 2025 38.91 38.85 -42.13
N LEU A 2026 39.32 39.05 -40.87
CA LEU A 2026 39.54 40.40 -40.38
C LEU A 2026 40.81 41.01 -41.00
N ALA A 2027 41.87 40.22 -41.07
CA ALA A 2027 43.13 40.64 -41.70
C ALA A 2027 43.54 39.53 -42.67
N PRO A 2028 43.16 39.65 -43.93
CA PRO A 2028 43.49 38.60 -44.91
C PRO A 2028 45.00 38.43 -45.04
N LYS A 2029 45.44 37.18 -45.10
CA LYS A 2029 46.86 36.86 -45.24
C LYS A 2029 47.24 36.92 -46.72
N VAL A 2030 48.10 37.87 -47.06
CA VAL A 2030 48.54 38.06 -48.44
C VAL A 2030 49.88 37.36 -48.61
N SER A 2031 50.02 36.59 -49.69
CA SER A 2031 51.26 35.88 -49.97
C SER A 2031 52.40 36.85 -50.18
N GLN A 2032 53.54 36.56 -49.56
CA GLN A 2032 54.72 37.40 -49.72
C GLN A 2032 55.27 37.35 -51.14
N SER A 2033 54.89 36.34 -51.93
CA SER A 2033 55.38 36.22 -53.29
C SER A 2033 54.89 37.37 -54.16
N VAL A 2034 53.62 37.77 -54.00
CA VAL A 2034 53.05 38.83 -54.82
C VAL A 2034 53.38 40.21 -54.28
N ILE A 2035 54.11 40.29 -53.16
CA ILE A 2035 54.46 41.56 -52.56
C ILE A 2035 55.62 42.17 -53.34
N LYS A 2036 55.59 43.50 -53.51
CA LYS A 2036 56.64 44.22 -54.21
C LYS A 2036 57.30 45.19 -53.26
N SER A 2037 58.63 45.11 -53.14
CA SER A 2037 59.36 46.00 -52.26
C SER A 2037 59.36 47.41 -52.84
N ILE A 2038 59.66 48.38 -51.97
CA ILE A 2038 59.68 49.79 -52.34
C ILE A 2038 61.04 50.36 -51.95
N LYS A 2039 61.45 51.41 -52.67
CA LYS A 2039 62.76 52.01 -52.46
C LYS A 2039 62.89 52.57 -51.04
N GLY A 2040 64.12 52.55 -50.53
CA GLY A 2040 64.46 53.23 -49.30
C GLY A 2040 64.24 52.43 -48.02
N ILE A 2041 63.21 51.58 -47.99
CA ILE A 2041 62.86 50.85 -46.79
C ILE A 2041 62.71 49.37 -47.13
N LYS A 2042 62.91 48.52 -46.12
CA LYS A 2042 62.83 47.09 -46.32
C LYS A 2042 61.39 46.66 -46.61
N SER A 2043 61.25 45.44 -47.16
CA SER A 2043 59.93 44.94 -47.51
C SER A 2043 59.07 44.68 -46.28
N LYS A 2044 59.71 44.27 -45.18
CA LYS A 2044 58.94 43.90 -43.99
C LYS A 2044 58.23 45.10 -43.38
N HIS A 2045 58.88 46.26 -43.36
CA HIS A 2045 58.30 47.42 -42.69
C HIS A 2045 57.18 48.05 -43.52
N VAL A 2046 57.46 48.39 -44.77
CA VAL A 2046 56.47 48.95 -45.68
C VAL A 2046 56.59 48.23 -47.01
N PHE A 2047 55.45 47.84 -47.59
CA PHE A 2047 55.45 47.24 -48.90
C PHE A 2047 54.30 47.83 -49.72
N GLU A 2048 54.16 47.34 -50.95
CA GLU A 2048 53.08 47.77 -51.82
C GLU A 2048 52.45 46.55 -52.48
N LEU A 2049 51.12 46.48 -52.42
CA LEU A 2049 50.34 45.43 -53.05
C LEU A 2049 49.77 46.00 -54.34
N PRO A 2050 50.23 45.55 -55.50
CA PRO A 2050 49.67 46.04 -56.76
C PRO A 2050 48.43 45.25 -57.16
N ILE A 2051 47.52 45.95 -57.83
CA ILE A 2051 46.33 45.29 -58.34
C ILE A 2051 46.72 44.42 -59.53
N ASN A 2052 46.35 43.14 -59.47
CA ASN A 2052 46.85 42.13 -60.38
C ASN A 2052 45.82 41.01 -60.48
N ASP A 2053 46.03 40.12 -61.44
CA ASP A 2053 45.25 38.88 -61.50
C ASP A 2053 45.35 38.11 -60.18
N LYS A 2054 46.53 38.13 -59.56
CA LYS A 2054 46.75 37.42 -58.31
C LYS A 2054 46.23 38.18 -57.10
N THR A 2055 45.94 39.47 -57.24
CA THR A 2055 45.46 40.29 -56.14
C THR A 2055 44.02 40.76 -56.30
N LYS A 2056 43.35 40.39 -57.40
CA LYS A 2056 41.93 40.67 -57.55
C LYS A 2056 41.12 40.22 -56.35
N ARG A 2057 41.67 39.30 -55.55
CA ARG A 2057 40.99 38.77 -54.37
C ARG A 2057 40.75 39.84 -53.32
N TYR A 2058 41.45 40.98 -53.39
CA TYR A 2058 41.44 41.93 -52.30
C TYR A 2058 40.69 43.22 -52.60
N ILE A 2059 40.40 43.52 -53.86
CA ILE A 2059 39.65 44.73 -54.17
C ILE A 2059 38.23 44.59 -53.64
N LEU A 2060 37.84 45.52 -52.76
CA LEU A 2060 36.50 45.47 -52.19
C LEU A 2060 35.44 45.89 -53.21
N GLY A 2061 35.74 46.91 -54.01
CA GLY A 2061 34.82 47.39 -55.01
C GLY A 2061 35.33 48.62 -55.73
N ALA A 2062 34.41 49.42 -56.27
CA ALA A 2062 34.76 50.63 -57.00
C ALA A 2062 34.22 51.86 -56.26
N THR A 2063 34.97 52.94 -56.30
CA THR A 2063 34.57 54.19 -55.67
C THR A 2063 33.61 54.94 -56.59
N GLU A 2064 33.27 56.17 -56.20
CA GLU A 2064 32.40 56.98 -57.05
C GLU A 2064 33.05 57.28 -58.39
N THR A 2065 34.37 57.50 -58.40
CA THR A 2065 35.12 57.78 -59.62
C THR A 2065 35.71 56.54 -60.26
N LYS A 2066 35.09 55.38 -60.05
CA LYS A 2066 35.51 54.12 -60.65
C LYS A 2066 36.92 53.70 -60.24
N GLU A 2067 37.43 54.24 -59.13
CA GLU A 2067 38.73 53.82 -58.63
C GLU A 2067 38.58 52.58 -57.76
N GLU A 2068 39.59 51.72 -57.77
CA GLU A 2068 39.57 50.48 -57.02
C GLU A 2068 40.09 50.70 -55.60
N VAL A 2069 39.51 49.97 -54.65
CA VAL A 2069 39.78 50.14 -53.24
C VAL A 2069 40.20 48.80 -52.63
N LEU A 2070 41.19 48.85 -51.76
CA LEU A 2070 41.82 47.67 -51.17
C LEU A 2070 41.51 47.59 -49.67
N PRO A 2071 41.73 46.44 -49.04
CA PRO A 2071 41.33 46.28 -47.63
C PRO A 2071 42.19 47.11 -46.69
N ASN A 2072 41.56 47.54 -45.60
CA ASN A 2072 42.24 48.40 -44.63
C ASN A 2072 43.35 47.67 -43.90
N TYR A 2073 43.08 46.46 -43.42
CA TYR A 2073 44.02 45.70 -42.63
C TYR A 2073 44.38 44.40 -43.33
N VAL A 2074 45.68 44.12 -43.40
CA VAL A 2074 46.20 42.92 -44.06
C VAL A 2074 47.41 42.44 -43.27
N LYS A 2075 47.48 41.13 -43.02
CA LYS A 2075 48.64 40.56 -42.36
C LYS A 2075 49.45 39.74 -43.36
N VAL A 2076 50.77 39.85 -43.24
CA VAL A 2076 51.70 39.02 -44.01
C VAL A 2076 52.59 38.28 -43.02
N GLY A 2077 52.70 36.98 -43.18
CA GLY A 2077 53.44 36.16 -42.24
C GLY A 2077 52.89 36.28 -40.83
N SER A 2078 53.59 37.01 -39.97
CA SER A 2078 53.16 37.25 -38.60
C SER A 2078 53.18 38.74 -38.28
N ASP A 2079 53.04 39.60 -39.30
CA ASP A 2079 53.06 41.04 -39.12
C ASP A 2079 51.79 41.65 -39.70
N LEU A 2080 51.24 42.63 -38.99
CA LEU A 2080 50.00 43.28 -39.38
C LEU A 2080 50.30 44.62 -40.04
N TYR A 2081 49.46 44.99 -41.00
CA TYR A 2081 49.66 46.18 -41.80
C TYR A 2081 48.33 46.88 -42.00
N ARG A 2082 48.37 48.21 -42.03
CA ARG A 2082 47.20 49.03 -42.31
C ARG A 2082 47.49 49.81 -43.59
N LEU A 2083 46.49 49.89 -44.46
CA LEU A 2083 46.67 50.58 -45.72
C LEU A 2083 46.85 52.07 -45.46
N LYS A 2084 47.85 52.68 -46.10
CA LYS A 2084 48.11 54.10 -45.93
C LYS A 2084 47.82 54.94 -47.15
N ALA A 2085 48.11 54.46 -48.36
CA ALA A 2085 47.94 55.28 -49.54
C ALA A 2085 47.82 54.39 -50.77
N TYR A 2086 47.47 55.02 -51.89
CA TYR A 2086 47.40 54.36 -53.19
C TYR A 2086 48.32 55.06 -54.17
N ARG A 2087 49.14 54.29 -54.89
CA ARG A 2087 49.88 54.81 -56.03
C ARG A 2087 49.40 54.08 -57.28
N GLU A 2088 48.81 54.81 -58.22
CA GLU A 2088 48.29 54.25 -59.45
C GLU A 2088 47.34 53.09 -59.15
N LYS A 2089 47.68 51.90 -59.60
CA LYS A 2089 46.92 50.69 -59.33
C LYS A 2089 47.56 49.84 -58.23
N SER A 2090 48.17 50.48 -57.23
CA SER A 2090 48.79 49.77 -56.13
C SER A 2090 48.51 50.50 -54.83
N GLY A 2091 48.44 49.74 -53.74
CA GLY A 2091 48.23 50.30 -52.41
C GLY A 2091 49.40 49.97 -51.51
N VAL A 2092 49.81 50.94 -50.70
CA VAL A 2092 50.97 50.77 -49.84
C VAL A 2092 50.50 50.40 -48.43
N TYR A 2093 51.23 49.48 -47.80
CA TYR A 2093 50.91 48.99 -46.47
C TYR A 2093 52.11 49.20 -45.55
N VAL A 2094 51.83 49.69 -44.35
CA VAL A 2094 52.82 49.95 -43.32
C VAL A 2094 52.50 49.10 -42.09
N ARG A 2095 53.55 48.61 -41.42
CA ARG A 2095 53.34 47.80 -40.23
C ARG A 2095 52.68 48.61 -39.11
N THR A 2096 51.82 47.94 -38.35
CA THR A 2096 51.11 48.55 -37.25
C THR A 2096 51.18 47.62 -36.04
N ASN A 2097 50.65 48.10 -34.91
CA ASN A 2097 50.76 47.38 -33.65
C ASN A 2097 49.61 46.40 -33.49
N LYS A 2098 49.91 45.25 -32.91
CA LYS A 2098 48.88 44.30 -32.49
C LYS A 2098 48.52 44.55 -31.03
N LEU A 2099 47.28 44.22 -30.70
CA LEU A 2099 46.79 44.36 -29.33
C LEU A 2099 46.44 42.98 -28.78
N GLY A 2100 46.45 42.88 -27.45
CA GLY A 2100 46.11 41.64 -26.78
C GLY A 2100 47.31 40.74 -26.55
N PHE A 2101 47.07 39.70 -25.76
CA PHE A 2101 48.09 38.74 -25.37
C PHE A 2101 47.52 37.34 -25.51
N GLU A 2102 48.31 36.41 -26.05
CA GLU A 2102 47.88 35.04 -26.26
C GLU A 2102 48.87 34.10 -25.60
N ASP A 2103 48.40 33.33 -24.62
CA ASP A 2103 49.19 32.28 -23.98
C ASP A 2103 48.36 31.01 -23.90
N PRO A 2104 48.55 30.07 -24.83
CA PRO A 2104 47.79 28.81 -24.76
C PRO A 2104 48.18 27.94 -23.58
N LYS A 2105 49.41 28.09 -23.06
CA LYS A 2105 49.82 27.30 -21.90
C LYS A 2105 48.95 27.58 -20.69
N SER A 2106 48.33 28.76 -20.63
CA SER A 2106 47.51 29.16 -19.50
C SER A 2106 46.08 29.49 -19.91
N PHE A 2107 45.68 29.14 -21.14
CA PHE A 2107 44.33 29.41 -21.65
C PHE A 2107 44.00 30.91 -21.54
N LEU A 2108 44.96 31.75 -21.90
CA LEU A 2108 44.85 33.19 -21.69
C LEU A 2108 44.73 33.90 -23.04
N SER A 2109 43.67 34.68 -23.21
CA SER A 2109 43.43 35.50 -24.40
C SER A 2109 43.05 36.91 -23.94
N ILE A 2110 44.06 37.69 -23.54
CA ILE A 2110 43.81 39.05 -23.09
C ILE A 2110 43.51 39.94 -24.28
N LYS A 2111 42.46 40.74 -24.17
CA LYS A 2111 42.12 41.74 -25.15
C LYS A 2111 42.25 43.13 -24.53
N GLU A 2112 42.82 44.06 -25.28
CA GLU A 2112 43.05 45.42 -24.83
C GLU A 2112 42.10 46.36 -25.57
N TYR A 2113 41.19 46.99 -24.83
CA TYR A 2113 40.23 47.92 -25.40
C TYR A 2113 40.15 49.17 -24.55
N LYS A 2114 39.87 50.30 -25.21
CA LYS A 2114 39.56 51.55 -24.54
C LYS A 2114 38.31 52.15 -25.18
N PHE A 2115 37.45 52.71 -24.35
CA PHE A 2115 36.13 53.17 -24.79
C PHE A 2115 36.21 54.65 -25.16
N GLY A 2116 35.93 54.96 -26.42
CA GLY A 2116 35.86 56.33 -26.89
C GLY A 2116 37.17 56.91 -27.37
N THR A 2117 38.30 56.29 -27.04
CA THR A 2117 39.61 56.76 -27.48
C THR A 2117 40.44 55.56 -27.92
N ARG A 2118 41.51 55.86 -28.66
CA ARG A 2118 42.48 54.86 -29.11
C ARG A 2118 43.44 54.47 -27.99
N THR A 2119 44.00 53.27 -28.11
CA THR A 2119 44.86 52.70 -27.09
C THR A 2119 46.12 52.12 -27.70
N GLY A 2120 47.17 52.06 -26.89
CA GLY A 2120 48.44 51.45 -27.28
C GLY A 2120 48.69 50.19 -26.48
N GLY A 2121 49.09 49.14 -27.19
CA GLY A 2121 49.30 47.85 -26.55
C GLY A 2121 50.48 47.89 -25.58
N ASN A 2122 50.30 47.25 -24.44
CA ASN A 2122 51.36 47.09 -23.44
C ASN A 2122 52.20 45.84 -23.64
N PHE A 2123 52.05 45.15 -24.78
CA PHE A 2123 52.75 43.88 -24.98
C PHE A 2123 53.65 43.86 -26.22
N THR A 2124 53.73 44.95 -26.97
CA THR A 2124 54.62 45.00 -28.12
C THR A 2124 56.07 45.18 -27.66
N GLY A 2125 56.96 44.36 -28.21
CA GLY A 2125 58.35 44.35 -27.77
C GLY A 2125 59.04 45.68 -28.01
N GLU A 2126 60.20 45.83 -27.37
CA GLU A 2126 60.94 47.09 -27.44
C GLU A 2126 61.54 47.30 -28.82
N LEU A 2127 62.25 46.29 -29.34
CA LEU A 2127 62.78 46.39 -30.69
C LEU A 2127 61.66 46.55 -31.71
N THR A 2128 60.51 45.95 -31.46
CA THR A 2128 59.36 46.13 -32.36
C THR A 2128 58.85 47.57 -32.32
N LYS A 2129 58.83 48.18 -31.13
CA LYS A 2129 58.43 49.58 -31.03
C LYS A 2129 59.43 50.49 -31.73
N GLN A 2130 60.73 50.20 -31.60
CA GLN A 2130 61.73 50.98 -32.32
C GLN A 2130 61.57 50.84 -33.83
N GLU A 2131 61.35 49.62 -34.31
CA GLU A 2131 61.13 49.40 -35.74
C GLU A 2131 59.88 50.15 -36.22
N LEU A 2132 58.82 50.15 -35.41
CA LEU A 2132 57.59 50.80 -35.81
C LEU A 2132 57.76 52.32 -35.85
N VAL A 2133 58.46 52.90 -34.87
CA VAL A 2133 58.64 54.35 -34.88
C VAL A 2133 59.58 54.76 -36.01
N TYR A 2134 60.57 53.93 -36.34
CA TYR A 2134 61.42 54.22 -37.49
C TYR A 2134 60.62 54.13 -38.78
N THR A 2135 59.75 53.14 -38.89
CA THR A 2135 58.88 53.03 -40.05
C THR A 2135 57.97 54.25 -40.17
N ASN A 2136 57.49 54.77 -39.03
CA ASN A 2136 56.65 55.96 -39.06
C ASN A 2136 57.44 57.18 -39.51
N GLN A 2137 58.67 57.34 -38.99
CA GLN A 2137 59.56 58.38 -39.48
C GLN A 2137 59.69 58.32 -40.99
N TRP A 2138 60.04 57.14 -41.52
CA TRP A 2138 60.28 57.00 -42.95
C TRP A 2138 59.02 57.26 -43.77
N VAL A 2139 57.87 56.76 -43.31
CA VAL A 2139 56.66 56.93 -44.10
C VAL A 2139 56.17 58.37 -44.08
N ASN A 2140 56.33 59.05 -42.94
CA ASN A 2140 55.98 60.47 -42.92
C ASN A 2140 56.95 61.29 -43.74
N GLU A 2141 58.18 60.81 -43.90
CA GLU A 2141 59.18 61.58 -44.63
C GLU A 2141 58.89 61.59 -46.14
N ASN A 2142 58.52 60.43 -46.71
CA ASN A 2142 58.36 60.32 -48.17
C ASN A 2142 57.20 59.37 -48.49
N ILE A 2143 55.98 59.87 -48.36
CA ILE A 2143 54.79 59.18 -48.84
C ILE A 2143 53.82 60.24 -49.34
N THR A 2144 54.24 61.50 -49.29
CA THR A 2144 53.38 62.63 -49.60
C THR A 2144 52.94 62.58 -51.06
N LEU A 2145 51.98 63.45 -51.40
CA LEU A 2145 51.48 63.53 -52.77
C LEU A 2145 52.58 63.92 -53.74
N ALA A 2146 53.61 64.63 -53.26
CA ALA A 2146 54.73 64.96 -54.12
C ALA A 2146 55.39 63.72 -54.69
N ASN A 2147 55.38 62.61 -53.94
CA ASN A 2147 55.88 61.34 -54.43
C ASN A 2147 54.83 60.53 -55.18
N GLY A 2148 53.57 60.99 -55.20
CA GLY A 2148 52.54 60.32 -55.97
C GLY A 2148 51.71 59.30 -55.24
N TYR A 2149 51.47 59.49 -53.94
CA TYR A 2149 50.68 58.57 -53.13
C TYR A 2149 49.43 59.28 -52.64
N ILE A 2150 48.28 58.91 -53.18
CA ILE A 2150 47.01 59.45 -52.72
C ILE A 2150 46.65 58.78 -51.41
N SER A 2151 46.35 59.58 -50.38
CA SER A 2151 46.04 59.04 -49.07
C SER A 2151 44.83 58.11 -49.12
N ALA A 2152 44.89 57.05 -48.32
CA ALA A 2152 43.85 56.02 -48.33
C ALA A 2152 42.48 56.54 -47.91
N ASP A 2153 42.44 57.67 -47.19
CA ASP A 2153 41.17 58.16 -46.67
C ASP A 2153 40.21 58.58 -47.77
N SER A 2154 40.70 58.81 -48.98
CA SER A 2154 39.83 59.22 -50.07
C SER A 2154 39.05 58.04 -50.64
N ARG A 2155 39.71 56.90 -50.86
CA ARG A 2155 39.09 55.74 -51.48
C ARG A 2155 38.11 55.09 -50.50
N THR A 2156 36.82 55.15 -50.82
CA THR A 2156 35.78 54.42 -50.09
C THR A 2156 34.88 53.74 -51.10
N VAL A 2157 34.41 52.54 -50.75
CA VAL A 2157 33.55 51.79 -51.65
C VAL A 2157 32.26 52.56 -51.89
N ASP A 2158 31.82 52.59 -53.15
CA ASP A 2158 30.54 53.17 -53.51
C ASP A 2158 29.49 52.06 -53.41
N ASN A 2159 28.62 52.17 -52.42
CA ASN A 2159 27.60 51.15 -52.18
C ASN A 2159 26.27 51.65 -52.71
N PRO A 2160 25.64 50.96 -53.66
CA PRO A 2160 24.31 51.40 -54.13
C PRO A 2160 23.21 50.98 -53.17
N ALA A 2161 23.45 49.88 -52.46
CA ALA A 2161 22.44 49.32 -51.56
C ALA A 2161 22.02 50.30 -50.47
N ASP A 2162 22.94 51.15 -50.00
CA ASP A 2162 22.63 52.05 -48.89
C ASP A 2162 21.41 52.92 -49.16
N LYS A 2163 21.30 53.49 -50.36
CA LYS A 2163 20.12 54.29 -50.69
C LYS A 2163 18.83 53.50 -50.53
N ILE A 2164 18.78 52.31 -51.14
CA ILE A 2164 17.59 51.46 -51.04
C ILE A 2164 17.28 51.13 -49.60
N LEU A 2165 18.30 50.79 -48.81
CA LEU A 2165 18.09 50.41 -47.42
C LEU A 2165 17.63 51.59 -46.57
N GLU A 2166 18.03 52.81 -46.94
CA GLU A 2166 17.55 53.99 -46.23
C GLU A 2166 16.11 54.29 -46.58
N GLN A 2167 15.74 54.09 -47.84
CA GLN A 2167 14.41 54.47 -48.31
C GLN A 2167 13.38 53.36 -48.13
N ASN A 2168 13.73 52.25 -47.49
CA ASN A 2168 12.83 51.12 -47.34
C ASN A 2168 13.04 50.48 -45.98
N SER A 2169 11.94 50.25 -45.26
CA SER A 2169 11.95 49.63 -43.95
C SER A 2169 11.84 48.11 -44.08
N LEU A 2170 12.19 47.43 -42.99
CA LEU A 2170 12.22 45.97 -43.01
C LEU A 2170 10.85 45.39 -43.35
N GLU A 2171 9.79 46.01 -42.83
CA GLU A 2171 8.44 45.51 -43.11
C GLU A 2171 8.10 45.62 -44.59
N ASN A 2172 8.29 46.82 -45.16
CA ASN A 2172 8.02 47.01 -46.58
C ASN A 2172 8.92 46.14 -47.45
N ILE A 2173 10.15 45.91 -47.00
CA ILE A 2173 11.05 45.01 -47.74
C ILE A 2173 10.50 43.59 -47.72
N LEU A 2174 10.06 43.12 -46.55
CA LEU A 2174 9.62 41.74 -46.43
C LEU A 2174 8.31 41.50 -47.18
N PHE A 2175 7.39 42.45 -47.14
CA PHE A 2175 6.07 42.23 -47.72
C PHE A 2175 5.93 42.76 -49.15
N SER A 2176 6.75 43.73 -49.55
CA SER A 2176 6.74 44.27 -50.93
C SER A 2176 5.33 44.78 -51.20
N GLN A 2177 4.63 44.29 -52.23
CA GLN A 2177 3.26 44.70 -52.52
C GLN A 2177 3.13 46.20 -52.78
N ASN A 2178 4.20 46.83 -53.26
CA ASN A 2178 4.15 48.24 -53.60
C ASN A 2178 3.42 48.40 -54.92
N ASN A 2179 2.57 49.43 -54.99
CA ASN A 2179 1.69 49.58 -56.14
C ASN A 2179 2.45 49.88 -57.42
N VAL A 2180 1.95 49.31 -58.52
CA VAL A 2180 2.49 49.53 -59.86
C VAL A 2180 1.31 49.56 -60.84
N VAL A 2181 1.59 49.99 -62.06
CA VAL A 2181 0.57 50.06 -63.10
C VAL A 2181 0.08 48.66 -63.47
N ALA B 16 36.79 -5.07 37.53
CA ALA B 16 36.73 -6.35 38.24
C ALA B 16 35.92 -6.23 39.53
N CYS B 17 36.59 -6.46 40.66
CA CYS B 17 35.96 -6.45 41.98
C CYS B 17 34.76 -7.41 42.01
N LYS B 18 34.99 -8.63 41.56
CA LYS B 18 33.95 -9.64 41.49
C LYS B 18 33.64 -10.18 42.89
N ILE B 19 32.63 -11.04 42.98
CA ILE B 19 32.26 -11.66 44.25
C ILE B 19 33.06 -12.95 44.37
N GLU B 20 33.54 -13.23 45.58
CA GLU B 20 34.48 -14.33 45.77
C GLU B 20 33.83 -15.48 46.54
N ASN B 21 34.41 -16.66 46.36
CA ASN B 21 33.88 -17.87 46.99
C ASN B 21 33.99 -17.81 48.51
N ILE B 22 32.86 -17.98 49.18
CA ILE B 22 32.88 -18.04 50.64
C ILE B 22 33.51 -19.35 51.10
N LYS B 23 33.28 -20.44 50.35
CA LYS B 23 33.87 -21.72 50.71
C LYS B 23 35.39 -21.65 50.68
N TYR B 24 35.95 -20.90 49.74
CA TYR B 24 37.39 -20.66 49.68
C TYR B 24 37.73 -19.25 50.17
N LYS B 25 37.26 -18.92 51.37
CA LYS B 25 37.49 -17.59 51.91
C LYS B 25 38.97 -17.36 52.14
N GLY B 26 39.44 -16.15 51.82
CA GLY B 26 40.85 -15.85 51.93
C GLY B 26 41.68 -16.35 50.78
N LYS B 27 41.11 -16.37 49.57
CA LYS B 27 41.81 -16.82 48.38
C LYS B 27 41.54 -15.85 47.25
N GLU B 28 42.34 -15.98 46.19
CA GLU B 28 42.19 -15.15 45.00
C GLU B 28 40.96 -15.53 44.19
N VAL B 29 40.39 -16.71 44.45
CA VAL B 29 39.32 -17.24 43.61
C VAL B 29 38.08 -16.35 43.69
N GLU B 30 37.30 -16.37 42.62
CA GLU B 30 36.05 -15.65 42.53
C GLU B 30 34.89 -16.62 42.40
N SER B 31 33.68 -16.10 42.57
CA SER B 31 32.46 -16.89 42.50
C SER B 31 31.90 -16.84 41.09
N LYS B 32 31.91 -17.99 40.40
CA LYS B 32 31.23 -18.09 39.12
C LYS B 32 29.74 -17.89 39.29
N LEU B 33 29.18 -18.43 40.39
CA LEU B 33 27.81 -18.13 40.78
C LEU B 33 27.60 -16.63 40.92
N GLY B 34 28.60 -15.92 41.43
CA GLY B 34 28.48 -14.47 41.55
C GLY B 34 28.37 -13.79 40.20
N SER B 35 29.17 -14.23 39.23
CA SER B 35 29.07 -13.68 37.88
C SER B 35 27.69 -13.96 37.29
N GLN B 36 27.18 -15.18 37.49
CA GLN B 36 25.85 -15.50 36.99
C GLN B 36 24.79 -14.62 37.64
N LEU B 37 24.85 -14.44 38.96
CA LEU B 37 23.89 -13.58 39.64
C LEU B 37 23.97 -12.14 39.14
N ILE B 38 25.18 -11.63 38.95
CA ILE B 38 25.36 -10.26 38.45
C ILE B 38 24.76 -10.11 37.06
N ASP B 39 24.99 -11.10 36.19
CA ASP B 39 24.50 -10.98 34.82
C ASP B 39 22.98 -10.98 34.74
N ILE B 40 22.29 -11.63 35.67
CA ILE B 40 20.84 -11.74 35.58
C ILE B 40 20.12 -10.66 36.40
N PHE B 41 20.71 -10.18 37.49
CA PHE B 41 20.13 -9.10 38.26
C PHE B 41 20.63 -7.72 37.84
N ASN B 42 21.80 -7.64 37.20
CA ASN B 42 22.40 -6.38 36.77
C ASN B 42 22.65 -5.42 37.92
N ASP B 43 22.76 -5.95 39.15
CA ASP B 43 23.09 -5.15 40.32
C ASP B 43 24.08 -5.90 41.18
N LEU B 44 25.29 -5.35 41.34
CA LEU B 44 26.30 -6.01 42.14
C LEU B 44 25.86 -6.14 43.60
N ASP B 45 25.11 -5.17 44.11
CA ASP B 45 24.66 -5.22 45.50
C ASP B 45 23.59 -6.28 45.69
N ARG B 46 22.61 -6.35 44.78
CA ARG B 46 21.58 -7.38 44.90
C ARG B 46 22.18 -8.77 44.73
N ALA B 47 23.18 -8.90 43.86
CA ALA B 47 23.86 -10.17 43.66
C ALA B 47 24.59 -10.59 44.93
N LYS B 48 25.36 -9.67 45.53
CA LYS B 48 26.04 -9.99 46.77
C LYS B 48 25.05 -10.26 47.90
N GLU B 49 23.89 -9.60 47.89
CA GLU B 49 22.88 -9.86 48.90
C GLU B 49 22.34 -11.28 48.79
N GLU B 50 21.98 -11.71 47.58
CA GLU B 50 21.50 -13.08 47.40
C GLU B 50 22.60 -14.08 47.72
N TYR B 51 23.85 -13.75 47.39
CA TYR B 51 24.95 -14.64 47.70
C TYR B 51 25.14 -14.80 49.21
N ASP B 52 25.04 -13.70 49.95
CA ASP B 52 25.10 -13.77 51.41
C ASP B 52 23.88 -14.50 51.98
N LYS B 53 22.74 -14.42 51.29
CA LYS B 53 21.59 -15.23 51.68
C LYS B 53 21.88 -16.71 51.52
N LEU B 54 22.65 -17.06 50.49
CA LEU B 54 23.01 -18.46 50.28
C LEU B 54 23.83 -18.99 51.45
N SER B 55 24.74 -18.19 51.97
CA SER B 55 25.59 -18.60 53.09
C SER B 55 24.86 -18.56 54.43
N SER B 56 23.60 -18.12 54.46
CA SER B 56 22.85 -18.09 55.71
C SER B 56 22.60 -19.50 56.22
N PRO B 57 22.45 -19.67 57.53
CA PRO B 57 22.28 -21.04 58.08
C PRO B 57 21.02 -21.74 57.61
N GLU B 58 19.93 -21.00 57.39
CA GLU B 58 18.70 -21.64 56.93
C GLU B 58 18.88 -22.21 55.52
N PHE B 59 19.57 -21.48 54.65
CA PHE B 59 19.85 -22.01 53.31
C PHE B 59 20.78 -23.22 53.39
N ILE B 60 21.73 -23.21 54.32
CA ILE B 60 22.63 -24.34 54.49
C ILE B 60 21.85 -25.56 54.97
N ALA B 61 20.84 -25.35 55.80
CA ALA B 61 20.03 -26.47 56.29
C ALA B 61 19.09 -26.99 55.21
N LYS B 62 18.54 -26.08 54.38
CA LYS B 62 17.58 -26.50 53.36
C LYS B 62 18.25 -27.11 52.14
N PHE B 63 19.44 -26.65 51.79
CA PHE B 63 20.13 -27.07 50.58
C PHE B 63 21.33 -27.98 50.84
N GLY B 64 22.07 -27.74 51.91
CA GLY B 64 23.29 -28.48 52.16
C GLY B 64 24.46 -27.58 52.47
N ASP B 65 25.54 -28.14 53.01
CA ASP B 65 26.73 -27.37 53.39
C ASP B 65 27.77 -27.53 52.29
N TRP B 66 27.82 -26.57 51.37
CA TRP B 66 28.82 -26.56 50.31
C TRP B 66 30.08 -25.81 50.71
N ILE B 67 30.05 -25.06 51.81
CA ILE B 67 31.22 -24.28 52.23
C ILE B 67 32.26 -25.18 52.91
N ASN B 68 31.82 -26.07 53.79
CA ASN B 68 32.74 -26.96 54.50
C ASN B 68 32.87 -28.29 53.77
N ASP B 69 31.78 -29.05 53.70
CA ASP B 69 31.78 -30.30 52.96
C ASP B 69 31.83 -30.03 51.45
N GLU B 70 32.09 -31.09 50.69
CA GLU B 70 32.12 -31.02 49.23
C GLU B 70 30.94 -31.81 48.69
N VAL B 71 29.91 -31.10 48.23
CA VAL B 71 28.76 -31.75 47.61
C VAL B 71 29.07 -32.06 46.15
N GLU B 72 28.39 -33.07 45.61
CA GLU B 72 28.62 -33.52 44.24
C GLU B 72 27.45 -33.26 43.30
N ARG B 73 26.20 -33.47 43.76
CA ARG B 73 25.08 -33.48 42.83
C ARG B 73 24.70 -32.08 42.36
N ASN B 74 24.30 -31.21 43.27
CA ASN B 74 23.68 -29.93 42.91
C ASN B 74 24.62 -28.78 43.20
N VAL B 75 25.72 -28.74 42.43
CA VAL B 75 26.78 -27.75 42.59
C VAL B 75 27.43 -27.56 41.22
N ASN B 76 28.09 -26.42 41.05
CA ASN B 76 28.77 -26.13 39.80
C ASN B 76 30.24 -26.54 39.88
N GLU B 77 31.03 -26.15 38.89
CA GLU B 77 32.42 -26.59 38.76
C GLU B 77 33.23 -26.30 40.02
N ASP B 78 33.11 -25.09 40.58
CA ASP B 78 33.92 -24.69 41.71
C ASP B 78 33.27 -25.02 43.06
N GLY B 79 32.15 -25.74 43.06
CA GLY B 79 31.56 -26.23 44.30
C GLY B 79 30.49 -25.38 44.91
N GLU B 80 29.94 -24.43 44.18
CA GLU B 80 28.92 -23.54 44.69
C GLU B 80 27.58 -23.83 44.00
N PRO B 81 26.46 -23.58 44.69
CA PRO B 81 25.14 -23.98 44.16
C PRO B 81 24.85 -23.46 42.76
N LEU B 82 24.62 -24.39 41.83
CA LEU B 82 24.48 -24.02 40.43
C LEU B 82 23.13 -23.36 40.18
N LEU B 83 23.14 -22.32 39.34
CA LEU B 83 21.90 -21.75 38.84
C LEU B 83 21.34 -22.61 37.72
N ILE B 84 20.04 -22.87 37.77
CA ILE B 84 19.36 -23.60 36.70
C ILE B 84 18.44 -22.61 36.01
N GLN B 85 18.60 -22.47 34.70
CA GLN B 85 17.86 -21.52 33.89
C GLN B 85 16.83 -22.27 33.05
N ASP B 86 15.56 -21.92 33.21
CA ASP B 86 14.47 -22.46 32.41
C ASP B 86 13.96 -21.38 31.47
N VAL B 87 14.00 -21.66 30.17
CA VAL B 87 13.41 -20.80 29.16
C VAL B 87 12.07 -21.38 28.76
N ARG B 88 11.03 -20.56 28.83
CA ARG B 88 9.65 -21.02 28.60
C ARG B 88 9.31 -20.92 27.12
N GLN B 89 8.04 -21.20 26.78
CA GLN B 89 7.62 -21.14 25.39
C GLN B 89 7.61 -19.70 24.87
N ASP B 90 7.32 -18.74 25.74
CA ASP B 90 7.35 -17.32 25.38
C ASP B 90 8.72 -16.68 25.59
N SER B 91 9.78 -17.49 25.63
CA SER B 91 11.16 -17.04 25.77
C SER B 91 11.41 -16.33 27.11
N SER B 92 10.53 -16.54 28.09
CA SER B 92 10.79 -16.02 29.43
C SER B 92 11.88 -16.83 30.10
N LYS B 93 12.79 -16.14 30.78
CA LYS B 93 13.92 -16.77 31.46
C LYS B 93 13.69 -16.72 32.96
N HIS B 94 13.69 -17.89 33.60
CA HIS B 94 13.56 -17.99 35.05
C HIS B 94 14.77 -18.73 35.60
N TYR B 95 15.23 -18.32 36.78
CA TYR B 95 16.44 -18.86 37.38
C TYR B 95 16.11 -19.39 38.78
N PHE B 96 16.64 -20.56 39.11
CA PHE B 96 16.31 -21.15 40.39
C PHE B 96 17.42 -22.08 40.86
N PHE B 97 17.33 -22.46 42.14
CA PHE B 97 18.17 -23.47 42.76
C PHE B 97 17.31 -24.68 43.13
N ILE B 98 17.95 -25.84 43.26
CA ILE B 98 17.30 -27.03 43.78
C ILE B 98 17.95 -27.40 45.10
N LEU B 99 17.14 -27.49 46.16
CA LEU B 99 17.63 -27.76 47.50
C LEU B 99 17.69 -29.26 47.76
N LYS B 100 17.95 -29.65 49.01
CA LYS B 100 17.87 -31.05 49.41
C LYS B 100 16.52 -31.64 49.07
N ASN B 101 15.45 -30.90 49.37
CA ASN B 101 14.08 -31.41 49.24
C ASN B 101 13.69 -31.66 47.80
N GLY B 102 14.45 -31.12 46.85
CA GLY B 102 14.00 -31.05 45.47
C GLY B 102 13.18 -29.83 45.16
N GLU B 103 12.95 -28.96 46.15
CA GLU B 103 12.17 -27.76 45.96
C GLU B 103 12.96 -26.70 45.21
N ARG B 104 12.25 -25.78 44.60
CA ARG B 104 12.87 -24.65 43.91
C ARG B 104 13.09 -23.50 44.89
N PHE B 105 14.32 -23.02 44.94
CA PHE B 105 14.61 -21.73 45.55
C PHE B 105 14.59 -20.74 44.41
N ASP B 106 13.45 -20.05 44.26
CA ASP B 106 13.27 -19.12 43.17
C ASP B 106 14.10 -17.87 43.41
N LEU B 107 14.75 -17.40 42.36
CA LEU B 107 15.66 -16.26 42.51
C LEU B 107 14.98 -14.91 42.32
N LEU B 108 13.74 -14.89 41.87
CA LEU B 108 12.94 -13.66 41.76
C LEU B 108 13.64 -12.61 40.88
N THR B 109 13.95 -13.02 39.65
CA THR B 109 14.47 -12.07 38.68
C THR B 109 13.34 -11.14 38.20
N ARG B 110 13.73 -9.92 37.84
CA ARG B 110 12.79 -8.88 37.44
C ARG B 110 12.98 -8.50 35.97
N GLU B 111 11.86 -8.16 35.32
CA GLU B 111 11.92 -7.64 33.97
C GLU B 111 12.25 -6.15 34.00
N PHE B 112 12.89 -5.68 32.92
CA PHE B 112 13.31 -4.28 32.80
C PHE B 112 14.25 -3.89 33.95
N ASP B 113 15.39 -4.58 34.01
CA ASP B 113 16.33 -4.40 35.12
C ASP B 113 16.89 -2.98 35.17
N SER B 114 17.16 -2.39 34.01
CA SER B 114 17.86 -1.10 33.98
C SER B 114 17.01 0.03 34.55
N PHE B 115 15.69 -0.04 34.39
CA PHE B 115 14.81 1.03 34.86
C PHE B 115 14.47 0.82 36.32
N THR B 116 14.68 1.86 37.13
CA THR B 116 14.60 1.76 38.58
C THR B 116 13.64 2.78 39.20
N SER B 117 12.69 3.30 38.42
CA SER B 117 11.74 4.24 38.97
C SER B 117 10.84 3.57 40.00
N PRO B 118 10.56 4.23 41.13
CA PRO B 118 9.62 3.64 42.10
C PRO B 118 8.23 3.45 41.52
N ASP B 119 7.79 4.37 40.67
CA ASP B 119 6.58 4.19 39.88
C ASP B 119 6.96 3.64 38.51
N LEU B 120 7.36 2.37 38.52
CA LEU B 120 7.87 1.73 37.32
C LEU B 120 6.76 1.46 36.31
N THR B 121 5.55 1.24 36.79
CA THR B 121 4.45 0.82 35.91
C THR B 121 4.20 1.86 34.82
N ASN B 122 3.90 3.10 35.22
CA ASN B 122 3.60 4.12 34.21
C ASN B 122 4.84 4.56 33.45
N GLU B 123 6.04 4.36 34.00
CA GLU B 123 7.26 4.61 33.24
C GLU B 123 7.38 3.65 32.06
N ILE B 124 7.31 2.35 32.35
CA ILE B 124 7.37 1.36 31.28
C ILE B 124 6.19 1.52 30.34
N LYS B 125 5.04 2.00 30.85
CA LYS B 125 3.89 2.25 30.00
C LYS B 125 4.14 3.42 29.06
N GLU B 126 4.77 4.49 29.55
CA GLU B 126 5.12 5.62 28.68
C GLU B 126 6.04 5.19 27.57
N ILE B 127 7.08 4.43 27.90
CA ILE B 127 8.03 3.99 26.88
C ILE B 127 7.33 3.08 25.86
N THR B 128 6.54 2.11 26.36
CA THR B 128 5.85 1.20 25.47
C THR B 128 4.86 1.93 24.56
N ASP B 129 4.13 2.89 25.12
CA ASP B 129 3.17 3.65 24.34
C ASP B 129 3.87 4.48 23.27
N GLN B 130 5.03 5.06 23.60
CA GLN B 130 5.74 5.85 22.59
C GLN B 130 6.26 4.96 21.46
N LEU B 131 6.79 3.79 21.79
CA LEU B 131 7.21 2.88 20.72
C LEU B 131 6.03 2.44 19.87
N SER B 132 4.89 2.15 20.51
CA SER B 132 3.70 1.73 19.78
C SER B 132 3.20 2.84 18.86
N TYR B 133 3.20 4.08 19.34
CA TYR B 133 2.78 5.20 18.51
C TYR B 133 3.74 5.41 17.34
N TYR B 134 5.04 5.27 17.59
CA TYR B 134 6.02 5.37 16.51
C TYR B 134 5.71 4.37 15.42
N ILE B 135 5.55 3.10 15.79
CA ILE B 135 5.34 2.05 14.80
C ILE B 135 3.99 2.22 14.11
N TYR B 136 2.96 2.61 14.86
CA TYR B 136 1.64 2.80 14.26
C TYR B 136 1.65 3.94 13.26
N ASN B 137 2.21 5.09 13.64
CA ASN B 137 2.25 6.24 12.75
C ASN B 137 3.07 5.94 11.50
N LYS B 138 4.13 5.14 11.62
CA LYS B 138 4.92 4.83 10.43
C LYS B 138 4.20 3.83 9.51
N HIS B 139 3.78 2.70 10.05
CA HIS B 139 3.22 1.63 9.23
C HIS B 139 1.70 1.71 9.10
N PHE B 140 0.99 1.66 10.23
CA PHE B 140 -0.45 1.41 10.22
C PHE B 140 -1.28 2.65 9.94
N SER B 141 -0.65 3.79 9.59
CA SER B 141 -1.42 5.01 9.39
C SER B 141 -2.41 4.86 8.25
N SER B 142 -2.12 4.01 7.27
CA SER B 142 -3.04 3.78 6.15
C SER B 142 -4.06 2.69 6.52
N ASP B 143 -3.60 1.45 6.63
CA ASP B 143 -4.47 0.34 7.00
C ASP B 143 -3.70 -0.61 7.90
N PHE B 144 -4.43 -1.48 8.60
CA PHE B 144 -3.79 -2.40 9.53
C PHE B 144 -4.16 -3.86 9.30
N GLU B 145 -5.41 -4.11 8.88
CA GLU B 145 -5.91 -5.48 8.92
C GLU B 145 -5.22 -6.41 7.91
N GLN B 146 -4.28 -5.90 7.12
CA GLN B 146 -3.51 -6.68 6.17
C GLN B 146 -2.07 -6.94 6.59
N VAL B 147 -1.54 -6.20 7.57
CA VAL B 147 -0.11 -6.22 7.88
C VAL B 147 0.25 -7.43 8.75
N GLU B 148 -0.67 -7.90 9.59
CA GLU B 148 -0.51 -9.04 10.49
C GLU B 148 0.53 -8.81 11.57
N GLY B 149 0.97 -7.57 11.78
CA GLY B 149 1.91 -7.23 12.83
C GLY B 149 3.20 -8.02 12.82
N ALA B 150 3.63 -8.47 11.63
CA ALA B 150 4.86 -9.25 11.52
C ALA B 150 5.79 -8.74 10.42
N LYS B 151 5.22 -8.11 9.39
CA LYS B 151 6.03 -7.54 8.32
C LYS B 151 7.05 -6.56 8.89
N LEU B 152 6.60 -5.67 9.74
CA LEU B 152 7.47 -4.77 10.46
C LEU B 152 8.47 -5.54 11.31
N ASN B 153 9.68 -4.99 11.44
CA ASN B 153 10.67 -5.50 12.38
C ASN B 153 10.59 -4.65 13.63
N ILE B 154 10.14 -5.25 14.73
CA ILE B 154 10.01 -4.50 15.98
C ILE B 154 11.38 -4.01 16.44
N GLN B 155 12.38 -4.90 16.46
CA GLN B 155 13.66 -4.58 17.09
C GLN B 155 14.37 -3.43 16.37
N ASN B 156 14.48 -3.54 15.03
CA ASN B 156 15.07 -2.46 14.26
C ASN B 156 14.29 -1.17 14.45
N GLU B 157 12.97 -1.26 14.64
CA GLU B 157 12.16 -0.08 14.81
C GLU B 157 12.42 0.55 16.17
N ILE B 158 12.60 -0.28 17.20
CA ILE B 158 13.02 0.18 18.52
C ILE B 158 14.32 0.97 18.39
N SER B 159 15.29 0.38 17.70
CA SER B 159 16.60 1.02 17.57
C SER B 159 16.51 2.33 16.80
N GLN B 160 15.65 2.37 15.77
CA GLN B 160 15.50 3.59 14.98
C GLN B 160 14.84 4.70 15.81
N PHE B 161 13.81 4.34 16.57
CA PHE B 161 13.20 5.33 17.47
C PHE B 161 14.21 5.83 18.50
N VAL B 162 15.04 4.92 19.02
CA VAL B 162 16.06 5.30 19.99
C VAL B 162 17.02 6.29 19.37
N LYS B 163 17.52 6.00 18.16
CA LYS B 163 18.43 6.91 17.49
C LYS B 163 17.80 8.27 17.25
N GLU B 164 16.54 8.28 16.80
CA GLU B 164 15.88 9.54 16.48
C GLU B 164 15.68 10.39 17.73
N GLY B 165 15.21 9.78 18.82
CA GLY B 165 15.05 10.52 20.05
C GLY B 165 16.37 10.85 20.74
N LYS B 166 17.44 10.16 20.37
CA LYS B 166 18.74 10.30 21.00
C LYS B 166 19.60 11.38 20.35
N ALA B 167 19.44 11.58 19.03
CA ALA B 167 20.28 12.52 18.28
C ALA B 167 20.33 13.93 18.90
N PRO B 168 19.20 14.60 19.14
CA PRO B 168 19.30 15.98 19.66
C PRO B 168 19.86 16.03 21.07
N VAL B 169 19.60 15.02 21.90
CA VAL B 169 20.18 14.97 23.23
C VAL B 169 21.68 14.77 23.15
N GLN B 170 22.14 13.92 22.23
CA GLN B 170 23.57 13.75 22.04
C GLN B 170 24.22 15.04 21.57
N ALA B 171 23.53 15.79 20.71
CA ALA B 171 24.04 17.09 20.28
C ALA B 171 24.17 18.05 21.44
N ALA B 172 23.11 18.16 22.24
CA ALA B 172 23.14 19.04 23.41
C ALA B 172 24.24 18.65 24.38
N TYR B 173 24.53 17.35 24.49
CA TYR B 173 25.63 16.93 25.34
C TYR B 173 26.98 17.29 24.74
N ASN B 174 27.14 17.09 23.43
CA ASN B 174 28.43 17.39 22.79
C ASN B 174 28.74 18.88 22.86
N LYS B 175 27.72 19.74 22.75
CA LYS B 175 27.95 21.17 22.85
C LYS B 175 28.38 21.57 24.25
N LEU B 176 27.65 21.09 25.26
CA LEU B 176 27.97 21.44 26.65
C LEU B 176 27.80 20.20 27.51
N GLN B 177 28.82 19.92 28.32
CA GLN B 177 28.85 18.73 29.16
C GLN B 177 27.96 18.92 30.38
N ASP B 178 27.01 18.00 30.57
CA ASP B 178 26.12 18.02 31.70
C ASP B 178 25.82 16.57 32.04
N PRO B 179 26.01 16.15 33.29
CA PRO B 179 25.74 14.75 33.62
C PRO B 179 24.29 14.34 33.44
N ASP B 180 23.35 15.28 33.57
CA ASP B 180 21.94 14.96 33.36
C ASP B 180 21.68 14.56 31.91
N ILE B 181 22.32 15.25 30.97
CA ILE B 181 22.13 14.93 29.56
C ILE B 181 22.69 13.54 29.26
N LYS B 182 23.84 13.21 29.85
CA LYS B 182 24.39 11.86 29.71
C LYS B 182 23.47 10.83 30.35
N ASP B 183 22.80 11.19 31.46
CA ASP B 183 21.86 10.27 32.07
C ASP B 183 20.70 9.97 31.13
N LEU B 184 20.14 11.01 30.51
CA LEU B 184 19.06 10.79 29.55
C LEU B 184 19.55 9.97 28.35
N LEU B 185 20.77 10.24 27.90
CA LEU B 185 21.34 9.50 26.77
C LEU B 185 21.46 8.02 27.10
N ASP B 186 21.97 7.72 28.30
CA ASP B 186 22.06 6.33 28.77
C ASP B 186 20.67 5.73 28.97
N TYR B 187 19.67 6.57 29.29
CA TYR B 187 18.30 6.10 29.40
C TYR B 187 17.80 5.59 28.05
N TYR B 188 18.07 6.33 26.99
CA TYR B 188 17.72 5.84 25.65
C TYR B 188 18.50 4.57 25.31
N ASP B 189 19.78 4.54 25.67
CA ASP B 189 20.56 3.32 25.45
C ASP B 189 19.97 2.13 26.19
N ASN B 190 19.43 2.36 27.38
CA ASN B 190 18.79 1.30 28.14
C ASN B 190 17.48 0.87 27.50
N ILE B 191 16.74 1.83 26.95
CA ILE B 191 15.54 1.47 26.18
C ILE B 191 15.92 0.50 25.07
N GLU B 192 17.04 0.76 24.40
CA GLU B 192 17.48 -0.20 23.39
C GLU B 192 17.99 -1.49 24.02
N LYS B 193 18.51 -1.42 25.25
CA LYS B 193 19.06 -2.62 25.89
C LYS B 193 17.97 -3.66 26.13
N HIS B 194 16.82 -3.23 26.63
CA HIS B 194 15.68 -4.13 26.85
C HIS B 194 14.73 -4.15 25.67
N SER B 195 15.26 -4.09 24.44
CA SER B 195 14.42 -3.91 23.27
C SER B 195 13.48 -5.10 23.04
N ASP B 196 13.89 -6.31 23.40
CA ASP B 196 13.04 -7.47 23.16
C ASP B 196 11.85 -7.51 24.11
N GLU B 197 12.01 -7.01 25.33
CA GLU B 197 10.88 -6.96 26.26
C GLU B 197 9.85 -5.94 25.81
N PHE B 198 10.31 -4.76 25.37
CA PHE B 198 9.41 -3.80 24.76
C PHE B 198 8.78 -4.37 23.49
N GLU B 199 9.53 -5.19 22.76
CA GLU B 199 8.98 -5.89 21.59
C GLU B 199 7.79 -6.74 21.99
N SER B 200 7.95 -7.54 23.05
CA SER B 200 6.85 -8.38 23.52
C SER B 200 5.65 -7.52 23.93
N GLU B 201 5.90 -6.44 24.68
CA GLU B 201 4.82 -5.57 25.13
C GLU B 201 4.04 -4.99 23.95
N ILE B 202 4.74 -4.47 22.95
CA ILE B 202 4.03 -3.80 21.86
C ILE B 202 3.44 -4.80 20.88
N VAL B 203 4.02 -6.00 20.74
CA VAL B 203 3.36 -7.05 19.99
C VAL B 203 2.03 -7.42 20.64
N LYS B 204 2.02 -7.52 21.97
CA LYS B 204 0.76 -7.72 22.68
C LYS B 204 -0.20 -6.57 22.41
N PHE B 205 0.31 -5.33 22.45
CA PHE B 205 -0.51 -4.16 22.17
C PHE B 205 -1.22 -4.28 20.83
N PHE B 206 -0.47 -4.64 19.79
CA PHE B 206 -1.06 -4.71 18.45
C PHE B 206 -1.91 -5.95 18.25
N SER B 207 -1.62 -7.04 18.98
CA SER B 207 -2.44 -8.24 18.86
C SER B 207 -3.79 -8.08 19.54
N GLU B 208 -3.86 -7.32 20.64
CA GLU B 208 -5.14 -7.14 21.32
C GLU B 208 -6.16 -6.44 20.43
N LYS B 209 -5.70 -5.62 19.49
CA LYS B 209 -6.61 -4.89 18.60
C LYS B 209 -7.30 -5.85 17.63
N LYS B 210 -6.51 -6.58 16.84
CA LYS B 210 -7.08 -7.56 15.92
C LYS B 210 -7.80 -8.66 16.70
N LEU B 211 -9.10 -8.80 16.47
CA LEU B 211 -9.87 -9.83 17.15
C LEU B 211 -9.70 -11.17 16.45
N ILE B 212 -9.56 -12.24 17.24
CA ILE B 212 -9.35 -13.58 16.72
C ILE B 212 -10.65 -14.36 16.84
N ILE B 213 -11.09 -14.94 15.72
CA ILE B 213 -12.27 -15.80 15.71
C ILE B 213 -11.83 -17.24 15.94
N LYS B 214 -12.54 -17.94 16.82
CA LYS B 214 -12.17 -19.27 17.30
C LYS B 214 -13.26 -20.26 16.93
N ASP B 215 -12.96 -21.16 16.00
CA ASP B 215 -14.00 -22.01 15.41
C ASP B 215 -14.30 -23.25 16.26
N ALA B 216 -13.29 -23.85 16.89
CA ALA B 216 -13.47 -25.15 17.54
C ALA B 216 -14.43 -25.05 18.72
N GLU B 217 -14.10 -24.22 19.71
CA GLU B 217 -14.95 -24.11 20.89
C GLU B 217 -16.26 -23.41 20.58
N LEU B 218 -16.28 -22.54 19.57
CA LEU B 218 -17.54 -21.96 19.11
C LEU B 218 -18.48 -23.04 18.62
N GLU B 219 -17.97 -23.97 17.80
CA GLU B 219 -18.80 -25.07 17.31
C GLU B 219 -19.19 -26.00 18.44
N ASP B 220 -18.29 -26.21 19.41
CA ASP B 220 -18.62 -27.06 20.55
C ASP B 220 -19.78 -26.49 21.36
N VAL B 221 -19.70 -25.21 21.72
CA VAL B 221 -20.77 -24.59 22.51
C VAL B 221 -22.04 -24.45 21.67
N THR B 222 -21.90 -24.28 20.35
CA THR B 222 -23.07 -24.22 19.48
C THR B 222 -23.80 -25.56 19.48
N GLN B 223 -23.06 -26.65 19.36
CA GLN B 223 -23.67 -27.97 19.39
C GLN B 223 -24.30 -28.25 20.76
N GLU B 224 -23.64 -27.81 21.84
CA GLU B 224 -24.21 -28.02 23.17
C GLU B 224 -25.51 -27.25 23.34
N GLY B 225 -25.55 -26.00 22.89
CA GLY B 225 -26.76 -25.22 22.97
C GLY B 225 -27.88 -25.77 22.11
N LEU B 226 -27.53 -26.30 20.93
CA LEU B 226 -28.53 -26.94 20.09
C LEU B 226 -29.06 -28.22 20.73
N ASN B 227 -28.18 -28.97 21.41
CA ASN B 227 -28.62 -30.13 22.18
C ASN B 227 -29.62 -29.72 23.25
N GLU B 228 -29.26 -28.72 24.06
CA GLU B 228 -30.17 -28.25 25.10
C GLU B 228 -31.37 -27.49 24.53
N GLY B 229 -31.32 -27.12 23.25
CA GLY B 229 -32.45 -26.48 22.59
C GLY B 229 -32.35 -24.98 22.50
N LEU B 230 -31.19 -24.47 22.09
CA LEU B 230 -30.98 -23.03 21.87
C LEU B 230 -30.84 -22.85 20.37
N GLN B 231 -31.98 -22.73 19.69
CA GLN B 231 -32.03 -22.68 18.24
C GLN B 231 -31.69 -21.27 17.76
N GLY B 232 -30.53 -21.14 17.11
CA GLY B 232 -30.20 -19.90 16.43
C GLY B 232 -29.55 -18.86 17.32
N GLY B 233 -29.86 -17.59 17.04
CA GLY B 233 -29.27 -16.47 17.75
C GLY B 233 -29.48 -16.50 19.24
N ASP B 234 -30.45 -17.28 19.73
CA ASP B 234 -30.67 -17.44 21.15
C ASP B 234 -29.59 -18.26 21.84
N LEU B 235 -28.55 -18.68 21.11
CA LEU B 235 -27.42 -19.38 21.73
C LEU B 235 -26.77 -18.49 22.77
N VAL B 236 -26.12 -17.41 22.32
CA VAL B 236 -25.59 -16.38 23.21
C VAL B 236 -26.32 -15.08 22.90
N GLN B 237 -26.77 -14.39 23.95
CA GLN B 237 -27.52 -13.16 23.78
C GLN B 237 -26.60 -12.03 23.33
N ALA B 238 -27.21 -10.99 22.77
CA ALA B 238 -26.44 -9.87 22.24
C ALA B 238 -25.66 -9.17 23.34
N PHE B 239 -26.23 -9.07 24.54
CA PHE B 239 -25.55 -8.41 25.65
C PHE B 239 -24.54 -9.31 26.34
N GLU B 240 -24.38 -10.55 25.91
CA GLU B 240 -23.30 -11.40 26.42
C GLU B 240 -21.98 -11.16 25.70
N LYS B 241 -22.00 -10.49 24.57
CA LYS B 241 -20.79 -10.10 23.84
C LYS B 241 -20.49 -8.63 24.12
N ASN B 242 -19.22 -8.32 24.38
CA ASN B 242 -18.86 -6.95 24.72
C ASN B 242 -18.87 -6.06 23.48
N SER B 243 -19.10 -4.77 23.73
CA SER B 243 -19.18 -3.80 22.65
C SER B 243 -17.82 -3.48 22.03
N LYS B 244 -16.73 -3.70 22.76
CA LYS B 244 -15.41 -3.42 22.21
C LYS B 244 -15.02 -4.41 21.12
N ASP B 245 -15.69 -5.55 21.01
CA ASP B 245 -15.43 -6.47 19.91
C ASP B 245 -15.98 -5.97 18.59
N ASN B 246 -16.82 -4.93 18.62
CA ASN B 246 -17.37 -4.36 17.40
C ASN B 246 -16.45 -3.34 16.75
N ALA B 247 -15.45 -2.86 17.49
CA ALA B 247 -14.52 -1.86 16.99
C ALA B 247 -13.37 -2.58 16.27
N THR B 248 -13.26 -2.37 14.97
CA THR B 248 -12.15 -2.92 14.22
C THR B 248 -10.83 -2.40 14.76
N ALA B 249 -9.75 -3.11 14.44
CA ALA B 249 -8.43 -2.73 14.95
C ALA B 249 -8.06 -1.32 14.51
N ASN B 250 -8.52 -0.90 13.34
CA ASN B 250 -8.29 0.48 12.91
C ASN B 250 -8.93 1.47 13.89
N VAL B 251 -10.19 1.24 14.25
CA VAL B 251 -10.88 2.13 15.18
C VAL B 251 -10.21 2.09 16.55
N LYS B 252 -9.79 0.89 16.98
CA LYS B 252 -9.11 0.77 18.26
C LYS B 252 -7.83 1.60 18.29
N LEU B 253 -7.02 1.48 17.23
CA LEU B 253 -5.79 2.27 17.16
C LEU B 253 -6.07 3.76 17.04
N MSE B 254 -7.15 4.13 16.36
CA MSE B 254 -7.59 5.52 16.30
C MSE B 254 -7.79 6.07 17.69
O MSE B 254 -7.24 7.11 18.07
CB MSE B 254 -8.89 5.65 15.51
CG MSE B 254 -8.74 6.06 14.06
SE MSE B 254 -10.38 5.71 13.07
CE MSE B 254 -11.64 6.54 14.29
N LEU B 255 -8.60 5.35 18.47
CA LEU B 255 -8.99 5.81 19.80
C LEU B 255 -7.87 5.69 20.82
N SER B 256 -6.89 4.83 20.58
CA SER B 256 -5.82 4.62 21.57
C SER B 256 -4.93 5.84 21.71
N PHE B 257 -4.50 6.43 20.59
CA PHE B 257 -3.49 7.48 20.61
C PHE B 257 -4.12 8.88 20.61
N LEU B 258 -4.90 9.15 21.67
CA LEU B 258 -5.33 10.52 21.84
C LEU B 258 -4.60 11.13 23.04
N PRO B 259 -4.19 12.39 22.94
CA PRO B 259 -3.31 12.96 23.97
C PRO B 259 -4.06 13.44 25.20
N LYS B 260 -3.37 13.33 26.34
CA LYS B 260 -3.85 13.99 27.56
C LYS B 260 -3.58 15.48 27.43
N ILE B 261 -4.60 16.29 27.66
CA ILE B 261 -4.43 17.74 27.62
C ILE B 261 -3.89 18.22 28.96
N ASP B 262 -2.94 19.14 28.91
CA ASP B 262 -2.37 19.68 30.12
C ASP B 262 -3.39 20.57 30.82
N ASN B 263 -3.65 20.28 32.09
CA ASN B 263 -4.66 20.98 32.87
C ASN B 263 -4.38 22.47 33.00
N LEU B 264 -3.15 22.91 32.70
CA LEU B 264 -2.79 24.32 32.78
C LEU B 264 -2.71 24.97 31.41
N THR B 265 -1.90 24.42 30.50
CA THR B 265 -1.69 25.04 29.19
C THR B 265 -2.82 24.75 28.21
N GLY B 266 -3.66 23.77 28.49
CA GLY B 266 -4.73 23.44 27.56
C GLY B 266 -4.25 22.86 26.25
N GLU B 267 -3.08 22.21 26.26
CA GLU B 267 -2.49 21.62 25.06
C GLU B 267 -1.87 20.30 25.46
N PRO B 268 -1.61 19.40 24.51
CA PRO B 268 -1.15 18.05 24.86
C PRO B 268 0.08 18.07 25.76
N ALA B 269 0.03 17.24 26.80
CA ALA B 269 1.07 17.17 27.81
C ALA B 269 2.18 16.20 27.39
N LEU B 270 3.34 16.37 28.00
CA LEU B 270 4.53 15.60 27.65
C LEU B 270 4.85 14.63 28.78
N GLY B 271 5.32 13.44 28.42
CA GLY B 271 5.70 12.46 29.41
C GLY B 271 6.95 12.88 30.14
N ASP B 272 6.89 12.95 31.47
CA ASP B 272 8.03 13.40 32.27
C ASP B 272 9.19 12.42 32.26
N TYR B 273 9.07 11.29 31.55
CA TYR B 273 10.18 10.35 31.40
C TYR B 273 10.94 10.53 30.09
N LEU B 274 10.24 10.77 28.98
CA LEU B 274 10.87 10.88 27.68
C LEU B 274 10.66 12.22 27.00
N ASN B 275 9.88 13.13 27.59
CA ASN B 275 9.53 14.41 26.97
C ASN B 275 8.88 14.22 25.60
N LYS B 276 8.23 13.06 25.40
CA LYS B 276 7.35 12.74 24.30
C LYS B 276 5.91 12.66 24.80
N PRO B 277 4.93 13.09 24.00
CA PRO B 277 3.56 13.24 24.52
C PRO B 277 2.96 11.90 24.96
N VAL B 278 2.28 11.93 26.11
CA VAL B 278 1.65 10.76 26.69
C VAL B 278 0.18 10.72 26.27
N PHE B 279 -0.36 9.51 26.11
CA PHE B 279 -1.67 9.30 25.52
C PHE B 279 -2.72 8.95 26.56
N ARG B 280 -3.98 9.20 26.19
CA ARG B 280 -5.13 8.92 27.04
C ARG B 280 -5.56 7.47 26.87
N SER B 281 -6.10 6.90 27.94
CA SER B 281 -6.49 5.49 27.94
C SER B 281 -7.49 5.18 26.84
N PHE B 282 -7.38 3.98 26.27
CA PHE B 282 -8.32 3.55 25.25
C PHE B 282 -9.65 3.16 25.85
N ASP B 283 -9.63 2.48 27.00
CA ASP B 283 -10.88 2.01 27.61
C ASP B 283 -11.78 3.19 27.98
N SER B 284 -11.20 4.24 28.57
CA SER B 284 -11.99 5.40 28.95
C SER B 284 -12.58 6.10 27.73
N ILE B 285 -11.78 6.24 26.67
CA ILE B 285 -12.27 6.91 25.46
C ILE B 285 -13.40 6.10 24.82
N HIS B 286 -13.23 4.78 24.75
CA HIS B 286 -14.27 3.94 24.19
C HIS B 286 -15.55 4.01 25.02
N SER B 287 -15.41 4.03 26.34
CA SER B 287 -16.59 4.17 27.21
C SER B 287 -17.31 5.48 26.96
N GLU B 288 -16.57 6.59 26.93
CA GLU B 288 -17.19 7.88 26.68
C GLU B 288 -17.92 7.90 25.34
N LEU B 289 -17.25 7.41 24.29
CA LEU B 289 -17.86 7.42 22.96
C LEU B 289 -19.10 6.54 22.92
N LEU B 290 -19.09 5.41 23.62
CA LEU B 290 -20.32 4.62 23.73
C LEU B 290 -21.42 5.43 24.38
N GLU B 291 -21.09 6.13 25.47
CA GLU B 291 -22.11 6.90 26.18
C GLU B 291 -22.71 7.98 25.28
N VAL B 292 -21.91 8.60 24.43
CA VAL B 292 -22.40 9.75 23.66
C VAL B 292 -22.86 9.35 22.26
N LEU B 293 -22.24 8.33 21.67
CA LEU B 293 -22.58 7.94 20.30
C LEU B 293 -23.66 6.86 20.20
N SER B 294 -24.10 6.28 21.32
CA SER B 294 -25.11 5.25 21.24
C SER B 294 -26.47 5.84 20.90
N ASP B 295 -27.38 4.96 20.50
CA ASP B 295 -28.77 5.32 20.18
C ASP B 295 -28.84 6.42 19.12
N ILE B 296 -27.93 6.35 18.15
CA ILE B 296 -27.96 7.18 16.97
C ILE B 296 -28.27 6.27 15.80
N THR B 297 -29.32 6.59 15.03
CA THR B 297 -29.75 5.72 13.94
C THR B 297 -30.17 6.57 12.74
N THR B 298 -30.26 5.91 11.59
CA THR B 298 -30.70 6.58 10.37
C THR B 298 -32.16 7.01 10.48
N LEU B 299 -32.43 8.24 10.01
CA LEU B 299 -33.76 8.82 10.07
C LEU B 299 -34.13 9.41 8.71
N HIS B 300 -35.40 9.27 8.33
CA HIS B 300 -35.91 9.88 7.11
C HIS B 300 -36.62 11.19 7.45
N VAL B 301 -35.85 12.14 7.99
CA VAL B 301 -36.41 13.40 8.46
C VAL B 301 -36.54 14.37 7.29
N GLN B 302 -37.79 14.64 6.89
CA GLN B 302 -38.11 15.62 5.84
C GLN B 302 -37.37 15.31 4.54
N GLY B 303 -37.54 14.08 4.06
CA GLY B 303 -36.89 13.67 2.82
C GLY B 303 -35.38 13.70 2.85
N GLU B 304 -34.77 13.74 4.02
CA GLU B 304 -33.31 13.75 4.17
C GLU B 304 -32.90 12.49 4.92
N VAL B 305 -32.20 11.60 4.22
CA VAL B 305 -31.66 10.39 4.85
C VAL B 305 -30.42 10.75 5.64
N LEU B 306 -30.40 10.39 6.91
CA LEU B 306 -29.33 10.80 7.81
C LEU B 306 -28.18 9.80 7.70
N ASP B 307 -27.00 10.30 7.33
CA ASP B 307 -25.79 9.51 7.42
C ASP B 307 -25.34 9.50 8.87
N VAL B 308 -25.42 8.32 9.50
CA VAL B 308 -25.11 8.19 10.92
C VAL B 308 -23.73 8.75 11.23
N PHE B 309 -22.80 8.66 10.28
CA PHE B 309 -21.45 9.16 10.53
C PHE B 309 -21.45 10.66 10.81
N SER B 310 -22.38 11.41 10.22
CA SER B 310 -22.41 12.85 10.44
C SER B 310 -22.81 13.16 11.88
N SER B 311 -23.98 12.66 12.31
CA SER B 311 -24.44 12.90 13.67
C SER B 311 -23.37 12.56 14.69
N MSE B 312 -22.83 11.35 14.61
CA MSE B 312 -21.71 10.92 15.45
C MSE B 312 -20.62 11.99 15.45
O MSE B 312 -20.24 12.50 16.51
CB MSE B 312 -21.15 9.60 14.94
CG MSE B 312 -22.08 8.42 15.15
SE MSE B 312 -21.18 6.71 14.88
CE MSE B 312 -22.58 5.55 15.54
N TYR B 313 -20.15 12.33 14.26
CA TYR B 313 -19.15 13.38 14.10
C TYR B 313 -19.53 14.62 14.89
N ASN B 314 -20.76 15.12 14.68
CA ASN B 314 -21.22 16.30 15.39
C ASN B 314 -21.03 16.14 16.89
N LYS B 315 -21.50 15.02 17.44
CA LYS B 315 -21.30 14.75 18.86
C LYS B 315 -19.84 14.90 19.23
N ILE B 316 -18.96 14.19 18.52
CA ILE B 316 -17.53 14.30 18.76
C ILE B 316 -17.12 15.77 18.75
N LYS B 317 -17.51 16.50 17.69
CA LYS B 317 -17.17 17.90 17.59
C LYS B 317 -17.64 18.65 18.83
N GLU B 318 -18.92 18.48 19.19
CA GLU B 318 -19.44 19.10 20.40
C GLU B 318 -18.59 18.71 21.60
N LEU B 319 -18.31 17.40 21.73
CA LEU B 319 -17.51 16.94 22.86
C LEU B 319 -16.11 17.52 22.78
N ALA B 320 -15.57 17.68 21.57
CA ALA B 320 -14.23 18.24 21.43
C ALA B 320 -14.17 19.67 21.93
N ASP B 321 -15.31 20.35 22.05
CA ASP B 321 -15.30 21.70 22.60
C ASP B 321 -15.16 21.69 24.11
N PHE B 322 -15.63 20.64 24.77
CA PHE B 322 -15.51 20.53 26.24
C PHE B 322 -14.15 19.92 26.59
N LYS B 323 -13.97 18.63 26.30
CA LYS B 323 -12.73 17.94 26.56
C LYS B 323 -11.87 17.99 25.29
N LYS B 324 -10.82 18.81 25.31
CA LYS B 324 -9.99 19.00 24.13
C LYS B 324 -9.21 17.75 23.75
N SER B 325 -9.18 16.72 24.62
CA SER B 325 -8.48 15.49 24.30
C SER B 325 -9.00 14.83 23.03
N PHE B 326 -10.23 15.13 22.63
CA PHE B 326 -10.83 14.56 21.44
C PHE B 326 -10.67 15.44 20.21
N LYS B 327 -9.95 16.56 20.33
CA LYS B 327 -9.67 17.39 19.17
C LYS B 327 -9.00 16.64 18.02
N PRO B 328 -7.96 15.83 18.24
CA PRO B 328 -7.35 15.13 17.10
C PRO B 328 -8.23 14.04 16.52
N LEU B 329 -9.02 13.36 17.35
CA LEU B 329 -9.94 12.33 16.83
C LEU B 329 -10.81 12.92 15.74
N LEU B 330 -11.47 14.04 16.04
CA LEU B 330 -12.18 14.83 15.03
C LEU B 330 -11.34 15.00 13.78
N GLU B 331 -10.12 15.52 13.94
CA GLU B 331 -9.21 15.69 12.81
C GLU B 331 -9.09 14.40 12.01
N ILE B 332 -8.89 13.27 12.69
CA ILE B 332 -8.75 12.00 12.01
C ILE B 332 -9.99 11.71 11.17
N LEU B 333 -11.18 11.91 11.75
CA LEU B 333 -12.41 11.65 11.02
C LEU B 333 -12.53 12.47 9.75
N ASP B 334 -11.79 13.57 9.63
CA ASP B 334 -11.80 14.32 8.38
C ASP B 334 -10.83 13.71 7.36
N THR B 335 -9.64 13.31 7.83
CA THR B 335 -8.60 12.78 6.95
C THR B 335 -8.62 11.25 6.87
N ILE B 336 -9.79 10.63 7.01
CA ILE B 336 -9.88 9.19 7.10
C ILE B 336 -10.63 8.66 5.88
N ASP B 337 -10.36 7.41 5.54
CA ASP B 337 -11.02 6.75 4.42
C ASP B 337 -12.51 6.54 4.70
N GLU B 338 -13.29 6.46 3.61
CA GLU B 338 -14.73 6.24 3.76
C GLU B 338 -15.03 4.85 4.31
N GLN B 339 -14.24 3.86 3.91
CA GLN B 339 -14.40 2.52 4.49
C GLN B 339 -14.15 2.54 5.98
N LYS B 340 -13.10 3.25 6.42
CA LYS B 340 -12.86 3.38 7.86
C LYS B 340 -13.90 4.26 8.53
N LYS B 341 -14.50 5.19 7.80
CA LYS B 341 -15.67 5.90 8.34
C LYS B 341 -16.78 4.92 8.67
N THR B 342 -17.11 4.03 7.73
CA THR B 342 -18.14 3.03 7.98
C THR B 342 -17.74 2.10 9.12
N GLU B 343 -16.46 1.77 9.21
CA GLU B 343 -15.97 0.93 10.30
C GLU B 343 -16.18 1.61 11.65
N PHE B 344 -15.86 2.90 11.73
CA PHE B 344 -16.13 3.67 12.95
C PHE B 344 -17.61 3.67 13.29
N VAL B 345 -18.44 3.96 12.29
CA VAL B 345 -19.89 3.98 12.49
C VAL B 345 -20.34 2.66 13.12
N GLN B 346 -20.06 1.55 12.44
CA GLN B 346 -20.48 0.25 12.94
C GLN B 346 -19.80 -0.10 14.26
N ALA B 347 -18.67 0.53 14.56
CA ALA B 347 -18.04 0.32 15.87
C ALA B 347 -18.88 0.92 16.99
N PHE B 348 -19.51 2.08 16.75
CA PHE B 348 -20.34 2.68 17.79
C PHE B 348 -21.82 2.78 17.42
N TYR B 349 -22.26 2.11 16.36
CA TYR B 349 -23.66 2.17 15.95
C TYR B 349 -24.42 1.11 16.73
N LEU B 350 -24.65 1.43 18.01
CA LEU B 350 -25.24 0.54 18.99
C LEU B 350 -26.38 1.28 19.70
N SER B 351 -27.00 0.60 20.66
CA SER B 351 -28.08 1.18 21.45
C SER B 351 -27.88 0.83 22.91
N LYS B 352 -28.17 1.78 23.80
CA LYS B 352 -28.13 1.51 25.22
C LYS B 352 -29.23 0.53 25.61
N ILE B 353 -28.87 -0.42 26.47
CA ILE B 353 -29.76 -1.52 26.85
C ILE B 353 -29.72 -1.59 28.37
N ASN B 354 -30.62 -0.84 29.02
CA ASN B 354 -30.62 -0.74 30.47
C ASN B 354 -31.59 -1.74 31.11
N PHE B 355 -31.14 -2.31 32.22
CA PHE B 355 -31.80 -3.43 32.86
C PHE B 355 -32.58 -2.97 34.08
N TYR B 356 -33.83 -3.42 34.19
CA TYR B 356 -34.69 -3.11 35.32
C TYR B 356 -34.73 -4.30 36.27
N THR B 357 -34.26 -4.09 37.50
CA THR B 357 -34.32 -5.09 38.55
C THR B 357 -35.33 -4.67 39.60
N THR B 358 -36.27 -5.55 39.89
CA THR B 358 -37.33 -5.29 40.87
C THR B 358 -36.92 -5.90 42.20
N THR B 359 -36.64 -5.05 43.18
CA THR B 359 -36.31 -5.48 44.53
C THR B 359 -37.55 -5.32 45.41
N ILE B 360 -37.93 -6.40 46.08
CA ILE B 360 -39.08 -6.43 46.98
C ILE B 360 -38.60 -6.49 48.42
N GLU B 361 -39.17 -5.65 49.28
CA GLU B 361 -38.85 -5.63 50.70
C GLU B 361 -40.15 -5.73 51.50
N THR B 362 -40.19 -6.66 52.46
CA THR B 362 -41.37 -6.88 53.28
C THR B 362 -41.08 -6.51 54.73
N LEU B 363 -41.97 -5.70 55.32
CA LEU B 363 -41.89 -5.34 56.74
C LEU B 363 -43.24 -5.64 57.41
N GLU B 364 -43.28 -5.46 58.72
CA GLU B 364 -44.48 -5.64 59.51
C GLU B 364 -44.84 -4.34 60.25
N THR B 365 -46.15 -4.16 60.47
CA THR B 365 -46.63 -2.97 61.15
C THR B 365 -46.12 -2.98 62.60
N GLU B 366 -46.13 -1.81 63.23
CA GLU B 366 -45.57 -1.68 64.57
C GLU B 366 -46.29 -2.58 65.57
N ASP B 367 -47.58 -2.34 65.79
CA ASP B 367 -48.35 -3.09 66.78
C ASP B 367 -49.21 -4.18 66.17
N GLN B 368 -50.01 -3.85 65.15
CA GLN B 368 -51.00 -4.80 64.64
C GLN B 368 -50.36 -6.04 64.02
N ASN B 369 -49.07 -5.97 63.69
CA ASN B 369 -48.30 -7.11 63.21
C ASN B 369 -48.88 -7.69 61.91
N ASN B 370 -49.20 -6.81 60.98
CA ASN B 370 -49.58 -7.22 59.63
C ASN B 370 -48.51 -6.80 58.65
N THR B 371 -48.40 -7.55 57.56
CA THR B 371 -47.32 -7.39 56.60
C THR B 371 -47.62 -6.27 55.61
N LEU B 372 -46.55 -5.67 55.08
CA LEU B 372 -46.66 -4.71 54.00
C LEU B 372 -45.34 -4.73 53.23
N THR B 373 -45.44 -4.71 51.91
CA THR B 373 -44.29 -4.87 51.03
C THR B 373 -44.07 -3.63 50.21
N THR B 374 -42.90 -3.58 49.57
CA THR B 374 -42.51 -2.47 48.71
C THR B 374 -41.76 -3.04 47.50
N PHE B 375 -42.21 -2.64 46.31
CA PHE B 375 -41.55 -2.97 45.06
C PHE B 375 -40.78 -1.76 44.57
N LYS B 376 -39.49 -1.93 44.28
CA LYS B 376 -38.66 -0.84 43.78
C LYS B 376 -37.94 -1.31 42.52
N VAL B 377 -38.17 -0.62 41.41
CA VAL B 377 -37.59 -0.99 40.13
C VAL B 377 -36.40 -0.08 39.88
N GLN B 378 -35.20 -0.65 39.93
CA GLN B 378 -33.96 0.09 39.75
C GLN B 378 -33.33 -0.22 38.40
N ASN B 379 -32.61 0.77 37.87
CA ASN B 379 -31.88 0.63 36.61
C ASN B 379 -30.45 0.23 36.97
N VAL B 380 -30.11 -1.04 36.77
CA VAL B 380 -28.81 -1.55 37.20
C VAL B 380 -27.71 -1.05 36.28
N SER B 381 -28.05 -0.72 35.04
CA SER B 381 -27.04 -0.23 34.10
C SER B 381 -26.44 1.07 34.56
N ASN B 382 -27.26 2.00 35.04
CA ASN B 382 -26.79 3.27 35.58
C ASN B 382 -26.86 3.26 37.11
N ALA B 383 -26.37 2.20 37.73
CA ALA B 383 -26.40 2.07 39.19
C ALA B 383 -25.14 2.64 39.83
N ASN B 384 -23.98 2.07 39.49
CA ASN B 384 -22.70 2.52 40.02
C ASN B 384 -22.09 3.61 39.13
N ASN B 385 -22.89 4.64 38.82
CA ASN B 385 -22.42 5.75 38.02
C ASN B 385 -21.29 6.48 38.74
N PRO B 386 -20.45 7.21 37.99
CA PRO B 386 -19.28 7.85 38.61
C PRO B 386 -19.61 8.83 39.71
N ILE B 387 -20.76 9.53 39.63
CA ILE B 387 -21.07 10.56 40.62
C ILE B 387 -21.40 9.91 41.96
N SER B 388 -22.36 8.97 41.97
CA SER B 388 -22.78 8.35 43.22
C SER B 388 -21.60 7.70 43.94
N SER B 389 -20.71 7.05 43.19
CA SER B 389 -19.49 6.51 43.77
C SER B 389 -18.71 7.58 44.51
N LYS B 390 -18.52 8.74 43.87
CA LYS B 390 -17.84 9.86 44.52
C LYS B 390 -18.59 10.31 45.77
N LEU B 391 -19.93 10.30 45.73
CA LEU B 391 -20.71 10.68 46.90
C LEU B 391 -20.44 9.74 48.07
N THR B 392 -20.49 8.44 47.84
CA THR B 392 -20.18 7.48 48.91
C THR B 392 -18.73 7.62 49.38
N GLU B 393 -17.81 7.90 48.46
CA GLU B 393 -16.42 8.15 48.84
C GLU B 393 -16.31 9.35 49.77
N TYR B 394 -17.05 10.42 49.46
CA TYR B 394 -17.11 11.57 50.34
C TYR B 394 -17.62 11.15 51.71
N TYR B 395 -18.71 10.38 51.73
CA TYR B 395 -19.34 10.02 53.00
C TYR B 395 -18.39 9.22 53.88
N THR B 396 -17.74 8.19 53.32
CA THR B 396 -16.80 7.38 54.10
C THR B 396 -15.60 8.20 54.55
N ASN B 397 -15.04 9.03 53.67
CA ASN B 397 -13.91 9.87 54.09
C ASN B 397 -14.33 10.86 55.16
N PHE B 398 -15.59 11.31 55.13
CA PHE B 398 -16.13 12.18 56.16
C PHE B 398 -16.27 11.44 57.49
N LYS B 399 -16.69 10.17 57.42
CA LYS B 399 -16.75 9.37 58.64
C LYS B 399 -15.37 9.21 59.25
N TYR B 400 -14.35 9.05 58.39
CA TYR B 400 -12.99 8.88 58.90
C TYR B 400 -12.44 10.19 59.48
N LYS B 401 -12.67 11.31 58.78
CA LYS B 401 -12.01 12.57 59.13
C LYS B 401 -12.76 13.37 60.19
N ILE B 402 -14.06 13.16 60.38
CA ILE B 402 -14.85 13.98 61.29
C ILE B 402 -15.39 13.14 62.42
N LEU B 403 -15.56 11.84 62.19
CA LEU B 403 -16.05 10.91 63.21
C LEU B 403 -14.99 9.84 63.49
N PRO B 404 -13.87 10.22 64.14
CA PRO B 404 -12.84 9.22 64.44
C PRO B 404 -13.28 8.23 65.48
N GLY B 405 -13.50 6.98 65.08
CA GLY B 405 -13.96 5.97 66.00
C GLY B 405 -15.38 6.14 66.49
N GLY B 406 -16.19 6.95 65.80
CA GLY B 406 -17.56 7.17 66.19
C GLY B 406 -17.79 8.34 67.11
N LYS B 407 -16.89 9.31 67.16
CA LYS B 407 -17.01 10.47 68.02
C LYS B 407 -17.07 11.72 67.14
N LEU B 408 -18.16 12.48 67.28
CA LEU B 408 -18.39 13.62 66.41
C LEU B 408 -17.46 14.77 66.78
N ASN B 409 -16.57 15.13 65.85
CA ASN B 409 -15.62 16.23 66.03
C ASN B 409 -16.36 17.57 65.87
N LYS B 410 -17.07 17.96 66.93
CA LYS B 410 -17.84 19.20 66.89
C LYS B 410 -16.94 20.43 66.80
N GLY B 411 -15.71 20.33 67.27
CA GLY B 411 -14.81 21.48 67.23
C GLY B 411 -14.43 21.87 65.81
N LYS B 412 -13.96 20.89 65.02
CA LYS B 412 -13.62 21.20 63.64
C LYS B 412 -14.85 21.61 62.84
N LEU B 413 -16.03 21.08 63.20
CA LEU B 413 -17.23 21.49 62.50
C LEU B 413 -17.58 22.95 62.79
N LYS B 414 -17.43 23.39 64.04
CA LYS B 414 -17.62 24.80 64.34
C LYS B 414 -16.56 25.67 63.68
N ASP B 415 -15.33 25.15 63.56
CA ASP B 415 -14.28 25.89 62.86
C ASP B 415 -14.62 26.08 61.38
N LEU B 416 -15.13 25.01 60.75
CA LEU B 416 -15.54 25.12 59.35
C LEU B 416 -16.73 26.07 59.19
N GLN B 417 -17.65 26.06 60.16
CA GLN B 417 -18.72 27.05 60.16
C GLN B 417 -18.16 28.46 60.18
N SER B 418 -17.20 28.71 61.06
CA SER B 418 -16.59 30.05 61.14
C SER B 418 -15.91 30.41 59.83
N THR B 419 -15.22 29.46 59.22
CA THR B 419 -14.53 29.72 57.95
C THR B 419 -15.53 30.10 56.86
N VAL B 420 -16.61 29.32 56.72
CA VAL B 420 -17.57 29.61 55.65
C VAL B 420 -18.32 30.91 55.93
N THR B 421 -18.56 31.24 57.21
CA THR B 421 -19.22 32.50 57.50
C THR B 421 -18.31 33.68 57.20
N SER B 422 -17.01 33.56 57.50
CA SER B 422 -16.07 34.62 57.14
C SER B 422 -15.97 34.76 55.63
N LEU B 423 -16.03 33.64 54.91
CA LEU B 423 -16.00 33.72 53.45
C LEU B 423 -17.24 34.41 52.90
N LEU B 424 -18.41 34.12 53.47
CA LEU B 424 -19.63 34.78 53.06
C LEU B 424 -19.58 36.28 53.35
N GLU B 425 -19.02 36.64 54.51
CA GLU B 425 -18.81 38.05 54.83
C GLU B 425 -17.91 38.72 53.80
N LYS B 426 -16.83 38.04 53.40
CA LYS B 426 -15.92 38.62 52.42
C LYS B 426 -16.60 38.78 51.07
N THR B 427 -17.47 37.83 50.70
CA THR B 427 -18.24 37.98 49.47
C THR B 427 -19.15 39.20 49.56
N ARG B 428 -19.84 39.36 50.68
CA ARG B 428 -20.70 40.51 50.87
C ARG B 428 -19.92 41.82 50.81
N LYS B 429 -18.65 41.79 51.25
CA LYS B 429 -17.86 43.02 51.29
C LYS B 429 -17.28 43.39 49.92
N GLU B 430 -16.73 42.41 49.21
CA GLU B 430 -15.93 42.68 48.01
C GLU B 430 -16.73 42.58 46.71
N ASN B 431 -18.05 42.38 46.78
CA ASN B 431 -18.84 42.25 45.55
C ASN B 431 -18.95 43.60 44.85
N ASN B 432 -18.65 43.62 43.55
CA ASN B 432 -18.69 44.84 42.74
C ASN B 432 -18.93 44.45 41.29
N PRO B 433 -19.91 45.06 40.62
CA PRO B 433 -20.21 44.68 39.22
C PRO B 433 -19.09 44.98 38.24
N LYS B 434 -18.16 45.88 38.58
CA LYS B 434 -17.10 46.22 37.63
C LYS B 434 -16.19 45.03 37.35
N TYR B 435 -16.08 44.09 38.28
CA TYR B 435 -15.38 42.85 38.01
C TYR B 435 -16.14 42.04 36.98
N LYS B 436 -15.44 41.60 35.93
CA LYS B 436 -16.12 40.89 34.86
C LYS B 436 -15.39 39.67 34.32
N SER B 437 -14.06 39.61 34.39
CA SER B 437 -13.32 38.50 33.81
C SER B 437 -12.97 37.47 34.87
N ASP B 438 -12.60 36.27 34.40
CA ASP B 438 -12.16 35.23 35.33
C ASP B 438 -10.88 35.62 36.04
N SER B 439 -9.99 36.34 35.34
CA SER B 439 -8.76 36.81 35.96
C SER B 439 -9.05 37.79 37.10
N ASP B 440 -10.02 38.69 36.90
CA ASP B 440 -10.38 39.64 37.96
C ASP B 440 -11.01 38.90 39.14
N PHE B 441 -11.95 38.01 38.87
CA PHE B 441 -12.58 37.24 39.94
C PHE B 441 -11.55 36.46 40.74
N TYR B 442 -10.59 35.84 40.07
CA TYR B 442 -9.57 35.09 40.80
C TYR B 442 -8.65 36.03 41.57
N GLU B 443 -8.22 37.13 40.95
CA GLU B 443 -7.40 38.10 41.66
C GLU B 443 -8.06 38.57 42.94
N VAL B 444 -9.39 38.67 42.95
CA VAL B 444 -10.07 39.17 44.15
C VAL B 444 -10.52 38.06 45.10
N PHE B 445 -10.57 36.78 44.64
CA PHE B 445 -11.13 35.75 45.50
C PHE B 445 -10.35 34.43 45.53
N GLU B 446 -9.07 34.41 45.13
CA GLU B 446 -8.33 33.15 45.17
C GLU B 446 -8.16 32.64 46.59
N GLU B 447 -7.89 33.53 47.55
CA GLU B 447 -7.73 33.08 48.93
C GLU B 447 -9.03 32.48 49.45
N GLY B 448 -10.16 33.08 49.10
CA GLY B 448 -11.44 32.51 49.50
C GLY B 448 -11.72 31.17 48.83
N VAL B 449 -11.38 31.06 47.55
CA VAL B 449 -11.58 29.78 46.85
C VAL B 449 -10.69 28.71 47.47
N VAL B 450 -9.48 29.07 47.87
CA VAL B 450 -8.59 28.11 48.51
C VAL B 450 -9.14 27.68 49.87
N GLU B 451 -9.67 28.63 50.64
CA GLU B 451 -10.27 28.26 51.92
C GLU B 451 -11.50 27.39 51.74
N LEU B 452 -12.27 27.63 50.68
CA LEU B 452 -13.42 26.77 50.36
C LEU B 452 -12.96 25.37 49.96
N MSE B 453 -11.91 25.27 49.15
CA MSE B 453 -11.38 23.97 48.78
C MSE B 453 -10.91 23.23 50.02
O MSE B 453 -11.11 22.03 50.18
CB MSE B 453 -10.23 24.13 47.79
CG MSE B 453 -9.89 22.88 47.01
SE MSE B 453 -8.12 22.99 46.24
CE MSE B 453 -7.09 22.37 47.78
N GLN B 454 -10.32 23.99 50.95
CA GLN B 454 -9.81 23.39 52.17
C GLN B 454 -10.93 22.90 53.07
N VAL B 455 -12.05 23.65 53.14
CA VAL B 455 -13.15 23.21 53.98
C VAL B 455 -13.83 21.99 53.37
N PHE B 456 -13.92 21.92 52.04
CA PHE B 456 -14.39 20.68 51.42
C PHE B 456 -13.46 19.51 51.73
N GLU B 457 -12.15 19.74 51.66
CA GLU B 457 -11.21 18.66 51.98
C GLU B 457 -11.36 18.19 53.42
N ASP B 458 -11.52 19.13 54.35
CA ASP B 458 -11.70 18.76 55.76
C ASP B 458 -13.04 18.06 55.99
N LEU B 459 -14.06 18.37 55.20
CA LEU B 459 -15.32 17.64 55.30
C LEU B 459 -15.23 16.23 54.74
N GLY B 460 -14.15 15.87 54.08
CA GLY B 460 -13.98 14.54 53.52
C GLY B 460 -13.82 14.51 52.00
N VAL B 461 -13.94 15.65 51.31
CA VAL B 461 -13.68 15.68 49.88
C VAL B 461 -12.17 15.69 49.72
N ASP B 462 -11.54 14.55 50.04
CA ASP B 462 -10.09 14.45 49.95
C ASP B 462 -9.60 14.69 48.54
N SER B 463 -10.22 14.03 47.57
CA SER B 463 -9.78 14.07 46.17
C SER B 463 -9.88 15.44 45.55
N ILE B 464 -10.34 16.45 46.31
CA ILE B 464 -10.55 17.78 45.74
C ILE B 464 -9.23 18.34 45.23
N THR B 465 -9.31 19.02 44.09
CA THR B 465 -8.16 19.69 43.50
C THR B 465 -8.61 21.06 43.00
N PHE B 466 -7.68 22.02 43.01
CA PHE B 466 -8.02 23.37 42.60
C PHE B 466 -8.53 23.38 41.16
N GLU B 467 -7.90 22.61 40.28
CA GLU B 467 -8.29 22.54 38.88
C GLU B 467 -9.78 22.28 38.75
N ALA B 468 -10.25 21.20 39.37
CA ALA B 468 -11.67 20.89 39.37
C ALA B 468 -12.49 22.06 39.92
N MSE B 469 -12.03 22.65 41.01
CA MSE B 469 -12.66 23.82 41.60
C MSE B 469 -12.96 24.86 40.53
O MSE B 469 -14.07 25.42 40.48
CB MSE B 469 -11.77 24.43 42.68
CG MSE B 469 -11.93 23.80 44.06
SE MSE B 469 -13.54 24.44 44.93
CE MSE B 469 -14.19 22.76 45.64
N ASP B 470 -11.98 25.10 39.66
CA ASP B 470 -12.16 26.04 38.55
C ASP B 470 -13.43 25.71 37.77
N ILE B 471 -13.50 24.49 37.24
CA ILE B 471 -14.70 24.07 36.52
C ILE B 471 -15.91 24.15 37.44
N PHE B 472 -15.75 23.76 38.70
CA PHE B 472 -16.87 23.84 39.64
C PHE B 472 -17.40 25.26 39.75
N LEU B 473 -16.52 26.27 39.64
CA LEU B 473 -16.99 27.64 39.66
C LEU B 473 -17.42 28.09 38.27
N LYS B 474 -16.89 27.48 37.22
CA LYS B 474 -17.29 27.82 35.87
C LYS B 474 -18.62 27.21 35.47
N GLN B 475 -19.20 26.35 36.32
CA GLN B 475 -20.47 25.69 36.03
C GLN B 475 -20.45 24.96 34.69
N PHE B 476 -19.30 24.34 34.40
CA PHE B 476 -19.09 23.57 33.17
C PHE B 476 -19.24 24.42 31.91
N ARG B 477 -18.94 25.71 32.02
CA ARG B 477 -18.88 26.61 30.87
C ARG B 477 -17.41 26.91 30.60
N PHE B 478 -16.93 26.55 29.41
CA PHE B 478 -15.50 26.65 29.13
C PHE B 478 -15.19 27.82 28.22
N ASP B 479 -15.45 27.68 26.92
CA ASP B 479 -15.27 28.78 25.97
C ASP B 479 -16.47 29.70 25.92
N LEU B 480 -17.57 29.36 26.62
CA LEU B 480 -18.78 30.17 26.55
C LEU B 480 -18.63 31.52 27.26
N PRO B 481 -18.11 31.60 28.50
CA PRO B 481 -18.15 32.89 29.20
C PRO B 481 -17.42 34.01 28.49
N GLU B 482 -16.24 33.74 27.92
CA GLU B 482 -15.44 34.75 27.21
C GLU B 482 -15.05 35.83 28.21
N ASN B 483 -15.31 37.10 27.95
CA ASN B 483 -14.87 38.16 28.86
C ASN B 483 -15.74 38.24 30.11
N ASN B 484 -17.06 38.11 29.95
CA ASN B 484 -18.00 38.28 31.06
C ASN B 484 -18.24 36.93 31.72
N ALA B 485 -17.55 36.69 32.84
CA ALA B 485 -17.67 35.45 33.58
C ALA B 485 -17.75 35.64 35.09
N TYR B 486 -17.52 36.84 35.62
CA TYR B 486 -17.43 37.03 37.06
C TYR B 486 -18.75 36.69 37.75
N LYS B 487 -19.88 37.07 37.15
CA LYS B 487 -21.16 36.88 37.82
C LYS B 487 -21.41 35.41 38.12
N ILE B 488 -21.54 34.59 37.07
CA ILE B 488 -21.86 33.17 37.23
C ILE B 488 -20.95 32.55 38.29
N MSE B 489 -19.63 32.69 38.12
CA MSE B 489 -18.66 32.19 39.08
C MSE B 489 -19.05 32.64 40.47
O MSE B 489 -19.38 31.82 41.33
CB MSE B 489 -17.25 32.67 38.74
CG MSE B 489 -16.70 32.17 37.43
SE MSE B 489 -14.75 32.18 37.39
CE MSE B 489 -14.48 31.63 35.55
N TYR B 490 -19.06 33.97 40.66
CA TYR B 490 -19.44 34.54 41.94
C TYR B 490 -20.69 33.88 42.49
N GLN B 491 -21.74 33.80 41.65
CA GLN B 491 -22.98 33.16 42.07
C GLN B 491 -22.70 31.83 42.72
N GLN B 492 -22.16 30.89 41.94
CA GLN B 492 -21.83 29.57 42.48
C GLN B 492 -21.03 29.70 43.76
N TYR B 493 -19.99 30.53 43.73
CA TYR B 493 -19.15 30.76 44.91
C TYR B 493 -20.02 31.10 46.11
N GLN B 494 -20.83 32.16 46.01
CA GLN B 494 -21.72 32.50 47.11
C GLN B 494 -22.76 31.40 47.33
N GLY B 495 -23.30 30.85 46.24
CA GLY B 495 -24.35 29.86 46.32
C GLY B 495 -23.98 28.66 47.15
N LYS B 496 -22.90 27.99 46.75
CA LYS B 496 -22.47 26.78 47.45
C LYS B 496 -22.06 27.09 48.88
N LEU B 497 -21.45 28.26 49.09
CA LEU B 497 -21.03 28.64 50.44
C LEU B 497 -22.20 28.68 51.40
N THR B 498 -23.29 29.36 51.01
CA THR B 498 -24.49 29.38 51.85
C THR B 498 -25.00 27.97 52.10
N ASN B 499 -25.08 27.15 51.05
CA ASN B 499 -25.53 25.77 51.22
C ASN B 499 -24.55 24.99 52.09
N LEU B 500 -23.24 25.24 51.93
CA LEU B 500 -22.25 24.59 52.77
C LEU B 500 -22.43 24.96 54.24
N ASN B 501 -22.62 26.24 54.52
CA ASN B 501 -22.88 26.68 55.89
C ASN B 501 -24.12 26.00 56.45
N ASN B 502 -25.20 25.94 55.64
CA ASN B 502 -26.42 25.28 56.09
C ASN B 502 -26.16 23.80 56.40
N LEU B 503 -25.42 23.11 55.53
CA LEU B 503 -25.05 21.73 55.78
C LEU B 503 -24.29 21.59 57.10
N LEU B 504 -23.33 22.49 57.33
CA LEU B 504 -22.55 22.45 58.56
C LEU B 504 -23.44 22.66 59.79
N LYS B 505 -24.40 23.58 59.68
CA LYS B 505 -25.32 23.81 60.80
C LYS B 505 -26.27 22.64 60.99
N ASP B 506 -26.58 21.90 59.93
CA ASP B 506 -27.42 20.72 60.05
C ASP B 506 -26.67 19.53 60.61
N ILE B 507 -25.35 19.49 60.42
CA ILE B 507 -24.55 18.42 61.00
C ILE B 507 -24.19 18.78 62.44
N GLN B 508 -24.11 20.07 62.75
CA GLN B 508 -23.87 20.51 64.12
C GLN B 508 -25.13 20.33 64.96
N SER B 509 -26.26 20.89 64.50
CA SER B 509 -27.52 20.77 65.20
C SER B 509 -28.15 19.39 65.05
N ASN B 510 -27.55 18.50 64.25
CA ASN B 510 -27.95 17.10 64.13
C ASN B 510 -29.36 16.95 63.52
N LYS B 511 -29.76 17.88 62.64
CA LYS B 511 -30.96 17.65 61.84
C LYS B 511 -30.76 16.48 60.89
N ILE B 512 -29.54 16.34 60.37
CA ILE B 512 -29.12 15.23 59.53
C ILE B 512 -27.99 14.52 60.27
N ASN B 513 -28.25 13.28 60.70
CA ASN B 513 -27.32 12.56 61.56
C ASN B 513 -26.19 11.95 60.73
N PRO B 514 -24.93 12.21 61.08
CA PRO B 514 -23.82 11.66 60.30
C PRO B 514 -23.68 10.15 60.43
N TYR B 515 -24.13 9.56 61.55
CA TYR B 515 -23.94 8.14 61.79
C TYR B 515 -24.93 7.27 61.03
N LYS B 516 -26.00 7.85 60.48
CA LYS B 516 -27.02 7.07 59.80
C LYS B 516 -27.26 7.52 58.36
N ILE B 517 -27.54 8.79 58.14
CA ILE B 517 -27.84 9.34 56.82
C ILE B 517 -26.63 10.08 56.27
N ASN B 518 -26.35 9.86 54.99
CA ASN B 518 -25.19 10.46 54.33
C ASN B 518 -25.45 11.94 54.10
N PRO B 519 -24.62 12.85 54.63
CA PRO B 519 -24.88 14.28 54.40
C PRO B 519 -24.66 14.69 52.96
N PHE B 520 -23.61 14.15 52.30
CA PHE B 520 -23.35 14.52 50.91
C PHE B 520 -24.49 14.10 50.01
N LYS B 521 -25.14 12.97 50.30
CA LYS B 521 -26.28 12.54 49.49
C LYS B 521 -27.45 13.48 49.66
N ASN B 522 -27.67 13.97 50.88
CA ASN B 522 -28.77 14.91 51.12
C ASN B 522 -28.53 16.22 50.37
N TYR B 523 -27.33 16.78 50.51
CA TYR B 523 -26.95 18.00 49.81
C TYR B 523 -26.36 17.72 48.43
N SER B 524 -26.64 16.55 47.85
CA SER B 524 -26.09 16.22 46.54
C SER B 524 -26.57 17.19 45.47
N ASN B 525 -27.89 17.37 45.36
CA ASN B 525 -28.43 18.26 44.34
C ASN B 525 -27.93 19.68 44.51
N LEU B 526 -27.84 20.15 45.75
CA LEU B 526 -27.49 21.54 46.00
C LEU B 526 -26.00 21.81 45.83
N ILE B 527 -25.15 20.83 46.11
CA ILE B 527 -23.71 21.06 46.11
C ILE B 527 -22.96 19.99 45.33
N PHE B 528 -23.00 18.76 45.83
CA PHE B 528 -21.96 17.78 45.52
C PHE B 528 -22.17 17.02 44.22
N ASN B 529 -23.35 17.08 43.59
CA ASN B 529 -23.47 16.55 42.24
C ASN B 529 -22.55 17.31 41.29
N SER B 530 -22.61 18.64 41.33
CA SER B 530 -21.76 19.46 40.47
C SER B 530 -20.29 19.27 40.82
N LEU B 531 -19.98 19.14 42.12
CA LEU B 531 -18.60 18.95 42.54
C LEU B 531 -18.04 17.63 42.06
N ALA B 532 -18.81 16.55 42.23
CA ALA B 532 -18.39 15.24 41.73
C ALA B 532 -18.22 15.27 40.22
N GLU B 533 -19.12 15.97 39.52
CA GLU B 533 -18.98 16.12 38.07
C GLU B 533 -17.67 16.82 37.71
N ALA B 534 -17.39 17.93 38.41
CA ALA B 534 -16.22 18.74 38.06
C ALA B 534 -14.93 17.99 38.33
N GLU B 535 -14.85 17.25 39.43
CA GLU B 535 -13.61 16.53 39.68
C GLU B 535 -13.59 15.14 39.05
N ASN B 536 -14.71 14.69 38.47
CA ASN B 536 -14.68 13.53 37.60
C ASN B 536 -14.29 13.89 36.18
N TYR B 537 -14.38 15.18 35.83
CA TYR B 537 -13.91 15.62 34.52
C TYR B 537 -12.44 15.29 34.31
N PHE B 538 -11.66 15.22 35.40
CA PHE B 538 -10.22 15.00 35.35
C PHE B 538 -9.83 13.54 35.59
N ILE B 539 -10.79 12.68 35.91
CA ILE B 539 -10.51 11.28 36.22
C ILE B 539 -10.86 10.42 35.01
N GLU B 540 -10.02 9.43 34.73
CA GLU B 540 -10.29 8.47 33.65
C GLU B 540 -11.15 7.34 34.19
N ASN B 541 -12.17 6.96 33.43
CA ASN B 541 -13.07 5.86 33.78
C ASN B 541 -12.75 4.69 32.88
N ASN B 542 -11.91 3.78 33.38
CA ASN B 542 -11.47 2.61 32.61
C ASN B 542 -12.42 1.42 32.71
N ASN B 543 -13.53 1.56 33.42
CA ASN B 543 -14.47 0.46 33.55
C ASN B 543 -15.32 0.31 32.30
N GLU B 544 -15.87 -0.89 32.12
CA GLU B 544 -16.82 -1.15 31.06
C GLU B 544 -18.23 -1.08 31.62
N SER B 545 -19.15 -0.59 30.78
CA SER B 545 -20.56 -0.43 31.18
C SER B 545 -21.21 -1.81 31.18
N THR B 546 -21.07 -2.52 32.29
CA THR B 546 -21.56 -3.88 32.41
C THR B 546 -22.39 -4.03 33.69
N ILE B 547 -23.11 -5.15 33.77
CA ILE B 547 -23.77 -5.59 34.99
C ILE B 547 -23.44 -7.06 35.21
N PHE B 548 -23.73 -7.55 36.41
CA PHE B 548 -23.51 -8.94 36.78
C PHE B 548 -24.83 -9.55 37.23
N SER B 549 -25.30 -10.55 36.51
CA SER B 549 -26.60 -11.16 36.78
C SER B 549 -26.46 -12.68 36.72
N ASN B 550 -26.86 -13.34 37.81
CA ASN B 550 -26.87 -14.80 37.94
C ASN B 550 -25.62 -15.44 37.32
N GLY B 551 -24.46 -14.99 37.80
CA GLY B 551 -23.19 -15.54 37.39
C GLY B 551 -22.70 -15.10 36.03
N LYS B 552 -23.57 -14.59 35.17
CA LYS B 552 -23.17 -14.12 33.85
C LYS B 552 -22.92 -12.62 33.87
N THR B 553 -22.10 -12.17 32.92
CA THR B 553 -21.77 -10.76 32.77
C THR B 553 -22.41 -10.23 31.49
N TYR B 554 -23.23 -9.18 31.63
CA TYR B 554 -23.94 -8.58 30.52
C TYR B 554 -23.42 -7.16 30.30
N TRP B 555 -23.51 -6.70 29.06
CA TRP B 555 -23.03 -5.39 28.67
C TRP B 555 -24.21 -4.46 28.39
N ASN B 556 -24.06 -3.19 28.78
CA ASN B 556 -25.14 -2.21 28.72
C ASN B 556 -25.24 -1.51 27.38
N PHE B 557 -24.56 -1.99 26.35
CA PHE B 557 -24.68 -1.46 25.00
C PHE B 557 -24.72 -2.63 24.03
N ALA B 558 -25.75 -2.68 23.19
CA ALA B 558 -25.97 -3.83 22.32
C ALA B 558 -26.30 -3.35 20.92
N ARG B 559 -26.09 -4.24 19.95
CA ARG B 559 -26.32 -3.90 18.56
C ARG B 559 -27.81 -3.66 18.35
N PRO B 560 -28.21 -2.57 17.67
CA PRO B 560 -29.58 -2.07 17.80
C PRO B 560 -30.65 -3.05 17.34
N SER B 561 -31.83 -2.89 17.94
CA SER B 561 -33.01 -3.68 17.62
C SER B 561 -34.07 -2.78 16.99
N TYR B 562 -35.05 -3.41 16.35
CA TYR B 562 -36.12 -2.63 15.73
C TYR B 562 -36.85 -1.77 16.76
N ILE B 563 -37.10 -2.31 17.96
CA ILE B 563 -37.86 -1.57 18.96
C ILE B 563 -37.04 -0.38 19.48
N SER B 564 -35.74 -0.58 19.69
CA SER B 564 -34.90 0.52 20.13
C SER B 564 -34.77 1.57 19.04
N ASN B 565 -34.65 1.14 17.78
CA ASN B 565 -34.63 2.10 16.68
C ASN B 565 -35.93 2.87 16.59
N ARG B 566 -37.06 2.20 16.83
CA ARG B 566 -38.35 2.87 16.75
C ARG B 566 -38.50 3.90 17.86
N ILE B 567 -38.06 3.57 19.08
CA ILE B 567 -38.15 4.54 20.16
C ILE B 567 -37.17 5.70 19.94
N ASN B 568 -35.97 5.41 19.43
CA ASN B 568 -35.04 6.48 19.10
C ASN B 568 -35.59 7.37 18.00
N THR B 569 -36.37 6.81 17.07
CA THR B 569 -37.00 7.60 16.04
C THR B 569 -38.10 8.49 16.62
N PHE B 570 -38.91 7.93 17.52
CA PHE B 570 -39.90 8.75 18.23
C PHE B 570 -39.23 9.89 18.99
N LYS B 571 -38.06 9.62 19.56
CA LYS B 571 -37.38 10.61 20.39
C LYS B 571 -36.69 11.68 19.55
N ASN B 572 -36.13 11.31 18.40
CA ASN B 572 -35.32 12.23 17.60
C ASN B 572 -36.00 12.65 16.30
N ASN B 573 -37.16 12.08 15.96
CA ASN B 573 -37.92 12.49 14.78
C ASN B 573 -39.40 12.31 15.08
N PRO B 574 -39.96 13.16 15.94
CA PRO B 574 -41.34 12.95 16.40
C PRO B 574 -42.37 13.03 15.29
N GLY B 575 -42.01 13.59 14.14
CA GLY B 575 -42.98 13.77 13.08
C GLY B 575 -43.61 12.48 12.62
N VAL B 576 -42.84 11.39 12.63
CA VAL B 576 -43.39 10.09 12.24
C VAL B 576 -44.61 9.75 13.10
N LEU B 577 -44.53 10.04 14.40
CA LEU B 577 -45.69 9.83 15.27
C LEU B 577 -46.92 10.52 14.71
N ARG B 578 -46.76 11.80 14.32
CA ARG B 578 -47.87 12.53 13.72
C ARG B 578 -48.41 11.81 12.49
N GLN B 579 -47.51 11.37 11.59
CA GLN B 579 -48.01 10.67 10.41
C GLN B 579 -48.65 9.34 10.80
N LEU B 580 -48.15 8.70 11.86
CA LEU B 580 -48.84 7.51 12.38
C LEU B 580 -50.25 7.86 12.82
N LEU B 581 -50.42 9.01 13.46
CA LEU B 581 -51.75 9.45 13.85
C LEU B 581 -52.61 9.78 12.65
N ASN B 582 -51.99 10.04 11.50
CA ASN B 582 -52.75 10.36 10.29
C ASN B 582 -53.29 9.11 9.59
N THR B 583 -52.71 7.94 9.85
CA THR B 583 -53.13 6.73 9.17
C THR B 583 -54.39 6.15 9.81
N SER B 584 -54.98 5.18 9.11
CA SER B 584 -56.27 4.63 9.51
C SER B 584 -56.21 3.96 10.86
N TYR B 585 -55.29 3.00 11.03
CA TYR B 585 -55.25 2.23 12.27
C TYR B 585 -54.59 3.01 13.40
N GLY B 586 -53.50 3.73 13.11
CA GLY B 586 -52.79 4.45 14.13
C GLY B 586 -53.43 5.73 14.61
N GLN B 587 -54.63 6.04 14.13
CA GLN B 587 -55.30 7.28 14.52
C GLN B 587 -55.72 7.26 15.98
N SER B 588 -56.06 6.08 16.51
CA SER B 588 -56.57 5.94 17.86
C SER B 588 -55.48 5.79 18.91
N SER B 589 -54.22 6.09 18.57
CA SER B 589 -53.13 5.92 19.50
C SER B 589 -53.22 6.95 20.63
N LEU B 590 -53.39 6.46 21.86
CA LEU B 590 -53.28 7.35 23.02
C LEU B 590 -51.83 7.74 23.27
N TRP B 591 -50.90 6.82 23.00
CA TRP B 591 -49.51 7.05 23.35
C TRP B 591 -48.86 8.06 22.41
N ALA B 592 -49.19 8.00 21.12
CA ALA B 592 -48.62 8.96 20.18
C ALA B 592 -49.02 10.39 20.52
N LYS B 593 -50.32 10.62 20.75
CA LYS B 593 -50.79 11.94 21.13
C LYS B 593 -50.12 12.42 22.40
N HIS B 594 -50.02 11.54 23.40
CA HIS B 594 -49.41 11.92 24.66
C HIS B 594 -47.95 12.30 24.47
N LEU B 595 -47.21 11.49 23.70
CA LEU B 595 -45.80 11.76 23.47
C LEU B 595 -45.58 13.07 22.72
N LEU B 596 -46.45 13.38 21.76
CA LEU B 596 -46.28 14.61 21.00
C LEU B 596 -47.11 15.77 21.56
N GLY B 597 -47.89 15.53 22.61
CA GLY B 597 -48.52 16.61 23.37
C GLY B 597 -49.95 16.91 23.00
N GLU B 598 -50.46 16.40 21.88
CA GLU B 598 -51.80 16.74 21.43
C GLU B 598 -52.86 15.86 22.06
N GLU B 599 -52.72 15.62 23.37
CA GLU B 599 -53.74 14.93 24.16
C GLU B 599 -55.00 15.78 24.29
N LYS B 600 -56.14 15.21 23.93
CA LYS B 600 -57.41 15.90 23.90
C LYS B 600 -58.30 15.44 25.07
N ASN B 601 -59.26 16.29 25.42
CA ASN B 601 -60.13 16.02 26.55
C ASN B 601 -61.38 15.28 26.08
N VAL B 602 -62.42 15.23 26.92
CA VAL B 602 -63.59 14.40 26.65
C VAL B 602 -64.48 14.96 25.55
N THR B 603 -64.40 16.26 25.25
CA THR B 603 -65.25 16.86 24.22
C THR B 603 -64.56 17.00 22.88
N GLY B 604 -63.22 17.03 22.84
CA GLY B 604 -62.51 17.14 21.59
C GLY B 604 -61.49 18.24 21.56
N ASP B 605 -61.48 19.09 22.60
CA ASP B 605 -60.52 20.18 22.67
C ASP B 605 -59.19 19.68 23.23
N PHE B 606 -58.11 20.32 22.80
CA PHE B 606 -56.79 20.01 23.33
C PHE B 606 -56.71 20.45 24.78
N VAL B 607 -56.12 19.60 25.63
CA VAL B 607 -56.08 19.93 27.06
C VAL B 607 -54.98 20.90 27.41
N LEU B 608 -53.99 21.08 26.55
CA LEU B 608 -52.84 21.92 26.85
C LEU B 608 -52.69 23.02 25.81
N ALA B 609 -52.23 24.19 26.25
CA ALA B 609 -51.94 25.29 25.35
C ALA B 609 -50.64 25.02 24.60
N GLY B 610 -50.39 25.83 23.57
CA GLY B 610 -49.23 25.59 22.72
C GLY B 610 -47.92 25.65 23.46
N ASN B 611 -47.74 26.69 24.29
CA ASN B 611 -46.51 26.82 25.08
C ASN B 611 -46.34 25.64 26.02
N ALA B 612 -47.43 25.19 26.65
CA ALA B 612 -47.35 24.01 27.49
C ALA B 612 -47.19 22.76 26.64
N ARG B 613 -47.78 22.73 25.43
CA ARG B 613 -47.77 21.53 24.61
C ARG B 613 -46.37 21.19 24.12
N GLU B 614 -45.61 22.20 23.67
CA GLU B 614 -44.26 21.93 23.18
C GLU B 614 -43.38 21.35 24.28
N SER B 615 -43.37 22.00 25.45
CA SER B 615 -42.52 21.52 26.54
C SER B 615 -43.00 20.17 27.04
N ALA B 616 -44.31 19.95 27.06
CA ALA B 616 -44.83 18.66 27.49
C ALA B 616 -44.38 17.55 26.56
N SER B 617 -44.50 17.78 25.25
CA SER B 617 -44.04 16.78 24.29
C SER B 617 -42.55 16.51 24.44
N GLU B 618 -41.76 17.56 24.65
CA GLU B 618 -40.32 17.39 24.82
C GLU B 618 -40.01 16.50 26.03
N ASN B 619 -40.63 16.81 27.17
CA ASN B 619 -40.35 16.03 28.38
C ASN B 619 -40.88 14.61 28.28
N ARG B 620 -42.07 14.43 27.70
CA ARG B 620 -42.64 13.09 27.55
C ARG B 620 -41.78 12.23 26.64
N LEU B 621 -41.19 12.84 25.59
CA LEU B 621 -40.31 12.08 24.72
C LEU B 621 -38.98 11.78 25.39
N LYS B 622 -38.48 12.70 26.21
CA LYS B 622 -37.23 12.44 26.91
C LYS B 622 -37.39 11.34 27.94
N SER B 623 -38.55 11.28 28.61
CA SER B 623 -38.75 10.30 29.67
C SER B 623 -38.98 8.89 29.13
N LEU B 624 -39.48 8.77 27.90
CA LEU B 624 -39.72 7.47 27.29
C LEU B 624 -38.46 6.62 27.30
N GLU B 625 -38.50 5.47 27.98
CA GLU B 625 -37.29 4.67 28.18
C GLU B 625 -37.57 3.21 27.90
N LEU B 626 -36.91 2.66 26.88
CA LEU B 626 -36.89 1.22 26.68
C LEU B 626 -35.99 0.57 27.73
N SER B 627 -36.36 -0.63 28.16
CA SER B 627 -35.56 -1.36 29.13
C SER B 627 -35.77 -2.86 28.93
N ILE B 628 -34.90 -3.64 29.57
CA ILE B 628 -35.05 -5.10 29.61
C ILE B 628 -35.17 -5.55 31.06
N PHE B 629 -36.15 -6.39 31.33
CA PHE B 629 -36.36 -6.93 32.67
C PHE B 629 -35.21 -7.86 33.03
N ASN B 630 -34.38 -7.44 33.98
CA ASN B 630 -33.20 -8.21 34.35
C ASN B 630 -33.56 -9.32 35.34
N SER B 631 -34.07 -8.95 36.51
CA SER B 631 -34.37 -9.94 37.54
C SER B 631 -35.30 -9.34 38.58
N LEU B 632 -35.99 -10.24 39.28
CA LEU B 632 -36.76 -9.91 40.47
C LEU B 632 -36.11 -10.61 41.67
N GLN B 633 -35.96 -9.88 42.77
CA GLN B 633 -35.21 -10.41 43.90
C GLN B 633 -35.75 -9.84 45.20
N GLU B 634 -35.65 -10.63 46.26
CA GLU B 634 -35.92 -10.14 47.60
C GLU B 634 -34.71 -9.35 48.11
N LYS B 635 -34.99 -8.31 48.88
CA LYS B 635 -33.93 -7.42 49.34
C LYS B 635 -32.89 -8.18 50.13
N ASP B 636 -31.62 -7.84 49.90
CA ASP B 636 -30.44 -8.40 50.55
C ASP B 636 -30.23 -9.89 50.24
N LYS B 637 -30.97 -10.43 49.27
CA LYS B 637 -30.78 -11.81 48.82
C LYS B 637 -30.80 -11.85 47.29
N GLY B 638 -29.85 -11.12 46.69
CA GLY B 638 -29.76 -11.06 45.24
C GLY B 638 -29.33 -12.37 44.60
N ALA B 639 -28.64 -13.23 45.34
CA ALA B 639 -28.25 -14.52 44.80
C ALA B 639 -29.43 -15.43 44.52
N GLU B 640 -30.57 -15.17 45.18
CA GLU B 640 -31.80 -15.95 44.99
C GLU B 640 -32.77 -15.23 44.06
N GLY B 641 -32.26 -14.60 43.00
CA GLY B 641 -33.07 -13.83 42.09
C GLY B 641 -33.54 -14.61 40.89
N ASN B 642 -34.62 -14.12 40.27
CA ASN B 642 -35.24 -14.77 39.13
C ASN B 642 -35.21 -13.84 37.93
N ASP B 643 -34.67 -14.32 36.81
CA ASP B 643 -34.68 -13.57 35.57
C ASP B 643 -36.00 -13.84 34.84
N ASN B 644 -36.08 -13.54 33.54
CA ASN B 644 -37.31 -13.78 32.80
C ASN B 644 -37.56 -15.27 32.54
N GLY B 645 -36.59 -16.13 32.80
CA GLY B 645 -36.75 -17.55 32.53
C GLY B 645 -37.15 -18.35 33.75
N SER B 646 -36.75 -17.88 34.93
CA SER B 646 -36.97 -18.62 36.16
C SER B 646 -38.00 -17.98 37.09
N ILE B 647 -38.57 -16.85 36.70
CA ILE B 647 -39.54 -16.17 37.56
C ILE B 647 -40.88 -16.89 37.44
N SER B 648 -41.56 -17.03 38.58
CA SER B 648 -42.86 -17.68 38.59
C SER B 648 -43.92 -16.75 38.02
N ILE B 649 -45.03 -17.35 37.56
CA ILE B 649 -46.11 -16.55 36.99
C ILE B 649 -46.71 -15.62 38.03
N VAL B 650 -46.72 -16.05 39.30
CA VAL B 650 -47.28 -15.23 40.37
C VAL B 650 -46.37 -14.03 40.65
N ASP B 651 -45.05 -14.28 40.76
CA ASP B 651 -44.11 -13.21 41.01
C ASP B 651 -44.09 -12.22 39.85
N GLN B 652 -44.10 -12.72 38.62
CA GLN B 652 -44.09 -11.81 37.47
C GLN B 652 -45.41 -11.07 37.36
N LEU B 653 -46.53 -11.71 37.70
CA LEU B 653 -47.80 -11.00 37.70
C LEU B 653 -47.80 -9.87 38.72
N ALA B 654 -47.24 -10.12 39.92
CA ALA B 654 -47.17 -9.05 40.92
C ALA B 654 -46.25 -7.92 40.46
N ASP B 655 -45.10 -8.27 39.88
CA ASP B 655 -44.19 -7.24 39.38
C ASP B 655 -44.86 -6.42 38.28
N LYS B 656 -45.55 -7.09 37.35
CA LYS B 656 -46.26 -6.40 36.29
C LYS B 656 -47.34 -5.50 36.85
N LEU B 657 -48.09 -5.98 37.85
CA LEU B 657 -49.12 -5.19 38.50
C LEU B 657 -48.55 -3.90 39.06
N ASN B 658 -47.48 -4.01 39.85
CA ASN B 658 -46.92 -2.81 40.47
C ASN B 658 -46.31 -1.89 39.43
N LYS B 659 -45.65 -2.43 38.41
CA LYS B 659 -45.06 -1.58 37.38
C LYS B 659 -46.13 -0.83 36.61
N VAL B 660 -47.28 -1.46 36.38
CA VAL B 660 -48.35 -0.79 35.64
C VAL B 660 -49.01 0.28 36.51
N LEU B 661 -49.32 -0.07 37.77
CA LEU B 661 -50.04 0.85 38.63
C LEU B 661 -49.16 1.93 39.26
N ARG B 662 -47.84 1.85 39.08
CA ARG B 662 -46.96 2.83 39.70
C ARG B 662 -47.21 4.24 39.14
N GLY B 663 -47.90 4.35 38.01
CA GLY B 663 -48.29 5.65 37.49
C GLY B 663 -49.45 6.30 38.21
N GLY B 664 -50.13 5.57 39.09
CA GLY B 664 -51.21 6.16 39.86
C GLY B 664 -50.74 7.06 40.98
N THR B 665 -49.57 6.76 41.55
CA THR B 665 -49.00 7.60 42.60
C THR B 665 -48.36 8.84 42.02
N LYS B 666 -48.41 9.93 42.79
CA LYS B 666 -47.79 11.17 42.35
C LYS B 666 -46.28 11.03 42.26
N ASN B 667 -45.70 11.72 41.28
CA ASN B 667 -44.27 11.63 40.97
C ASN B 667 -43.88 10.19 40.64
N GLY B 668 -44.77 9.48 39.94
CA GLY B 668 -44.49 8.12 39.53
C GLY B 668 -44.86 7.91 38.07
N THR B 669 -44.20 6.93 37.47
CA THR B 669 -44.40 6.59 36.07
C THR B 669 -44.62 5.08 35.92
N SER B 670 -45.52 4.71 35.02
CA SER B 670 -45.80 3.31 34.77
C SER B 670 -44.78 2.69 33.83
N ILE B 671 -44.62 1.39 33.92
CA ILE B 671 -43.71 0.62 33.08
C ILE B 671 -44.52 -0.50 32.43
N TYR B 672 -44.81 -0.35 31.14
CA TYR B 672 -45.64 -1.31 30.43
C TYR B 672 -44.77 -2.27 29.65
N SER B 673 -45.00 -3.56 29.83
CA SER B 673 -44.32 -4.56 29.03
C SER B 673 -44.98 -4.67 27.65
N THR B 674 -44.20 -5.10 26.68
CA THR B 674 -44.70 -5.24 25.32
C THR B 674 -45.65 -6.43 25.22
N VAL B 675 -46.26 -6.58 24.05
CA VAL B 675 -46.97 -7.83 23.76
C VAL B 675 -45.98 -8.98 23.84
N THR B 676 -46.42 -10.09 24.40
CA THR B 676 -45.52 -11.20 24.66
C THR B 676 -44.87 -11.70 23.37
N PRO B 677 -43.55 -11.65 23.26
CA PRO B 677 -42.86 -12.01 22.00
C PRO B 677 -42.60 -13.51 21.85
N GLY B 678 -43.68 -14.27 21.68
CA GLY B 678 -43.55 -15.70 21.43
C GLY B 678 -42.78 -16.39 22.52
N ASP B 679 -41.76 -17.16 22.12
CA ASP B 679 -40.93 -17.92 23.04
C ASP B 679 -39.58 -17.27 23.29
N LYS B 680 -39.42 -16.00 22.94
CA LYS B 680 -38.13 -15.34 23.13
C LYS B 680 -37.80 -15.25 24.61
N SER B 681 -36.50 -15.37 24.92
CA SER B 681 -36.07 -15.41 26.31
C SER B 681 -36.18 -14.04 26.97
N THR B 682 -35.81 -12.99 26.24
CA THR B 682 -35.81 -11.65 26.80
C THR B 682 -37.23 -11.07 26.83
N LEU B 683 -37.37 -9.94 27.51
CA LEU B 683 -38.66 -9.27 27.63
C LEU B 683 -38.42 -7.77 27.73
N HIS B 684 -38.91 -7.02 26.75
CA HIS B 684 -38.76 -5.57 26.73
C HIS B 684 -39.90 -4.90 27.47
N GLU B 685 -39.57 -3.78 28.12
CA GLU B 685 -40.54 -3.01 28.89
C GLU B 685 -40.26 -1.54 28.66
N ILE B 686 -41.27 -0.80 28.21
CA ILE B 686 -41.13 0.62 27.92
C ILE B 686 -41.77 1.43 29.03
N LYS B 687 -41.04 2.44 29.52
CA LYS B 687 -41.49 3.32 30.59
C LYS B 687 -41.95 4.63 29.97
N ILE B 688 -43.22 4.96 30.20
CA ILE B 688 -43.88 6.14 29.64
C ILE B 688 -44.87 6.67 30.67
N ASP B 689 -44.87 7.98 30.87
CA ASP B 689 -45.75 8.61 31.86
C ASP B 689 -47.14 8.81 31.26
N HIS B 690 -47.83 7.68 31.06
CA HIS B 690 -49.23 7.70 30.61
C HIS B 690 -50.00 6.65 31.40
N PHE B 691 -50.87 7.10 32.29
CA PHE B 691 -51.69 6.22 33.10
C PHE B 691 -53.09 6.79 33.21
N ILE B 692 -54.09 5.92 33.11
CA ILE B 692 -55.49 6.34 33.25
C ILE B 692 -55.98 5.96 34.64
N PRO B 693 -56.03 6.90 35.59
CA PRO B 693 -56.44 6.57 36.95
C PRO B 693 -57.96 6.56 37.10
N GLU B 694 -58.40 6.03 38.23
CA GLU B 694 -59.81 6.00 38.62
C GLU B 694 -60.68 5.39 37.50
N THR B 695 -60.33 4.16 37.14
CA THR B 695 -61.00 3.50 36.03
C THR B 695 -62.48 3.25 36.31
N ILE B 696 -62.85 3.06 37.58
CA ILE B 696 -64.23 2.80 37.96
C ILE B 696 -64.78 4.03 38.64
N SER B 697 -65.79 4.65 38.02
CA SER B 697 -66.35 5.87 38.59
C SER B 697 -67.38 5.56 39.68
N SER B 698 -68.22 4.55 39.46
CA SER B 698 -69.28 4.23 40.41
C SER B 698 -69.70 2.78 40.19
N PHE B 699 -70.58 2.30 41.06
CA PHE B 699 -71.09 0.94 40.99
C PHE B 699 -72.61 0.98 40.95
N SER B 700 -73.20 0.29 39.97
CA SER B 700 -74.64 0.09 39.87
C SER B 700 -74.91 -1.39 40.17
N ASN B 701 -75.24 -1.67 41.44
CA ASN B 701 -75.37 -3.05 41.92
C ASN B 701 -74.10 -3.84 41.62
N GLY B 702 -74.20 -4.84 40.75
CA GLY B 702 -73.04 -5.64 40.38
C GLY B 702 -72.22 -5.04 39.26
N THR B 703 -72.90 -4.50 38.25
CA THR B 703 -72.21 -3.98 37.08
C THR B 703 -71.40 -2.73 37.42
N MSE B 704 -70.23 -2.62 36.80
CA MSE B 704 -69.32 -1.50 37.03
C MSE B 704 -69.56 -0.39 36.01
O MSE B 704 -69.77 -0.67 34.84
CB MSE B 704 -67.87 -1.97 36.96
CG MSE B 704 -67.56 -3.18 37.82
SE MSE B 704 -65.68 -3.70 37.75
CE MSE B 704 -65.76 -5.27 38.91
N ILE B 705 -69.52 0.85 36.48
CA ILE B 705 -69.62 2.02 35.61
C ILE B 705 -68.21 2.59 35.45
N PHE B 706 -67.76 2.72 34.20
CA PHE B 706 -66.37 3.01 33.91
C PHE B 706 -66.14 4.49 33.64
N ASN B 707 -64.91 4.93 33.89
CA ASN B 707 -64.52 6.31 33.62
C ASN B 707 -64.74 6.63 32.15
N ASP B 708 -65.21 7.87 31.90
CA ASP B 708 -65.53 8.27 30.53
C ASP B 708 -64.30 8.23 29.62
N LYS B 709 -63.11 8.46 30.18
CA LYS B 709 -61.91 8.45 29.36
C LYS B 709 -61.66 7.08 28.77
N ILE B 710 -61.88 6.03 29.55
CA ILE B 710 -61.64 4.66 29.06
C ILE B 710 -62.66 4.28 28.01
N VAL B 711 -63.94 4.58 28.27
CA VAL B 711 -64.97 4.29 27.28
C VAL B 711 -64.68 5.03 25.98
N ASN B 712 -64.24 6.28 26.10
CA ASN B 712 -63.92 7.06 24.90
C ASN B 712 -62.75 6.45 24.15
N ALA B 713 -61.71 6.02 24.87
CA ALA B 713 -60.54 5.43 24.20
C ALA B 713 -60.90 4.14 23.49
N PHE B 714 -61.69 3.29 24.13
CA PHE B 714 -62.06 2.03 23.50
C PHE B 714 -63.00 2.25 22.32
N THR B 715 -63.92 3.20 22.45
CA THR B 715 -64.77 3.54 21.31
C THR B 715 -63.95 4.08 20.15
N ASP B 716 -62.92 4.87 20.45
CA ASP B 716 -62.02 5.36 19.40
C ASP B 716 -61.31 4.20 18.72
N HIS B 717 -60.81 3.25 19.52
CA HIS B 717 -60.15 2.08 18.94
C HIS B 717 -61.07 1.34 17.98
N PHE B 718 -62.31 1.10 18.40
CA PHE B 718 -63.20 0.30 17.56
C PHE B 718 -63.67 1.07 16.33
N VAL B 719 -63.91 2.38 16.47
CA VAL B 719 -64.32 3.14 15.28
C VAL B 719 -63.15 3.24 14.30
N SER B 720 -61.91 3.24 14.80
CA SER B 720 -60.78 3.17 13.89
C SER B 720 -60.72 1.81 13.22
N GLU B 721 -61.10 0.75 13.92
CA GLU B 721 -61.20 -0.56 13.28
C GLU B 721 -62.21 -0.53 12.13
N VAL B 722 -63.38 0.06 12.37
CA VAL B 722 -64.40 0.11 11.33
C VAL B 722 -63.93 0.97 10.15
N ASN B 723 -63.26 2.09 10.45
CA ASN B 723 -62.69 2.93 9.40
C ASN B 723 -61.66 2.16 8.59
N ARG B 724 -60.86 1.34 9.27
CA ARG B 724 -59.88 0.48 8.60
C ARG B 724 -60.58 -0.48 7.64
N MSE B 725 -61.67 -1.09 8.10
CA MSE B 725 -62.42 -2.03 7.27
C MSE B 725 -62.94 -1.34 6.02
O MSE B 725 -62.83 -1.86 4.91
CB MSE B 725 -63.58 -2.65 8.04
CG MSE B 725 -63.23 -3.23 9.40
SE MSE B 725 -64.87 -3.78 10.29
CE MSE B 725 -65.81 -4.24 8.63
N LYS B 726 -63.51 -0.14 6.20
CA LYS B 726 -64.04 0.60 5.05
C LYS B 726 -62.92 1.02 4.10
N GLU B 727 -61.78 1.44 4.67
CA GLU B 727 -60.63 1.80 3.84
C GLU B 727 -60.17 0.64 2.99
N ALA B 728 -60.12 -0.56 3.58
CA ALA B 728 -59.71 -1.74 2.81
C ALA B 728 -60.76 -2.11 1.78
N TYR B 729 -62.04 -1.94 2.12
CA TYR B 729 -63.10 -2.21 1.15
C TYR B 729 -62.96 -1.32 -0.07
N GLN B 730 -62.60 -0.04 0.12
CA GLN B 730 -62.39 0.82 -1.03
C GLN B 730 -61.06 0.49 -1.72
N GLU B 731 -60.03 0.16 -0.95
CA GLU B 731 -58.74 -0.21 -1.53
C GLU B 731 -58.86 -1.42 -2.44
N LEU B 732 -59.85 -2.28 -2.20
CA LEU B 732 -60.09 -3.41 -3.09
C LEU B 732 -60.23 -2.97 -4.54
N GLU B 733 -60.92 -1.85 -4.76
CA GLU B 733 -61.05 -1.29 -6.11
C GLU B 733 -59.96 -0.28 -6.44
N THR B 734 -59.52 0.50 -5.46
CA THR B 734 -58.49 1.52 -5.70
C THR B 734 -57.15 0.87 -6.04
N LEU B 735 -56.67 -0.02 -5.18
CA LEU B 735 -55.36 -0.62 -5.40
C LEU B 735 -55.45 -1.65 -6.52
N PRO B 736 -54.42 -1.72 -7.37
CA PRO B 736 -54.37 -2.80 -8.36
C PRO B 736 -54.18 -4.14 -7.68
N GLU B 737 -54.43 -5.21 -8.44
CA GLU B 737 -54.28 -6.54 -7.88
C GLU B 737 -52.85 -6.81 -7.42
N SER B 738 -51.88 -6.12 -8.02
CA SER B 738 -50.47 -6.36 -7.72
C SER B 738 -50.01 -5.75 -6.41
N LYS B 739 -50.87 -5.04 -5.68
CA LYS B 739 -50.47 -4.37 -4.45
C LYS B 739 -51.41 -4.71 -3.29
N ARG B 740 -52.03 -5.89 -3.34
CA ARG B 740 -52.92 -6.32 -2.28
C ARG B 740 -52.15 -7.11 -1.23
N VAL B 741 -52.32 -6.73 0.04
CA VAL B 741 -51.61 -7.42 1.11
C VAL B 741 -52.17 -8.83 1.28
N VAL B 742 -51.29 -9.79 1.55
CA VAL B 742 -51.63 -11.20 1.40
C VAL B 742 -52.68 -11.63 2.43
N HIS B 743 -52.58 -11.14 3.66
CA HIS B 743 -53.54 -11.53 4.68
C HIS B 743 -54.49 -10.40 5.07
N TYR B 744 -54.38 -9.24 4.42
CA TYR B 744 -55.14 -8.05 4.81
C TYR B 744 -56.35 -7.89 3.91
N HIS B 745 -56.10 -7.61 2.62
CA HIS B 745 -57.18 -7.46 1.65
C HIS B 745 -57.70 -8.80 1.13
N THR B 746 -57.00 -9.90 1.44
CA THR B 746 -57.29 -11.19 0.82
C THR B 746 -56.82 -12.29 1.75
N ASP B 747 -57.11 -13.54 1.37
CA ASP B 747 -56.68 -14.68 2.14
C ASP B 747 -55.28 -15.09 1.71
N ALA B 748 -54.71 -16.08 2.41
CA ALA B 748 -53.32 -16.48 2.18
C ALA B 748 -53.07 -16.95 0.75
N ARG B 749 -54.12 -17.34 0.03
CA ARG B 749 -53.97 -17.84 -1.33
C ARG B 749 -54.17 -16.78 -2.40
N GLY B 750 -54.80 -15.66 -2.06
CA GLY B 750 -55.06 -14.60 -3.02
C GLY B 750 -56.53 -14.36 -3.33
N ASN B 751 -57.43 -15.14 -2.74
CA ASN B 751 -58.85 -15.00 -2.99
C ASN B 751 -59.44 -13.88 -2.13
N VAL B 752 -60.22 -13.00 -2.75
CA VAL B 752 -60.83 -11.91 -2.00
C VAL B 752 -62.10 -12.38 -1.29
N MSE B 753 -62.76 -13.40 -1.82
CA MSE B 753 -63.99 -13.92 -1.23
C MSE B 753 -63.89 -15.42 -0.97
O MSE B 753 -63.69 -16.21 -1.91
CB MSE B 753 -65.18 -13.64 -2.14
CG MSE B 753 -65.48 -12.17 -2.33
SE MSE B 753 -66.73 -11.52 -0.99
CE MSE B 753 -67.26 -9.86 -1.87
N LYS B 754 -64.02 -15.82 0.29
CA LYS B 754 -64.13 -17.22 0.65
C LYS B 754 -65.57 -17.51 1.05
N ASP B 755 -66.14 -18.57 0.48
CA ASP B 755 -67.56 -18.91 0.65
C ASP B 755 -68.37 -17.72 0.17
N GLY B 756 -69.18 -17.09 1.02
CA GLY B 756 -69.99 -15.97 0.58
C GLY B 756 -69.51 -14.62 1.09
N LYS B 757 -68.79 -14.62 2.21
CA LYS B 757 -68.38 -13.38 2.85
C LYS B 757 -66.96 -13.00 2.43
N LEU B 758 -66.48 -11.90 2.98
CA LEU B 758 -65.16 -11.39 2.64
C LEU B 758 -64.08 -12.23 3.33
N ALA B 759 -62.95 -12.37 2.65
CA ALA B 759 -61.87 -13.24 3.12
C ALA B 759 -60.76 -12.52 3.85
N GLY B 760 -60.46 -11.27 3.48
CA GLY B 760 -59.36 -10.57 4.10
C GLY B 760 -59.59 -10.34 5.58
N ASN B 761 -58.49 -10.27 6.33
CA ASN B 761 -58.55 -10.02 7.77
C ASN B 761 -58.75 -8.55 8.10
N ALA B 762 -58.68 -7.66 7.10
CA ALA B 762 -58.89 -6.25 7.35
C ALA B 762 -60.35 -5.96 7.69
N PHE B 763 -61.27 -6.78 7.21
CA PHE B 763 -62.70 -6.56 7.41
C PHE B 763 -63.23 -7.20 8.69
N LYS B 764 -62.34 -7.59 9.60
CA LYS B 764 -62.73 -8.25 10.84
C LYS B 764 -61.95 -7.61 11.99
N SER B 765 -62.62 -7.40 13.11
CA SER B 765 -61.96 -6.89 14.32
C SER B 765 -61.73 -8.08 15.25
N GLY B 766 -60.59 -8.74 15.08
CA GLY B 766 -60.28 -9.93 15.82
C GLY B 766 -59.64 -9.73 17.17
N HIS B 767 -59.33 -8.50 17.55
CA HIS B 767 -58.62 -8.27 18.81
C HIS B 767 -59.25 -7.15 19.63
N ILE B 768 -59.82 -6.15 18.98
CA ILE B 768 -60.55 -5.08 19.65
C ILE B 768 -62.03 -5.30 19.39
N LEU B 769 -62.76 -5.63 20.46
CA LEU B 769 -64.19 -5.93 20.39
C LEU B 769 -64.48 -7.04 19.36
N SER B 770 -64.00 -8.24 19.69
CA SER B 770 -64.26 -9.39 18.83
C SER B 770 -65.74 -9.65 18.69
N GLU B 771 -66.53 -9.32 19.72
CA GLU B 771 -67.97 -9.52 19.69
C GLU B 771 -68.65 -8.73 18.60
N LEU B 772 -67.97 -7.75 17.99
CA LEU B 772 -68.56 -6.93 16.94
C LEU B 772 -67.90 -7.15 15.59
N SER B 773 -67.15 -8.23 15.43
CA SER B 773 -66.60 -8.58 14.13
C SER B 773 -67.65 -9.37 13.35
N PHE B 774 -67.77 -9.04 12.05
CA PHE B 774 -68.90 -9.53 11.26
C PHE B 774 -69.00 -11.05 11.28
N ASP B 775 -67.88 -11.76 11.44
CA ASP B 775 -67.89 -13.22 11.44
C ASP B 775 -68.32 -13.81 12.78
N GLN B 776 -68.65 -12.99 13.78
CA GLN B 776 -69.08 -13.52 15.07
C GLN B 776 -69.91 -12.50 15.84
N ILE B 777 -70.93 -11.93 15.20
CA ILE B 777 -71.91 -11.07 15.86
C ILE B 777 -73.21 -11.83 16.03
N THR B 778 -73.84 -11.68 17.19
CA THR B 778 -75.21 -12.14 17.36
C THR B 778 -76.16 -11.26 16.53
N GLN B 779 -77.12 -11.91 15.86
CA GLN B 779 -77.96 -11.22 14.89
C GLN B 779 -78.62 -9.98 15.46
N ASP B 780 -78.94 -9.99 16.75
CA ASP B 780 -79.52 -8.80 17.37
C ASP B 780 -78.53 -7.64 17.40
N ASP B 781 -77.27 -7.91 17.75
CA ASP B 781 -76.28 -6.84 17.81
C ASP B 781 -76.00 -6.27 16.42
N ASN B 782 -76.06 -7.10 15.38
CA ASN B 782 -75.90 -6.59 14.02
C ASN B 782 -77.08 -5.71 13.62
N GLU B 783 -78.28 -6.06 14.06
CA GLU B 783 -79.46 -5.29 13.70
C GLU B 783 -79.42 -3.89 14.31
N MSE B 784 -79.01 -3.79 15.57
CA MSE B 784 -78.94 -2.50 16.24
C MSE B 784 -77.81 -1.64 15.68
O MSE B 784 -78.02 -0.47 15.35
CB MSE B 784 -78.76 -2.70 17.75
CG MSE B 784 -79.76 -3.65 18.37
SE MSE B 784 -81.28 -2.70 19.11
CE MSE B 784 -80.63 -2.46 20.93
N LEU B 785 -76.62 -2.22 15.58
CA LEU B 785 -75.50 -1.49 14.99
C LEU B 785 -75.76 -1.18 13.51
N LYS B 786 -76.34 -2.14 12.79
CA LYS B 786 -76.51 -2.02 11.34
C LYS B 786 -75.18 -1.62 10.71
N LEU B 787 -74.20 -2.51 10.82
CA LEU B 787 -72.82 -2.18 10.50
C LEU B 787 -72.26 -3.00 9.35
N TYR B 788 -72.87 -4.13 8.98
CA TYR B 788 -72.38 -4.96 7.91
C TYR B 788 -73.54 -5.43 7.05
N ASN B 789 -73.20 -5.89 5.84
CA ASN B 789 -74.14 -6.57 4.98
C ASN B 789 -74.01 -8.06 5.22
N GLU B 790 -74.65 -8.88 4.37
CA GLU B 790 -74.56 -10.32 4.55
C GLU B 790 -73.19 -10.84 4.12
N ASP B 791 -72.64 -10.31 3.03
CA ASP B 791 -71.34 -10.74 2.54
C ASP B 791 -70.18 -10.14 3.33
N GLY B 792 -70.45 -9.56 4.50
CA GLY B 792 -69.41 -9.05 5.36
C GLY B 792 -68.89 -7.67 5.01
N SER B 793 -69.35 -7.09 3.92
CA SER B 793 -68.88 -5.76 3.53
C SER B 793 -69.38 -4.73 4.54
N PRO B 794 -68.59 -3.72 4.86
CA PRO B 794 -69.05 -2.69 5.81
C PRO B 794 -70.14 -1.84 5.20
N ILE B 795 -71.20 -1.62 5.97
CA ILE B 795 -72.30 -0.80 5.49
C ILE B 795 -71.83 0.65 5.35
N ASN B 796 -72.31 1.33 4.30
CA ASN B 796 -71.92 2.71 4.00
C ASN B 796 -70.41 2.82 3.99
N PRO B 797 -69.74 2.26 2.97
CA PRO B 797 -68.27 2.26 2.98
C PRO B 797 -67.67 3.65 2.87
N LYS B 798 -68.37 4.59 2.24
CA LYS B 798 -67.83 5.93 2.09
C LYS B 798 -68.10 6.78 3.33
N GLY B 799 -69.25 6.58 3.97
CA GLY B 799 -69.59 7.35 5.13
C GLY B 799 -68.87 6.88 6.39
N ALA B 800 -68.77 7.78 7.35
CA ALA B 800 -68.13 7.48 8.62
C ALA B 800 -69.09 6.74 9.54
N VAL B 801 -68.60 6.36 10.71
CA VAL B 801 -69.41 5.64 11.69
C VAL B 801 -70.37 6.60 12.36
N SER B 802 -71.64 6.20 12.45
CA SER B 802 -72.70 7.05 12.98
C SER B 802 -72.67 7.07 14.51
N ASN B 803 -73.47 7.98 15.08
CA ASN B 803 -73.49 8.15 16.52
C ASN B 803 -74.35 7.10 17.22
N GLU B 804 -75.45 6.68 16.59
CA GLU B 804 -76.19 5.52 17.08
C GLU B 804 -75.27 4.33 17.23
N GLN B 805 -74.48 4.07 16.18
CA GLN B 805 -73.50 2.99 16.24
C GLN B 805 -72.53 3.21 17.39
N LYS B 806 -72.16 4.46 17.66
CA LYS B 806 -71.21 4.74 18.73
C LYS B 806 -71.81 4.45 20.11
N ILE B 807 -73.08 4.80 20.33
CA ILE B 807 -73.66 4.50 21.64
C ILE B 807 -73.86 3.00 21.82
N LEU B 808 -74.20 2.29 20.74
CA LEU B 808 -74.28 0.84 20.85
C LEU B 808 -72.91 0.23 21.12
N ILE B 809 -71.87 0.77 20.49
CA ILE B 809 -70.50 0.33 20.74
C ILE B 809 -70.12 0.58 22.19
N LYS B 810 -70.57 1.70 22.76
CA LYS B 810 -70.26 1.99 24.15
C LYS B 810 -70.97 1.02 25.09
N GLN B 811 -72.22 0.66 24.77
CA GLN B 811 -72.91 -0.38 25.55
C GLN B 811 -72.12 -1.69 25.51
N THR B 812 -71.74 -2.13 24.31
CA THR B 812 -70.96 -3.36 24.19
C THR B 812 -69.64 -3.26 24.94
N ILE B 813 -69.01 -2.08 24.91
CA ILE B 813 -67.73 -1.90 25.59
C ILE B 813 -67.90 -2.05 27.09
N ASN B 814 -68.93 -1.42 27.66
CA ASN B 814 -69.17 -1.56 29.09
C ASN B 814 -69.41 -3.01 29.47
N LYS B 815 -70.23 -3.72 28.68
CA LYS B 815 -70.47 -5.14 28.95
C LYS B 815 -69.19 -5.94 28.93
N VAL B 816 -68.37 -5.74 27.87
CA VAL B 816 -67.14 -6.49 27.70
C VAL B 816 -66.18 -6.22 28.84
N LEU B 817 -66.02 -4.95 29.22
CA LEU B 817 -65.07 -4.60 30.28
C LEU B 817 -65.53 -5.16 31.62
N ASN B 818 -66.83 -5.12 31.90
CA ASN B 818 -67.34 -5.74 33.12
C ASN B 818 -66.98 -7.22 33.17
N GLN B 819 -67.29 -7.95 32.10
CA GLN B 819 -67.01 -9.39 32.09
C GLN B 819 -65.51 -9.66 32.24
N ARG B 820 -64.67 -8.87 31.55
CA ARG B 820 -63.23 -9.06 31.61
C ARG B 820 -62.70 -8.85 33.03
N ILE B 821 -63.10 -7.75 33.66
CA ILE B 821 -62.55 -7.45 34.98
C ILE B 821 -63.08 -8.43 36.02
N LYS B 822 -64.31 -8.92 35.86
CA LYS B 822 -64.77 -9.97 36.77
C LYS B 822 -63.96 -11.25 36.58
N GLU B 823 -63.69 -11.63 35.32
CA GLU B 823 -62.85 -12.80 35.08
C GLU B 823 -61.46 -12.61 35.70
N ASN B 824 -60.93 -11.40 35.63
CA ASN B 824 -59.58 -11.18 36.13
C ASN B 824 -59.51 -11.17 37.64
N ILE B 825 -60.51 -10.60 38.32
CA ILE B 825 -60.54 -10.72 39.78
C ILE B 825 -60.71 -12.18 40.18
N ARG B 826 -61.46 -12.94 39.38
CA ARG B 826 -61.60 -14.37 39.63
C ARG B 826 -60.23 -15.07 39.53
N TYR B 827 -59.45 -14.73 38.51
CA TYR B 827 -58.13 -15.35 38.36
C TYR B 827 -57.19 -14.95 39.49
N PHE B 828 -57.22 -13.66 39.88
CA PHE B 828 -56.39 -13.22 40.99
C PHE B 828 -56.77 -13.94 42.28
N LYS B 829 -58.06 -14.24 42.45
CA LYS B 829 -58.48 -15.07 43.59
C LYS B 829 -57.93 -16.49 43.47
N ASP B 830 -58.03 -17.08 42.28
CA ASP B 830 -57.63 -18.48 42.11
C ASP B 830 -56.13 -18.67 42.27
N GLN B 831 -55.33 -17.66 41.93
CA GLN B 831 -53.88 -17.76 42.07
C GLN B 831 -53.39 -17.36 43.45
N GLY B 832 -54.28 -17.24 44.43
CA GLY B 832 -53.89 -16.95 45.79
C GLY B 832 -53.30 -15.58 46.04
N LEU B 833 -53.33 -14.69 45.04
CA LEU B 833 -52.81 -13.34 45.26
C LEU B 833 -53.72 -12.56 46.20
N VAL B 834 -54.98 -12.39 45.85
CA VAL B 834 -55.96 -11.92 46.82
C VAL B 834 -56.44 -13.11 47.63
N ILE B 835 -56.60 -12.92 48.93
CA ILE B 835 -57.05 -13.95 49.84
C ILE B 835 -57.96 -13.32 50.86
N ASP B 836 -59.09 -13.96 51.14
CA ASP B 836 -60.06 -13.41 52.07
C ASP B 836 -59.50 -13.43 53.49
N THR B 837 -59.76 -12.35 54.22
CA THR B 837 -59.21 -12.13 55.55
C THR B 837 -60.29 -11.48 56.41
N VAL B 838 -59.97 -11.34 57.70
CA VAL B 838 -60.88 -10.74 58.67
C VAL B 838 -60.10 -9.73 59.49
N ASN B 839 -60.66 -8.55 59.68
CA ASN B 839 -60.00 -7.49 60.43
C ASN B 839 -60.22 -7.72 61.92
N LYS B 840 -59.80 -6.74 62.73
CA LYS B 840 -59.87 -6.93 64.18
C LYS B 840 -61.31 -6.93 64.69
N ASP B 841 -62.18 -6.14 64.06
CA ASP B 841 -63.56 -6.03 64.49
C ASP B 841 -64.45 -7.17 63.98
N GLY B 842 -63.90 -8.14 63.26
CA GLY B 842 -64.66 -9.27 62.79
C GLY B 842 -65.32 -9.11 61.44
N ASN B 843 -65.03 -8.03 60.72
CA ASN B 843 -65.58 -7.81 59.39
C ASN B 843 -64.73 -8.51 58.34
N LYS B 844 -65.37 -9.00 57.30
CA LYS B 844 -64.67 -9.72 56.24
C LYS B 844 -64.09 -8.75 55.23
N GLY B 845 -63.01 -9.17 54.59
CA GLY B 845 -62.37 -8.36 53.58
C GLY B 845 -61.36 -9.18 52.81
N PHE B 846 -60.44 -8.49 52.14
CA PHE B 846 -59.43 -9.15 51.34
C PHE B 846 -58.06 -8.55 51.62
N HIS B 847 -57.03 -9.39 51.54
CA HIS B 847 -55.64 -8.97 51.55
C HIS B 847 -55.01 -9.41 50.23
N PHE B 848 -54.28 -8.51 49.59
CA PHE B 848 -53.84 -8.72 48.21
C PHE B 848 -52.31 -8.72 48.19
N HIS B 849 -51.73 -9.91 48.02
CA HIS B 849 -50.30 -10.12 48.11
C HIS B 849 -49.57 -9.46 46.94
N GLY B 850 -48.32 -9.07 47.21
CA GLY B 850 -47.47 -8.53 46.18
C GLY B 850 -47.83 -7.16 45.67
N LEU B 851 -48.69 -6.44 46.38
CA LEU B 851 -48.99 -5.05 46.06
C LEU B 851 -48.31 -4.16 47.09
N ASP B 852 -47.52 -3.20 46.63
CA ASP B 852 -46.72 -2.41 47.55
C ASP B 852 -47.56 -1.33 48.24
N LYS B 853 -47.09 -0.91 49.42
CA LYS B 853 -47.85 0.03 50.24
C LYS B 853 -48.04 1.37 49.53
N SER B 854 -47.12 1.73 48.64
CA SER B 854 -47.22 3.03 47.96
C SER B 854 -48.45 3.09 47.07
N ILE B 855 -48.78 1.98 46.39
CA ILE B 855 -49.95 1.96 45.53
C ILE B 855 -51.21 1.67 46.33
N MSE B 856 -51.11 0.85 47.37
CA MSE B 856 -52.28 0.46 48.15
C MSE B 856 -52.87 1.67 48.85
O MSE B 856 -54.08 1.74 49.07
CB MSE B 856 -51.93 -0.62 49.17
CG MSE B 856 -53.12 -1.47 49.57
SE MSE B 856 -52.89 -2.37 51.28
CE MSE B 856 -51.53 -3.68 50.77
N SER B 857 -52.00 2.62 49.21
CA SER B 857 -52.47 3.85 49.84
C SER B 857 -53.35 4.66 48.90
N GLU B 858 -53.14 4.52 47.59
CA GLU B 858 -53.94 5.22 46.61
C GLU B 858 -55.36 4.70 46.49
N TYR B 859 -55.70 3.60 47.16
CA TYR B 859 -57.04 3.02 47.07
C TYR B 859 -57.81 3.15 48.37
N THR B 860 -57.35 2.51 49.44
CA THR B 860 -57.94 2.68 50.76
C THR B 860 -56.83 2.73 51.80
N ASP B 861 -57.02 3.57 52.82
CA ASP B 861 -56.01 3.73 53.86
C ASP B 861 -56.06 2.64 54.92
N ASP B 862 -57.16 1.90 55.04
CA ASP B 862 -57.23 0.84 56.02
C ASP B 862 -56.31 -0.32 55.63
N ILE B 863 -55.95 -1.12 56.63
CA ILE B 863 -54.99 -2.20 56.40
C ILE B 863 -55.59 -3.30 55.54
N GLN B 864 -56.90 -3.52 55.63
CA GLN B 864 -57.59 -4.56 54.89
C GLN B 864 -58.29 -3.97 53.67
N LEU B 865 -58.33 -4.73 52.59
CA LEU B 865 -58.98 -4.30 51.36
C LEU B 865 -60.38 -4.90 51.28
N THR B 866 -61.33 -4.08 50.82
CA THR B 866 -62.70 -4.51 50.62
C THR B 866 -62.86 -5.13 49.24
N GLU B 867 -64.10 -5.52 48.91
CA GLU B 867 -64.33 -6.01 47.56
C GLU B 867 -64.27 -4.89 46.53
N PHE B 868 -64.68 -3.68 46.93
CA PHE B 868 -64.75 -2.58 45.97
C PHE B 868 -63.36 -2.04 45.62
N ASP B 869 -62.48 -1.91 46.61
CA ASP B 869 -61.13 -1.43 46.29
C ASP B 869 -60.32 -2.51 45.58
N ILE B 870 -60.58 -3.79 45.87
CA ILE B 870 -59.97 -4.86 45.08
C ILE B 870 -60.44 -4.78 43.62
N SER B 871 -61.74 -4.54 43.42
CA SER B 871 -62.23 -4.32 42.07
C SER B 871 -61.54 -3.12 41.42
N HIS B 872 -61.32 -2.06 42.19
CA HIS B 872 -60.65 -0.88 41.67
C HIS B 872 -59.24 -1.21 41.19
N VAL B 873 -58.45 -1.85 42.05
CA VAL B 873 -57.06 -2.13 41.70
C VAL B 873 -56.99 -3.07 40.50
N VAL B 874 -57.80 -4.12 40.48
CA VAL B 874 -57.72 -5.06 39.37
C VAL B 874 -58.24 -4.44 38.08
N SER B 875 -59.26 -3.57 38.18
CA SER B 875 -59.75 -2.90 36.98
C SER B 875 -58.71 -1.93 36.43
N ASP B 876 -58.05 -1.16 37.31
CA ASP B 876 -56.97 -0.29 36.86
C ASP B 876 -55.92 -1.08 36.12
N PHE B 877 -55.43 -2.15 36.75
CA PHE B 877 -54.40 -2.98 36.12
C PHE B 877 -54.86 -3.51 34.76
N THR B 878 -56.02 -4.18 34.74
CA THR B 878 -56.50 -4.81 33.52
C THR B 878 -56.67 -3.81 32.40
N LEU B 879 -57.41 -2.72 32.66
CA LEU B 879 -57.72 -1.78 31.59
C LEU B 879 -56.47 -1.06 31.10
N ASN B 880 -55.60 -0.63 32.01
CA ASN B 880 -54.39 0.06 31.56
C ASN B 880 -53.48 -0.88 30.78
N SER B 881 -53.39 -2.15 31.18
CA SER B 881 -52.52 -3.07 30.45
C SER B 881 -53.12 -3.42 29.09
N ILE B 882 -54.44 -3.55 29.01
CA ILE B 882 -55.08 -3.78 27.71
C ILE B 882 -54.82 -2.61 26.77
N LEU B 883 -55.00 -1.38 27.28
CA LEU B 883 -54.75 -0.22 26.45
C LEU B 883 -53.29 -0.11 26.05
N ALA B 884 -52.36 -0.51 26.93
CA ALA B 884 -50.95 -0.48 26.58
C ALA B 884 -50.63 -1.53 25.52
N SER B 885 -51.26 -2.70 25.58
CA SER B 885 -51.10 -3.70 24.53
C SER B 885 -51.58 -3.17 23.19
N ILE B 886 -52.75 -2.52 23.20
CA ILE B 886 -53.27 -1.94 21.96
C ILE B 886 -52.32 -0.87 21.43
N GLU B 887 -51.77 -0.04 22.35
CA GLU B 887 -50.82 0.99 21.93
C GLU B 887 -49.58 0.37 21.31
N TYR B 888 -49.09 -0.74 21.89
CA TYR B 888 -47.92 -1.39 21.34
C TYR B 888 -48.20 -1.94 19.94
N THR B 889 -49.41 -2.48 19.73
CA THR B 889 -49.76 -2.92 18.39
C THR B 889 -49.90 -1.74 17.43
N LYS B 890 -50.29 -0.57 17.94
CA LYS B 890 -50.48 0.59 17.06
C LYS B 890 -49.16 1.26 16.69
N LEU B 891 -48.18 1.28 17.58
CA LEU B 891 -46.94 2.03 17.36
C LEU B 891 -45.80 1.18 16.84
N PHE B 892 -45.72 -0.09 17.26
CA PHE B 892 -44.58 -0.94 16.94
C PHE B 892 -44.95 -2.07 16.00
N THR B 893 -45.95 -2.87 16.38
CA THR B 893 -46.30 -4.05 15.61
C THR B 893 -46.96 -3.69 14.28
N GLY B 894 -47.89 -2.73 14.30
CA GLY B 894 -48.71 -2.44 13.16
C GLY B 894 -50.08 -3.07 13.29
N ASP B 895 -50.94 -2.77 12.33
CA ASP B 895 -52.31 -3.28 12.34
C ASP B 895 -52.27 -4.81 12.35
N PRO B 896 -52.76 -5.46 13.41
CA PRO B 896 -52.69 -6.93 13.46
C PRO B 896 -53.48 -7.63 12.36
N ALA B 897 -54.33 -6.92 11.63
CA ALA B 897 -55.05 -7.54 10.53
C ALA B 897 -54.13 -8.01 9.42
N ASN B 898 -52.92 -7.43 9.33
CA ASN B 898 -51.95 -7.85 8.33
C ASN B 898 -51.30 -9.19 8.65
N TYR B 899 -51.68 -9.82 9.76
CA TYR B 899 -51.10 -11.08 10.20
C TYR B 899 -52.04 -12.23 9.88
N LYS B 900 -51.46 -13.42 9.75
CA LYS B 900 -52.21 -14.59 9.30
C LYS B 900 -53.47 -14.81 10.14
N ASN B 901 -53.31 -14.77 11.46
CA ASN B 901 -54.43 -14.71 12.40
C ASN B 901 -53.88 -14.24 13.74
N MSE B 902 -54.77 -14.06 14.70
CA MSE B 902 -54.36 -13.55 16.00
C MSE B 902 -53.41 -14.50 16.72
O MSE B 902 -52.57 -14.06 17.51
CB MSE B 902 -55.59 -13.29 16.88
CG MSE B 902 -56.42 -12.11 16.43
SE MSE B 902 -55.31 -10.54 16.19
CE MSE B 902 -54.54 -10.44 17.97
N VAL B 903 -53.52 -15.80 16.44
CA VAL B 903 -52.63 -16.77 17.06
C VAL B 903 -51.22 -16.64 16.48
N ASP B 904 -51.12 -16.53 15.15
CA ASP B 904 -49.83 -16.32 14.51
C ASP B 904 -49.26 -14.94 14.83
N PHE B 905 -50.12 -14.01 15.26
CA PHE B 905 -49.66 -12.66 15.58
C PHE B 905 -48.63 -12.68 16.69
N PHE B 906 -48.93 -13.40 17.77
CA PHE B 906 -47.96 -13.48 18.88
C PHE B 906 -46.70 -14.23 18.47
N LYS B 907 -46.83 -15.18 17.54
CA LYS B 907 -45.66 -15.88 17.02
C LYS B 907 -44.79 -14.96 16.18
N ARG B 908 -45.39 -13.92 15.59
CA ARG B 908 -44.64 -12.97 14.78
C ARG B 908 -44.18 -11.75 15.55
N VAL B 909 -44.72 -11.52 16.74
CA VAL B 909 -44.30 -10.40 17.60
C VAL B 909 -42.78 -10.35 17.75
N PRO B 910 -42.06 -11.47 17.99
CA PRO B 910 -40.59 -11.39 18.14
C PRO B 910 -39.87 -10.61 17.05
N ALA B 911 -40.53 -10.40 15.90
CA ALA B 911 -39.93 -9.58 14.85
C ALA B 911 -39.61 -8.19 15.37
N THR B 912 -40.47 -7.64 16.23
CA THR B 912 -40.23 -6.33 16.80
C THR B 912 -39.04 -6.33 17.76
N TYR B 913 -38.63 -7.50 18.24
CA TYR B 913 -37.48 -7.62 19.13
C TYR B 913 -36.15 -7.82 18.38
N THR B 914 -36.19 -8.09 17.08
CA THR B 914 -35.01 -8.53 16.36
C THR B 914 -33.90 -7.49 16.42
N ASN B 915 -32.69 -7.95 16.71
CA ASN B 915 -31.50 -7.12 16.74
C ASN B 915 -30.52 -7.62 15.69
N GLY B 916 -29.63 -6.74 15.27
CA GLY B 916 -28.61 -7.12 14.31
C GLY B 916 -27.85 -5.90 13.84
N THR B 917 -26.80 -6.17 13.08
CA THR B 917 -25.96 -5.10 12.55
C THR B 917 -26.75 -4.25 11.57
N ASN B 918 -27.33 -3.14 12.05
CA ASN B 918 -27.97 -2.22 11.12
C ASN B 918 -26.88 -1.53 10.30
N LEU B 919 -27.28 -1.03 9.13
CA LEU B 919 -26.32 -0.63 8.10
C LEU B 919 -26.36 0.87 7.84
N ARG B 920 -25.20 1.39 7.43
CA ARG B 920 -25.01 2.82 7.23
C ARG B 920 -25.67 3.28 5.92
N LEU B 921 -26.41 4.38 5.99
CA LEU B 921 -27.17 4.89 4.85
C LEU B 921 -26.93 6.40 4.71
N GLY B 922 -27.56 6.97 3.69
CA GLY B 922 -27.59 8.41 3.53
C GLY B 922 -26.42 9.02 2.81
N LEU B 923 -25.68 8.24 2.02
CA LEU B 923 -24.46 8.73 1.41
C LEU B 923 -24.42 8.70 -0.11
N GLU B 924 -25.32 7.96 -0.76
CA GLU B 924 -25.44 8.01 -2.22
C GLU B 924 -26.89 7.78 -2.64
N ALA B 925 -27.40 8.67 -3.50
CA ALA B 925 -28.66 8.47 -4.21
C ALA B 925 -29.80 8.02 -3.30
N ASN B 926 -30.34 6.84 -3.58
CA ASN B 926 -31.42 6.26 -2.80
C ASN B 926 -30.87 5.10 -1.97
N ASP B 927 -30.07 5.45 -0.97
CA ASP B 927 -29.55 4.43 -0.05
C ASP B 927 -30.68 3.75 0.71
N HIS B 928 -31.65 4.53 1.19
CA HIS B 928 -32.61 4.06 2.16
C HIS B 928 -33.61 3.07 1.59
N LEU B 929 -33.62 2.85 0.29
CA LEU B 929 -34.59 1.97 -0.34
C LEU B 929 -33.90 0.84 -1.10
N PHE B 930 -34.59 -0.29 -1.18
CA PHE B 930 -34.15 -1.43 -1.98
C PHE B 930 -35.38 -2.24 -2.37
N ASP B 931 -35.41 -2.70 -3.60
CA ASP B 931 -36.59 -3.36 -4.15
C ASP B 931 -36.54 -4.86 -3.93
N VAL B 932 -37.67 -5.42 -3.55
CA VAL B 932 -37.80 -6.84 -3.25
C VAL B 932 -38.99 -7.39 -4.04
N ALA B 933 -38.86 -8.62 -4.52
CA ALA B 933 -39.94 -9.31 -5.22
C ALA B 933 -40.40 -10.49 -4.38
N VAL B 934 -41.69 -10.52 -4.07
CA VAL B 934 -42.29 -11.64 -3.34
C VAL B 934 -42.71 -12.71 -4.35
N LEU B 935 -42.25 -13.93 -4.14
CA LEU B 935 -42.49 -15.02 -5.07
C LEU B 935 -43.43 -16.06 -4.48
N GLU B 936 -44.08 -16.81 -5.37
CA GLU B 936 -44.98 -17.86 -4.98
C GLU B 936 -44.27 -18.94 -4.18
N ASN B 937 -45.02 -19.63 -3.33
CA ASN B 937 -44.49 -20.83 -2.69
C ASN B 937 -44.35 -21.95 -3.70
N ILE B 938 -43.27 -22.70 -3.60
CA ILE B 938 -42.99 -23.80 -4.52
C ILE B 938 -43.34 -25.07 -3.78
N VAL B 939 -44.60 -25.49 -3.90
CA VAL B 939 -45.12 -26.66 -3.21
C VAL B 939 -45.46 -27.70 -4.28
N LYS B 940 -44.58 -28.67 -4.45
CA LYS B 940 -44.72 -29.74 -5.41
C LYS B 940 -45.06 -31.05 -4.71
N PRO B 941 -45.66 -32.00 -5.43
CA PRO B 941 -45.57 -33.40 -5.00
C PRO B 941 -44.23 -33.97 -5.41
N SER B 942 -43.73 -34.90 -4.59
CA SER B 942 -42.41 -35.47 -4.84
C SER B 942 -42.35 -36.08 -6.24
N ALA B 943 -41.33 -35.68 -7.01
CA ALA B 943 -41.21 -36.17 -8.36
C ALA B 943 -41.00 -37.68 -8.40
N TYR B 944 -40.32 -38.23 -7.39
CA TYR B 944 -40.03 -39.66 -7.32
C TYR B 944 -40.95 -40.34 -6.31
N LEU B 945 -42.26 -40.07 -6.44
CA LEU B 945 -43.23 -40.56 -5.47
C LEU B 945 -43.46 -42.06 -5.61
N LYS B 946 -43.48 -42.56 -6.84
CA LYS B 946 -43.69 -43.99 -7.06
C LYS B 946 -42.58 -44.82 -6.44
N GLU B 947 -41.32 -44.37 -6.60
CA GLU B 947 -40.19 -45.12 -6.09
C GLU B 947 -40.22 -45.20 -4.57
N ILE B 948 -40.65 -44.12 -3.91
CA ILE B 948 -40.74 -44.14 -2.45
C ILE B 948 -41.74 -45.18 -1.98
N GLY B 949 -42.87 -45.30 -2.68
CA GLY B 949 -43.85 -46.32 -2.31
C GLY B 949 -43.35 -47.73 -2.59
N GLU B 950 -42.73 -47.94 -3.75
CA GLU B 950 -42.18 -49.25 -4.06
C GLU B 950 -41.08 -49.63 -3.09
N SER B 951 -40.39 -48.64 -2.53
CA SER B 951 -39.39 -48.90 -1.49
C SER B 951 -40.05 -49.20 -0.15
N LEU B 952 -41.12 -48.48 0.18
CA LEU B 952 -41.84 -48.71 1.42
C LEU B 952 -42.48 -50.09 1.45
N LYS B 953 -42.80 -50.65 0.28
CA LYS B 953 -43.37 -52.00 0.25
C LYS B 953 -42.44 -53.03 0.87
N LEU B 954 -41.13 -52.75 0.97
CA LEU B 954 -40.18 -53.66 1.59
C LEU B 954 -39.88 -53.31 3.04
N SER B 955 -40.57 -52.32 3.60
CA SER B 955 -40.18 -51.72 4.88
C SER B 955 -40.75 -52.43 6.10
N ASP B 956 -41.67 -53.38 5.91
CA ASP B 956 -42.32 -54.07 7.02
C ASP B 956 -43.09 -53.08 7.90
N LEU B 957 -43.86 -52.21 7.26
CA LEU B 957 -44.62 -51.17 7.93
C LEU B 957 -46.12 -51.35 7.68
N SER B 958 -46.91 -50.73 8.55
CA SER B 958 -48.36 -50.80 8.44
C SER B 958 -48.83 -50.15 7.14
N GLU B 959 -50.05 -50.51 6.73
CA GLU B 959 -50.59 -49.98 5.49
C GLU B 959 -50.92 -48.50 5.64
N ALA B 960 -51.61 -48.13 6.72
CA ALA B 960 -51.91 -46.73 6.98
C ALA B 960 -50.62 -45.94 7.21
N GLU B 961 -49.58 -46.59 7.75
CA GLU B 961 -48.30 -45.90 7.93
C GLU B 961 -47.68 -45.51 6.60
N LYS B 962 -47.64 -46.47 5.66
CA LYS B 962 -47.12 -46.17 4.33
C LYS B 962 -47.96 -45.13 3.62
N LYS B 963 -49.29 -45.22 3.78
CA LYS B 963 -50.17 -44.21 3.20
C LYS B 963 -49.86 -42.83 3.75
N TYR B 964 -49.63 -42.73 5.07
CA TYR B 964 -49.31 -41.46 5.70
C TYR B 964 -48.00 -40.91 5.15
N ILE B 965 -46.97 -41.76 5.04
CA ILE B 965 -45.68 -41.30 4.52
C ILE B 965 -45.83 -40.79 3.09
N LEU B 966 -46.55 -41.55 2.26
CA LEU B 966 -46.69 -41.18 0.86
C LEU B 966 -47.46 -39.87 0.71
N GLU B 967 -48.58 -39.73 1.42
CA GLU B 967 -49.33 -38.49 1.32
C GLU B 967 -48.59 -37.32 1.98
N ALA B 968 -47.66 -37.59 2.88
CA ALA B 968 -46.81 -36.52 3.40
C ALA B 968 -45.83 -36.05 2.33
N TYR B 969 -45.29 -36.98 1.56
CA TYR B 969 -44.42 -36.59 0.45
C TYR B 969 -45.20 -36.14 -0.79
N GLU B 970 -46.53 -36.22 -0.76
CA GLU B 970 -47.34 -35.68 -1.85
C GLU B 970 -47.44 -34.16 -1.83
N ASP B 971 -46.95 -33.50 -0.78
CA ASP B 971 -47.08 -32.05 -0.62
C ASP B 971 -45.79 -31.55 0.03
N VAL B 972 -44.80 -31.23 -0.81
CA VAL B 972 -43.48 -30.86 -0.35
C VAL B 972 -43.29 -29.36 -0.56
N ASN B 973 -42.96 -28.64 0.51
CA ASN B 973 -42.65 -27.23 0.43
C ASN B 973 -41.17 -27.10 0.10
N GLN B 974 -40.87 -26.90 -1.19
CA GLN B 974 -39.48 -26.94 -1.64
C GLN B 974 -38.69 -25.73 -1.17
N THR B 975 -39.33 -24.57 -1.05
CA THR B 975 -38.64 -23.31 -0.82
C THR B 975 -39.12 -22.62 0.45
N ASP B 976 -39.33 -23.38 1.52
CA ASP B 976 -39.86 -22.80 2.74
C ASP B 976 -38.91 -21.76 3.32
N ALA B 977 -39.36 -20.51 3.38
CA ALA B 977 -38.60 -19.40 3.97
C ALA B 977 -37.23 -19.23 3.29
N GLN B 978 -37.22 -19.31 1.97
CA GLN B 978 -36.01 -19.19 1.18
C GLN B 978 -36.01 -17.90 0.37
N ALA B 979 -34.84 -17.27 0.29
CA ALA B 979 -34.69 -16.06 -0.50
C ALA B 979 -33.35 -16.08 -1.24
N TRP B 980 -33.32 -15.33 -2.33
CA TRP B 980 -32.15 -15.18 -3.19
C TRP B 980 -31.86 -13.70 -3.38
N ILE B 981 -30.58 -13.34 -3.28
CA ILE B 981 -30.16 -11.95 -3.48
C ILE B 981 -29.12 -11.90 -4.58
N THR B 982 -29.08 -10.76 -5.27
CA THR B 982 -28.10 -10.52 -6.31
C THR B 982 -26.74 -10.20 -5.68
N PRO B 983 -25.65 -10.56 -6.37
CA PRO B 983 -24.32 -10.21 -5.86
C PRO B 983 -24.14 -8.72 -5.57
N LYS B 984 -24.80 -7.85 -6.34
CA LYS B 984 -24.79 -6.43 -6.03
C LYS B 984 -25.36 -6.17 -4.64
N ARG B 985 -26.48 -6.84 -4.31
CA ARG B 985 -27.07 -6.66 -3.00
C ARG B 985 -26.17 -7.20 -1.89
N TRP B 986 -25.53 -8.35 -2.14
CA TRP B 986 -24.60 -8.91 -1.17
C TRP B 986 -23.46 -7.95 -0.89
N ALA B 987 -22.87 -7.40 -1.96
CA ALA B 987 -21.78 -6.45 -1.79
C ALA B 987 -22.24 -5.20 -1.06
N PHE B 988 -23.43 -4.70 -1.38
CA PHE B 988 -23.96 -3.53 -0.68
C PHE B 988 -24.14 -3.83 0.80
N LEU B 989 -24.73 -4.99 1.12
CA LEU B 989 -24.98 -5.33 2.52
C LEU B 989 -23.67 -5.43 3.30
N ILE B 990 -22.64 -6.03 2.70
CA ILE B 990 -21.38 -6.17 3.42
C ILE B 990 -20.67 -4.84 3.54
N SER B 991 -20.73 -4.00 2.50
CA SER B 991 -20.05 -2.71 2.57
C SER B 991 -20.69 -1.80 3.60
N ARG B 992 -22.03 -1.82 3.68
CA ARG B 992 -22.73 -0.94 4.61
C ARG B 992 -22.72 -1.46 6.04
N THR B 993 -22.28 -2.68 6.27
CA THR B 993 -22.09 -3.21 7.61
C THR B 993 -20.63 -3.11 8.07
N GLY B 994 -19.81 -2.35 7.34
CA GLY B 994 -18.42 -2.15 7.69
C GLY B 994 -17.49 -3.31 7.38
N LYS B 995 -18.03 -4.46 6.96
CA LYS B 995 -17.19 -5.64 6.76
C LYS B 995 -16.37 -5.59 5.49
N TRP B 996 -16.59 -4.61 4.62
CA TRP B 996 -15.92 -4.58 3.34
C TRP B 996 -14.42 -4.29 3.47
N ASN B 997 -13.67 -4.76 2.49
CA ASN B 997 -12.22 -4.59 2.41
C ASN B 997 -11.81 -4.90 0.99
N SER B 998 -10.53 -4.62 0.67
CA SER B 998 -10.06 -4.80 -0.69
C SER B 998 -10.17 -6.26 -1.14
N LYS B 999 -10.10 -7.21 -0.21
CA LYS B 999 -10.16 -8.61 -0.62
C LYS B 999 -11.59 -9.05 -0.90
N TYR B 1000 -12.57 -8.53 -0.15
CA TYR B 1000 -13.95 -8.59 -0.63
C TYR B 1000 -14.12 -7.97 -2.02
N GLN B 1001 -13.43 -6.87 -2.30
CA GLN B 1001 -13.56 -6.30 -3.63
C GLN B 1001 -13.01 -7.24 -4.69
N SER B 1002 -11.87 -7.87 -4.40
CA SER B 1002 -11.29 -8.82 -5.36
C SER B 1002 -12.20 -10.02 -5.56
N VAL B 1003 -12.70 -10.61 -4.46
CA VAL B 1003 -13.53 -11.79 -4.60
C VAL B 1003 -14.86 -11.45 -5.26
N TYR B 1004 -15.37 -10.23 -5.06
CA TYR B 1004 -16.59 -9.82 -5.72
C TYR B 1004 -16.37 -9.65 -7.23
N ASN B 1005 -15.26 -9.01 -7.60
CA ASN B 1005 -14.93 -8.88 -9.01
C ASN B 1005 -14.76 -10.25 -9.66
N LYS B 1006 -14.17 -11.20 -8.94
CA LYS B 1006 -14.02 -12.55 -9.47
C LYS B 1006 -15.36 -13.28 -9.54
N ILE B 1007 -16.25 -13.02 -8.59
CA ILE B 1007 -17.58 -13.61 -8.60
C ILE B 1007 -18.36 -13.16 -9.82
N LEU B 1008 -18.25 -11.87 -10.16
CA LEU B 1008 -18.97 -11.35 -11.31
C LEU B 1008 -18.45 -11.97 -12.61
N LYS B 1009 -17.18 -12.31 -12.68
CA LYS B 1009 -16.57 -12.87 -13.88
C LYS B 1009 -16.51 -14.40 -13.86
N SER B 1010 -17.17 -15.04 -12.90
CA SER B 1010 -17.22 -16.51 -12.79
C SER B 1010 -15.83 -17.12 -12.69
N GLU B 1011 -14.89 -16.39 -12.10
CA GLU B 1011 -13.52 -16.89 -11.91
C GLU B 1011 -13.41 -17.57 -10.55
N SER B 1012 -12.61 -18.64 -10.52
CA SER B 1012 -12.47 -19.42 -9.30
C SER B 1012 -11.62 -18.68 -8.28
N LEU B 1013 -12.03 -18.77 -7.01
CA LEU B 1013 -11.30 -18.12 -5.93
C LEU B 1013 -9.99 -18.85 -5.64
N ASP B 1014 -8.99 -18.09 -5.20
CA ASP B 1014 -7.74 -18.70 -4.79
C ASP B 1014 -7.83 -19.16 -3.33
N ALA B 1015 -6.74 -19.73 -2.83
CA ALA B 1015 -6.75 -20.32 -1.51
C ALA B 1015 -6.95 -19.28 -0.41
N SER B 1016 -6.50 -18.05 -0.64
CA SER B 1016 -6.62 -17.03 0.40
C SER B 1016 -8.04 -16.50 0.52
N GLU B 1017 -8.78 -16.44 -0.59
CA GLU B 1017 -10.10 -15.83 -0.60
C GLU B 1017 -11.22 -16.82 -0.24
N MSE B 1018 -10.87 -18.04 0.13
CA MSE B 1018 -11.88 -19.07 0.43
C MSE B 1018 -12.77 -18.69 1.59
O MSE B 1018 -13.99 -18.92 1.56
CB MSE B 1018 -11.20 -20.40 0.71
CG MSE B 1018 -10.37 -20.95 -0.43
SE MSE B 1018 -11.47 -21.79 -1.81
CE MSE B 1018 -10.05 -22.51 -2.93
N LYS B 1019 -12.19 -18.11 2.63
CA LYS B 1019 -12.94 -17.72 3.82
C LYS B 1019 -13.68 -16.41 3.66
N LEU B 1020 -13.60 -15.79 2.48
CA LEU B 1020 -14.24 -14.51 2.21
C LEU B 1020 -15.38 -14.67 1.21
N ALA B 1021 -15.96 -15.86 1.15
CA ALA B 1021 -16.96 -16.19 0.15
C ALA B 1021 -18.28 -15.48 0.44
N ALA B 1022 -19.17 -15.54 -0.54
CA ALA B 1022 -20.49 -14.91 -0.44
C ALA B 1022 -21.53 -15.92 0.04
N GLN B 1023 -21.28 -16.48 1.22
CA GLN B 1023 -22.23 -17.44 1.77
C GLN B 1023 -23.50 -16.72 2.18
N PRO B 1024 -24.64 -17.42 2.21
CA PRO B 1024 -25.93 -16.73 2.44
C PRO B 1024 -25.93 -15.95 3.74
N LEU B 1025 -26.36 -14.69 3.66
CA LEU B 1025 -26.43 -13.82 4.82
C LEU B 1025 -27.59 -14.21 5.72
N LYS B 1026 -27.30 -14.38 7.01
CA LYS B 1026 -28.32 -14.76 7.99
C LYS B 1026 -28.96 -13.50 8.56
N GLY B 1027 -29.67 -12.78 7.70
CA GLY B 1027 -30.32 -11.53 8.08
C GLY B 1027 -31.83 -11.68 8.27
N VAL B 1028 -32.42 -10.63 8.84
CA VAL B 1028 -33.84 -10.57 9.13
C VAL B 1028 -34.30 -9.13 8.89
N TYR B 1029 -35.60 -8.96 8.64
CA TYR B 1029 -36.13 -7.64 8.34
C TYR B 1029 -37.48 -7.47 9.01
N PHE B 1030 -37.72 -6.30 9.58
CA PHE B 1030 -39.07 -5.96 10.03
C PHE B 1030 -39.23 -4.45 10.00
N GLY B 1031 -40.28 -3.99 9.33
CA GLY B 1031 -40.51 -2.56 9.21
C GLY B 1031 -41.97 -2.27 8.96
N LEU B 1032 -42.27 -0.99 8.79
CA LEU B 1032 -43.61 -0.52 8.48
C LEU B 1032 -43.56 0.16 7.12
N VAL B 1033 -43.90 -0.57 6.06
CA VAL B 1033 -43.90 -0.03 4.71
C VAL B 1033 -45.28 0.54 4.45
N ASN B 1034 -45.35 1.87 4.34
CA ASN B 1034 -46.61 2.63 4.19
C ASN B 1034 -47.70 2.09 5.12
N ASN B 1035 -47.34 1.95 6.39
CA ASN B 1035 -48.22 1.54 7.48
C ASN B 1035 -48.72 0.11 7.33
N THR B 1036 -48.00 -0.73 6.57
CA THR B 1036 -48.23 -2.16 6.58
C THR B 1036 -47.00 -2.83 7.17
N PRO B 1037 -47.12 -3.59 8.26
CA PRO B 1037 -45.96 -4.28 8.82
C PRO B 1037 -45.45 -5.35 7.85
N THR B 1038 -44.18 -5.27 7.49
CA THR B 1038 -43.53 -6.24 6.63
C THR B 1038 -42.45 -6.94 7.43
N TYR B 1039 -42.57 -8.27 7.55
CA TYR B 1039 -41.65 -9.09 8.33
C TYR B 1039 -41.05 -10.15 7.42
N LEU B 1040 -39.74 -10.17 7.33
CA LEU B 1040 -38.99 -11.04 6.44
C LEU B 1040 -38.06 -11.91 7.28
N LYS B 1041 -38.39 -13.18 7.41
CA LYS B 1041 -37.55 -14.20 8.03
C LYS B 1041 -37.04 -15.11 6.92
N TYR B 1042 -35.75 -15.02 6.63
CA TYR B 1042 -35.26 -15.61 5.39
C TYR B 1042 -33.74 -15.75 5.42
N SER B 1043 -33.25 -16.64 4.55
CA SER B 1043 -31.83 -16.81 4.27
C SER B 1043 -31.53 -16.18 2.91
N GLN B 1044 -30.42 -15.45 2.83
CA GLN B 1044 -30.13 -14.62 1.67
C GLN B 1044 -29.03 -15.27 0.84
N ALA B 1045 -29.41 -16.32 0.10
CA ALA B 1045 -28.49 -16.96 -0.82
C ALA B 1045 -28.11 -15.98 -1.93
N VAL B 1046 -26.83 -15.92 -2.26
CA VAL B 1046 -26.33 -14.97 -3.25
C VAL B 1046 -26.34 -15.65 -4.62
N LEU B 1047 -27.07 -15.05 -5.57
CA LEU B 1047 -27.21 -15.63 -6.90
C LEU B 1047 -25.94 -15.33 -7.69
N LEU B 1048 -24.89 -16.11 -7.40
CA LEU B 1048 -23.65 -15.97 -8.14
C LEU B 1048 -23.88 -16.34 -9.60
N PRO B 1049 -23.25 -15.64 -10.55
CA PRO B 1049 -23.33 -16.07 -11.95
C PRO B 1049 -22.85 -17.49 -12.15
N GLN B 1050 -21.85 -17.91 -11.38
CA GLN B 1050 -21.34 -19.27 -11.49
C GLN B 1050 -22.36 -20.30 -11.01
N LEU B 1051 -23.21 -19.92 -10.05
CA LEU B 1051 -24.24 -20.85 -9.59
C LEU B 1051 -25.38 -20.95 -10.61
N VAL B 1052 -25.98 -19.81 -10.96
CA VAL B 1052 -27.12 -19.80 -11.87
C VAL B 1052 -26.74 -20.13 -13.31
N ALA B 1053 -25.46 -20.13 -13.63
CA ALA B 1053 -25.03 -20.43 -15.00
C ALA B 1053 -25.41 -21.86 -15.36
N GLY B 1054 -26.04 -22.02 -16.52
CA GLY B 1054 -26.39 -23.33 -17.03
C GLY B 1054 -27.60 -23.96 -16.40
N THR B 1055 -28.32 -23.24 -15.55
CA THR B 1055 -29.52 -23.76 -14.91
C THR B 1055 -30.68 -22.80 -15.18
N GLN B 1056 -31.89 -23.26 -14.85
CA GLN B 1056 -33.07 -22.45 -15.07
C GLN B 1056 -33.02 -21.15 -14.27
N LEU B 1057 -32.59 -21.24 -12.99
CA LEU B 1057 -32.66 -20.11 -12.09
C LEU B 1057 -32.02 -18.85 -12.67
N GLN B 1058 -31.08 -19.02 -13.60
CA GLN B 1058 -30.46 -17.89 -14.29
C GLN B 1058 -31.49 -16.85 -14.71
N SER B 1059 -32.57 -17.30 -15.36
CA SER B 1059 -33.61 -16.39 -15.82
C SER B 1059 -34.02 -15.43 -14.71
N LEU B 1060 -34.41 -15.98 -13.55
CA LEU B 1060 -34.73 -15.15 -12.39
C LEU B 1060 -33.65 -14.09 -12.18
N ALA B 1061 -32.42 -14.54 -11.92
CA ALA B 1061 -31.33 -13.62 -11.65
C ALA B 1061 -31.23 -12.57 -12.74
N ASP B 1062 -31.35 -12.99 -14.00
CA ASP B 1062 -31.25 -12.03 -15.11
C ASP B 1062 -32.23 -10.90 -14.90
N ALA B 1063 -33.53 -11.24 -14.85
CA ALA B 1063 -34.54 -10.20 -14.72
C ALA B 1063 -34.26 -9.35 -13.50
N MSE B 1064 -33.79 -9.99 -12.45
CA MSE B 1064 -33.66 -9.38 -11.16
C MSE B 1064 -32.56 -8.34 -11.32
O MSE B 1064 -32.78 -7.15 -11.06
CB MSE B 1064 -33.36 -10.47 -10.14
CG MSE B 1064 -33.40 -10.11 -8.69
SE MSE B 1064 -33.19 -11.81 -7.76
CE MSE B 1064 -34.99 -12.42 -8.15
N ASN B 1065 -31.42 -8.77 -11.89
CA ASN B 1065 -30.33 -7.84 -12.13
C ASN B 1065 -30.77 -6.72 -13.06
N LYS B 1066 -31.63 -7.03 -14.02
CA LYS B 1066 -32.07 -6.00 -14.95
C LYS B 1066 -32.99 -5.01 -14.25
N GLN B 1067 -33.82 -5.49 -13.33
CA GLN B 1067 -34.88 -4.70 -12.75
C GLN B 1067 -34.47 -4.08 -11.42
N ASP B 1068 -33.17 -4.16 -11.09
CA ASP B 1068 -32.62 -3.64 -9.83
C ASP B 1068 -33.42 -4.10 -8.62
N ILE B 1069 -33.85 -5.36 -8.64
CA ILE B 1069 -34.48 -5.98 -7.49
C ILE B 1069 -33.37 -6.66 -6.71
N GLY B 1070 -33.13 -6.19 -5.49
CA GLY B 1070 -32.02 -6.71 -4.71
C GLY B 1070 -32.28 -8.09 -4.15
N GLU B 1071 -33.49 -8.30 -3.61
CA GLU B 1071 -33.80 -9.53 -2.90
C GLU B 1071 -35.09 -10.12 -3.47
N SER B 1072 -35.24 -11.43 -3.25
CA SER B 1072 -36.39 -12.17 -3.78
C SER B 1072 -36.73 -13.25 -2.77
N ILE B 1073 -37.87 -13.13 -2.11
CA ILE B 1073 -38.22 -13.99 -1.00
C ILE B 1073 -39.50 -14.75 -1.32
N VAL B 1074 -39.53 -16.02 -0.94
CA VAL B 1074 -40.76 -16.79 -1.08
C VAL B 1074 -41.81 -16.23 -0.13
N LEU B 1075 -43.08 -16.56 -0.40
CA LEU B 1075 -44.16 -16.06 0.45
C LEU B 1075 -43.99 -16.52 1.89
N ASP B 1076 -43.55 -17.77 2.08
CA ASP B 1076 -43.31 -18.27 3.44
C ASP B 1076 -42.15 -17.54 4.12
N GLY B 1077 -41.33 -16.82 3.36
CA GLY B 1077 -40.29 -15.99 3.92
C GLY B 1077 -40.72 -14.59 4.29
N VAL B 1078 -41.92 -14.19 3.90
CA VAL B 1078 -42.49 -12.90 4.27
C VAL B 1078 -43.68 -13.19 5.15
N LYS B 1079 -43.48 -13.16 6.48
CA LYS B 1079 -44.53 -13.60 7.40
C LYS B 1079 -45.74 -12.68 7.34
N VAL B 1080 -45.53 -11.36 7.28
CA VAL B 1080 -46.62 -10.40 7.21
C VAL B 1080 -46.27 -9.31 6.21
N GLY B 1081 -47.31 -8.65 5.68
CA GLY B 1081 -47.11 -7.52 4.80
C GLY B 1081 -46.66 -7.84 3.40
N ALA B 1082 -46.73 -9.09 2.98
CA ALA B 1082 -46.37 -9.43 1.61
C ALA B 1082 -47.41 -8.90 0.64
N THR B 1083 -46.95 -8.32 -0.45
CA THR B 1083 -47.83 -8.02 -1.56
C THR B 1083 -48.12 -9.33 -2.31
N THR B 1084 -49.00 -9.28 -3.31
CA THR B 1084 -49.37 -10.49 -4.03
C THR B 1084 -48.14 -11.13 -4.66
N PRO B 1085 -47.81 -12.37 -4.29
CA PRO B 1085 -46.57 -13.00 -4.79
C PRO B 1085 -46.56 -13.11 -6.30
N ASN B 1086 -45.36 -13.02 -6.86
CA ASN B 1086 -45.16 -13.10 -8.30
C ASN B 1086 -44.99 -14.55 -8.73
N ILE B 1087 -45.59 -14.87 -9.87
CA ILE B 1087 -45.54 -16.23 -10.42
C ILE B 1087 -44.27 -16.34 -11.26
N VAL B 1088 -43.54 -17.43 -11.07
CA VAL B 1088 -42.27 -17.60 -11.78
C VAL B 1088 -42.16 -19.01 -12.36
N THR B 1089 -43.26 -19.76 -12.35
CA THR B 1089 -43.23 -21.15 -12.77
C THR B 1089 -44.22 -21.40 -13.90
N ASP B 1090 -43.93 -22.42 -14.70
CA ASP B 1090 -44.77 -22.83 -15.81
C ASP B 1090 -45.79 -23.85 -15.32
N GLU B 1091 -46.66 -24.30 -16.23
CA GLU B 1091 -47.64 -25.33 -15.89
C GLU B 1091 -46.96 -26.62 -15.45
N ASN B 1092 -45.84 -26.97 -16.06
CA ASN B 1092 -45.15 -28.22 -15.75
C ASN B 1092 -44.20 -28.09 -14.57
N GLY B 1093 -44.13 -26.93 -13.92
CA GLY B 1093 -43.25 -26.71 -12.80
C GLY B 1093 -41.93 -26.06 -13.16
N ASP B 1094 -41.56 -26.07 -14.44
CA ASP B 1094 -40.37 -25.35 -14.88
C ASP B 1094 -40.59 -23.85 -14.67
N ILE B 1095 -39.49 -23.14 -14.48
CA ILE B 1095 -39.59 -21.70 -14.27
C ILE B 1095 -39.57 -20.99 -15.63
N LEU B 1096 -40.09 -19.78 -15.65
CA LEU B 1096 -40.30 -19.07 -16.90
C LEU B 1096 -38.97 -18.66 -17.53
N LYS B 1097 -38.95 -18.65 -18.86
CA LYS B 1097 -37.74 -18.26 -19.58
C LYS B 1097 -37.46 -16.77 -19.40
N SER B 1098 -38.49 -15.94 -19.55
CA SER B 1098 -38.38 -14.50 -19.35
C SER B 1098 -39.34 -14.07 -18.25
N ILE B 1099 -38.82 -13.38 -17.24
CA ILE B 1099 -39.58 -13.00 -16.05
C ILE B 1099 -39.57 -11.48 -15.92
N SER B 1100 -40.72 -10.92 -15.55
CA SER B 1100 -40.83 -9.52 -15.16
C SER B 1100 -41.52 -9.48 -13.81
N LEU B 1101 -40.84 -8.96 -12.80
CA LEU B 1101 -41.30 -9.05 -11.43
C LEU B 1101 -42.00 -7.77 -10.99
N ASN B 1102 -43.03 -7.93 -10.15
CA ASN B 1102 -43.68 -6.80 -9.52
C ASN B 1102 -42.90 -6.44 -8.26
N PRO B 1103 -42.18 -5.33 -8.24
CA PRO B 1103 -41.31 -5.04 -7.10
C PRO B 1103 -42.08 -4.49 -5.90
N LEU B 1104 -41.47 -4.68 -4.74
CA LEU B 1104 -41.95 -4.09 -3.49
C LEU B 1104 -40.77 -3.36 -2.87
N THR B 1105 -40.87 -2.03 -2.76
CA THR B 1105 -39.77 -1.23 -2.25
C THR B 1105 -39.79 -1.20 -0.73
N LEU B 1106 -38.67 -1.53 -0.12
CA LEU B 1106 -38.52 -1.63 1.33
C LEU B 1106 -37.49 -0.62 1.81
N SER B 1107 -37.27 -0.59 3.12
CA SER B 1107 -36.37 0.37 3.75
C SER B 1107 -35.15 -0.36 4.31
N ASN B 1108 -33.95 0.07 3.88
CA ASN B 1108 -32.72 -0.53 4.38
C ASN B 1108 -32.53 -0.30 5.87
N ALA B 1109 -33.08 0.80 6.40
CA ALA B 1109 -32.91 1.10 7.82
C ALA B 1109 -33.54 0.05 8.72
N ASP B 1110 -34.53 -0.69 8.21
CA ASP B 1110 -35.18 -1.73 8.99
C ASP B 1110 -34.54 -3.11 8.79
N TRP B 1111 -33.61 -3.24 7.84
CA TRP B 1111 -32.89 -4.49 7.65
C TRP B 1111 -31.72 -4.57 8.61
N LYS B 1112 -31.35 -5.80 8.97
CA LYS B 1112 -30.30 -6.02 9.95
C LYS B 1112 -29.70 -7.39 9.73
N LEU B 1113 -28.38 -7.48 9.78
CA LEU B 1113 -27.68 -8.76 9.70
C LEU B 1113 -27.72 -9.41 11.08
N GLN B 1114 -28.56 -10.44 11.24
CA GLN B 1114 -28.84 -10.98 12.57
C GLN B 1114 -27.67 -11.82 13.08
N GLN B 1115 -27.20 -12.75 12.27
CA GLN B 1115 -26.08 -13.62 12.62
C GLN B 1115 -24.94 -13.39 11.61
N ASP B 1116 -23.78 -13.00 12.13
CA ASP B 1116 -22.59 -12.88 11.28
C ASP B 1116 -21.80 -14.20 11.30
N LEU B 1117 -22.46 -15.24 10.78
CA LEU B 1117 -21.87 -16.57 10.79
C LEU B 1117 -20.58 -16.59 9.97
N PRO B 1118 -19.48 -17.09 10.52
CA PRO B 1118 -18.23 -17.15 9.76
C PRO B 1118 -18.26 -18.26 8.73
N VAL B 1119 -17.31 -18.19 7.81
CA VAL B 1119 -17.15 -19.20 6.76
C VAL B 1119 -16.07 -20.18 7.23
N LYS B 1120 -16.50 -21.38 7.62
CA LYS B 1120 -15.59 -22.43 8.10
C LYS B 1120 -15.62 -23.55 7.08
N THR B 1121 -14.51 -23.72 6.36
CA THR B 1121 -14.44 -24.68 5.26
C THR B 1121 -14.45 -26.11 5.81
N ILE B 1122 -14.22 -27.08 4.92
CA ILE B 1122 -14.06 -28.46 5.33
C ILE B 1122 -12.91 -28.57 6.31
N LYS B 1123 -13.18 -29.12 7.49
CA LYS B 1123 -12.22 -29.09 8.59
C LYS B 1123 -12.52 -30.25 9.51
N PRO B 1124 -11.62 -30.53 10.48
CA PRO B 1124 -12.00 -31.39 11.60
C PRO B 1124 -13.19 -30.79 12.34
N THR B 1125 -14.27 -31.56 12.39
CA THR B 1125 -15.54 -31.12 12.95
C THR B 1125 -15.96 -32.12 14.04
N LEU B 1126 -16.39 -31.59 15.18
CA LEU B 1126 -16.80 -32.43 16.29
C LEU B 1126 -18.04 -33.23 15.91
N LEU B 1127 -17.92 -34.56 15.94
CA LEU B 1127 -19.03 -35.43 15.59
C LEU B 1127 -20.18 -35.23 16.57
N GLY B 1128 -21.38 -35.03 16.02
CA GLY B 1128 -22.57 -34.84 16.82
C GLY B 1128 -22.74 -35.86 17.93
N SER B 1129 -23.05 -35.37 19.14
CA SER B 1129 -23.16 -36.27 20.28
C SER B 1129 -24.41 -37.15 20.18
N GLN B 1130 -25.44 -36.70 19.48
CA GLN B 1130 -26.71 -37.42 19.43
C GLN B 1130 -26.75 -38.45 18.30
N ILE B 1131 -26.17 -38.12 17.14
CA ILE B 1131 -26.20 -39.05 16.01
C ILE B 1131 -25.46 -40.34 16.35
N GLN B 1132 -24.30 -40.22 16.99
CA GLN B 1132 -23.46 -41.40 17.25
C GLN B 1132 -24.15 -42.41 18.15
N LYS B 1133 -25.30 -42.07 18.72
CA LYS B 1133 -26.11 -42.98 19.52
C LYS B 1133 -27.47 -43.26 18.93
N ASN B 1134 -28.03 -42.33 18.14
CA ASN B 1134 -29.28 -42.58 17.44
C ASN B 1134 -29.12 -43.53 16.27
N ILE B 1135 -27.88 -43.83 15.86
CA ILE B 1135 -27.67 -44.75 14.75
C ILE B 1135 -28.11 -46.16 15.11
N TYR B 1136 -28.14 -46.50 16.41
CA TYR B 1136 -28.59 -47.81 16.85
C TYR B 1136 -30.09 -48.00 16.69
N SER B 1137 -30.82 -46.94 16.34
CA SER B 1137 -32.29 -47.02 16.32
C SER B 1137 -32.78 -48.04 15.30
N SER B 1138 -32.11 -48.12 14.16
CA SER B 1138 -32.53 -48.98 13.07
C SER B 1138 -31.84 -50.34 13.06
N LEU B 1139 -31.01 -50.62 14.07
CA LEU B 1139 -30.28 -51.89 14.11
C LEU B 1139 -31.24 -53.03 14.38
N THR B 1140 -31.26 -54.01 13.48
CA THR B 1140 -32.04 -55.22 13.64
C THR B 1140 -31.21 -56.42 13.21
N ASP B 1141 -31.37 -57.53 13.91
CA ASP B 1141 -30.66 -58.75 13.53
C ASP B 1141 -31.24 -59.38 12.28
N GLU B 1142 -32.38 -58.86 11.77
CA GLU B 1142 -32.97 -59.35 10.54
C GLU B 1142 -32.32 -58.76 9.29
N ALA B 1143 -31.23 -58.01 9.46
CA ALA B 1143 -30.50 -57.43 8.35
C ALA B 1143 -29.05 -57.89 8.39
N THR B 1144 -28.38 -57.76 7.24
CA THR B 1144 -26.97 -58.10 7.11
C THR B 1144 -26.25 -56.86 6.57
N TYR B 1145 -25.55 -56.16 7.44
CA TYR B 1145 -24.83 -54.95 7.11
C TYR B 1145 -23.45 -55.29 6.57
N THR B 1146 -23.13 -54.75 5.39
CA THR B 1146 -21.93 -55.15 4.64
C THR B 1146 -21.01 -53.94 4.48
N ILE B 1147 -19.81 -54.05 5.02
CA ILE B 1147 -18.74 -53.10 4.80
C ILE B 1147 -17.64 -53.83 4.04
N GLU B 1148 -16.66 -53.08 3.53
CA GLU B 1148 -15.54 -53.66 2.79
C GLU B 1148 -14.89 -54.78 3.57
N ASN B 1149 -15.07 -56.01 3.10
CA ASN B 1149 -14.48 -57.23 3.66
C ASN B 1149 -15.03 -57.58 5.04
N GLU B 1150 -16.16 -57.00 5.46
CA GLU B 1150 -16.74 -57.31 6.76
C GLU B 1150 -18.26 -57.35 6.65
N ALA B 1151 -18.86 -58.22 7.46
CA ALA B 1151 -20.32 -58.35 7.51
C ALA B 1151 -20.77 -58.54 8.95
N PHE B 1152 -21.79 -57.78 9.36
CA PHE B 1152 -22.32 -57.83 10.72
C PHE B 1152 -23.84 -57.96 10.67
N ASN B 1153 -24.41 -58.44 11.77
CA ASN B 1153 -25.84 -58.34 11.97
C ASN B 1153 -26.13 -57.10 12.80
N GLY B 1154 -27.38 -56.96 13.27
CA GLY B 1154 -27.74 -55.78 14.04
C GLY B 1154 -26.92 -55.65 15.32
N SER B 1155 -26.79 -56.73 16.07
CA SER B 1155 -26.05 -56.67 17.32
C SER B 1155 -24.56 -56.43 17.07
N GLY B 1156 -23.97 -57.23 16.18
CA GLY B 1156 -22.54 -57.11 15.93
C GLY B 1156 -22.12 -55.70 15.56
N MSE B 1157 -22.82 -55.12 14.59
CA MSE B 1157 -22.58 -53.73 14.20
C MSE B 1157 -22.57 -52.80 15.39
O MSE B 1157 -21.66 -51.97 15.51
CB MSE B 1157 -23.64 -53.27 13.19
CG MSE B 1157 -23.58 -51.78 12.92
SE MSE B 1157 -22.13 -51.34 11.70
CE MSE B 1157 -23.03 -51.56 10.00
N PHE B 1158 -23.56 -52.95 16.28
CA PHE B 1158 -23.56 -52.17 17.51
C PHE B 1158 -22.19 -52.20 18.17
N GLN B 1159 -21.71 -53.39 18.51
CA GLN B 1159 -20.39 -53.53 19.12
C GLN B 1159 -19.35 -52.88 18.24
N ALA B 1160 -19.36 -53.20 16.94
CA ALA B 1160 -18.39 -52.64 16.01
C ALA B 1160 -18.32 -51.13 16.18
N ILE B 1161 -19.47 -50.47 16.05
CA ILE B 1161 -19.49 -49.01 16.18
C ILE B 1161 -18.83 -48.60 17.49
N ASN B 1162 -19.33 -49.15 18.60
CA ASN B 1162 -18.78 -48.81 19.91
C ASN B 1162 -17.28 -49.04 19.92
N ASP B 1163 -16.87 -50.23 19.45
CA ASP B 1163 -15.46 -50.56 19.44
C ASP B 1163 -14.65 -49.47 18.75
N THR B 1164 -15.06 -49.10 17.53
CA THR B 1164 -14.31 -48.10 16.80
C THR B 1164 -14.24 -46.79 17.59
N VAL B 1165 -15.39 -46.36 18.11
CA VAL B 1165 -15.39 -45.10 18.86
C VAL B 1165 -14.46 -45.22 20.05
N SER B 1166 -14.53 -46.35 20.76
CA SER B 1166 -13.64 -46.57 21.89
C SER B 1166 -12.19 -46.40 21.45
N ALA B 1167 -11.84 -47.04 20.33
CA ALA B 1167 -10.47 -46.96 19.82
C ALA B 1167 -10.06 -45.51 19.68
N MSE B 1168 -10.91 -44.70 19.04
CA MSE B 1168 -10.63 -43.28 18.84
C MSE B 1168 -10.26 -42.66 20.16
O MSE B 1168 -9.16 -42.11 20.33
CB MSE B 1168 -11.84 -42.58 18.24
CG MSE B 1168 -12.25 -43.12 16.90
SE MSE B 1168 -13.85 -42.25 16.22
CE MSE B 1168 -14.07 -43.37 14.69
N SER B 1169 -11.20 -42.80 21.12
CA SER B 1169 -10.98 -42.23 22.43
C SER B 1169 -9.62 -42.63 22.97
N ASN B 1170 -9.32 -43.94 22.93
CA ASN B 1170 -8.07 -44.41 23.50
C ASN B 1170 -6.89 -43.75 22.82
N LEU B 1171 -6.91 -43.70 21.48
CA LEU B 1171 -5.86 -42.98 20.76
C LEU B 1171 -5.66 -41.61 21.36
N SER B 1172 -6.74 -40.83 21.40
CA SER B 1172 -6.64 -39.47 21.89
C SER B 1172 -6.07 -39.46 23.30
N ILE B 1173 -6.64 -40.28 24.19
CA ILE B 1173 -6.19 -40.21 25.58
C ILE B 1173 -4.74 -40.65 25.67
N ALA B 1174 -4.32 -41.60 24.83
CA ALA B 1174 -2.92 -42.02 24.84
C ALA B 1174 -2.03 -40.82 24.54
N GLY B 1175 -2.40 -40.05 23.52
CA GLY B 1175 -1.67 -38.82 23.25
C GLY B 1175 -1.59 -37.94 24.47
N LEU B 1176 -2.74 -37.71 25.12
CA LEU B 1176 -2.74 -36.90 26.33
C LEU B 1176 -1.83 -37.50 27.38
N SER B 1177 -1.87 -38.84 27.51
CA SER B 1177 -0.96 -39.51 28.43
C SER B 1177 0.49 -39.19 28.10
N SER B 1178 0.84 -39.29 26.81
CA SER B 1178 2.20 -38.95 26.41
C SER B 1178 2.51 -37.48 26.66
N GLU B 1179 1.50 -36.62 26.60
CA GLU B 1179 1.72 -35.21 26.90
C GLU B 1179 2.07 -35.01 28.37
N LEU B 1180 1.61 -35.91 29.24
CA LEU B 1180 1.75 -35.74 30.68
C LEU B 1180 2.70 -36.75 31.30
N GLY B 1181 3.23 -37.69 30.52
CA GLY B 1181 4.10 -38.71 31.08
C GLY B 1181 3.43 -39.56 32.14
N LYS B 1182 2.18 -39.96 31.90
CA LYS B 1182 1.44 -40.78 32.86
C LYS B 1182 2.14 -42.13 33.03
N ASP B 1183 2.62 -42.38 34.24
CA ASP B 1183 3.22 -43.67 34.56
C ASP B 1183 2.17 -44.76 34.57
N SER B 1184 2.64 -46.01 34.67
CA SER B 1184 1.71 -47.12 34.89
C SER B 1184 0.93 -46.91 36.17
N GLU B 1185 1.58 -46.38 37.20
CA GLU B 1185 0.89 -46.13 38.47
C GLU B 1185 -0.06 -44.95 38.35
N GLY B 1186 0.32 -43.91 37.60
CA GLY B 1186 -0.53 -42.75 37.45
C GLY B 1186 0.18 -41.43 37.70
N LYS B 1187 1.43 -41.50 38.14
CA LYS B 1187 2.22 -40.29 38.35
C LYS B 1187 2.50 -39.61 37.01
N ILE B 1188 2.44 -38.28 37.01
CA ILE B 1188 2.64 -37.48 35.81
C ILE B 1188 3.85 -36.59 36.01
N ASP B 1189 4.35 -36.05 34.91
CA ASP B 1189 5.50 -35.16 34.93
C ASP B 1189 5.03 -33.75 35.25
N LYS B 1190 5.49 -33.21 36.37
CA LYS B 1190 5.09 -31.85 36.75
C LYS B 1190 5.48 -30.84 35.69
N ARG B 1191 6.70 -30.95 35.14
CA ARG B 1191 7.14 -30.06 34.09
C ARG B 1191 6.18 -30.09 32.90
N LYS B 1192 5.77 -31.28 32.47
CA LYS B 1192 4.92 -31.38 31.29
C LYS B 1192 3.53 -30.82 31.56
N LEU B 1193 2.98 -31.09 32.75
CA LEU B 1193 1.70 -30.51 33.12
C LEU B 1193 1.76 -28.98 33.06
N TYR B 1194 2.78 -28.39 33.69
CA TYR B 1194 2.88 -26.94 33.69
C TYR B 1194 3.15 -26.40 32.29
N ASP B 1195 3.85 -27.15 31.44
CA ASP B 1195 4.03 -26.74 30.05
C ASP B 1195 2.70 -26.68 29.32
N MSE B 1196 1.87 -27.71 29.51
CA MSE B 1196 0.52 -27.72 28.95
C MSE B 1196 -0.29 -26.49 29.37
O MSE B 1196 -0.89 -25.80 28.53
CB MSE B 1196 -0.23 -28.97 29.40
CG MSE B 1196 -1.64 -29.04 28.85
SE MSE B 1196 -2.52 -30.67 29.39
CE MSE B 1196 -1.67 -31.88 28.13
N LEU B 1197 -0.31 -26.27 30.68
CA LEU B 1197 -1.06 -25.14 31.23
C LEU B 1197 -0.54 -23.81 30.70
N GLU B 1198 0.78 -23.66 30.62
CA GLU B 1198 1.36 -22.43 30.07
C GLU B 1198 0.96 -22.24 28.61
N ARG B 1199 1.02 -23.30 27.80
CA ARG B 1199 0.65 -23.16 26.40
C ARG B 1199 -0.81 -22.79 26.25
N GLU B 1200 -1.67 -23.38 27.07
CA GLU B 1200 -3.10 -23.06 26.99
C GLU B 1200 -3.36 -21.62 27.39
N MSE B 1201 -2.74 -21.15 28.48
CA MSE B 1201 -2.93 -19.77 28.92
C MSE B 1201 -2.33 -18.77 27.94
O MSE B 1201 -2.80 -17.63 27.83
CB MSE B 1201 -2.33 -19.56 30.32
CG MSE B 1201 -3.05 -20.33 31.41
SE MSE B 1201 -4.98 -20.04 31.36
CE MSE B 1201 -5.05 -18.16 31.86
N LEU B 1202 -1.28 -19.20 27.23
CA LEU B 1202 -0.67 -18.36 26.21
C LEU B 1202 -1.59 -18.21 25.01
N ASP B 1203 -2.12 -19.32 24.51
CA ASP B 1203 -3.02 -19.26 23.37
C ASP B 1203 -4.30 -18.50 23.72
N LYS B 1204 -4.85 -18.76 24.91
CA LYS B 1204 -6.09 -18.08 25.30
C LYS B 1204 -5.85 -16.61 25.62
N GLY B 1205 -4.69 -16.26 26.14
CA GLY B 1205 -4.44 -14.89 26.55
C GLY B 1205 -4.63 -14.71 28.03
N SER B 1206 -3.55 -14.40 28.75
CA SER B 1206 -3.57 -14.35 30.20
C SER B 1206 -2.88 -13.10 30.71
N ALA B 1207 -3.27 -12.66 31.90
CA ALA B 1207 -2.55 -11.61 32.60
C ALA B 1207 -1.16 -12.11 32.97
N ILE B 1208 -0.17 -11.22 32.86
CA ILE B 1208 1.22 -11.63 33.05
C ILE B 1208 1.44 -12.19 34.44
N ASN B 1209 0.73 -11.66 35.45
CA ASN B 1209 0.88 -12.17 36.81
C ASN B 1209 0.63 -13.68 36.87
N LEU B 1210 -0.51 -14.11 36.34
CA LEU B 1210 -0.91 -15.49 36.53
C LEU B 1210 -0.10 -16.42 35.64
N LEU B 1211 0.26 -15.96 34.45
CA LEU B 1211 1.09 -16.77 33.55
C LEU B 1211 2.51 -16.92 34.12
N LYS B 1212 3.03 -15.87 34.77
CA LYS B 1212 4.32 -16.01 35.45
C LYS B 1212 4.21 -16.96 36.63
N SER B 1213 3.10 -16.89 37.37
CA SER B 1213 2.85 -17.87 38.43
C SER B 1213 2.92 -19.30 37.89
N ILE B 1214 2.30 -19.53 36.73
CA ILE B 1214 2.35 -20.86 36.11
C ILE B 1214 3.77 -21.20 35.69
N GLN B 1215 4.48 -20.25 35.08
CA GLN B 1215 5.83 -20.50 34.60
C GLN B 1215 6.78 -20.85 35.74
N LYS B 1216 6.53 -20.30 36.94
CA LYS B 1216 7.36 -20.60 38.09
C LYS B 1216 7.13 -22.00 38.64
N ASN B 1217 6.30 -22.82 37.98
CA ASN B 1217 6.05 -24.20 38.40
C ASN B 1217 5.62 -24.29 39.87
N LEU B 1218 4.97 -23.22 40.34
CA LEU B 1218 4.42 -23.25 41.69
C LEU B 1218 3.36 -24.33 41.81
N PRO B 1219 3.18 -24.92 42.99
CA PRO B 1219 2.09 -25.88 43.17
C PRO B 1219 0.74 -25.23 42.87
N ILE B 1220 -0.12 -25.99 42.20
CA ILE B 1220 -1.43 -25.49 41.78
C ILE B 1220 -2.19 -24.86 42.94
N GLU B 1221 -2.02 -25.40 44.15
CA GLU B 1221 -2.77 -24.91 45.30
C GLU B 1221 -2.21 -23.59 45.82
N ALA B 1222 -0.97 -23.25 45.46
CA ALA B 1222 -0.33 -22.02 45.88
C ALA B 1222 -0.73 -20.82 45.04
N MSE B 1223 -1.62 -20.99 44.06
CA MSE B 1223 -2.01 -19.90 43.19
C MSE B 1223 -3.49 -19.57 43.40
O MSE B 1223 -4.35 -20.11 42.70
CB MSE B 1223 -1.75 -20.26 41.72
CG MSE B 1223 -0.28 -20.57 41.44
SE MSE B 1223 0.05 -20.99 39.56
CE MSE B 1223 0.37 -22.89 39.73
N PRO B 1224 -3.76 -18.69 44.36
CA PRO B 1224 -5.16 -18.43 44.74
C PRO B 1224 -6.03 -17.91 43.59
N GLY B 1225 -5.45 -17.11 42.69
CA GLY B 1225 -6.25 -16.51 41.64
C GLY B 1225 -6.78 -17.48 40.61
N ILE B 1226 -6.05 -18.56 40.34
CA ILE B 1226 -6.37 -19.42 39.20
C ILE B 1226 -6.47 -20.90 39.56
N LYS B 1227 -6.55 -21.24 40.85
CA LYS B 1227 -6.62 -22.65 41.21
C LYS B 1227 -7.82 -23.32 40.55
N ASP B 1228 -8.98 -22.66 40.60
CA ASP B 1228 -10.18 -23.22 40.00
C ASP B 1228 -10.05 -23.26 38.48
N LYS B 1229 -9.47 -22.20 37.90
CA LYS B 1229 -9.26 -22.17 36.46
C LYS B 1229 -8.29 -23.26 36.02
N LEU B 1230 -7.28 -23.53 36.84
CA LEU B 1230 -6.30 -24.56 36.50
C LEU B 1230 -6.93 -25.95 36.54
N TYR B 1231 -7.71 -26.23 37.59
CA TYR B 1231 -8.47 -27.48 37.61
C TYR B 1231 -9.40 -27.59 36.41
N ASN B 1232 -10.07 -26.48 36.06
CA ASN B 1232 -10.95 -26.46 34.90
C ASN B 1232 -10.19 -26.82 33.63
N ILE B 1233 -8.98 -26.27 33.48
CA ILE B 1233 -8.19 -26.55 32.28
C ILE B 1233 -7.80 -28.02 32.22
N VAL B 1234 -7.38 -28.60 33.35
CA VAL B 1234 -7.00 -30.01 33.35
C VAL B 1234 -8.19 -30.88 32.98
N PHE B 1235 -9.33 -30.65 33.63
CA PHE B 1235 -10.54 -31.43 33.33
C PHE B 1235 -10.95 -31.25 31.88
N SER B 1236 -10.85 -30.02 31.36
CA SER B 1236 -11.25 -29.74 30.00
C SER B 1236 -10.37 -30.47 29.00
N LYS B 1237 -9.06 -30.47 29.22
CA LYS B 1237 -8.15 -31.21 28.34
C LYS B 1237 -8.50 -32.69 28.35
N ILE B 1238 -8.70 -33.25 29.54
CA ILE B 1238 -9.01 -34.68 29.64
C ILE B 1238 -10.30 -35.02 28.90
N ASN B 1239 -11.36 -34.25 29.17
CA ASN B 1239 -12.65 -34.53 28.55
C ASN B 1239 -12.60 -34.33 27.04
N SER B 1240 -12.00 -33.21 26.59
CA SER B 1240 -11.92 -32.94 25.16
C SER B 1240 -11.16 -34.04 24.43
N ALA B 1241 -10.07 -34.51 25.02
CA ALA B 1241 -9.33 -35.61 24.39
C ALA B 1241 -10.17 -36.88 24.35
N ALA B 1242 -10.71 -37.29 25.48
CA ALA B 1242 -11.32 -38.61 25.56
C ALA B 1242 -12.72 -38.67 24.95
N VAL B 1243 -13.45 -37.55 24.92
CA VAL B 1243 -14.87 -37.54 24.61
C VAL B 1243 -15.16 -36.76 23.33
N LYS B 1244 -14.62 -35.55 23.22
CA LYS B 1244 -14.96 -34.66 22.11
C LYS B 1244 -14.26 -35.14 20.84
N LEU B 1245 -14.74 -36.27 20.33
CA LEU B 1245 -14.15 -36.88 19.15
C LEU B 1245 -14.60 -36.15 17.88
N LYS B 1246 -13.74 -36.16 16.88
CA LYS B 1246 -13.94 -35.40 15.66
C LYS B 1246 -13.82 -36.30 14.45
N THR B 1247 -14.46 -35.86 13.35
CA THR B 1247 -14.24 -36.48 12.05
C THR B 1247 -13.98 -35.36 11.04
N ASN B 1248 -13.96 -35.66 9.76
CA ASN B 1248 -13.85 -34.63 8.74
C ASN B 1248 -15.25 -34.17 8.35
N GLY B 1249 -15.42 -32.86 8.17
CA GLY B 1249 -16.73 -32.37 7.76
C GLY B 1249 -16.84 -30.88 7.99
N GLY B 1250 -18.06 -30.46 8.30
CA GLY B 1250 -18.30 -29.05 8.55
C GLY B 1250 -19.77 -28.76 8.73
N SER B 1251 -20.04 -27.50 9.01
CA SER B 1251 -21.39 -26.98 9.18
C SER B 1251 -21.76 -26.11 7.99
N PHE B 1252 -22.94 -26.36 7.41
CA PHE B 1252 -23.34 -25.78 6.14
C PHE B 1252 -24.73 -25.18 6.23
N ILE B 1253 -24.94 -24.07 5.53
CA ILE B 1253 -26.24 -23.43 5.41
C ILE B 1253 -26.98 -24.08 4.25
N GLN B 1254 -28.23 -24.47 4.47
CA GLN B 1254 -29.01 -25.16 3.45
C GLN B 1254 -29.58 -24.17 2.44
N LEU B 1255 -29.56 -24.57 1.17
CA LEU B 1255 -30.11 -23.77 0.08
C LEU B 1255 -31.05 -24.64 -0.72
N SER B 1256 -32.23 -24.11 -1.02
CA SER B 1256 -33.22 -24.86 -1.78
C SER B 1256 -32.73 -25.10 -3.20
N ASN B 1257 -33.02 -26.29 -3.71
CA ASN B 1257 -32.70 -26.67 -5.09
C ASN B 1257 -33.80 -26.28 -6.06
N PHE B 1258 -34.33 -25.06 -5.93
CA PHE B 1258 -35.52 -24.69 -6.68
C PHE B 1258 -35.27 -24.72 -8.17
N GLY B 1259 -34.36 -23.87 -8.65
CA GLY B 1259 -34.07 -23.82 -10.07
C GLY B 1259 -32.63 -24.16 -10.37
N LEU B 1260 -32.05 -25.03 -9.55
CA LEU B 1260 -30.63 -25.36 -9.64
C LEU B 1260 -30.37 -26.75 -10.19
N ASP B 1261 -31.22 -27.73 -9.87
CA ASP B 1261 -31.07 -29.07 -10.41
C ASP B 1261 -31.65 -29.23 -11.81
N LYS B 1262 -32.45 -28.27 -12.28
CA LYS B 1262 -33.02 -28.29 -13.62
C LYS B 1262 -32.15 -27.44 -14.53
N GLN B 1263 -31.55 -28.08 -15.53
CA GLN B 1263 -30.50 -27.45 -16.34
C GLN B 1263 -31.03 -26.98 -17.68
N THR B 1264 -30.40 -25.92 -18.20
CA THR B 1264 -30.65 -25.41 -19.55
C THR B 1264 -29.31 -25.11 -20.19
N ALA B 1265 -29.21 -25.36 -21.49
CA ALA B 1265 -27.98 -25.13 -22.26
C ALA B 1265 -26.88 -25.98 -21.64
N ASP B 1266 -25.66 -25.46 -21.51
CA ASP B 1266 -24.53 -26.20 -20.95
C ASP B 1266 -24.08 -25.53 -19.66
N ALA B 1267 -23.91 -26.32 -18.61
CA ALA B 1267 -23.61 -25.78 -17.28
C ALA B 1267 -22.10 -25.64 -17.17
N LYS B 1268 -21.62 -24.43 -17.50
CA LYS B 1268 -20.22 -24.07 -17.26
C LYS B 1268 -19.96 -23.72 -15.80
N GLY B 1269 -21.01 -23.45 -15.02
CA GLY B 1269 -20.84 -22.97 -13.67
C GLY B 1269 -20.67 -24.07 -12.64
N ILE B 1270 -21.75 -24.75 -12.31
CA ILE B 1270 -21.71 -25.78 -11.26
C ILE B 1270 -20.91 -26.97 -11.77
N THR B 1271 -19.83 -27.30 -11.06
CA THR B 1271 -18.94 -28.39 -11.46
C THR B 1271 -19.63 -29.72 -11.22
N TRP B 1272 -20.15 -30.32 -12.28
CA TRP B 1272 -20.87 -31.57 -12.17
C TRP B 1272 -19.91 -32.75 -12.15
N LEU B 1273 -20.16 -33.69 -11.24
CA LEU B 1273 -19.33 -34.87 -11.10
C LEU B 1273 -19.95 -36.11 -11.74
N VAL B 1274 -21.21 -36.02 -12.15
CA VAL B 1274 -21.91 -37.07 -12.89
C VAL B 1274 -22.65 -36.40 -14.04
N GLU B 1275 -23.42 -37.20 -14.78
CA GLU B 1275 -24.26 -36.64 -15.82
C GLU B 1275 -25.33 -35.77 -15.18
N PRO B 1276 -25.50 -34.53 -15.63
CA PRO B 1276 -26.45 -33.62 -14.98
C PRO B 1276 -27.87 -34.17 -14.98
N SER B 1277 -28.51 -34.14 -13.82
CA SER B 1277 -29.85 -34.65 -13.65
C SER B 1277 -30.46 -34.02 -12.39
N ASP B 1278 -31.71 -34.36 -12.13
CA ASP B 1278 -32.40 -33.86 -10.95
C ASP B 1278 -31.77 -34.40 -9.68
N LEU B 1279 -31.92 -33.67 -8.59
CA LEU B 1279 -31.49 -34.15 -7.28
C LEU B 1279 -32.55 -35.11 -6.74
N LYS B 1280 -32.14 -36.33 -6.40
CA LYS B 1280 -33.09 -37.38 -6.12
C LYS B 1280 -33.08 -37.78 -4.65
N PRO B 1281 -34.23 -38.17 -4.11
CA PRO B 1281 -34.31 -38.55 -2.70
C PRO B 1281 -33.77 -39.95 -2.50
N PRO B 1282 -33.55 -40.37 -1.26
CA PRO B 1282 -33.11 -41.75 -1.01
C PRO B 1282 -34.24 -42.73 -1.32
N VAL B 1283 -33.96 -43.68 -2.21
CA VAL B 1283 -34.89 -44.74 -2.54
C VAL B 1283 -34.13 -46.06 -2.58
N ILE B 1284 -34.87 -47.16 -2.51
CA ILE B 1284 -34.26 -48.48 -2.49
C ILE B 1284 -34.09 -48.96 -3.93
N GLU B 1285 -32.93 -49.53 -4.22
CA GLU B 1285 -32.62 -50.09 -5.53
C GLU B 1285 -31.80 -51.36 -5.36
N LYS B 1286 -31.61 -52.07 -6.47
CA LYS B 1286 -30.82 -53.29 -6.49
C LYS B 1286 -29.46 -52.97 -7.08
N ASP B 1287 -28.41 -53.52 -6.46
CA ASP B 1287 -27.05 -53.33 -6.98
C ASP B 1287 -26.81 -54.28 -8.15
N ALA B 1288 -25.56 -54.33 -8.61
CA ALA B 1288 -25.22 -55.24 -9.71
C ALA B 1288 -25.44 -56.69 -9.31
N ASP B 1289 -25.19 -57.02 -8.04
CA ASP B 1289 -25.34 -58.39 -7.56
C ASP B 1289 -26.78 -58.74 -7.20
N GLY B 1290 -27.70 -57.78 -7.27
CA GLY B 1290 -29.10 -58.04 -6.99
C GLY B 1290 -29.55 -57.78 -5.56
N LYS B 1291 -28.64 -57.40 -4.66
CA LYS B 1291 -29.00 -57.12 -3.28
C LYS B 1291 -29.59 -55.72 -3.17
N ASN B 1292 -30.58 -55.56 -2.31
CA ASN B 1292 -31.29 -54.30 -2.13
C ASN B 1292 -30.51 -53.39 -1.19
N TYR B 1293 -30.09 -52.23 -1.69
CA TYR B 1293 -29.49 -51.18 -0.87
C TYR B 1293 -30.32 -49.90 -1.02
N ILE B 1294 -29.94 -48.87 -0.27
CA ILE B 1294 -30.56 -47.56 -0.38
C ILE B 1294 -29.68 -46.68 -1.26
N ARG B 1295 -30.24 -46.23 -2.38
CA ARG B 1295 -29.56 -45.22 -3.17
C ARG B 1295 -29.47 -43.93 -2.35
N PRO B 1296 -28.27 -43.46 -2.04
CA PRO B 1296 -28.16 -42.24 -1.22
C PRO B 1296 -28.82 -41.05 -1.90
N GLY B 1297 -29.24 -40.09 -1.09
CA GLY B 1297 -29.72 -38.82 -1.64
C GLY B 1297 -28.62 -38.12 -2.41
N GLN B 1298 -29.02 -37.12 -3.18
CA GLN B 1298 -28.09 -36.39 -4.03
C GLN B 1298 -27.94 -34.96 -3.53
N ILE B 1299 -26.70 -34.46 -3.54
CA ILE B 1299 -26.37 -33.23 -2.82
C ILE B 1299 -25.46 -32.36 -3.68
N PHE B 1300 -25.59 -31.04 -3.50
CA PHE B 1300 -24.61 -30.07 -3.97
C PHE B 1300 -23.90 -29.48 -2.76
N MSE B 1301 -22.60 -29.28 -2.88
CA MSE B 1301 -21.84 -28.80 -1.73
C MSE B 1301 -20.55 -28.12 -2.17
O MSE B 1301 -19.94 -28.53 -3.16
CB MSE B 1301 -21.55 -29.95 -0.78
CG MSE B 1301 -20.82 -29.57 0.48
SE MSE B 1301 -20.49 -31.13 1.57
CE MSE B 1301 -18.94 -31.77 0.61
N SER B 1302 -20.14 -27.08 -1.45
CA SER B 1302 -18.90 -26.38 -1.75
C SER B 1302 -17.75 -27.13 -1.06
N HIS B 1303 -17.06 -27.96 -1.82
CA HIS B 1303 -16.02 -28.84 -1.28
C HIS B 1303 -14.69 -28.11 -1.36
N VAL B 1304 -14.48 -27.16 -0.44
CA VAL B 1304 -13.27 -26.35 -0.42
C VAL B 1304 -12.01 -27.22 -0.35
N GLN B 1305 -12.10 -28.38 0.29
CA GLN B 1305 -10.95 -29.29 0.36
C GLN B 1305 -10.49 -29.70 -1.03
N ILE B 1306 -11.42 -30.16 -1.88
CA ILE B 1306 -11.07 -30.52 -3.24
C ILE B 1306 -10.54 -29.30 -4.00
N ALA B 1307 -11.15 -28.13 -3.77
CA ALA B 1307 -10.73 -26.94 -4.49
C ALA B 1307 -9.28 -26.58 -4.17
N LYS B 1308 -8.88 -26.74 -2.91
CA LYS B 1308 -7.51 -26.45 -2.54
C LYS B 1308 -6.57 -27.55 -3.02
N LEU B 1309 -7.03 -28.80 -3.00
CA LEU B 1309 -6.18 -29.90 -3.47
C LEU B 1309 -6.05 -29.89 -4.99
N VAL B 1310 -7.15 -29.65 -5.70
CA VAL B 1310 -7.12 -29.58 -7.16
C VAL B 1310 -7.64 -28.22 -7.60
N PRO B 1311 -6.82 -27.17 -7.58
CA PRO B 1311 -7.26 -25.90 -8.16
C PRO B 1311 -7.50 -26.03 -9.65
N ASP B 1312 -8.32 -25.12 -10.18
CA ASP B 1312 -8.75 -25.15 -11.58
C ASP B 1312 -9.53 -26.42 -11.89
N TYR B 1313 -10.24 -26.95 -10.90
CA TYR B 1313 -11.06 -28.15 -11.12
C TYR B 1313 -12.30 -27.82 -11.94
N ALA B 1314 -12.81 -26.60 -11.83
CA ALA B 1314 -13.96 -26.20 -12.63
C ALA B 1314 -13.61 -26.11 -14.11
N LYS B 1315 -12.33 -25.88 -14.44
CA LYS B 1315 -11.93 -25.77 -15.85
C LYS B 1315 -12.05 -27.10 -16.59
N MSE B 1316 -11.95 -28.21 -15.86
CA MSE B 1316 -12.02 -29.54 -16.49
C MSE B 1316 -13.44 -29.87 -16.95
O MSE B 1316 -14.38 -29.11 -16.70
CB MSE B 1316 -11.53 -30.61 -15.52
CG MSE B 1316 -10.21 -30.30 -14.85
SE MSE B 1316 -9.68 -31.71 -13.60
CE MSE B 1316 -7.94 -31.00 -13.09
N ASP B 1317 -13.59 -31.01 -17.62
CA ASP B 1317 -14.90 -31.56 -17.95
C ASP B 1317 -15.26 -32.64 -16.94
N SER B 1318 -16.55 -32.98 -16.91
CA SER B 1318 -17.06 -33.91 -15.90
C SER B 1318 -16.34 -35.25 -15.98
N LYS B 1319 -16.01 -35.73 -17.18
CA LYS B 1319 -15.49 -37.09 -17.32
C LYS B 1319 -14.08 -37.22 -16.77
N THR B 1320 -13.23 -36.21 -16.98
CA THR B 1320 -11.84 -36.32 -16.51
C THR B 1320 -11.75 -36.18 -15.00
N LEU B 1321 -12.55 -35.30 -14.41
CA LEU B 1321 -12.52 -35.12 -12.97
C LEU B 1321 -13.22 -36.27 -12.25
N SER B 1322 -14.29 -36.80 -12.84
CA SER B 1322 -15.03 -37.89 -12.20
C SER B 1322 -14.14 -39.09 -11.94
N SER B 1323 -13.33 -39.48 -12.92
CA SER B 1323 -12.40 -40.59 -12.72
C SER B 1323 -11.25 -40.21 -11.81
N MSE B 1324 -11.03 -38.91 -11.58
CA MSE B 1324 -9.92 -38.45 -10.78
C MSE B 1324 -10.17 -38.62 -9.28
O MSE B 1324 -9.22 -38.78 -8.51
CB MSE B 1324 -9.62 -36.98 -11.10
CG MSE B 1324 -8.41 -36.42 -10.39
SE MSE B 1324 -8.05 -34.60 -10.93
CE MSE B 1324 -8.09 -34.86 -12.86
N ILE B 1325 -11.43 -38.58 -8.86
CA ILE B 1325 -11.77 -38.65 -7.45
C ILE B 1325 -12.57 -39.93 -7.21
N ASP B 1326 -12.20 -40.65 -6.17
CA ASP B 1326 -12.89 -41.87 -5.79
C ASP B 1326 -14.38 -41.58 -5.55
N PRO B 1327 -15.28 -42.31 -6.20
CA PRO B 1327 -16.71 -42.17 -5.85
C PRO B 1327 -16.99 -42.38 -4.37
N LYS B 1328 -16.23 -43.26 -3.70
CA LYS B 1328 -16.39 -43.46 -2.26
C LYS B 1328 -15.88 -42.30 -1.43
N ALA B 1329 -15.29 -41.27 -2.07
CA ALA B 1329 -14.90 -40.05 -1.39
C ALA B 1329 -15.91 -38.93 -1.61
N LEU B 1330 -16.85 -39.11 -2.54
CA LEU B 1330 -17.89 -38.13 -2.81
C LEU B 1330 -19.17 -38.40 -2.02
N ARG B 1331 -19.08 -39.14 -0.92
CA ARG B 1331 -20.21 -39.43 -0.08
C ARG B 1331 -20.12 -38.63 1.21
N ALA B 1332 -21.24 -38.53 1.91
CA ALA B 1332 -21.31 -37.77 3.15
C ALA B 1332 -22.49 -38.24 3.96
N ILE B 1333 -22.47 -37.91 5.25
CA ILE B 1333 -23.55 -38.25 6.17
C ILE B 1333 -23.98 -36.94 6.84
N GLY B 1334 -25.21 -36.50 6.54
CA GLY B 1334 -25.67 -35.23 7.04
C GLY B 1334 -26.71 -35.35 8.14
N TYR B 1335 -26.39 -34.81 9.31
CA TYR B 1335 -27.29 -34.83 10.45
C TYR B 1335 -27.62 -33.41 10.87
N ARG B 1336 -28.72 -33.27 11.61
CA ARG B 1336 -29.14 -31.99 12.14
C ARG B 1336 -29.32 -32.12 13.64
N ILE B 1337 -28.77 -31.17 14.38
CA ILE B 1337 -28.92 -31.12 15.84
C ILE B 1337 -30.05 -30.15 16.16
N PRO B 1338 -31.08 -30.58 16.92
CA PRO B 1338 -31.23 -31.88 17.57
C PRO B 1338 -31.68 -33.01 16.63
N ASN B 1339 -31.10 -34.20 16.80
CA ASN B 1339 -31.58 -35.39 16.11
C ASN B 1339 -32.90 -35.82 16.73
N GLN B 1340 -34.01 -35.48 16.07
CA GLN B 1340 -35.32 -35.87 16.55
C GLN B 1340 -35.68 -37.30 16.17
N GLY B 1341 -34.90 -37.91 15.28
CA GLY B 1341 -35.15 -39.28 14.88
C GLY B 1341 -34.13 -39.70 13.86
N GLN B 1342 -34.32 -40.90 13.31
CA GLN B 1342 -33.44 -41.36 12.24
C GLN B 1342 -33.64 -40.57 10.97
N SER B 1343 -34.77 -39.87 10.84
CA SER B 1343 -35.04 -39.07 9.65
C SER B 1343 -34.07 -37.89 9.53
N SER B 1344 -33.58 -37.38 10.67
CA SER B 1344 -32.65 -36.25 10.66
C SER B 1344 -31.32 -36.61 10.01
N ASN B 1345 -30.96 -37.89 9.95
CA ASN B 1345 -29.72 -38.32 9.34
C ASN B 1345 -29.96 -38.72 7.89
N ASP B 1346 -29.03 -38.33 7.01
CA ASP B 1346 -29.13 -38.63 5.58
C ASP B 1346 -27.82 -39.21 5.06
N PRO B 1347 -27.86 -40.30 4.29
CA PRO B 1347 -26.69 -40.70 3.52
C PRO B 1347 -26.75 -40.08 2.13
N LEU B 1348 -25.72 -39.30 1.77
CA LEU B 1348 -25.79 -38.45 0.60
C LEU B 1348 -24.56 -38.67 -0.27
N GLN B 1349 -24.72 -38.39 -1.56
CA GLN B 1349 -23.63 -38.44 -2.53
C GLN B 1349 -23.53 -37.09 -3.22
N ILE B 1350 -22.30 -36.61 -3.35
CA ILE B 1350 -22.01 -35.31 -3.95
C ILE B 1350 -22.01 -35.50 -5.46
N VAL B 1351 -23.07 -35.06 -6.12
CA VAL B 1351 -23.14 -35.12 -7.57
C VAL B 1351 -22.54 -33.88 -8.22
N GLY B 1352 -22.43 -32.78 -7.50
CA GLY B 1352 -21.85 -31.56 -8.04
C GLY B 1352 -21.20 -30.75 -6.94
N ILE B 1353 -20.11 -30.08 -7.28
CA ILE B 1353 -19.38 -29.23 -6.36
C ILE B 1353 -19.79 -27.80 -6.64
N LEU B 1354 -20.47 -27.17 -5.67
CA LEU B 1354 -20.87 -25.78 -5.83
C LEU B 1354 -19.64 -24.90 -5.96
N PRO B 1355 -19.77 -23.71 -6.54
CA PRO B 1355 -18.65 -22.79 -6.57
C PRO B 1355 -18.20 -22.44 -5.15
N GLU B 1356 -16.88 -22.42 -4.95
CA GLU B 1356 -16.32 -22.17 -3.63
C GLU B 1356 -16.76 -20.84 -3.04
N ALA B 1357 -17.17 -19.89 -3.88
CA ALA B 1357 -17.57 -18.58 -3.39
C ALA B 1357 -18.97 -18.58 -2.78
N MSE B 1358 -19.65 -19.74 -2.77
CA MSE B 1358 -20.91 -19.89 -2.07
C MSE B 1358 -20.70 -20.09 -0.58
O MSE B 1358 -21.65 -20.10 0.20
CB MSE B 1358 -21.72 -21.07 -2.62
CG MSE B 1358 -22.30 -20.85 -4.01
SE MSE B 1358 -23.61 -19.42 -4.04
CE MSE B 1358 -24.90 -20.13 -2.77
N GLY B 1359 -19.44 -20.25 -0.17
CA GLY B 1359 -19.14 -20.46 1.24
C GLY B 1359 -19.66 -21.79 1.72
N ASP B 1360 -20.20 -21.79 2.94
CA ASP B 1360 -20.72 -23.01 3.57
C ASP B 1360 -22.17 -23.22 3.16
N THR B 1361 -22.36 -23.63 1.91
CA THR B 1361 -23.67 -23.77 1.31
C THR B 1361 -23.86 -25.21 0.83
N ILE B 1362 -25.02 -25.77 1.15
CA ILE B 1362 -25.32 -27.17 0.86
C ILE B 1362 -26.68 -27.23 0.19
N VAL B 1363 -26.74 -27.84 -0.99
CA VAL B 1363 -27.98 -27.97 -1.76
C VAL B 1363 -28.35 -29.44 -1.83
N ALA B 1364 -29.50 -29.79 -1.25
CA ALA B 1364 -29.94 -31.16 -1.12
C ALA B 1364 -31.10 -31.44 -2.07
N TYR B 1365 -31.58 -32.68 -2.03
CA TYR B 1365 -32.66 -33.08 -2.90
C TYR B 1365 -33.96 -32.36 -2.52
N THR B 1366 -34.92 -32.39 -3.44
CA THR B 1366 -36.12 -31.56 -3.33
C THR B 1366 -37.06 -31.98 -2.22
N GLU B 1367 -36.86 -33.15 -1.61
CA GLU B 1367 -37.78 -33.64 -0.58
C GLU B 1367 -37.22 -33.57 0.83
N ILE B 1368 -36.04 -32.99 1.03
CA ILE B 1368 -35.38 -33.01 2.33
C ILE B 1368 -36.12 -32.19 3.40
N PRO B 1369 -36.84 -31.09 3.09
CA PRO B 1369 -37.53 -30.41 4.19
C PRO B 1369 -38.62 -31.25 4.84
N THR B 1370 -39.43 -31.95 4.05
CA THR B 1370 -40.46 -32.81 4.63
C THR B 1370 -39.85 -33.91 5.47
N LYS B 1371 -38.71 -34.45 5.04
CA LYS B 1371 -38.06 -35.53 5.77
C LYS B 1371 -37.50 -35.04 7.09
N THR B 1372 -36.69 -33.98 7.04
CA THR B 1372 -36.00 -33.48 8.23
C THR B 1372 -36.82 -32.48 9.04
N GLY B 1373 -37.97 -32.04 8.54
CA GLY B 1373 -38.75 -31.00 9.19
C GLY B 1373 -37.98 -29.70 9.34
N SER B 1374 -37.39 -29.22 8.25
CA SER B 1374 -36.51 -28.06 8.29
C SER B 1374 -36.95 -27.04 7.25
N ASP B 1375 -37.01 -25.77 7.67
CA ASP B 1375 -37.17 -24.67 6.73
C ASP B 1375 -35.78 -24.28 6.22
N PHE B 1376 -35.59 -23.05 5.75
CA PHE B 1376 -34.29 -22.61 5.28
C PHE B 1376 -33.69 -21.45 6.04
N ASP B 1377 -34.34 -20.96 7.09
CA ASP B 1377 -33.69 -20.03 8.01
C ASP B 1377 -33.30 -20.72 9.31
N ILE B 1378 -33.46 -22.05 9.38
CA ILE B 1378 -32.99 -22.83 10.51
C ILE B 1378 -31.47 -22.89 10.51
N ASP B 1379 -30.91 -23.28 11.66
CA ASP B 1379 -29.48 -23.24 11.88
C ASP B 1379 -28.71 -24.12 10.89
N LYS B 1380 -27.39 -23.97 10.93
CA LYS B 1380 -26.50 -24.73 10.06
C LYS B 1380 -26.67 -26.22 10.30
N MSE B 1381 -26.78 -26.98 9.22
CA MSE B 1381 -26.79 -28.43 9.35
C MSE B 1381 -25.35 -28.93 9.40
O MSE B 1381 -24.44 -28.25 8.95
CB MSE B 1381 -27.55 -29.08 8.19
CG MSE B 1381 -26.70 -29.44 6.98
SE MSE B 1381 -27.71 -30.48 5.68
CE MSE B 1381 -28.02 -32.08 6.74
N TYR B 1382 -25.16 -30.10 9.98
CA TYR B 1382 -23.83 -30.66 10.19
C TYR B 1382 -23.66 -31.89 9.31
N VAL B 1383 -22.46 -32.05 8.75
CA VAL B 1383 -22.16 -33.20 7.91
C VAL B 1383 -20.81 -33.78 8.31
N MSE B 1384 -20.68 -35.09 8.17
CA MSE B 1384 -19.39 -35.74 8.35
C MSE B 1384 -18.91 -36.27 6.99
O MSE B 1384 -19.68 -36.86 6.24
CB MSE B 1384 -19.46 -36.87 9.39
CG MSE B 1384 -20.36 -38.03 9.03
SE MSE B 1384 -20.63 -39.30 10.50
CE MSE B 1384 -18.82 -40.02 10.65
N LEU B 1385 -17.65 -36.01 6.69
CA LEU B 1385 -17.05 -36.34 5.41
C LEU B 1385 -15.92 -37.35 5.59
N PRO B 1386 -15.65 -38.15 4.57
CA PRO B 1386 -14.51 -39.07 4.64
C PRO B 1386 -13.20 -38.32 4.54
N ASN B 1387 -12.14 -38.98 5.00
CA ASN B 1387 -10.79 -38.48 4.87
C ASN B 1387 -10.17 -38.98 3.57
N PHE B 1388 -9.33 -38.15 2.98
CA PHE B 1388 -8.77 -38.42 1.67
C PHE B 1388 -7.35 -38.95 1.78
N LYS B 1389 -7.03 -39.96 0.97
CA LYS B 1389 -5.66 -40.32 0.68
C LYS B 1389 -5.34 -39.74 -0.69
N VAL B 1390 -4.28 -38.94 -0.74
CA VAL B 1390 -3.98 -38.11 -1.90
C VAL B 1390 -2.66 -38.56 -2.51
N GLU B 1391 -2.62 -38.62 -3.85
CA GLU B 1391 -1.39 -38.92 -4.57
C GLU B 1391 -0.83 -37.62 -5.13
N HIS B 1392 0.18 -37.08 -4.45
CA HIS B 1392 0.78 -35.83 -4.91
C HIS B 1392 1.69 -36.11 -6.10
N THR B 1393 1.85 -35.10 -6.95
CA THR B 1393 2.55 -35.27 -8.22
C THR B 1393 4.03 -35.56 -8.00
N LYS B 1394 4.60 -36.30 -8.96
CA LYS B 1394 6.05 -36.51 -8.97
C LYS B 1394 6.79 -35.19 -9.02
N LYS B 1395 6.23 -34.20 -9.71
CA LYS B 1395 6.82 -32.86 -9.76
C LYS B 1395 6.81 -32.22 -8.38
N SER B 1396 5.75 -32.48 -7.60
CA SER B 1396 5.71 -31.99 -6.22
C SER B 1396 6.83 -32.60 -5.39
N PHE B 1397 7.07 -33.90 -5.56
CA PHE B 1397 8.18 -34.55 -4.85
C PHE B 1397 9.52 -33.95 -5.26
N LYS B 1398 9.70 -33.70 -6.57
CA LYS B 1398 10.93 -33.10 -7.05
C LYS B 1398 11.15 -31.72 -6.43
N LEU B 1399 10.11 -30.89 -6.43
CA LEU B 1399 10.23 -29.54 -5.88
C LEU B 1399 10.45 -29.58 -4.37
N ALA B 1400 9.84 -30.55 -3.68
CA ALA B 1400 10.05 -30.67 -2.24
C ALA B 1400 11.48 -31.09 -1.94
N LYS B 1401 12.05 -31.99 -2.76
CA LYS B 1401 13.45 -32.35 -2.59
C LYS B 1401 14.37 -31.16 -2.86
N ASP B 1402 14.05 -30.36 -3.88
CA ASP B 1402 14.82 -29.15 -4.15
C ASP B 1402 14.76 -28.20 -2.95
N TYR B 1403 13.58 -28.05 -2.35
CA TYR B 1403 13.44 -27.18 -1.19
C TYR B 1403 14.21 -27.71 0.01
N ILE B 1404 14.18 -29.02 0.23
CA ILE B 1404 14.84 -29.60 1.40
C ILE B 1404 16.35 -29.54 1.23
N ALA B 1405 16.83 -29.56 -0.01
CA ALA B 1405 18.25 -29.32 -0.25
C ALA B 1405 18.60 -27.84 -0.14
N GLN B 1406 17.66 -26.95 -0.49
CA GLN B 1406 17.93 -25.51 -0.40
C GLN B 1406 18.06 -25.06 1.05
N ASN B 1407 17.08 -25.36 1.90
CA ASN B 1407 17.20 -24.94 3.29
C ASN B 1407 18.07 -25.85 4.13
N GLU B 1408 18.45 -27.03 3.61
CA GLU B 1408 19.47 -27.89 4.23
C GLU B 1408 19.13 -28.21 5.68
N ILE B 1409 17.87 -28.55 5.92
CA ILE B 1409 17.44 -29.02 7.23
C ILE B 1409 17.87 -30.47 7.41
N THR B 1410 18.66 -30.73 8.44
CA THR B 1410 19.25 -32.06 8.63
C THR B 1410 18.16 -33.10 8.88
N VAL B 1411 18.53 -34.36 8.65
CA VAL B 1411 17.58 -35.46 8.71
C VAL B 1411 17.03 -35.65 10.12
N GLU B 1412 17.88 -35.50 11.14
CA GLU B 1412 17.42 -35.72 12.51
C GLU B 1412 16.40 -34.66 12.93
N GLU B 1413 16.70 -33.39 12.68
CA GLU B 1413 15.78 -32.31 13.03
C GLU B 1413 14.39 -32.60 12.49
N MSE B 1414 14.31 -32.91 11.20
CA MSE B 1414 13.09 -33.38 10.55
C MSE B 1414 12.36 -34.41 11.39
O MSE B 1414 11.20 -34.20 11.77
CB MSE B 1414 13.46 -33.97 9.18
CG MSE B 1414 12.29 -34.40 8.34
SE MSE B 1414 12.70 -34.09 6.46
CE MSE B 1414 12.89 -32.16 6.57
N TYR B 1415 13.05 -35.51 11.70
CA TYR B 1415 12.45 -36.57 12.50
C TYR B 1415 11.92 -36.02 13.83
N ASP B 1416 12.68 -35.12 14.45
CA ASP B 1416 12.24 -34.56 15.72
C ASP B 1416 10.94 -33.77 15.55
N GLU B 1417 10.83 -33.03 14.44
CA GLU B 1417 9.60 -32.26 14.23
C GLU B 1417 8.41 -33.18 14.06
N LEU B 1418 8.65 -34.44 13.67
CA LEU B 1418 7.61 -35.46 13.76
C LEU B 1418 7.77 -36.13 15.11
N GLU B 1419 7.47 -35.35 16.17
CA GLU B 1419 7.64 -35.84 17.53
C GLU B 1419 6.71 -37.00 17.85
N ASP B 1420 5.63 -37.17 17.08
CA ASP B 1420 4.82 -38.37 17.22
C ASP B 1420 5.55 -39.58 16.68
N HIS B 1421 6.16 -39.45 15.49
CA HIS B 1421 6.88 -40.51 14.79
C HIS B 1421 6.12 -41.82 14.87
N GLY B 1422 4.93 -41.85 14.23
CA GLY B 1422 4.09 -43.02 14.28
C GLY B 1422 4.65 -44.20 13.51
N PHE B 1423 5.44 -43.93 12.47
CA PHE B 1423 6.02 -44.99 11.67
C PHE B 1423 7.39 -45.43 12.19
N ASN B 1424 8.09 -44.55 12.91
CA ASN B 1424 9.39 -44.89 13.45
C ASN B 1424 9.30 -46.02 14.46
N ILE B 1425 8.18 -46.09 15.20
CA ILE B 1425 8.04 -47.11 16.24
C ILE B 1425 7.92 -48.49 15.61
N ASP B 1426 7.17 -48.61 14.52
CA ASP B 1426 6.92 -49.91 13.92
C ASP B 1426 8.03 -50.33 12.97
N ASP B 1427 8.79 -49.36 12.44
CA ASP B 1427 9.84 -49.61 11.47
C ASP B 1427 11.24 -49.36 12.03
N ILE B 1428 11.38 -49.30 13.36
CA ILE B 1428 12.73 -49.18 13.91
C ILE B 1428 13.45 -50.52 13.87
N ALA B 1429 12.73 -51.60 13.56
CA ALA B 1429 13.37 -52.86 13.20
C ALA B 1429 14.14 -52.74 11.89
N ASN B 1430 13.52 -52.11 10.90
CA ASN B 1430 14.16 -51.88 9.61
C ASN B 1430 15.15 -50.73 9.65
N GLY B 1431 14.92 -49.75 10.52
CA GLY B 1431 15.80 -48.59 10.59
C GLY B 1431 15.24 -47.37 9.89
N GLU B 1432 14.32 -46.67 10.55
CA GLU B 1432 13.78 -45.44 9.97
C GLU B 1432 14.81 -44.34 9.88
N GLU B 1433 15.94 -44.47 10.60
CA GLU B 1433 17.01 -43.52 10.45
C GLU B 1433 18.04 -43.97 9.42
N VAL B 1434 18.03 -45.24 9.04
CA VAL B 1434 18.96 -45.70 8.02
C VAL B 1434 18.46 -45.30 6.65
N THR B 1435 17.17 -45.50 6.41
CA THR B 1435 16.49 -45.06 5.19
C THR B 1435 15.93 -43.67 5.43
N GLU B 1436 16.38 -42.69 4.66
CA GLU B 1436 15.80 -41.36 4.76
C GLU B 1436 14.61 -41.19 3.84
N SER B 1437 14.50 -42.01 2.80
CA SER B 1437 13.40 -41.89 1.86
C SER B 1437 12.06 -41.98 2.60
N ALA B 1438 11.98 -42.83 3.62
CA ALA B 1438 10.78 -42.88 4.44
C ALA B 1438 10.57 -41.57 5.18
N ILE B 1439 11.62 -41.07 5.84
CA ILE B 1439 11.50 -39.83 6.62
C ILE B 1439 11.27 -38.63 5.71
N THR B 1440 12.03 -38.54 4.62
CA THR B 1440 11.88 -37.41 3.70
C THR B 1440 10.50 -37.44 3.05
N GLU B 1441 10.08 -38.61 2.57
CA GLU B 1441 8.76 -38.74 1.95
C GLU B 1441 7.65 -38.41 2.93
N ALA B 1442 7.75 -38.89 4.16
CA ALA B 1442 6.71 -38.63 5.15
C ALA B 1442 6.64 -37.16 5.50
N PHE B 1443 7.79 -36.50 5.68
CA PHE B 1443 7.78 -35.08 5.97
C PHE B 1443 7.20 -34.30 4.80
N ILE B 1444 7.62 -34.61 3.58
CA ILE B 1444 7.05 -33.98 2.39
C ILE B 1444 5.53 -34.10 2.42
N LYS B 1445 5.04 -35.35 2.49
CA LYS B 1445 3.61 -35.63 2.42
C LYS B 1445 2.85 -34.88 3.51
N ASN B 1446 3.36 -34.92 4.75
CA ASN B 1446 2.57 -34.48 5.89
C ASN B 1446 2.74 -33.01 6.24
N HIS B 1447 3.82 -32.35 5.77
CA HIS B 1447 4.07 -30.97 6.18
C HIS B 1447 4.59 -30.07 5.07
N ILE B 1448 4.77 -30.55 3.85
CA ILE B 1448 5.22 -29.73 2.72
C ILE B 1448 4.18 -29.69 1.62
N LEU B 1449 3.67 -30.84 1.21
CA LEU B 1449 2.56 -30.91 0.27
C LEU B 1449 1.22 -30.97 0.98
N ASN B 1450 1.20 -30.85 2.30
CA ASN B 1450 -0.03 -30.80 3.07
C ASN B 1450 -0.46 -29.35 3.22
N SER B 1451 -1.65 -29.04 2.71
CA SER B 1451 -2.12 -27.65 2.74
C SER B 1451 -2.28 -27.16 4.17
N ASN B 1452 -2.89 -27.97 5.03
CA ASN B 1452 -3.03 -27.66 6.45
C ASN B 1452 -1.89 -28.32 7.22
N SER B 1453 -0.97 -27.51 7.73
CA SER B 1453 0.16 -28.02 8.48
C SER B 1453 0.44 -27.11 9.67
N GLU B 1454 0.72 -27.71 10.81
CA GLU B 1454 1.00 -26.94 12.01
C GLU B 1454 2.45 -26.48 12.09
N LEU B 1455 3.36 -27.25 11.49
CA LEU B 1455 4.74 -26.78 11.38
C LEU B 1455 4.84 -25.57 10.46
N GLU B 1456 3.90 -25.46 9.51
CA GLU B 1456 3.80 -24.34 8.58
C GLU B 1456 5.00 -24.26 7.65
N TYR B 1457 5.79 -25.32 7.56
CA TYR B 1457 6.82 -25.42 6.52
C TYR B 1457 6.21 -25.33 5.14
N HIS B 1458 4.97 -25.83 4.98
CA HIS B 1458 4.31 -25.79 3.68
C HIS B 1458 4.06 -24.37 3.23
N ASN B 1459 3.78 -23.45 4.15
CA ASN B 1459 3.58 -22.06 3.76
C ASN B 1459 4.90 -21.44 3.28
N ASP B 1460 5.99 -21.71 4.01
CA ASP B 1460 7.31 -21.27 3.55
C ASP B 1460 7.60 -21.80 2.15
N PHE B 1461 7.16 -23.04 1.88
CA PHE B 1461 7.36 -23.64 0.56
C PHE B 1461 6.53 -22.93 -0.51
N VAL B 1462 5.23 -22.75 -0.23
CA VAL B 1462 4.29 -22.20 -1.21
C VAL B 1462 4.40 -20.69 -1.36
N LYS B 1463 5.25 -20.02 -0.55
CA LYS B 1463 5.49 -18.60 -0.73
C LYS B 1463 5.78 -18.25 -2.19
N GLN B 1464 6.76 -18.91 -2.79
CA GLN B 1464 7.10 -18.70 -4.19
C GLN B 1464 6.91 -19.94 -5.04
N HIS B 1465 7.12 -21.14 -4.49
CA HIS B 1465 6.81 -22.36 -5.22
C HIS B 1465 5.30 -22.56 -5.29
N ASN B 1466 4.85 -23.14 -6.40
CA ASN B 1466 3.44 -23.38 -6.64
C ASN B 1466 3.17 -24.87 -6.57
N ILE B 1467 2.21 -25.26 -5.71
CA ILE B 1467 1.84 -26.66 -5.60
C ILE B 1467 1.28 -27.14 -6.93
N ASP B 1468 1.21 -28.46 -7.08
CA ASP B 1468 0.79 -29.04 -8.35
C ASP B 1468 -0.55 -29.76 -8.17
N ALA B 1469 -1.23 -29.94 -9.30
CA ALA B 1469 -2.55 -30.56 -9.29
C ALA B 1469 -2.44 -32.02 -8.83
N VAL B 1470 -3.32 -32.39 -7.90
CA VAL B 1470 -3.33 -33.75 -7.38
C VAL B 1470 -3.64 -34.74 -8.50
N ASN B 1471 -2.91 -35.86 -8.50
CA ASN B 1471 -3.20 -36.91 -9.47
C ASN B 1471 -4.51 -37.62 -9.14
N LYS B 1472 -4.63 -38.15 -7.93
CA LYS B 1472 -5.84 -38.86 -7.52
C LYS B 1472 -6.15 -38.63 -6.06
N ILE B 1473 -7.44 -38.46 -5.77
CA ILE B 1473 -7.98 -38.41 -4.42
C ILE B 1473 -8.79 -39.67 -4.21
N ASP B 1474 -8.53 -40.38 -3.11
CA ASP B 1474 -9.20 -41.65 -2.84
C ASP B 1474 -9.74 -41.65 -1.42
N PHE B 1475 -10.75 -42.48 -1.19
CA PHE B 1475 -11.24 -42.72 0.15
C PHE B 1475 -10.15 -43.41 0.96
N LEU B 1476 -9.69 -42.74 2.03
CA LEU B 1476 -8.62 -43.29 2.83
C LEU B 1476 -9.08 -44.56 3.54
N GLY B 1477 -8.23 -45.58 3.53
CA GLY B 1477 -8.62 -46.91 3.95
C GLY B 1477 -8.26 -47.21 5.40
N TYR B 1478 -9.03 -48.13 5.99
CA TYR B 1478 -8.84 -48.60 7.35
C TYR B 1478 -8.57 -50.10 7.36
N SER B 1479 -8.07 -50.58 8.49
CA SER B 1479 -7.89 -52.01 8.73
C SER B 1479 -8.96 -52.50 9.69
N GLU B 1480 -9.31 -53.79 9.56
CA GLU B 1480 -10.23 -54.40 10.52
C GLU B 1480 -9.68 -54.37 11.93
N GLU B 1481 -8.35 -54.44 12.07
CA GLU B 1481 -7.71 -54.42 13.38
C GLU B 1481 -7.58 -52.97 13.82
N LEU B 1482 -8.35 -52.59 14.84
CA LEU B 1482 -8.48 -51.18 15.19
C LEU B 1482 -7.18 -50.58 15.69
N HIS B 1483 -6.31 -51.39 16.31
CA HIS B 1483 -5.03 -50.86 16.78
C HIS B 1483 -4.10 -50.51 15.62
N LYS B 1484 -4.28 -51.17 14.48
CA LYS B 1484 -3.51 -50.82 13.29
C LYS B 1484 -3.92 -49.49 12.70
N ASN B 1485 -5.15 -49.04 12.96
CA ASN B 1485 -5.66 -47.82 12.35
C ASN B 1485 -5.22 -46.59 13.13
N LYS B 1486 -4.85 -45.54 12.40
CA LYS B 1486 -4.57 -44.24 13.00
C LYS B 1486 -5.88 -43.45 13.09
N SER B 1487 -5.77 -42.15 13.39
CA SER B 1487 -6.96 -41.35 13.66
C SER B 1487 -7.84 -41.22 12.41
N GLU B 1488 -7.25 -40.82 11.28
CA GLU B 1488 -8.03 -40.67 10.06
C GLU B 1488 -8.66 -42.00 9.64
N GLN B 1489 -7.91 -43.09 9.81
CA GLN B 1489 -8.42 -44.41 9.43
C GLN B 1489 -9.60 -44.81 10.29
N LEU B 1490 -9.52 -44.58 11.61
CA LEU B 1490 -10.64 -44.90 12.48
C LEU B 1490 -11.84 -44.05 12.15
N GLN B 1491 -11.63 -42.76 11.87
CA GLN B 1491 -12.74 -41.89 11.50
C GLN B 1491 -13.45 -42.40 10.26
N ASN B 1492 -12.67 -42.76 9.22
CA ASN B 1492 -13.28 -43.29 8.00
C ASN B 1492 -13.99 -44.61 8.26
N ARG B 1493 -13.47 -45.43 9.20
CA ARG B 1493 -14.15 -46.68 9.51
C ARG B 1493 -15.51 -46.44 10.15
N LEU B 1494 -15.57 -45.53 11.13
CA LEU B 1494 -16.86 -45.16 11.71
C LEU B 1494 -17.79 -44.59 10.64
N PHE B 1495 -17.23 -43.80 9.72
CA PHE B 1495 -18.03 -43.24 8.63
C PHE B 1495 -18.66 -44.35 7.79
N ASP B 1496 -17.88 -45.37 7.44
CA ASP B 1496 -18.43 -46.46 6.65
C ASP B 1496 -19.41 -47.31 7.45
N LEU B 1497 -19.21 -47.45 8.75
CA LEU B 1497 -20.17 -48.18 9.57
C LEU B 1497 -21.52 -47.46 9.59
N TYR B 1498 -21.49 -46.15 9.86
CA TYR B 1498 -22.72 -45.36 9.82
C TYR B 1498 -23.35 -45.39 8.43
N TRP B 1499 -22.52 -45.40 7.39
CA TRP B 1499 -23.04 -45.49 6.03
C TRP B 1499 -23.76 -46.80 5.81
N ALA B 1500 -23.16 -47.91 6.24
CA ALA B 1500 -23.79 -49.21 6.09
C ALA B 1500 -25.09 -49.29 6.86
N VAL B 1501 -25.15 -48.63 8.02
CA VAL B 1501 -26.41 -48.61 8.78
C VAL B 1501 -27.45 -47.79 8.03
N LEU B 1502 -27.06 -46.64 7.50
CA LEU B 1502 -28.01 -45.70 6.91
C LEU B 1502 -28.40 -46.06 5.48
N THR B 1503 -27.68 -46.95 4.81
CA THR B 1503 -27.98 -47.33 3.44
C THR B 1503 -28.49 -48.76 3.32
N ASN B 1504 -28.94 -49.35 4.42
CA ASN B 1504 -29.41 -50.72 4.40
C ASN B 1504 -30.91 -50.77 4.13
N GLU B 1505 -31.33 -51.85 3.46
CA GLU B 1505 -32.75 -52.09 3.20
C GLU B 1505 -33.61 -51.88 4.45
N LYS B 1506 -33.35 -52.67 5.49
CA LYS B 1506 -34.26 -52.73 6.64
C LYS B 1506 -34.39 -51.40 7.37
N THR B 1507 -33.49 -50.46 7.14
CA THR B 1507 -33.55 -49.18 7.83
C THR B 1507 -34.31 -48.11 7.04
N TYR B 1508 -34.61 -48.38 5.77
CA TYR B 1508 -35.19 -47.35 4.90
C TYR B 1508 -36.44 -46.73 5.50
N GLY B 1509 -37.33 -47.56 6.05
CA GLY B 1509 -38.50 -47.06 6.74
C GLY B 1509 -38.13 -45.98 7.75
N ASP B 1510 -37.29 -46.35 8.73
CA ASP B 1510 -36.89 -45.39 9.75
C ASP B 1510 -36.22 -44.17 9.14
N LEU B 1511 -35.70 -44.28 7.92
CA LEU B 1511 -35.08 -43.15 7.25
C LEU B 1511 -36.13 -42.24 6.61
N ILE B 1512 -37.15 -42.82 5.97
CA ILE B 1512 -38.00 -42.03 5.08
C ILE B 1512 -39.22 -41.44 5.77
N THR B 1513 -39.59 -41.93 6.95
CA THR B 1513 -40.73 -41.35 7.66
C THR B 1513 -40.43 -39.89 8.02
N PRO B 1514 -41.29 -38.94 7.63
CA PRO B 1514 -41.05 -37.55 8.00
C PRO B 1514 -40.96 -37.39 9.52
N ILE B 1515 -40.29 -36.31 9.94
CA ILE B 1515 -39.90 -36.17 11.33
C ILE B 1515 -41.07 -35.88 12.26
N ASP B 1516 -42.24 -35.50 11.73
CA ASP B 1516 -43.40 -35.31 12.58
C ASP B 1516 -44.00 -36.65 13.01
N PHE B 1517 -44.19 -36.83 14.30
CA PHE B 1517 -44.83 -38.03 14.84
C PHE B 1517 -46.10 -37.59 15.55
N PRO B 1518 -47.27 -37.87 14.99
CA PRO B 1518 -48.49 -37.13 15.35
C PRO B 1518 -49.41 -37.77 16.38
N HIS B 1519 -49.12 -38.96 16.89
CA HIS B 1519 -50.09 -39.63 17.75
C HIS B 1519 -50.28 -38.88 19.06
N VAL B 1520 -49.18 -38.46 19.71
CA VAL B 1520 -49.29 -37.75 20.97
C VAL B 1520 -49.95 -36.39 20.77
N LYS B 1521 -49.59 -35.69 19.69
CA LYS B 1521 -50.21 -34.40 19.39
C LYS B 1521 -51.71 -34.54 19.19
N ASP B 1522 -52.12 -35.52 18.38
CA ASP B 1522 -53.54 -35.69 18.07
C ASP B 1522 -54.32 -36.11 19.30
N GLU B 1523 -53.76 -36.99 20.14
CA GLU B 1523 -54.46 -37.39 21.35
C GLU B 1523 -54.60 -36.23 22.34
N ILE B 1524 -53.52 -35.47 22.54
CA ILE B 1524 -53.59 -34.30 23.41
C ILE B 1524 -54.64 -33.32 22.89
N LYS B 1525 -54.68 -33.12 21.57
CA LYS B 1525 -55.59 -32.13 21.01
C LYS B 1525 -57.04 -32.61 21.05
N ARG B 1526 -57.28 -33.92 20.97
CA ARG B 1526 -58.66 -34.39 21.11
C ARG B 1526 -59.11 -34.34 22.56
N VAL B 1527 -58.23 -34.67 23.51
CA VAL B 1527 -58.66 -34.75 24.90
C VAL B 1527 -58.70 -33.38 25.58
N PHE B 1528 -57.93 -32.40 25.09
CA PHE B 1528 -57.88 -31.09 25.71
C PHE B 1528 -58.28 -29.95 24.79
N GLY B 1529 -58.37 -30.18 23.50
CA GLY B 1529 -58.82 -29.15 22.58
C GLY B 1529 -57.71 -28.63 21.69
N ASP B 1530 -58.08 -28.17 20.51
CA ASP B 1530 -57.15 -27.57 19.56
C ASP B 1530 -57.08 -26.07 19.83
N ASN B 1531 -55.96 -25.63 20.40
CA ASN B 1531 -55.78 -24.23 20.75
C ASN B 1531 -55.20 -23.40 19.63
N SER B 1532 -55.02 -23.97 18.44
CA SER B 1532 -54.54 -23.19 17.30
C SER B 1532 -55.61 -22.25 16.77
N LYS B 1533 -56.88 -22.49 17.09
CA LYS B 1533 -57.99 -21.62 16.71
C LYS B 1533 -58.50 -20.95 17.98
N GLN B 1534 -58.27 -19.65 18.11
CA GLN B 1534 -58.68 -18.88 19.28
C GLN B 1534 -59.40 -17.62 18.85
N THR B 1535 -60.34 -17.18 19.69
CA THR B 1535 -61.08 -15.95 19.46
C THR B 1535 -60.85 -15.01 20.63
N GLY B 1536 -60.92 -13.70 20.36
CA GLY B 1536 -60.61 -12.69 21.35
C GLY B 1536 -61.81 -12.09 22.07
N GLU B 1537 -62.73 -12.94 22.51
CA GLU B 1537 -63.87 -12.47 23.28
C GLU B 1537 -63.41 -11.74 24.54
N ASN B 1538 -64.11 -10.66 24.87
CA ASN B 1538 -63.81 -9.86 26.06
C ASN B 1538 -62.37 -9.34 26.06
N LEU B 1539 -61.91 -8.87 24.89
CA LEU B 1539 -60.58 -8.26 24.77
C LEU B 1539 -59.49 -9.23 25.23
N LYS B 1540 -59.61 -10.48 24.77
CA LYS B 1540 -58.75 -11.54 25.28
C LYS B 1540 -57.30 -11.31 24.90
N PHE B 1541 -57.04 -10.97 23.63
CA PHE B 1541 -55.67 -10.93 23.14
C PHE B 1541 -54.85 -9.80 23.70
N HIS B 1542 -55.47 -8.78 24.30
CA HIS B 1542 -54.73 -7.70 24.93
C HIS B 1542 -54.72 -7.78 26.44
N ASP B 1543 -55.45 -8.72 27.04
CA ASP B 1543 -55.48 -8.86 28.48
C ASP B 1543 -54.09 -9.26 29.00
N PRO B 1544 -53.62 -8.64 30.08
CA PRO B 1544 -52.28 -9.00 30.61
C PRO B 1544 -52.18 -10.43 31.07
N LEU B 1545 -53.24 -10.96 31.68
CA LEU B 1545 -53.21 -12.32 32.21
C LEU B 1545 -53.12 -13.34 31.07
N TYR B 1546 -53.90 -13.13 30.01
CA TYR B 1546 -53.81 -14.00 28.84
C TYR B 1546 -52.41 -13.98 28.25
N GLN B 1547 -51.80 -12.80 28.14
CA GLN B 1547 -50.48 -12.71 27.55
C GLN B 1547 -49.43 -13.36 28.43
N LEU B 1548 -49.56 -13.24 29.75
CA LEU B 1548 -48.64 -13.91 30.66
C LEU B 1548 -48.75 -15.42 30.53
N LYS B 1549 -49.99 -15.93 30.52
CA LYS B 1549 -50.19 -17.37 30.35
C LYS B 1549 -49.63 -17.85 29.02
N LEU B 1550 -49.81 -17.05 27.96
CA LEU B 1550 -49.28 -17.40 26.65
C LEU B 1550 -47.75 -17.40 26.64
N LYS B 1551 -47.14 -16.43 27.33
CA LYS B 1551 -45.69 -16.39 27.41
C LYS B 1551 -45.15 -17.63 28.10
N PHE B 1552 -45.77 -18.03 29.20
CA PHE B 1552 -45.32 -19.24 29.89
C PHE B 1552 -45.55 -20.49 29.04
N THR B 1553 -46.70 -20.54 28.35
CA THR B 1553 -46.98 -21.65 27.45
C THR B 1553 -45.89 -21.79 26.39
N TYR B 1554 -45.47 -20.66 25.80
CA TYR B 1554 -44.43 -20.71 24.78
C TYR B 1554 -43.07 -21.05 25.38
N ALA B 1555 -42.75 -20.51 26.54
CA ALA B 1555 -41.45 -20.72 27.14
C ALA B 1555 -41.27 -22.11 27.75
N GLY B 1556 -42.36 -22.86 27.93
CA GLY B 1556 -42.24 -24.19 28.51
C GLY B 1556 -41.33 -25.13 27.74
N GLY B 1557 -41.37 -25.08 26.40
CA GLY B 1557 -40.77 -26.13 25.59
C GLY B 1557 -39.26 -26.10 25.50
N LYS B 1558 -38.66 -24.92 25.58
CA LYS B 1558 -37.20 -24.80 25.49
C LYS B 1558 -36.52 -25.55 26.63
N SER B 1559 -37.20 -25.71 27.76
CA SER B 1559 -36.62 -26.48 28.86
C SER B 1559 -36.74 -27.98 28.61
N GLY B 1560 -37.91 -28.42 28.13
CA GLY B 1560 -38.18 -29.84 27.97
C GLY B 1560 -37.47 -30.47 26.78
N VAL B 1561 -37.08 -29.68 25.79
CA VAL B 1561 -36.46 -30.25 24.59
C VAL B 1561 -35.18 -31.00 24.94
N GLY B 1562 -34.36 -30.43 25.83
CA GLY B 1562 -33.09 -31.07 26.15
C GLY B 1562 -33.25 -32.39 26.88
N ILE B 1563 -34.08 -32.41 27.93
CA ILE B 1563 -34.31 -33.64 28.67
C ILE B 1563 -34.96 -34.69 27.77
N THR B 1564 -35.86 -34.26 26.88
CA THR B 1564 -36.49 -35.24 26.00
C THR B 1564 -35.48 -35.83 25.02
N ALA B 1565 -34.57 -34.99 24.50
CA ALA B 1565 -33.53 -35.51 23.63
C ALA B 1565 -32.64 -36.50 24.36
N ASN B 1566 -32.24 -36.16 25.59
CA ASN B 1566 -31.41 -37.06 26.38
C ASN B 1566 -32.11 -38.39 26.62
N MSE B 1567 -33.40 -38.34 26.92
CA MSE B 1567 -34.15 -39.54 27.23
C MSE B 1567 -34.29 -40.42 25.99
O MSE B 1567 -34.13 -41.65 26.06
CB MSE B 1567 -35.52 -39.17 27.81
CG MSE B 1567 -36.20 -40.30 28.53
SE MSE B 1567 -35.27 -40.66 30.21
CE MSE B 1567 -36.00 -39.23 31.30
N LEU B 1568 -34.56 -39.78 24.84
CA LEU B 1568 -34.64 -40.52 23.58
C LEU B 1568 -33.34 -41.21 23.26
N VAL B 1569 -32.24 -40.47 23.34
CA VAL B 1569 -30.97 -41.04 22.92
C VAL B 1569 -30.52 -42.13 23.90
N ASP B 1570 -30.87 -42.00 25.18
CA ASP B 1570 -30.56 -43.06 26.15
C ASP B 1570 -31.39 -44.30 25.90
N HIS B 1571 -32.69 -44.15 25.62
CA HIS B 1571 -33.50 -45.33 25.29
C HIS B 1571 -32.96 -46.03 24.06
N ASN B 1572 -32.57 -45.26 23.04
CA ASN B 1572 -32.01 -45.86 21.83
C ASN B 1572 -30.67 -46.54 22.10
N ARG B 1573 -29.90 -46.06 23.08
CA ARG B 1573 -28.62 -46.70 23.38
C ARG B 1573 -28.82 -48.04 24.06
N SER B 1574 -29.75 -48.09 25.02
CA SER B 1574 -29.88 -49.22 25.95
C SER B 1574 -31.11 -50.06 25.67
N LYS B 1575 -31.50 -50.19 24.38
CA LYS B 1575 -32.68 -50.97 24.05
C LYS B 1575 -32.44 -52.45 24.30
N GLY B 1576 -31.25 -52.95 23.98
CA GLY B 1576 -30.97 -54.37 24.17
C GLY B 1576 -31.01 -54.79 25.62
N ILE B 1577 -30.29 -54.08 26.49
CA ILE B 1577 -30.28 -54.40 27.90
C ILE B 1577 -31.67 -54.17 28.49
N ASP B 1578 -32.00 -54.93 29.51
CA ASP B 1578 -33.33 -54.90 30.13
C ASP B 1578 -33.20 -54.30 31.52
N MSE B 1579 -33.15 -52.98 31.58
CA MSE B 1579 -33.15 -52.27 32.86
C MSE B 1579 -34.52 -52.41 33.52
O MSE B 1579 -35.55 -52.27 32.85
CB MSE B 1579 -32.79 -50.79 32.66
CG MSE B 1579 -31.35 -50.54 32.30
SE MSE B 1579 -30.69 -48.83 32.96
CE MSE B 1579 -31.67 -47.64 31.77
N GLN B 1580 -34.53 -52.70 34.81
CA GLN B 1580 -35.77 -52.99 35.50
C GLN B 1580 -35.60 -52.69 36.98
N PHE B 1581 -36.73 -52.50 37.67
CA PHE B 1581 -36.72 -52.29 39.11
C PHE B 1581 -36.62 -53.63 39.82
N ASN B 1582 -35.90 -53.64 40.95
CA ASN B 1582 -35.54 -54.90 41.61
C ASN B 1582 -36.77 -55.72 41.93
N GLN B 1583 -37.67 -55.19 42.76
CA GLN B 1583 -38.88 -55.91 43.14
C GLN B 1583 -40.09 -54.99 43.08
N TYR B 1584 -40.10 -54.06 42.13
CA TYR B 1584 -41.13 -53.05 42.00
C TYR B 1584 -41.87 -53.23 40.68
N ASN B 1585 -43.19 -53.16 40.73
CA ASN B 1585 -44.02 -53.15 39.52
C ASN B 1585 -44.83 -51.86 39.53
N LEU B 1586 -44.71 -51.10 38.44
CA LEU B 1586 -45.45 -49.84 38.33
C LEU B 1586 -46.96 -50.05 38.27
N GLY B 1587 -47.41 -51.23 37.90
CA GLY B 1587 -48.80 -51.48 37.62
C GLY B 1587 -49.18 -51.29 36.16
N VAL B 1588 -48.42 -50.49 35.42
CA VAL B 1588 -48.58 -50.32 33.99
C VAL B 1588 -47.21 -50.48 33.35
N GLY B 1589 -47.21 -50.93 32.10
CA GLY B 1589 -45.97 -51.12 31.36
C GLY B 1589 -45.52 -52.56 31.36
N HIS B 1590 -44.52 -52.82 30.52
CA HIS B 1590 -44.01 -54.17 30.33
C HIS B 1590 -43.35 -54.68 31.61
N THR B 1591 -43.44 -56.00 31.81
CA THR B 1591 -42.92 -56.64 33.02
C THR B 1591 -41.94 -57.74 32.64
N GLN B 1592 -40.86 -57.83 33.40
CA GLN B 1592 -39.85 -58.87 33.24
C GLN B 1592 -39.64 -59.53 34.60
N ASN B 1593 -39.98 -60.82 34.69
CA ASN B 1593 -39.80 -61.59 35.93
C ASN B 1593 -40.53 -60.91 37.10
N GLY B 1594 -41.72 -60.40 36.83
CA GLY B 1594 -42.48 -59.69 37.84
C GLY B 1594 -42.00 -58.29 38.14
N ASN B 1595 -41.07 -57.77 37.34
CA ASN B 1595 -40.53 -56.42 37.50
C ASN B 1595 -40.82 -55.61 36.26
N THR B 1596 -41.12 -54.34 36.44
CA THR B 1596 -41.36 -53.47 35.28
C THR B 1596 -40.04 -53.23 34.56
N VAL B 1597 -40.01 -53.57 33.27
CA VAL B 1597 -38.80 -53.54 32.46
C VAL B 1597 -38.84 -52.35 31.52
N PHE B 1598 -37.65 -51.81 31.25
CA PHE B 1598 -37.50 -50.58 30.49
C PHE B 1598 -36.92 -50.87 29.11
N ASP B 1599 -37.22 -49.97 28.17
CA ASP B 1599 -36.56 -49.93 26.86
C ASP B 1599 -36.87 -51.18 26.04
N LYS B 1600 -38.13 -51.58 26.02
CA LYS B 1600 -38.58 -52.54 25.03
C LYS B 1600 -38.80 -51.84 23.69
N GLU B 1601 -39.05 -52.64 22.65
CA GLU B 1601 -39.25 -52.07 21.33
C GLU B 1601 -40.56 -51.27 21.25
N TYR B 1602 -41.68 -51.97 21.41
CA TYR B 1602 -42.99 -51.37 21.28
C TYR B 1602 -43.55 -51.04 22.67
N SER B 1603 -44.71 -50.39 22.69
CA SER B 1603 -45.42 -50.14 23.93
C SER B 1603 -46.50 -51.20 24.11
N GLU B 1604 -47.24 -51.08 25.22
CA GLU B 1604 -48.41 -51.90 25.41
C GLU B 1604 -49.43 -51.63 24.32
N GLU B 1605 -50.29 -52.61 24.07
CA GLU B 1605 -51.39 -52.45 23.12
C GLU B 1605 -52.64 -52.01 23.89
N LEU B 1606 -53.28 -50.96 23.39
CA LEU B 1606 -54.48 -50.42 24.04
C LEU B 1606 -55.41 -49.91 22.97
N ASN B 1607 -56.57 -50.55 22.83
CA ASN B 1607 -57.56 -50.20 21.81
C ASN B 1607 -56.98 -50.35 20.40
N GLY B 1608 -56.22 -51.42 20.19
CA GLY B 1608 -55.72 -51.77 18.88
C GLY B 1608 -54.50 -50.99 18.41
N THR B 1609 -53.98 -50.07 19.20
CA THR B 1609 -52.84 -49.26 18.82
C THR B 1609 -51.68 -49.51 19.77
N ARG B 1610 -50.48 -49.63 19.20
CA ARG B 1610 -49.24 -49.69 19.95
C ARG B 1610 -48.18 -48.89 19.21
N PHE B 1611 -47.37 -48.16 19.96
CA PHE B 1611 -46.39 -47.25 19.37
C PHE B 1611 -45.00 -47.59 19.89
N LYS B 1612 -44.02 -47.57 18.98
CA LYS B 1612 -42.64 -47.78 19.39
C LYS B 1612 -42.24 -46.75 20.43
N ILE B 1613 -41.46 -47.18 21.41
CA ILE B 1613 -41.03 -46.25 22.46
C ILE B 1613 -40.16 -45.14 21.87
N LYS B 1614 -39.23 -45.51 20.98
CA LYS B 1614 -38.43 -44.50 20.28
C LYS B 1614 -39.32 -43.49 19.58
N ASP B 1615 -40.39 -43.96 18.93
CA ASP B 1615 -41.25 -43.06 18.17
C ASP B 1615 -42.03 -42.12 19.09
N THR B 1616 -42.45 -42.61 20.26
CA THR B 1616 -43.15 -41.73 21.20
C THR B 1616 -42.21 -40.67 21.76
N ILE B 1617 -40.98 -41.06 22.14
CA ILE B 1617 -40.05 -40.06 22.62
C ILE B 1617 -39.71 -39.08 21.52
N SER B 1618 -39.63 -39.54 20.26
CA SER B 1618 -39.39 -38.65 19.15
C SER B 1618 -40.53 -37.66 18.97
N ALA B 1619 -41.76 -38.13 19.17
CA ALA B 1619 -42.92 -37.26 19.08
C ALA B 1619 -42.88 -36.18 20.16
N PHE B 1620 -42.55 -36.57 21.40
CA PHE B 1620 -42.44 -35.58 22.46
C PHE B 1620 -41.32 -34.59 22.18
N LEU B 1621 -40.18 -35.08 21.69
CA LEU B 1621 -39.07 -34.20 21.36
C LEU B 1621 -39.47 -33.20 20.28
N ASN B 1622 -40.18 -33.68 19.25
CA ASN B 1622 -40.61 -32.80 18.18
C ASN B 1622 -41.62 -31.77 18.70
N ALA B 1623 -42.50 -32.18 19.61
CA ALA B 1623 -43.41 -31.24 20.24
C ALA B 1623 -42.62 -30.13 20.94
N PHE B 1624 -41.60 -30.51 21.71
CA PHE B 1624 -40.84 -29.52 22.46
C PHE B 1624 -40.04 -28.61 21.53
N VAL B 1625 -39.47 -29.16 20.46
CA VAL B 1625 -38.63 -28.35 19.59
C VAL B 1625 -39.47 -27.45 18.68
N ASP B 1626 -40.68 -27.89 18.31
CA ASP B 1626 -41.59 -27.08 17.52
C ASP B 1626 -42.65 -26.42 18.40
N ASN B 1627 -42.37 -26.27 19.69
CA ASN B 1627 -43.29 -25.60 20.61
C ASN B 1627 -43.66 -24.20 20.10
N ALA B 1628 -42.71 -23.50 19.48
CA ALA B 1628 -42.99 -22.16 19.00
C ALA B 1628 -44.04 -22.16 17.89
N LYS B 1629 -43.99 -23.16 17.00
CA LYS B 1629 -44.95 -23.22 15.91
C LYS B 1629 -46.34 -23.57 16.40
N ASP B 1630 -46.45 -24.38 17.45
CA ASP B 1630 -47.73 -24.73 18.06
C ASP B 1630 -47.50 -25.24 19.47
N PRO B 1631 -47.88 -24.47 20.50
CA PRO B 1631 -47.57 -24.85 21.90
C PRO B 1631 -48.65 -25.72 22.53
N TYR B 1632 -48.76 -26.96 22.06
CA TYR B 1632 -49.76 -27.88 22.57
C TYR B 1632 -49.25 -28.78 23.67
N ILE B 1633 -47.93 -28.94 23.79
CA ILE B 1633 -47.39 -29.92 24.72
C ILE B 1633 -47.65 -29.50 26.17
N ASN B 1634 -47.63 -28.20 26.45
CA ASN B 1634 -47.93 -27.73 27.80
C ASN B 1634 -49.39 -27.91 28.17
N ASP B 1635 -50.28 -28.01 27.17
CA ASP B 1635 -51.69 -28.20 27.44
C ASP B 1635 -51.99 -29.57 28.03
N GLY B 1636 -51.07 -30.53 27.92
CA GLY B 1636 -51.29 -31.85 28.45
C GLY B 1636 -50.62 -32.09 29.79
N ASN B 1637 -50.34 -31.01 30.52
CA ASN B 1637 -49.64 -31.04 31.80
C ASN B 1637 -48.26 -31.67 31.71
N PHE B 1638 -47.65 -31.69 30.53
CA PHE B 1638 -46.30 -32.18 30.34
C PHE B 1638 -45.34 -31.02 30.55
N ASN B 1639 -44.72 -30.97 31.72
CA ASN B 1639 -43.85 -29.86 32.10
C ASN B 1639 -42.71 -30.40 32.95
N THR B 1640 -41.90 -29.49 33.49
CA THR B 1640 -40.73 -29.90 34.24
C THR B 1640 -41.05 -30.63 35.54
N TYR B 1641 -42.27 -30.48 36.05
CA TYR B 1641 -42.67 -31.24 37.24
C TYR B 1641 -43.06 -32.66 36.91
N THR B 1642 -43.58 -32.90 35.71
CA THR B 1642 -44.07 -34.21 35.32
C THR B 1642 -43.23 -34.85 34.21
N SER B 1643 -42.14 -34.22 33.79
CA SER B 1643 -41.36 -34.74 32.68
C SER B 1643 -40.73 -36.09 33.03
N SER B 1644 -40.15 -36.19 34.23
CA SER B 1644 -39.46 -37.43 34.62
C SER B 1644 -40.43 -38.60 34.63
N VAL B 1645 -41.59 -38.43 35.26
CA VAL B 1645 -42.58 -39.50 35.31
C VAL B 1645 -43.12 -39.80 33.92
N ALA B 1646 -43.32 -38.77 33.09
CA ALA B 1646 -43.82 -39.01 31.75
C ALA B 1646 -42.86 -39.88 30.96
N PHE B 1647 -41.57 -39.57 31.03
CA PHE B 1647 -40.61 -40.36 30.26
C PHE B 1647 -40.36 -41.72 30.87
N MSE B 1648 -40.53 -41.87 32.18
CA MSE B 1648 -40.50 -43.20 32.78
C MSE B 1648 -41.61 -44.07 32.21
O MSE B 1648 -41.35 -45.18 31.75
CB MSE B 1648 -40.63 -43.16 34.28
CG MSE B 1648 -40.71 -44.55 34.87
SE MSE B 1648 -40.73 -44.55 36.80
CE MSE B 1648 -42.65 -44.29 37.06
N LEU B 1649 -42.83 -43.55 32.25
CA LEU B 1649 -43.96 -44.27 31.67
C LEU B 1649 -43.73 -44.58 30.20
N ILE B 1650 -43.15 -43.63 29.45
CA ILE B 1650 -42.88 -43.88 28.04
C ILE B 1650 -41.88 -45.02 27.87
N ARG B 1651 -40.74 -44.94 28.57
CA ARG B 1651 -39.71 -45.95 28.40
C ARG B 1651 -40.11 -47.28 29.03
N ALA B 1652 -40.96 -47.24 30.06
CA ALA B 1652 -41.44 -48.49 30.64
C ALA B 1652 -42.28 -49.29 29.66
N GLY B 1653 -42.96 -48.59 28.74
CA GLY B 1653 -43.77 -49.26 27.75
C GLY B 1653 -45.24 -48.91 27.82
N VAL B 1654 -45.59 -47.95 28.68
CA VAL B 1654 -46.99 -47.54 28.81
C VAL B 1654 -47.45 -46.90 27.50
N HIS B 1655 -48.71 -47.14 27.14
CA HIS B 1655 -49.26 -46.61 25.91
C HIS B 1655 -49.33 -45.08 25.97
N PRO B 1656 -49.04 -44.39 24.87
CA PRO B 1656 -49.08 -42.92 24.91
C PRO B 1656 -50.42 -42.33 25.31
N ASP B 1657 -51.53 -42.96 24.91
CA ASP B 1657 -52.84 -42.45 25.28
C ASP B 1657 -53.04 -42.49 26.80
N TRP B 1658 -52.65 -43.59 27.43
CA TRP B 1658 -52.79 -43.70 28.88
C TRP B 1658 -51.90 -42.69 29.59
N ILE B 1659 -50.68 -42.47 29.08
CA ILE B 1659 -49.79 -41.48 29.68
C ILE B 1659 -50.39 -40.08 29.56
N ILE B 1660 -50.97 -39.77 28.40
CA ILE B 1660 -51.59 -38.46 28.22
C ILE B 1660 -52.76 -38.28 29.17
N SER B 1661 -53.54 -39.35 29.37
CA SER B 1661 -54.71 -39.24 30.24
C SER B 1661 -54.30 -39.18 31.71
N PHE B 1662 -53.18 -39.79 32.09
CA PHE B 1662 -52.75 -39.78 33.48
C PHE B 1662 -52.06 -38.48 33.85
N ILE B 1663 -51.07 -38.08 33.06
CA ILE B 1663 -50.35 -36.84 33.36
C ILE B 1663 -51.28 -35.66 33.21
N GLY B 1664 -52.24 -35.72 32.27
CA GLY B 1664 -53.22 -34.69 32.08
C GLY B 1664 -54.37 -34.68 33.06
N GLN B 1665 -54.26 -35.45 34.14
CA GLN B 1665 -55.32 -35.45 35.15
C GLN B 1665 -55.44 -34.07 35.79
N PRO B 1666 -56.67 -33.61 36.07
CA PRO B 1666 -56.83 -32.23 36.56
C PRO B 1666 -56.11 -32.00 37.88
N VAL B 1667 -56.13 -32.99 38.78
CA VAL B 1667 -55.53 -32.78 40.10
C VAL B 1667 -54.01 -32.76 40.00
N LEU B 1668 -53.44 -33.56 39.10
CA LEU B 1668 -52.00 -33.48 38.87
C LEU B 1668 -51.60 -32.16 38.23
N ARG B 1669 -52.46 -31.61 37.35
CA ARG B 1669 -52.18 -30.29 36.80
C ARG B 1669 -52.23 -29.23 37.88
N GLU B 1670 -53.21 -29.31 38.79
CA GLU B 1670 -53.25 -28.38 39.91
C GLU B 1670 -52.00 -28.50 40.77
N LEU B 1671 -51.55 -29.73 41.04
CA LEU B 1671 -50.32 -29.94 41.80
C LEU B 1671 -49.13 -29.28 41.10
N ALA B 1672 -49.03 -29.48 39.78
CA ALA B 1672 -47.91 -28.91 39.03
C ALA B 1672 -47.92 -27.40 39.09
N ASP B 1673 -49.07 -26.78 38.78
CA ASP B 1673 -49.18 -25.32 38.86
C ASP B 1673 -48.91 -24.82 40.28
N PHE B 1674 -49.34 -25.58 41.29
CA PHE B 1674 -49.20 -25.13 42.67
C PHE B 1674 -47.77 -25.23 43.17
N THR B 1675 -46.96 -26.13 42.63
CA THR B 1675 -45.54 -26.10 43.02
C THR B 1675 -44.92 -24.75 42.68
N GLN B 1676 -45.13 -24.27 41.45
CA GLN B 1676 -44.64 -22.97 41.05
C GLN B 1676 -45.26 -21.85 41.88
N ARG B 1677 -46.59 -21.91 42.06
CA ARG B 1677 -47.24 -20.85 42.84
C ARG B 1677 -46.76 -20.86 44.28
N TYR B 1678 -46.31 -22.01 44.76
CA TYR B 1678 -45.96 -22.20 46.16
C TYR B 1678 -44.56 -21.66 46.45
N GLU B 1679 -43.60 -21.98 45.58
CA GLU B 1679 -42.24 -21.51 45.84
C GLU B 1679 -42.05 -20.03 45.51
N SER B 1680 -43.10 -19.32 45.11
CA SER B 1680 -42.97 -17.93 44.72
C SER B 1680 -42.65 -17.04 45.92
N LYS B 1681 -42.02 -15.90 45.63
CA LYS B 1681 -41.65 -14.97 46.68
C LYS B 1681 -42.83 -14.17 47.20
N ILE B 1682 -43.83 -13.93 46.36
CA ILE B 1682 -44.98 -13.12 46.78
C ILE B 1682 -45.80 -13.86 47.81
N ILE B 1683 -46.18 -15.09 47.51
CA ILE B 1683 -47.08 -15.88 48.37
C ILE B 1683 -46.26 -16.50 49.49
N PRO B 1684 -46.42 -16.04 50.73
CA PRO B 1684 -45.66 -16.63 51.84
C PRO B 1684 -46.16 -18.02 52.16
N LYS B 1685 -45.24 -18.86 52.61
CA LYS B 1685 -45.57 -20.26 52.91
C LYS B 1685 -46.21 -20.32 54.29
N GLU B 1686 -47.39 -20.96 54.36
CA GLU B 1686 -48.10 -21.06 55.62
C GLU B 1686 -47.29 -21.84 56.65
N ASP B 1687 -46.80 -23.01 56.28
CA ASP B 1687 -45.93 -23.81 57.14
C ASP B 1687 -44.72 -24.23 56.31
N VAL B 1688 -43.63 -23.48 56.44
CA VAL B 1688 -42.39 -23.87 55.78
C VAL B 1688 -42.01 -25.27 56.24
N GLY B 1689 -41.60 -26.11 55.30
CA GLY B 1689 -41.34 -27.50 55.53
C GLY B 1689 -42.44 -28.43 55.04
N LYS B 1690 -43.68 -27.95 55.01
CA LYS B 1690 -44.77 -28.65 54.35
C LYS B 1690 -44.61 -28.48 52.84
N SER B 1691 -44.35 -29.58 52.14
CA SER B 1691 -44.14 -29.51 50.70
C SER B 1691 -45.45 -29.18 49.99
N SER B 1692 -45.32 -28.69 48.75
CA SER B 1692 -46.49 -28.42 47.93
C SER B 1692 -47.36 -29.67 47.78
N PHE B 1693 -46.73 -30.83 47.59
CA PHE B 1693 -47.48 -32.07 47.54
C PHE B 1693 -48.29 -32.27 48.82
N ASP B 1694 -47.70 -31.94 49.96
CA ASP B 1694 -48.42 -32.10 51.22
C ASP B 1694 -49.62 -31.17 51.30
N ILE B 1695 -49.47 -29.92 50.84
CA ILE B 1695 -50.59 -28.99 50.85
C ILE B 1695 -51.70 -29.50 49.95
N ILE B 1696 -51.34 -30.07 48.79
CA ILE B 1696 -52.35 -30.56 47.86
C ILE B 1696 -53.07 -31.76 48.44
N VAL B 1697 -52.33 -32.70 49.04
CA VAL B 1697 -52.99 -33.86 49.63
C VAL B 1697 -53.87 -33.44 50.79
N GLU B 1698 -53.50 -32.39 51.52
CA GLU B 1698 -54.35 -31.92 52.61
C GLU B 1698 -55.63 -31.29 52.06
N LYS B 1699 -55.51 -30.49 50.99
CA LYS B 1699 -56.70 -29.92 50.35
C LYS B 1699 -57.66 -31.02 49.92
N TYR B 1700 -57.15 -32.03 49.22
CA TYR B 1700 -58.04 -33.06 48.71
C TYR B 1700 -58.43 -34.08 49.76
N GLU B 1701 -57.74 -34.11 50.91
CA GLU B 1701 -58.24 -34.85 52.06
C GLU B 1701 -59.44 -34.13 52.67
N THR B 1702 -59.37 -32.80 52.73
CA THR B 1702 -60.47 -32.02 53.27
C THR B 1702 -61.69 -32.07 52.35
N ILE B 1703 -61.46 -32.00 51.04
CA ILE B 1703 -62.56 -31.99 50.09
C ILE B 1703 -63.27 -33.34 50.07
N ASN B 1704 -62.51 -34.43 50.01
CA ASN B 1704 -63.10 -35.76 49.91
C ASN B 1704 -63.45 -36.37 51.25
N GLN B 1705 -63.07 -35.73 52.36
CA GLN B 1705 -63.32 -36.26 53.71
C GLN B 1705 -62.72 -37.65 53.88
N GLU B 1706 -61.61 -37.92 53.22
CA GLU B 1706 -60.86 -39.16 53.35
C GLU B 1706 -59.42 -38.84 53.74
N SER B 1707 -58.69 -39.87 54.13
CA SER B 1707 -57.30 -39.75 54.55
C SER B 1707 -56.38 -40.31 53.48
N TYR B 1708 -55.27 -39.62 53.23
CA TYR B 1708 -54.28 -40.09 52.27
C TYR B 1708 -53.68 -41.42 52.70
N LYS B 1709 -53.68 -41.72 54.00
CA LYS B 1709 -53.22 -43.02 54.47
C LYS B 1709 -54.10 -44.15 53.93
N ASP B 1710 -55.41 -43.96 53.96
CA ASP B 1710 -56.34 -44.99 53.51
C ASP B 1710 -56.50 -45.02 51.99
N ALA B 1711 -55.73 -44.20 51.26
CA ALA B 1711 -55.76 -44.21 49.81
C ALA B 1711 -54.74 -45.20 49.26
N GLU B 1712 -55.05 -45.77 48.11
CA GLU B 1712 -54.20 -46.77 47.47
C GLU B 1712 -53.64 -46.23 46.16
N SER B 1713 -52.56 -46.85 45.70
CA SER B 1713 -51.98 -46.55 44.40
C SER B 1713 -52.47 -47.62 43.43
N ARG B 1714 -53.38 -47.23 42.54
CA ARG B 1714 -54.02 -48.17 41.63
C ARG B 1714 -53.68 -47.81 40.19
N ALA B 1715 -53.42 -48.84 39.39
CA ALA B 1715 -53.25 -48.64 37.95
C ALA B 1715 -54.64 -48.60 37.35
N PHE B 1716 -55.08 -47.39 36.98
CA PHE B 1716 -56.46 -47.16 36.61
C PHE B 1716 -56.71 -47.62 35.18
N SER B 1717 -57.90 -47.34 34.65
CA SER B 1717 -58.23 -47.61 33.27
C SER B 1717 -58.23 -46.30 32.48
N LEU B 1718 -58.09 -46.42 31.16
CA LEU B 1718 -58.09 -45.23 30.32
C LEU B 1718 -59.42 -44.48 30.42
N ASP B 1719 -60.53 -45.22 30.40
CA ASP B 1719 -61.84 -44.57 30.40
C ASP B 1719 -62.12 -43.81 31.69
N THR B 1720 -61.63 -44.30 32.83
CA THR B 1720 -61.81 -43.58 34.09
C THR B 1720 -61.10 -42.23 34.05
N LEU B 1721 -59.83 -42.24 33.63
CA LEU B 1721 -59.07 -41.00 33.49
C LEU B 1721 -59.70 -40.08 32.46
N GLN B 1722 -59.97 -40.60 31.27
CA GLN B 1722 -60.53 -39.78 30.20
C GLN B 1722 -61.84 -39.16 30.63
N GLU B 1723 -62.68 -39.93 31.34
CA GLU B 1723 -63.93 -39.37 31.84
C GLU B 1723 -63.65 -38.28 32.87
N SER B 1724 -62.79 -38.57 33.86
CA SER B 1724 -62.51 -37.62 34.93
C SER B 1724 -62.03 -36.28 34.38
N ILE B 1725 -61.26 -36.30 33.29
CA ILE B 1725 -60.84 -35.04 32.68
C ILE B 1725 -62.04 -34.28 32.12
N GLU B 1726 -62.90 -34.97 31.36
CA GLU B 1726 -64.03 -34.29 30.74
C GLU B 1726 -65.08 -33.89 31.79
N VAL B 1727 -65.52 -34.86 32.58
CA VAL B 1727 -66.51 -34.63 33.64
C VAL B 1727 -65.98 -35.27 34.91
N GLY B 1728 -66.08 -34.54 36.03
CA GLY B 1728 -65.45 -35.00 37.24
C GLY B 1728 -65.91 -36.39 37.64
N VAL B 1729 -64.96 -37.22 38.03
CA VAL B 1729 -65.22 -38.53 38.63
C VAL B 1729 -64.80 -38.43 40.09
N HIS B 1730 -65.68 -38.88 40.98
CA HIS B 1730 -65.49 -38.67 42.42
C HIS B 1730 -64.81 -39.87 43.05
N GLY B 1731 -63.81 -39.61 43.89
CA GLY B 1731 -63.12 -40.63 44.63
C GLY B 1731 -61.73 -41.00 44.12
N ILE B 1732 -61.31 -40.45 42.99
CA ILE B 1732 -60.03 -40.83 42.40
C ILE B 1732 -58.90 -39.85 42.70
N ASP B 1733 -59.20 -38.70 43.33
CA ASP B 1733 -58.19 -37.67 43.50
C ASP B 1733 -57.02 -38.16 44.34
N LEU B 1734 -57.29 -38.57 45.59
CA LEU B 1734 -56.22 -39.00 46.46
C LEU B 1734 -55.48 -40.21 45.88
N ASP B 1735 -56.20 -41.04 45.12
CA ASP B 1735 -55.56 -42.21 44.52
C ASP B 1735 -54.59 -41.82 43.41
N VAL B 1736 -54.94 -40.84 42.58
CA VAL B 1736 -53.99 -40.42 41.54
C VAL B 1736 -52.82 -39.70 42.17
N LEU B 1737 -53.02 -39.01 43.30
CA LEU B 1737 -51.86 -38.43 43.99
C LEU B 1737 -50.93 -39.52 44.53
N LYS B 1738 -51.49 -40.57 45.12
CA LYS B 1738 -50.66 -41.67 45.61
C LYS B 1738 -49.88 -42.33 44.46
N THR B 1739 -50.57 -42.64 43.37
CA THR B 1739 -49.91 -43.23 42.21
C THR B 1739 -48.82 -42.31 41.67
N PHE B 1740 -49.10 -41.01 41.60
CA PHE B 1740 -48.13 -40.09 41.03
C PHE B 1740 -46.90 -39.96 41.92
N LYS B 1741 -47.08 -39.99 43.24
CA LYS B 1741 -45.90 -39.91 44.10
C LYS B 1741 -45.05 -41.16 44.01
N GLY B 1742 -45.69 -42.34 43.94
CA GLY B 1742 -44.91 -43.55 43.71
C GLY B 1742 -44.15 -43.49 42.39
N PHE B 1743 -44.86 -43.08 41.33
CA PHE B 1743 -44.23 -42.92 40.02
C PHE B 1743 -43.09 -41.92 40.08
N GLN B 1744 -43.27 -40.85 40.86
CA GLN B 1744 -42.24 -39.82 40.97
C GLN B 1744 -40.98 -40.36 41.63
N GLU B 1745 -41.14 -41.14 42.71
CA GLU B 1745 -39.97 -41.74 43.34
C GLU B 1745 -39.25 -42.70 42.40
N GLN B 1746 -40.02 -43.51 41.65
CA GLN B 1746 -39.35 -44.42 40.74
C GLN B 1746 -38.73 -43.69 39.55
N ALA B 1747 -39.32 -42.56 39.15
CA ALA B 1747 -38.69 -41.73 38.12
C ALA B 1747 -37.40 -41.12 38.64
N LYS B 1748 -37.34 -40.78 39.93
CA LYS B 1748 -36.08 -40.38 40.53
C LYS B 1748 -35.04 -41.48 40.38
N ARG B 1749 -35.45 -42.72 40.65
CA ARG B 1749 -34.52 -43.84 40.49
C ARG B 1749 -34.02 -43.96 39.04
N LEU B 1750 -34.93 -43.82 38.07
CA LEU B 1750 -34.53 -43.90 36.66
C LEU B 1750 -33.64 -42.73 36.26
N ASN B 1751 -33.96 -41.52 36.72
CA ASN B 1751 -33.17 -40.35 36.37
C ASN B 1751 -31.78 -40.41 36.97
N GLU B 1752 -31.62 -41.10 38.10
CA GLU B 1752 -30.28 -41.31 38.62
C GLU B 1752 -29.43 -42.13 37.65
N SER B 1753 -30.04 -43.11 36.99
CA SER B 1753 -29.32 -43.88 35.97
C SER B 1753 -29.06 -43.05 34.73
N VAL B 1754 -30.03 -42.23 34.33
CA VAL B 1754 -29.84 -41.40 33.14
C VAL B 1754 -28.71 -40.41 33.36
N GLN B 1755 -28.59 -39.87 34.58
CA GLN B 1755 -27.54 -38.90 34.87
C GLN B 1755 -26.16 -39.53 34.79
N LEU B 1756 -26.05 -40.83 35.01
CA LEU B 1756 -24.78 -41.53 34.89
C LEU B 1756 -24.54 -42.06 33.49
N SER B 1757 -25.42 -41.77 32.54
CA SER B 1757 -25.26 -42.18 31.16
C SER B 1757 -24.78 -41.04 30.26
N ARG B 1758 -24.19 -40.00 30.86
CA ARG B 1758 -23.76 -38.84 30.08
C ARG B 1758 -22.27 -38.58 30.22
N PHE B 1759 -21.45 -39.61 30.03
CA PHE B 1759 -20.01 -39.40 29.99
C PHE B 1759 -19.50 -39.10 28.59
N ASP B 1760 -20.28 -39.43 27.56
CA ASP B 1760 -19.94 -39.12 26.18
C ASP B 1760 -20.24 -37.69 25.80
N THR B 1761 -20.69 -36.86 26.75
CA THR B 1761 -20.93 -35.45 26.50
C THR B 1761 -20.30 -34.63 27.61
N ASN B 1762 -20.79 -34.80 28.84
CA ASN B 1762 -20.26 -34.04 29.97
C ASN B 1762 -18.89 -34.54 30.39
N GLY B 1763 -18.60 -35.82 30.17
CA GLY B 1763 -17.33 -36.37 30.61
C GLY B 1763 -17.31 -36.58 32.12
N SER B 1764 -16.14 -36.42 32.71
CA SER B 1764 -16.02 -36.48 34.16
C SER B 1764 -16.44 -35.18 34.84
N GLY B 1765 -16.93 -34.21 34.09
CA GLY B 1765 -17.34 -32.94 34.63
C GLY B 1765 -16.29 -31.86 34.41
N LYS B 1766 -16.73 -30.61 34.48
CA LYS B 1766 -15.80 -29.48 34.35
C LYS B 1766 -15.12 -29.12 35.65
N ASN B 1767 -15.65 -29.56 36.79
CA ASN B 1767 -15.11 -29.22 38.10
C ASN B 1767 -14.74 -30.49 38.86
N ILE B 1768 -13.89 -30.33 39.87
CA ILE B 1768 -13.52 -31.43 40.75
C ILE B 1768 -14.74 -31.95 41.52
N LEU B 1769 -15.62 -31.02 41.92
CA LEU B 1769 -16.84 -31.39 42.62
C LEU B 1769 -17.71 -32.29 41.76
N ASP B 1770 -17.73 -32.03 40.45
CA ASP B 1770 -18.51 -32.86 39.54
C ASP B 1770 -17.96 -34.27 39.49
N LEU B 1771 -16.64 -34.43 39.51
CA LEU B 1771 -16.04 -35.75 39.60
C LEU B 1771 -16.43 -36.45 40.88
N ILE B 1772 -16.40 -35.72 42.01
CA ILE B 1772 -16.82 -36.30 43.28
C ILE B 1772 -18.25 -36.82 43.18
N ILE B 1773 -19.16 -35.98 42.66
CA ILE B 1773 -20.57 -36.37 42.60
C ILE B 1773 -20.76 -37.55 41.66
N LEU B 1774 -20.06 -37.57 40.52
CA LEU B 1774 -20.23 -38.69 39.59
C LEU B 1774 -19.74 -39.99 40.21
N LYS B 1775 -18.56 -39.97 40.83
CA LYS B 1775 -18.04 -41.16 41.48
C LYS B 1775 -18.98 -41.64 42.58
N ASN B 1776 -19.49 -40.71 43.39
CA ASN B 1776 -20.39 -41.09 44.47
C ASN B 1776 -21.73 -41.61 43.94
N LYS B 1777 -22.21 -41.06 42.83
CA LYS B 1777 -23.45 -41.56 42.24
C LYS B 1777 -23.28 -42.98 41.73
N ILE B 1778 -22.15 -43.25 41.07
CA ILE B 1778 -21.83 -44.61 40.65
C ILE B 1778 -21.83 -45.55 41.85
N LYS B 1779 -21.11 -45.15 42.92
CA LYS B 1779 -21.02 -45.98 44.11
C LYS B 1779 -22.40 -46.21 44.73
N ASN B 1780 -23.23 -45.17 44.76
CA ASN B 1780 -24.54 -45.29 45.39
C ASN B 1780 -25.45 -46.23 44.61
N LEU B 1781 -25.48 -46.09 43.28
CA LEU B 1781 -26.29 -47.00 42.48
C LEU B 1781 -25.78 -48.43 42.63
N TYR B 1782 -24.47 -48.61 42.73
CA TYR B 1782 -23.93 -49.96 42.90
C TYR B 1782 -24.37 -50.56 44.23
N VAL B 1783 -24.16 -49.84 45.33
CA VAL B 1783 -24.52 -50.38 46.64
C VAL B 1783 -26.03 -50.55 46.77
N SER B 1784 -26.81 -49.80 46.01
CA SER B 1784 -28.25 -50.05 45.99
C SER B 1784 -28.57 -51.32 45.23
N GLU B 1785 -27.85 -51.59 44.14
CA GLU B 1785 -28.06 -52.82 43.39
C GLU B 1785 -27.67 -54.05 44.20
N GLN B 1786 -26.52 -53.99 44.86
CA GLN B 1786 -26.00 -55.16 45.57
C GLN B 1786 -26.86 -55.49 46.78
N THR B 1787 -27.26 -54.48 47.55
CA THR B 1787 -28.07 -54.73 48.74
C THR B 1787 -29.47 -55.22 48.40
N GLN B 1788 -29.80 -55.35 47.11
CA GLN B 1788 -31.13 -55.78 46.66
C GLN B 1788 -32.22 -54.89 47.25
N GLN B 1789 -32.03 -53.58 47.11
CA GLN B 1789 -33.00 -52.63 47.62
C GLN B 1789 -34.23 -52.61 46.72
N LYS B 1790 -35.39 -52.38 47.33
CA LYS B 1790 -36.68 -52.62 46.70
C LYS B 1790 -36.82 -51.94 45.34
N GLY B 1791 -36.82 -50.62 45.32
CA GLY B 1791 -36.99 -49.90 44.07
C GLY B 1791 -35.67 -49.58 43.39
N SER B 1792 -34.69 -50.46 43.52
CA SER B 1792 -33.39 -50.22 42.92
C SER B 1792 -33.45 -50.40 41.40
N MSE B 1793 -32.37 -50.03 40.73
CA MSE B 1793 -32.30 -50.13 39.27
C MSE B 1793 -31.31 -51.21 38.86
O MSE B 1793 -30.13 -51.13 39.20
CB MSE B 1793 -31.93 -48.78 38.67
CG MSE B 1793 -31.92 -48.75 37.15
SE MSE B 1793 -33.67 -49.13 36.36
CE MSE B 1793 -34.59 -47.48 36.84
N MSE B 1794 -31.78 -52.20 38.13
CA MSE B 1794 -30.93 -53.31 37.70
C MSE B 1794 -30.45 -53.14 36.26
O MSE B 1794 -31.03 -52.39 35.49
CB MSE B 1794 -31.67 -54.64 37.83
CG MSE B 1794 -32.62 -54.71 39.01
SE MSE B 1794 -33.38 -56.48 39.17
CE MSE B 1794 -31.75 -57.47 39.54
N ASN B 1795 -29.37 -53.86 35.93
CA ASN B 1795 -28.78 -53.87 34.59
C ASN B 1795 -28.24 -52.52 34.16
N HIS B 1796 -28.05 -51.59 35.10
CA HIS B 1796 -27.56 -50.27 34.72
C HIS B 1796 -26.13 -50.33 34.23
N PHE B 1797 -25.28 -51.11 34.91
CA PHE B 1797 -23.88 -51.18 34.52
C PHE B 1797 -23.65 -51.94 33.22
N LYS B 1798 -24.71 -52.49 32.63
CA LYS B 1798 -24.61 -53.04 31.28
C LYS B 1798 -24.49 -51.95 30.22
N LYS B 1799 -24.70 -50.69 30.60
CA LYS B 1799 -24.43 -49.58 29.68
C LYS B 1799 -22.94 -49.37 29.50
N TYR B 1800 -22.14 -49.74 30.50
CA TYR B 1800 -20.69 -49.62 30.44
C TYR B 1800 -20.01 -50.87 29.91
N HIS B 1801 -20.52 -52.04 30.28
CA HIS B 1801 -19.89 -53.31 29.91
C HIS B 1801 -20.96 -54.39 29.90
N ASN B 1802 -21.24 -54.95 28.73
CA ASN B 1802 -22.26 -55.98 28.60
C ASN B 1802 -21.82 -56.96 27.54
N ASN B 1803 -22.26 -58.22 27.69
CA ASN B 1803 -21.89 -59.32 26.80
C ASN B 1803 -20.38 -59.55 26.81
N GLY B 1804 -19.73 -59.25 27.93
CA GLY B 1804 -18.29 -59.41 28.04
C GLY B 1804 -17.50 -58.52 27.11
N LYS B 1805 -18.11 -57.43 26.63
CA LYS B 1805 -17.46 -56.52 25.70
C LYS B 1805 -17.61 -55.08 26.19
N ILE B 1806 -16.48 -54.37 26.27
CA ILE B 1806 -16.50 -52.98 26.69
C ILE B 1806 -17.29 -52.15 25.67
N THR B 1807 -18.07 -51.21 26.17
CA THR B 1807 -18.90 -50.36 25.31
C THR B 1807 -18.24 -49.00 25.11
N SER B 1808 -18.84 -48.22 24.20
CA SER B 1808 -18.38 -46.86 23.96
C SER B 1808 -18.37 -46.04 25.26
N LEU B 1809 -19.53 -45.99 25.93
CA LEU B 1809 -19.61 -45.24 27.18
C LEU B 1809 -18.64 -45.81 28.20
N GLY B 1810 -18.45 -47.13 28.18
CA GLY B 1810 -17.53 -47.74 29.13
C GLY B 1810 -16.10 -47.28 28.93
N THR B 1811 -15.64 -47.25 27.68
CA THR B 1811 -14.30 -46.76 27.41
C THR B 1811 -14.17 -45.29 27.78
N GLN B 1812 -15.16 -44.48 27.39
CA GLN B 1812 -15.11 -43.05 27.70
C GLN B 1812 -15.04 -42.81 29.21
N VAL B 1813 -15.90 -43.46 29.99
CA VAL B 1813 -15.85 -43.24 31.43
C VAL B 1813 -14.57 -43.82 32.01
N LYS B 1814 -14.01 -44.84 31.36
CA LYS B 1814 -12.72 -45.37 31.79
C LYS B 1814 -11.64 -44.31 31.70
N ASN B 1815 -11.54 -43.63 30.56
CA ASN B 1815 -10.51 -42.61 30.38
C ASN B 1815 -11.03 -41.18 30.51
N THR B 1816 -12.04 -40.97 31.38
CA THR B 1816 -12.43 -39.64 31.81
C THR B 1816 -12.56 -39.59 33.32
N LEU B 1817 -13.57 -40.27 33.86
CA LEU B 1817 -13.75 -40.32 35.31
C LEU B 1817 -12.58 -41.03 35.97
N LEU B 1818 -12.27 -42.25 35.54
CA LEU B 1818 -11.18 -43.00 36.15
C LEU B 1818 -9.84 -42.38 35.82
N PHE B 1819 -9.68 -41.84 34.60
CA PHE B 1819 -8.44 -41.17 34.25
C PHE B 1819 -8.16 -40.00 35.19
N THR B 1820 -9.11 -39.09 35.32
CA THR B 1820 -8.91 -37.92 36.16
C THR B 1820 -8.79 -38.32 37.63
N ASP B 1821 -9.54 -39.33 38.06
CA ASP B 1821 -9.45 -39.81 39.43
C ASP B 1821 -8.06 -40.38 39.71
N ASP B 1822 -7.51 -41.14 38.76
CA ASP B 1822 -6.17 -41.68 38.93
C ASP B 1822 -5.15 -40.57 39.02
N ILE B 1823 -5.25 -39.57 38.13
CA ILE B 1823 -4.32 -38.44 38.19
C ILE B 1823 -4.39 -37.77 39.55
N LEU B 1824 -5.61 -37.42 39.98
CA LEU B 1824 -5.80 -36.69 41.23
C LEU B 1824 -5.29 -37.47 42.42
N ASN B 1825 -5.58 -38.78 42.47
CA ASN B 1825 -5.20 -39.58 43.62
C ASN B 1825 -3.70 -39.84 43.65
N ASN B 1826 -3.13 -40.23 42.51
CA ASN B 1826 -1.73 -40.63 42.45
C ASN B 1826 -0.78 -39.45 42.25
N ASN B 1827 -1.28 -38.22 42.22
CA ASN B 1827 -0.43 -37.04 42.25
C ASN B 1827 -0.87 -36.11 43.40
N PRO B 1828 -0.70 -36.55 44.65
CA PRO B 1828 -1.09 -35.68 45.77
C PRO B 1828 -0.21 -34.47 45.92
N SER B 1829 1.07 -34.57 45.50
CA SER B 1829 1.98 -33.43 45.60
C SER B 1829 1.50 -32.23 44.80
N LEU B 1830 0.70 -32.46 43.77
CA LEU B 1830 0.16 -31.36 42.95
C LEU B 1830 -1.22 -30.95 43.47
N PHE B 1831 -2.23 -31.79 43.22
CA PHE B 1831 -3.62 -31.45 43.49
C PHE B 1831 -3.97 -31.84 44.92
N LEU B 1832 -3.87 -30.87 45.83
CA LEU B 1832 -4.26 -31.12 47.22
C LEU B 1832 -5.76 -31.22 47.36
N LEU B 1833 -6.50 -30.30 46.74
CA LEU B 1833 -7.96 -30.34 46.83
C LEU B 1833 -8.54 -31.58 46.18
N GLY B 1834 -7.78 -32.25 45.30
CA GLY B 1834 -8.17 -33.50 44.72
C GLY B 1834 -7.67 -34.72 45.45
N SER B 1835 -6.89 -34.53 46.51
CA SER B 1835 -6.32 -35.64 47.24
C SER B 1835 -7.39 -36.45 47.96
N LYS B 1836 -7.07 -37.71 48.20
CA LYS B 1836 -7.98 -38.61 48.90
C LYS B 1836 -8.45 -38.09 50.26
N PRO B 1837 -7.62 -37.42 51.08
CA PRO B 1837 -8.16 -36.90 52.36
C PRO B 1837 -9.27 -35.89 52.19
N ILE B 1838 -9.15 -34.96 51.25
CA ILE B 1838 -10.19 -33.95 51.08
C ILE B 1838 -11.49 -34.57 50.60
N GLN B 1839 -11.39 -35.52 49.65
CA GLN B 1839 -12.58 -36.20 49.16
C GLN B 1839 -13.25 -37.00 50.27
N ASP B 1840 -12.46 -37.72 51.06
CA ASP B 1840 -13.03 -38.48 52.17
C ASP B 1840 -13.64 -37.55 53.20
N LEU B 1841 -13.04 -36.35 53.39
CA LEU B 1841 -13.60 -35.39 54.34
C LEU B 1841 -14.96 -34.91 53.88
N VAL B 1842 -15.10 -34.58 52.59
CA VAL B 1842 -16.38 -34.08 52.12
C VAL B 1842 -17.43 -35.18 52.17
N ASN B 1843 -17.03 -36.42 51.89
CA ASN B 1843 -17.96 -37.53 52.04
C ASN B 1843 -18.39 -37.70 53.49
N SER B 1844 -17.46 -37.52 54.43
CA SER B 1844 -17.80 -37.66 55.84
C SER B 1844 -18.76 -36.57 56.29
N ILE B 1845 -18.44 -35.32 56.00
CA ILE B 1845 -19.31 -34.22 56.39
C ILE B 1845 -20.68 -34.35 55.73
N SER B 1846 -20.73 -34.87 54.50
CA SER B 1846 -22.03 -35.10 53.86
C SER B 1846 -22.79 -36.21 54.59
N ASN B 1847 -22.09 -37.26 55.02
CA ASN B 1847 -22.74 -38.32 55.78
C ASN B 1847 -23.31 -37.80 57.09
N ASN B 1848 -22.65 -36.82 57.71
CA ASN B 1848 -23.18 -36.26 58.95
C ASN B 1848 -24.27 -35.22 58.73
N LEU B 1849 -24.83 -35.13 57.52
CA LEU B 1849 -25.93 -34.23 57.21
C LEU B 1849 -27.22 -35.00 56.98
N VAL B 1850 -28.33 -34.37 57.32
CA VAL B 1850 -29.66 -34.96 57.21
C VAL B 1850 -30.41 -34.26 56.09
N ASP B 1851 -30.75 -35.01 55.05
CA ASP B 1851 -31.66 -34.54 54.02
C ASP B 1851 -33.09 -34.54 54.54
N SER B 1852 -33.85 -33.52 54.14
CA SER B 1852 -35.26 -33.38 54.50
C SER B 1852 -36.05 -34.65 54.20
N ARG B 1853 -37.19 -34.80 54.86
CA ARG B 1853 -38.00 -36.02 54.81
C ARG B 1853 -37.28 -37.21 55.43
N GLY B 1854 -36.32 -36.95 56.30
CA GLY B 1854 -35.76 -37.99 57.15
C GLY B 1854 -34.72 -38.88 56.50
N GLY B 1855 -33.83 -38.34 55.68
CA GLY B 1855 -32.78 -39.15 55.10
C GLY B 1855 -31.40 -38.77 55.58
N SER B 1856 -30.44 -39.68 55.53
CA SER B 1856 -29.05 -39.33 55.72
C SER B 1856 -28.41 -39.08 54.37
N ARG B 1857 -27.79 -37.90 54.22
CA ARG B 1857 -27.25 -37.53 52.91
C ARG B 1857 -26.20 -38.51 52.43
N GLY B 1858 -25.51 -39.19 53.35
CA GLY B 1858 -24.54 -40.21 52.95
C GLY B 1858 -23.37 -39.60 52.20
N LEU B 1859 -22.97 -40.27 51.12
CA LEU B 1859 -21.89 -39.74 50.28
C LEU B 1859 -22.31 -38.42 49.67
N LEU B 1860 -21.32 -37.59 49.35
CA LEU B 1860 -21.58 -36.26 48.80
C LEU B 1860 -22.23 -36.40 47.44
N THR B 1861 -23.51 -36.03 47.36
CA THR B 1861 -24.24 -36.04 46.10
C THR B 1861 -24.98 -34.75 45.82
N ASN B 1862 -25.09 -33.85 46.80
CA ASN B 1862 -25.73 -32.56 46.60
C ASN B 1862 -24.72 -31.51 46.22
N GLU B 1863 -25.08 -30.67 45.25
CA GLU B 1863 -24.11 -29.76 44.64
C GLU B 1863 -23.83 -28.55 45.52
N ASP B 1864 -24.86 -28.01 46.19
CA ASP B 1864 -24.69 -26.80 46.98
C ASP B 1864 -23.79 -27.03 48.18
N VAL B 1865 -24.02 -28.13 48.91
CA VAL B 1865 -23.18 -28.43 50.07
C VAL B 1865 -21.75 -28.68 49.63
N GLY B 1866 -21.57 -29.31 48.46
CA GLY B 1866 -20.22 -29.51 47.96
C GLY B 1866 -19.53 -28.21 47.61
N LYS B 1867 -20.27 -27.26 47.02
CA LYS B 1867 -19.69 -25.96 46.70
C LYS B 1867 -19.27 -25.23 47.97
N LEU B 1868 -20.14 -25.22 48.99
CA LEU B 1868 -19.75 -24.65 50.28
C LEU B 1868 -18.50 -25.35 50.83
N PHE B 1869 -18.46 -26.67 50.74
CA PHE B 1869 -17.31 -27.41 51.24
C PHE B 1869 -16.03 -26.95 50.58
N TYR B 1870 -16.01 -26.95 49.24
CA TYR B 1870 -14.76 -26.62 48.55
C TYR B 1870 -14.39 -25.16 48.74
N LYS B 1871 -15.38 -24.27 48.80
CA LYS B 1871 -15.08 -22.85 49.04
C LYS B 1871 -14.46 -22.65 50.41
N GLU B 1872 -14.91 -23.42 51.42
CA GLU B 1872 -14.40 -23.22 52.78
C GLU B 1872 -13.17 -24.05 53.12
N VAL B 1873 -12.93 -25.16 52.42
CA VAL B 1873 -11.76 -25.97 52.74
C VAL B 1873 -10.48 -25.27 52.32
N TYR B 1874 -10.51 -24.51 51.22
CA TYR B 1874 -9.34 -23.72 50.87
C TYR B 1874 -9.03 -22.71 51.97
N LYS B 1875 -10.07 -22.08 52.53
CA LYS B 1875 -9.86 -21.14 53.63
C LYS B 1875 -9.28 -21.86 54.85
N TYR B 1876 -9.80 -23.04 55.15
CA TYR B 1876 -9.29 -23.81 56.28
C TYR B 1876 -7.82 -24.17 56.10
N ILE B 1877 -7.44 -24.59 54.89
CA ILE B 1877 -6.06 -24.98 54.62
C ILE B 1877 -5.14 -23.75 54.64
N MSE B 1878 -5.62 -22.63 54.12
CA MSE B 1878 -4.79 -21.43 54.03
C MSE B 1878 -4.68 -20.70 55.36
O MSE B 1878 -3.78 -19.88 55.56
CB MSE B 1878 -5.35 -20.48 52.97
CG MSE B 1878 -5.26 -20.98 51.54
SE MSE B 1878 -3.42 -21.30 50.93
CE MSE B 1878 -3.33 -23.20 51.28
N ALA B 1879 -5.59 -20.99 56.29
CA ALA B 1879 -5.57 -20.32 57.59
C ALA B 1879 -4.31 -20.65 58.38
N ASP B 1880 -3.59 -21.71 58.01
CA ASP B 1880 -2.33 -22.06 58.67
C ASP B 1880 -1.14 -21.33 58.07
N PHE B 1881 -1.32 -20.64 56.95
CA PHE B 1881 -0.23 -19.91 56.32
C PHE B 1881 0.22 -18.79 57.25
N ALA B 1882 1.53 -18.72 57.50
CA ALA B 1882 2.06 -17.87 58.56
C ALA B 1882 1.64 -16.41 58.46
N PRO B 1883 1.67 -15.75 57.30
CA PRO B 1883 1.18 -14.36 57.25
C PRO B 1883 -0.29 -14.21 57.58
N PHE B 1884 -1.11 -15.22 57.29
CA PHE B 1884 -2.55 -15.13 57.54
C PHE B 1884 -2.90 -15.36 59.01
N LYS B 1885 -1.95 -15.78 59.84
CA LYS B 1885 -2.21 -16.08 61.25
C LYS B 1885 -2.25 -14.77 62.02
N VAL B 1886 -3.40 -14.10 61.94
CA VAL B 1886 -3.62 -12.84 62.65
C VAL B 1886 -4.89 -12.98 63.49
N GLY B 1887 -4.77 -12.69 64.78
CA GLY B 1887 -5.93 -12.69 65.64
C GLY B 1887 -6.75 -11.41 65.47
N ASP B 1888 -8.03 -11.51 65.83
CA ASP B 1888 -8.99 -10.43 65.62
C ASP B 1888 -8.92 -9.96 64.17
N PRO B 1889 -9.45 -10.74 63.23
CA PRO B 1889 -9.32 -10.35 61.82
C PRO B 1889 -9.89 -8.99 61.50
N MSE B 1890 -11.13 -8.73 61.92
CA MSE B 1890 -11.82 -7.47 61.67
C MSE B 1890 -10.92 -6.27 61.95
O MSE B 1890 -10.55 -5.53 61.03
CB MSE B 1890 -13.08 -7.37 62.51
CG MSE B 1890 -13.91 -6.14 62.21
SE MSE B 1890 -14.69 -6.20 60.43
CE MSE B 1890 -16.36 -5.25 60.80
N ALA B 1891 -10.55 -6.10 63.22
CA ALA B 1891 -9.63 -5.03 63.62
C ALA B 1891 -8.50 -4.88 62.62
N TYR B 1892 -7.82 -5.98 62.30
CA TYR B 1892 -6.70 -5.95 61.37
C TYR B 1892 -7.09 -5.24 60.08
N ILE B 1893 -8.10 -5.77 59.38
CA ILE B 1893 -8.48 -5.17 58.11
C ILE B 1893 -8.89 -3.73 58.31
N LYS B 1894 -9.59 -3.44 59.42
CA LYS B 1894 -9.92 -2.06 59.74
C LYS B 1894 -8.67 -1.19 59.75
N ASP B 1895 -7.67 -1.62 60.54
CA ASP B 1895 -6.39 -0.92 60.54
C ASP B 1895 -5.88 -0.74 59.11
N THR B 1896 -5.88 -1.83 58.34
CA THR B 1896 -5.44 -1.76 56.95
C THR B 1896 -6.18 -0.65 56.22
N ILE B 1897 -7.51 -0.68 56.27
CA ILE B 1897 -8.32 0.33 55.59
C ILE B 1897 -7.82 1.72 55.97
N PHE B 1898 -7.65 1.95 57.28
CA PHE B 1898 -7.13 3.23 57.75
C PHE B 1898 -5.85 3.59 57.01
N ASP B 1899 -4.82 2.76 57.14
CA ASP B 1899 -3.57 3.01 56.43
C ASP B 1899 -3.85 3.32 54.96
N LEU B 1900 -4.67 2.48 54.33
CA LEU B 1900 -4.99 2.66 52.92
C LEU B 1900 -5.39 4.09 52.63
N VAL B 1901 -6.45 4.57 53.30
CA VAL B 1901 -6.97 5.88 52.94
C VAL B 1901 -5.92 6.95 53.19
N ASN B 1902 -5.13 6.78 54.26
CA ASN B 1902 -4.04 7.73 54.52
C ASN B 1902 -3.16 7.88 53.30
N TYR B 1903 -2.69 6.74 52.77
CA TYR B 1903 -1.85 6.75 51.58
C TYR B 1903 -2.46 7.64 50.51
N LYS B 1904 -3.75 7.45 50.22
CA LYS B 1904 -4.42 8.22 49.19
C LYS B 1904 -4.20 9.71 49.38
N THR B 1905 -4.50 10.21 50.58
CA THR B 1905 -4.33 11.64 50.85
C THR B 1905 -2.92 12.11 50.50
N GLU B 1906 -1.91 11.38 50.97
CA GLU B 1906 -0.53 11.82 50.77
C GLU B 1906 -0.18 11.88 49.29
N ASP B 1907 -0.79 11.01 48.46
CA ASP B 1907 -0.45 11.03 47.05
C ASP B 1907 -0.83 12.36 46.40
N LYS B 1908 -1.86 13.03 46.92
CA LYS B 1908 -2.21 14.34 46.37
C LYS B 1908 -1.05 15.31 46.48
N GLN B 1909 -0.27 15.21 47.55
CA GLN B 1909 0.87 16.10 47.76
C GLN B 1909 2.11 15.61 47.02
N TYR B 1910 2.05 14.44 46.40
CA TYR B 1910 3.15 13.93 45.61
C TYR B 1910 2.89 13.99 44.11
N ASP B 1911 1.62 14.14 43.70
CA ASP B 1911 1.21 14.35 42.32
C ASP B 1911 1.50 13.18 41.41
N SER B 1912 2.08 12.11 41.95
CA SER B 1912 2.28 10.85 41.22
C SER B 1912 1.54 9.76 41.97
N SER B 1913 0.45 9.26 41.39
CA SER B 1913 -0.45 8.34 42.07
C SER B 1913 -0.10 6.89 41.74
N ASN B 1914 -0.57 6.00 42.61
CA ASN B 1914 -0.40 4.57 42.42
C ASN B 1914 -1.69 3.98 41.87
N PHE B 1915 -1.57 3.28 40.73
CA PHE B 1915 -2.76 2.82 40.03
C PHE B 1915 -3.55 1.80 40.86
N PHE B 1916 -2.85 0.95 41.59
CA PHE B 1916 -3.53 -0.06 42.39
C PHE B 1916 -4.35 0.58 43.50
N ILE B 1917 -3.76 1.57 44.20
CA ILE B 1917 -4.49 2.26 45.25
C ILE B 1917 -5.60 3.11 44.65
N GLU B 1918 -5.41 3.60 43.42
CA GLU B 1918 -6.41 4.45 42.78
C GLU B 1918 -7.72 3.71 42.53
N ASN B 1919 -7.65 2.41 42.25
CA ASN B 1919 -8.84 1.61 41.96
C ASN B 1919 -9.48 1.02 43.21
N MSE B 1920 -8.89 1.23 44.39
CA MSE B 1920 -9.47 0.73 45.62
C MSE B 1920 -10.61 1.62 46.11
O MSE B 1920 -10.39 2.78 46.46
CB MSE B 1920 -8.40 0.63 46.71
CG MSE B 1920 -7.29 -0.37 46.42
SE MSE B 1920 -7.93 -2.21 46.35
CE MSE B 1920 -7.28 -2.69 44.57
N THR B 1921 -11.82 1.07 46.12
CA THR B 1921 -12.99 1.76 46.67
C THR B 1921 -13.23 1.23 48.07
N VAL B 1922 -13.06 2.10 49.07
CA VAL B 1922 -13.17 1.69 50.46
C VAL B 1922 -14.63 1.72 50.90
N TYR B 1923 -15.05 0.66 51.59
CA TYR B 1923 -16.38 0.57 52.16
C TYR B 1923 -16.31 0.80 53.66
N GLU B 1924 -17.43 0.53 54.35
CA GLU B 1924 -17.44 0.66 55.80
C GLU B 1924 -16.52 -0.35 56.47
N ASN B 1925 -16.48 -1.58 55.93
CA ASN B 1925 -15.74 -2.67 56.55
C ASN B 1925 -14.80 -3.41 55.60
N SER B 1926 -14.71 -3.01 54.34
CA SER B 1926 -13.89 -3.74 53.38
C SER B 1926 -13.28 -2.77 52.39
N PHE B 1927 -12.57 -3.33 51.41
CA PHE B 1927 -11.97 -2.56 50.32
C PHE B 1927 -11.73 -3.52 49.16
N GLY B 1928 -11.69 -2.96 47.96
CA GLY B 1928 -11.46 -3.78 46.77
C GLY B 1928 -11.70 -3.01 45.50
N ILE B 1929 -12.07 -3.75 44.46
CA ILE B 1929 -12.36 -3.19 43.15
C ILE B 1929 -13.83 -3.41 42.82
N THR B 1930 -14.35 -2.58 41.92
CA THR B 1930 -15.70 -2.76 41.42
C THR B 1930 -15.77 -4.01 40.56
N ASN B 1931 -16.92 -4.68 40.60
CA ASN B 1931 -17.09 -5.95 39.90
C ASN B 1931 -17.35 -5.80 38.42
N LYS B 1932 -17.24 -4.60 37.85
CA LYS B 1932 -17.41 -4.44 36.42
C LYS B 1932 -16.26 -5.10 35.66
N ASN B 1933 -16.53 -5.44 34.41
CA ASN B 1933 -15.56 -6.18 33.61
C ASN B 1933 -14.33 -5.33 33.31
N LYS B 1934 -13.21 -6.00 33.08
CA LYS B 1934 -11.91 -5.35 32.99
C LYS B 1934 -11.08 -6.02 31.91
N SER B 1935 -10.52 -5.23 31.00
CA SER B 1935 -9.69 -5.75 29.92
C SER B 1935 -8.37 -6.29 30.47
N VAL B 1936 -7.67 -7.06 29.64
CA VAL B 1936 -6.44 -7.70 30.07
C VAL B 1936 -5.37 -6.66 30.37
N ASP B 1937 -5.32 -5.58 29.57
CA ASP B 1937 -4.38 -4.51 29.84
C ASP B 1937 -4.64 -3.87 31.20
N PHE B 1938 -5.92 -3.75 31.57
CA PHE B 1938 -6.28 -3.12 32.82
C PHE B 1938 -5.89 -4.00 34.01
N GLN B 1939 -6.09 -5.32 33.88
CA GLN B 1939 -5.62 -6.25 34.91
C GLN B 1939 -4.10 -6.23 35.01
N ASP B 1940 -3.40 -6.17 33.88
CA ASP B 1940 -1.95 -6.14 33.89
C ASP B 1940 -1.44 -4.88 34.56
N ARG B 1941 -2.09 -3.74 34.32
CA ARG B 1941 -1.70 -2.51 34.98
C ARG B 1941 -1.97 -2.57 36.48
N LEU B 1942 -3.09 -3.19 36.86
CA LEU B 1942 -3.37 -3.39 38.29
C LEU B 1942 -2.30 -4.23 38.95
N TYR B 1943 -1.90 -5.33 38.30
CA TYR B 1943 -0.86 -6.19 38.88
C TYR B 1943 0.48 -5.48 38.96
N ARG B 1944 0.86 -4.77 37.90
CA ARG B 1944 2.14 -4.07 37.92
C ARG B 1944 2.15 -2.99 39.00
N SER B 1945 1.01 -2.30 39.19
CA SER B 1945 0.94 -1.29 40.25
C SER B 1945 0.98 -1.94 41.63
N ALA B 1946 0.36 -3.10 41.79
CA ALA B 1946 0.42 -3.79 43.06
C ALA B 1946 1.85 -4.24 43.38
N TYR B 1947 2.57 -4.71 42.36
CA TYR B 1947 3.97 -5.07 42.56
C TYR B 1947 4.80 -3.85 42.89
N ASP B 1948 4.50 -2.72 42.26
CA ASP B 1948 5.19 -1.46 42.61
C ASP B 1948 4.90 -1.07 44.05
N LEU B 1949 3.72 -1.41 44.56
CA LEU B 1949 3.39 -1.09 45.95
C LEU B 1949 4.20 -1.90 46.94
N MSE B 1950 4.67 -3.08 46.53
CA MSE B 1950 5.51 -3.90 47.41
C MSE B 1950 6.89 -3.27 47.63
O MSE B 1950 7.30 -3.05 48.76
CB MSE B 1950 5.70 -5.30 46.83
CG MSE B 1950 4.57 -6.26 47.09
SE MSE B 1950 5.00 -7.97 46.29
CE MSE B 1950 6.55 -8.42 47.37
N MSE B 1951 7.59 -3.02 46.53
CA MSE B 1951 8.96 -2.54 46.59
C MSE B 1951 9.05 -1.13 47.16
O MSE B 1951 10.12 -0.69 47.59
CB MSE B 1951 9.60 -2.58 45.20
CG MSE B 1951 9.39 -3.90 44.45
SE MSE B 1951 9.91 -5.48 45.48
CE MSE B 1951 11.73 -4.98 45.93
N GLU B 1952 7.92 -0.42 47.18
CA GLU B 1952 7.85 0.95 47.70
C GLU B 1952 7.34 0.99 49.12
N ASN B 1953 6.10 0.53 49.35
CA ASN B 1953 5.46 0.51 50.66
C ASN B 1953 5.13 -0.93 51.01
N PRO B 1954 6.12 -1.70 51.49
CA PRO B 1954 5.87 -3.12 51.74
C PRO B 1954 4.88 -3.37 52.86
N GLU B 1955 4.83 -2.51 53.88
CA GLU B 1955 3.93 -2.74 55.01
C GLU B 1955 2.48 -2.60 54.59
N LEU B 1956 2.16 -1.57 53.80
CA LEU B 1956 0.77 -1.39 53.35
C LEU B 1956 0.36 -2.50 52.40
N ALA B 1957 1.25 -2.90 51.50
CA ALA B 1957 0.93 -3.99 50.58
C ALA B 1957 0.70 -5.30 51.33
N ASN B 1958 1.57 -5.59 52.31
CA ASN B 1958 1.40 -6.78 53.13
C ASN B 1958 0.06 -6.77 53.86
N LYS B 1959 -0.25 -5.63 54.49
CA LYS B 1959 -1.52 -5.54 55.22
C LYS B 1959 -2.71 -5.70 54.29
N MSE B 1960 -2.63 -5.12 53.10
CA MSE B 1960 -3.72 -5.22 52.13
C MSE B 1960 -3.91 -6.65 51.63
O MSE B 1960 -5.03 -7.08 51.44
CB MSE B 1960 -3.47 -4.28 50.95
CG MSE B 1960 -3.65 -2.82 51.27
SE MSE B 1960 -3.39 -1.68 49.71
CE MSE B 1960 -5.03 -2.12 48.76
N PHE B 1961 -2.82 -7.37 51.44
CA PHE B 1961 -2.93 -8.76 50.97
C PHE B 1961 -3.51 -9.65 52.07
N ILE B 1962 -3.00 -9.52 53.30
CA ILE B 1962 -3.57 -10.27 54.41
C ILE B 1962 -5.06 -9.97 54.57
N SER B 1963 -5.43 -8.70 54.43
CA SER B 1963 -6.85 -8.34 54.48
C SER B 1963 -7.62 -8.96 53.32
N SER B 1964 -6.99 -9.03 52.15
CA SER B 1964 -7.63 -9.67 51.00
C SER B 1964 -7.96 -11.12 51.31
N PHE B 1965 -7.09 -11.80 52.05
CA PHE B 1965 -7.45 -13.16 52.47
C PHE B 1965 -8.47 -13.15 53.60
N LEU B 1966 -8.31 -12.25 54.56
CA LEU B 1966 -9.19 -12.24 55.73
C LEU B 1966 -10.62 -11.86 55.36
N MSE B 1967 -10.79 -11.02 54.33
CA MSE B 1967 -12.11 -10.50 53.99
C MSE B 1967 -12.98 -11.50 53.24
O MSE B 1967 -14.15 -11.67 53.55
CB MSE B 1967 -11.99 -9.23 53.15
CG MSE B 1967 -11.54 -8.02 53.94
SE MSE B 1967 -11.35 -6.45 52.79
CE MSE B 1967 -10.52 -7.31 51.24
N ASN B 1968 -12.40 -12.17 52.24
CA ASN B 1968 -13.15 -13.05 51.37
C ASN B 1968 -12.65 -14.49 51.36
N GLY B 1969 -11.42 -14.75 51.78
CA GLY B 1969 -10.90 -16.10 51.75
C GLY B 1969 -10.69 -16.63 50.36
N PHE B 1970 -10.28 -15.78 49.42
CA PHE B 1970 -10.00 -16.12 48.03
C PHE B 1970 -11.24 -16.58 47.27
N GLU B 1971 -12.43 -16.45 47.86
CA GLU B 1971 -13.66 -16.74 47.12
C GLU B 1971 -13.90 -15.64 46.10
N ASN B 1972 -14.54 -16.02 44.99
CA ASN B 1972 -14.77 -15.09 43.87
C ASN B 1972 -15.93 -14.16 44.20
N LYS B 1973 -15.67 -13.25 45.14
CA LYS B 1973 -16.68 -12.29 45.57
C LYS B 1973 -16.73 -11.12 44.58
N LEU B 1974 -17.56 -10.13 44.92
CA LEU B 1974 -17.79 -8.98 44.04
C LEU B 1974 -16.74 -7.88 44.20
N ILE B 1975 -15.86 -7.98 45.18
CA ILE B 1975 -14.81 -6.98 45.38
C ILE B 1975 -13.48 -7.69 45.51
N ASP B 1976 -13.35 -8.85 44.86
CA ASP B 1976 -12.15 -9.66 44.98
C ASP B 1976 -10.98 -9.00 44.27
N ILE B 1977 -9.80 -9.09 44.88
CA ILE B 1977 -8.58 -8.55 44.30
C ILE B 1977 -7.51 -9.63 44.33
N LYS B 1978 -7.93 -10.89 44.42
CA LYS B 1978 -6.96 -11.97 44.58
C LYS B 1978 -6.10 -12.17 43.34
N GLU B 1979 -6.66 -11.92 42.15
CA GLU B 1979 -5.90 -12.13 40.92
C GLU B 1979 -4.90 -11.01 40.65
N TYR B 1980 -4.82 -10.01 41.53
CA TYR B 1980 -3.85 -8.94 41.38
C TYR B 1980 -2.81 -8.92 42.50
N ILE B 1981 -2.87 -9.86 43.44
CA ILE B 1981 -1.82 -9.98 44.45
C ILE B 1981 -0.59 -10.57 43.78
N PRO B 1982 0.52 -9.85 43.72
CA PRO B 1982 1.68 -10.35 42.97
C PRO B 1982 2.20 -11.67 43.52
N TYR B 1983 2.52 -12.58 42.60
CA TYR B 1983 3.05 -13.88 43.00
C TYR B 1983 4.36 -13.74 43.77
N GLN B 1984 5.12 -12.67 43.50
CA GLN B 1984 6.32 -12.40 44.28
C GLN B 1984 6.03 -12.39 45.78
N TRP B 1985 4.82 -11.99 46.17
CA TRP B 1985 4.50 -11.91 47.59
C TRP B 1985 4.27 -13.29 48.19
N PHE B 1986 3.59 -14.18 47.47
CA PHE B 1986 3.42 -15.54 47.95
C PHE B 1986 4.73 -16.29 47.97
N LEU B 1987 5.55 -16.15 46.91
CA LEU B 1987 6.84 -16.80 46.88
C LEU B 1987 7.76 -16.28 47.98
N GLU B 1988 7.71 -14.97 48.23
CA GLU B 1988 8.56 -14.36 49.25
C GLU B 1988 8.17 -14.84 50.64
N ASN B 1989 6.88 -15.04 50.89
CA ASN B 1989 6.39 -15.57 52.16
C ASN B 1989 6.43 -17.08 52.22
N ASP B 1990 7.08 -17.72 51.23
CA ASP B 1990 7.32 -19.16 51.21
C ASP B 1990 5.99 -19.93 51.17
N ILE B 1991 5.28 -19.77 50.06
CA ILE B 1991 4.07 -20.55 49.84
C ILE B 1991 4.41 -21.94 49.32
N ARG B 1992 5.55 -22.07 48.64
CA ARG B 1992 5.94 -23.37 48.09
C ARG B 1992 6.20 -24.38 49.19
N SER B 1993 7.05 -24.03 50.15
CA SER B 1993 7.33 -24.92 51.27
C SER B 1993 6.08 -25.17 52.09
N PHE B 1994 5.22 -24.16 52.24
CA PHE B 1994 3.99 -24.33 52.99
C PHE B 1994 3.10 -25.39 52.36
N ILE B 1995 2.83 -25.25 51.05
CA ILE B 1995 1.96 -26.21 50.38
C ILE B 1995 2.58 -27.59 50.34
N GLU B 1996 3.90 -27.68 50.13
CA GLU B 1996 4.53 -28.99 50.04
C GLU B 1996 4.54 -29.70 51.39
N SER B 1997 4.81 -28.96 52.47
CA SER B 1997 4.75 -29.54 53.80
C SER B 1997 3.33 -29.92 54.18
N LYS B 1998 2.33 -29.14 53.74
CA LYS B 1998 0.95 -29.52 53.96
C LYS B 1998 0.61 -30.81 53.23
N ASN B 1999 1.08 -30.94 51.99
CA ASN B 1999 0.89 -32.16 51.22
C ASN B 1999 1.49 -33.36 51.94
N THR B 2000 2.76 -33.23 52.37
CA THR B 2000 3.42 -34.36 53.01
C THR B 2000 2.89 -34.64 54.40
N GLY B 2001 2.24 -33.67 55.04
CA GLY B 2001 1.61 -33.90 56.33
C GLY B 2001 0.27 -34.59 56.20
N LEU B 2002 -0.48 -34.27 55.14
CA LEU B 2002 -1.73 -34.97 54.90
C LEU B 2002 -1.54 -36.30 54.20
N LYS B 2003 -0.35 -36.54 53.62
CA LYS B 2003 -0.10 -37.79 52.90
C LYS B 2003 -0.20 -39.00 53.82
N ASP B 2004 0.24 -38.86 55.07
CA ASP B 2004 0.30 -40.00 55.98
C ASP B 2004 -0.86 -40.03 56.98
N SER B 2005 -1.33 -38.89 57.44
CA SER B 2005 -2.38 -38.85 58.45
C SER B 2005 -3.33 -37.70 58.15
N SER B 2006 -4.63 -38.00 58.12
CA SER B 2006 -5.67 -36.98 57.94
C SER B 2006 -6.20 -36.46 59.26
N GLU B 2007 -5.45 -36.65 60.35
CA GLU B 2007 -5.92 -36.21 61.66
C GLU B 2007 -6.07 -34.69 61.71
N SER B 2008 -5.17 -33.97 61.02
CA SER B 2008 -5.17 -32.51 61.11
C SER B 2008 -6.47 -31.91 60.61
N LEU B 2009 -7.14 -32.56 59.67
CA LEU B 2009 -8.41 -32.06 59.14
C LEU B 2009 -9.58 -32.29 60.07
N ARG B 2010 -9.42 -33.12 61.11
CA ARG B 2010 -10.56 -33.52 61.93
C ARG B 2010 -11.30 -32.32 62.51
N SER B 2011 -10.57 -31.31 62.96
CA SER B 2011 -11.20 -30.16 63.61
C SER B 2011 -11.86 -29.20 62.64
N PHE B 2012 -11.85 -29.49 61.34
CA PHE B 2012 -12.46 -28.59 60.37
C PHE B 2012 -13.98 -28.63 60.45
N GLU B 2013 -14.55 -29.84 60.55
CA GLU B 2013 -15.98 -30.05 60.36
C GLU B 2013 -16.81 -29.01 61.11
N GLU B 2014 -16.69 -28.98 62.44
CA GLU B 2014 -17.51 -28.09 63.24
C GLU B 2014 -17.38 -26.65 62.76
N GLN B 2015 -16.14 -26.19 62.55
CA GLN B 2015 -15.94 -24.81 62.10
C GLN B 2015 -16.69 -24.55 60.81
N PHE B 2016 -16.63 -25.49 59.86
CA PHE B 2016 -17.45 -25.41 58.66
C PHE B 2016 -18.91 -25.11 59.04
N ILE B 2017 -19.53 -26.01 59.79
CA ILE B 2017 -20.94 -25.83 60.15
C ILE B 2017 -21.12 -24.58 60.99
N LYS B 2018 -20.09 -24.18 61.75
CA LYS B 2018 -20.24 -23.00 62.59
C LYS B 2018 -20.02 -21.71 61.82
N ASN B 2019 -19.46 -21.77 60.61
CA ASN B 2019 -19.24 -20.54 59.86
C ASN B 2019 -20.39 -20.25 58.90
N ASN B 2020 -20.81 -21.26 58.17
CA ASN B 2020 -21.97 -21.13 57.27
C ASN B 2020 -23.21 -21.75 57.90
N SER B 2021 -23.45 -21.40 59.17
CA SER B 2021 -24.57 -21.94 59.92
C SER B 2021 -25.93 -21.46 59.40
N ASP B 2022 -25.95 -20.52 58.44
CA ASP B 2022 -27.21 -20.08 57.86
C ASP B 2022 -27.80 -21.11 56.91
N SER B 2023 -26.97 -22.02 56.40
CA SER B 2023 -27.45 -23.04 55.48
C SER B 2023 -28.48 -23.94 56.16
N ASN B 2024 -29.62 -24.13 55.51
CA ASN B 2024 -30.69 -24.96 56.06
C ASN B 2024 -30.41 -26.46 55.91
N ILE B 2025 -29.33 -26.84 55.23
CA ILE B 2025 -28.99 -28.27 55.11
C ILE B 2025 -27.82 -28.60 56.01
N LEU B 2026 -26.93 -27.62 56.23
CA LEU B 2026 -25.86 -27.81 57.21
C LEU B 2026 -26.41 -27.78 58.63
N ALA B 2027 -27.30 -26.85 58.92
CA ALA B 2027 -27.96 -26.74 60.22
C ALA B 2027 -29.45 -26.64 59.95
N PRO B 2028 -30.17 -27.76 59.96
CA PRO B 2028 -31.61 -27.72 59.67
C PRO B 2028 -32.37 -26.89 60.69
N LYS B 2029 -33.30 -26.08 60.18
CA LYS B 2029 -34.12 -25.20 61.02
C LYS B 2029 -35.31 -26.00 61.54
N VAL B 2030 -35.35 -26.21 62.86
CA VAL B 2030 -36.41 -26.96 63.52
C VAL B 2030 -37.42 -25.99 64.08
N SER B 2031 -38.71 -26.27 63.85
CA SER B 2031 -39.78 -25.42 64.37
C SER B 2031 -39.77 -25.44 65.90
N GLN B 2032 -39.89 -24.24 66.49
CA GLN B 2032 -39.97 -24.14 67.95
C GLN B 2032 -41.26 -24.73 68.50
N SER B 2033 -42.27 -24.94 67.66
CA SER B 2033 -43.52 -25.51 68.14
C SER B 2033 -43.32 -26.94 68.65
N VAL B 2034 -42.53 -27.75 67.92
CA VAL B 2034 -42.34 -29.14 68.30
C VAL B 2034 -41.26 -29.34 69.35
N ILE B 2035 -40.61 -28.26 69.81
CA ILE B 2035 -39.53 -28.41 70.77
C ILE B 2035 -40.12 -28.58 72.16
N LYS B 2036 -39.45 -29.38 72.99
CA LYS B 2036 -39.89 -29.64 74.36
C LYS B 2036 -38.86 -29.11 75.34
N SER B 2037 -39.33 -28.31 76.30
CA SER B 2037 -38.45 -27.72 77.30
C SER B 2037 -37.96 -28.80 78.27
N ILE B 2038 -36.88 -28.48 78.98
CA ILE B 2038 -36.24 -29.40 79.90
C ILE B 2038 -36.12 -28.73 81.27
N LYS B 2039 -36.07 -29.55 82.30
CA LYS B 2039 -36.02 -29.06 83.68
C LYS B 2039 -34.75 -28.24 83.93
N GLY B 2040 -34.86 -27.26 84.83
CA GLY B 2040 -33.72 -26.54 85.36
C GLY B 2040 -33.24 -25.37 84.52
N ILE B 2041 -33.33 -25.45 83.20
CA ILE B 2041 -32.81 -24.43 82.32
C ILE B 2041 -33.87 -24.08 81.29
N LYS B 2042 -33.79 -22.85 80.77
CA LYS B 2042 -34.76 -22.37 79.80
C LYS B 2042 -34.59 -23.08 78.46
N SER B 2043 -35.63 -22.96 77.63
CA SER B 2043 -35.64 -23.64 76.34
C SER B 2043 -34.60 -23.07 75.38
N LYS B 2044 -34.32 -21.77 75.47
CA LYS B 2044 -33.40 -21.15 74.51
C LYS B 2044 -31.99 -21.69 74.68
N HIS B 2045 -31.55 -21.90 75.92
CA HIS B 2045 -30.18 -22.33 76.16
C HIS B 2045 -30.00 -23.82 75.87
N VAL B 2046 -30.82 -24.67 76.49
CA VAL B 2046 -30.79 -26.11 76.27
C VAL B 2046 -32.22 -26.60 76.11
N PHE B 2047 -32.44 -27.47 75.12
CA PHE B 2047 -33.74 -28.07 74.92
C PHE B 2047 -33.57 -29.55 74.65
N GLU B 2048 -34.69 -30.22 74.37
CA GLU B 2048 -34.73 -31.64 74.07
C GLU B 2048 -35.59 -31.87 72.84
N LEU B 2049 -35.06 -32.62 71.87
CA LEU B 2049 -35.80 -32.93 70.66
C LEU B 2049 -36.36 -34.33 70.75
N PRO B 2050 -37.67 -34.52 70.88
CA PRO B 2050 -38.24 -35.86 70.94
C PRO B 2050 -38.55 -36.43 69.56
N ILE B 2051 -38.45 -37.76 69.47
CA ILE B 2051 -38.81 -38.46 68.24
C ILE B 2051 -40.33 -38.46 68.10
N ASN B 2052 -40.82 -38.01 66.95
CA ASN B 2052 -42.24 -37.78 66.76
C ASN B 2052 -42.58 -37.89 65.28
N ASP B 2053 -43.87 -37.96 64.99
CA ASP B 2053 -44.32 -37.81 63.61
C ASP B 2053 -43.85 -36.50 63.01
N LYS B 2054 -43.83 -35.43 63.82
CA LYS B 2054 -43.42 -34.13 63.35
C LYS B 2054 -41.91 -34.00 63.25
N THR B 2055 -41.15 -34.90 63.88
CA THR B 2055 -39.69 -34.84 63.85
C THR B 2055 -39.06 -35.96 63.05
N LYS B 2056 -39.86 -36.86 62.47
CA LYS B 2056 -39.34 -37.87 61.56
C LYS B 2056 -38.46 -37.29 60.47
N ARG B 2057 -38.62 -35.99 60.18
CA ARG B 2057 -37.83 -35.34 59.15
C ARG B 2057 -36.34 -35.29 59.47
N TYR B 2058 -35.97 -35.50 60.74
CA TYR B 2058 -34.60 -35.24 61.17
C TYR B 2058 -33.80 -36.49 61.49
N ILE B 2059 -34.43 -37.65 61.67
CA ILE B 2059 -33.69 -38.86 61.96
C ILE B 2059 -32.88 -39.27 60.72
N LEU B 2060 -31.57 -39.39 60.91
CA LEU B 2060 -30.70 -39.78 59.78
C LEU B 2060 -30.87 -41.25 59.44
N GLY B 2061 -30.97 -42.11 60.45
CA GLY B 2061 -31.13 -43.53 60.24
C GLY B 2061 -31.12 -44.31 61.53
N ALA B 2062 -30.72 -45.58 61.47
CA ALA B 2062 -30.66 -46.45 62.62
C ALA B 2062 -29.21 -46.83 62.89
N THR B 2063 -28.86 -46.94 64.17
CA THR B 2063 -27.50 -47.31 64.55
C THR B 2063 -27.33 -48.83 64.43
N GLU B 2064 -26.18 -49.33 64.89
CA GLU B 2064 -25.93 -50.77 64.88
C GLU B 2064 -26.95 -51.50 65.75
N THR B 2065 -27.33 -50.89 66.87
CA THR B 2065 -28.28 -51.49 67.81
C THR B 2065 -29.71 -51.05 67.53
N LYS B 2066 -30.03 -50.70 66.28
CA LYS B 2066 -31.38 -50.32 65.84
C LYS B 2066 -31.91 -49.10 66.56
N GLU B 2067 -31.04 -48.30 67.19
CA GLU B 2067 -31.44 -47.06 67.82
C GLU B 2067 -31.45 -45.93 66.80
N GLU B 2068 -32.33 -44.96 67.02
CA GLU B 2068 -32.47 -43.84 66.09
C GLU B 2068 -31.48 -42.75 66.45
N VAL B 2069 -30.98 -42.06 65.41
CA VAL B 2069 -29.90 -41.10 65.54
C VAL B 2069 -30.36 -39.76 64.95
N LEU B 2070 -29.98 -38.68 65.62
CA LEU B 2070 -30.40 -37.33 65.27
C LEU B 2070 -29.24 -36.50 64.76
N PRO B 2071 -29.50 -35.39 64.07
CA PRO B 2071 -28.40 -34.63 63.47
C PRO B 2071 -27.56 -33.92 64.52
N ASN B 2072 -26.28 -33.79 64.21
CA ASN B 2072 -25.33 -33.19 65.15
C ASN B 2072 -25.61 -31.71 65.37
N TYR B 2073 -25.83 -30.97 64.29
CA TYR B 2073 -26.03 -29.53 64.35
C TYR B 2073 -27.42 -29.18 63.88
N VAL B 2074 -28.12 -28.37 64.68
CA VAL B 2074 -29.49 -27.96 64.41
C VAL B 2074 -29.66 -26.53 64.88
N LYS B 2075 -30.27 -25.68 64.06
CA LYS B 2075 -30.57 -24.31 64.47
C LYS B 2075 -32.08 -24.15 64.65
N VAL B 2076 -32.46 -23.38 65.67
CA VAL B 2076 -33.84 -22.97 65.88
C VAL B 2076 -33.87 -21.44 65.89
N GLY B 2077 -34.80 -20.87 65.14
CA GLY B 2077 -34.84 -19.43 64.98
C GLY B 2077 -33.55 -18.91 64.39
N SER B 2078 -32.73 -18.27 65.23
CA SER B 2078 -31.43 -17.75 64.80
C SER B 2078 -30.32 -18.21 65.74
N ASP B 2079 -30.51 -19.35 66.40
CA ASP B 2079 -29.53 -19.87 67.35
C ASP B 2079 -29.13 -21.29 66.94
N LEU B 2080 -27.84 -21.58 67.09
CA LEU B 2080 -27.27 -22.86 66.69
C LEU B 2080 -27.07 -23.76 67.91
N TYR B 2081 -27.27 -25.06 67.70
CA TYR B 2081 -27.23 -26.05 68.78
C TYR B 2081 -26.54 -27.31 68.29
N ARG B 2082 -25.80 -27.94 69.21
CA ARG B 2082 -25.09 -29.18 68.96
C ARG B 2082 -25.59 -30.25 69.93
N LEU B 2083 -25.70 -31.49 69.44
CA LEU B 2083 -26.15 -32.58 70.31
C LEU B 2083 -25.14 -32.83 71.42
N LYS B 2084 -25.67 -33.00 72.63
CA LYS B 2084 -24.82 -33.37 73.76
C LYS B 2084 -25.09 -34.78 74.24
N ALA B 2085 -26.35 -35.22 74.21
CA ALA B 2085 -26.69 -36.55 74.69
C ALA B 2085 -28.05 -36.97 74.12
N TYR B 2086 -28.39 -38.24 74.35
CA TYR B 2086 -29.68 -38.80 74.02
C TYR B 2086 -30.31 -39.34 75.29
N ARG B 2087 -31.59 -39.01 75.53
CA ARG B 2087 -32.35 -39.63 76.61
C ARG B 2087 -33.51 -40.41 76.00
N GLU B 2088 -33.48 -41.73 76.17
CA GLU B 2088 -34.51 -42.62 75.64
C GLU B 2088 -34.71 -42.37 74.15
N LYS B 2089 -35.90 -41.95 73.76
CA LYS B 2089 -36.20 -41.61 72.37
C LYS B 2089 -36.17 -40.10 72.13
N SER B 2090 -35.30 -39.39 72.82
CA SER B 2090 -35.14 -37.95 72.63
C SER B 2090 -33.67 -37.60 72.71
N GLY B 2091 -33.29 -36.57 71.98
CA GLY B 2091 -31.91 -36.09 71.98
C GLY B 2091 -31.85 -34.64 72.46
N VAL B 2092 -30.86 -34.36 73.30
CA VAL B 2092 -30.71 -33.03 73.89
C VAL B 2092 -29.66 -32.23 73.12
N TYR B 2093 -29.95 -30.96 72.91
CA TYR B 2093 -29.10 -30.04 72.17
C TYR B 2093 -28.74 -28.87 73.08
N VAL B 2094 -27.47 -28.46 73.03
CA VAL B 2094 -26.98 -27.33 73.79
C VAL B 2094 -26.53 -26.25 72.81
N ARG B 2095 -26.81 -25.00 73.15
CA ARG B 2095 -26.46 -23.89 72.27
C ARG B 2095 -24.95 -23.77 72.15
N THR B 2096 -24.49 -23.38 70.95
CA THR B 2096 -23.07 -23.23 70.68
C THR B 2096 -22.83 -21.91 69.96
N ASN B 2097 -21.56 -21.61 69.73
CA ASN B 2097 -21.14 -20.34 69.14
C ASN B 2097 -21.10 -20.42 67.63
N LYS B 2098 -21.46 -19.31 66.99
CA LYS B 2098 -21.29 -19.16 65.54
C LYS B 2098 -19.95 -18.48 65.25
N LEU B 2099 -19.39 -18.78 64.08
CA LEU B 2099 -18.15 -18.18 63.64
C LEU B 2099 -18.40 -17.34 62.39
N GLY B 2100 -17.52 -16.38 62.17
CA GLY B 2100 -17.58 -15.52 61.00
C GLY B 2100 -18.46 -14.30 61.21
N PHE B 2101 -18.37 -13.39 60.24
CA PHE B 2101 -19.14 -12.14 60.28
C PHE B 2101 -19.70 -11.87 58.90
N GLU B 2102 -20.94 -11.39 58.85
CA GLU B 2102 -21.62 -11.09 57.60
C GLU B 2102 -22.07 -9.64 57.60
N ASP B 2103 -21.56 -8.86 56.64
CA ASP B 2103 -21.97 -7.47 56.46
C ASP B 2103 -22.30 -7.28 54.98
N PRO B 2104 -23.58 -7.34 54.59
CA PRO B 2104 -23.93 -7.11 53.19
C PRO B 2104 -23.72 -5.68 52.74
N LYS B 2105 -23.74 -4.72 53.67
CA LYS B 2105 -23.48 -3.33 53.32
C LYS B 2105 -22.08 -3.15 52.75
N SER B 2106 -21.15 -4.04 53.08
CA SER B 2106 -19.77 -3.95 52.63
C SER B 2106 -19.33 -5.17 51.84
N PHE B 2107 -20.27 -6.02 51.42
CA PHE B 2107 -19.97 -7.23 50.65
C PHE B 2107 -18.96 -8.11 51.38
N LEU B 2108 -19.15 -8.25 52.70
CA LEU B 2108 -18.18 -8.89 53.57
C LEU B 2108 -18.75 -10.19 54.12
N SER B 2109 -18.02 -11.29 53.91
CA SER B 2109 -18.37 -12.61 54.44
C SER B 2109 -17.10 -13.21 55.07
N ILE B 2110 -16.75 -12.71 56.26
CA ILE B 2110 -15.56 -13.21 56.95
C ILE B 2110 -15.85 -14.59 57.52
N LYS B 2111 -14.94 -15.52 57.28
CA LYS B 2111 -14.98 -16.85 57.89
C LYS B 2111 -13.76 -17.02 58.79
N GLU B 2112 -13.97 -17.61 59.96
CA GLU B 2112 -12.93 -17.81 60.95
C GLU B 2112 -12.57 -19.29 61.01
N TYR B 2113 -11.32 -19.61 60.63
CA TYR B 2113 -10.84 -20.98 60.66
C TYR B 2113 -9.45 -21.03 61.29
N LYS B 2114 -9.18 -22.13 61.98
CA LYS B 2114 -7.85 -22.43 62.47
C LYS B 2114 -7.51 -23.86 62.10
N PHE B 2115 -6.26 -24.07 61.68
CA PHE B 2115 -5.84 -25.34 61.10
C PHE B 2115 -5.27 -26.25 62.17
N GLY B 2116 -5.90 -27.42 62.32
CA GLY B 2116 -5.44 -28.42 63.25
C GLY B 2116 -6.03 -28.32 64.64
N THR B 2117 -6.63 -27.18 64.99
CA THR B 2117 -7.23 -27.00 66.31
C THR B 2117 -8.58 -26.28 66.20
N ARG B 2118 -9.34 -26.38 67.27
CA ARG B 2118 -10.62 -25.71 67.41
C ARG B 2118 -10.39 -24.25 67.76
N THR B 2119 -11.34 -23.38 67.40
CA THR B 2119 -11.15 -21.95 67.60
C THR B 2119 -12.40 -21.31 68.15
N GLY B 2120 -12.21 -20.18 68.83
CA GLY B 2120 -13.29 -19.38 69.36
C GLY B 2120 -13.42 -18.07 68.61
N GLY B 2121 -14.65 -17.74 68.24
CA GLY B 2121 -14.90 -16.56 67.41
C GLY B 2121 -14.60 -15.27 68.14
N ASN B 2122 -14.05 -14.31 67.40
CA ASN B 2122 -13.80 -12.97 67.90
C ASN B 2122 -14.99 -12.05 67.69
N PHE B 2123 -16.14 -12.61 67.31
CA PHE B 2123 -17.34 -11.84 67.00
C PHE B 2123 -18.54 -12.23 67.85
N THR B 2124 -18.38 -13.17 68.78
CA THR B 2124 -19.49 -13.55 69.65
C THR B 2124 -19.72 -12.47 70.70
N GLY B 2125 -20.96 -12.06 70.85
CA GLY B 2125 -21.27 -10.94 71.74
C GLY B 2125 -20.91 -11.23 73.18
N GLU B 2126 -20.83 -10.15 73.96
CA GLU B 2126 -20.40 -10.29 75.35
C GLU B 2126 -21.46 -10.96 76.20
N LEU B 2127 -22.69 -10.43 76.16
CA LEU B 2127 -23.79 -11.09 76.86
C LEU B 2127 -24.02 -12.49 76.32
N THR B 2128 -23.77 -12.70 75.02
CA THR B 2128 -23.88 -14.04 74.46
C THR B 2128 -22.80 -14.96 75.03
N LYS B 2129 -21.59 -14.44 75.24
CA LYS B 2129 -20.55 -15.25 75.87
C LYS B 2129 -20.90 -15.60 77.31
N GLN B 2130 -21.48 -14.65 78.05
CA GLN B 2130 -21.94 -14.95 79.40
C GLN B 2130 -23.02 -16.02 79.39
N GLU B 2131 -23.99 -15.90 78.48
CA GLU B 2131 -25.04 -16.89 78.36
C GLU B 2131 -24.46 -18.26 78.01
N LEU B 2132 -23.45 -18.29 77.14
CA LEU B 2132 -22.85 -19.56 76.74
C LEU B 2132 -22.09 -20.21 77.88
N VAL B 2133 -21.35 -19.42 78.67
CA VAL B 2133 -20.61 -20.02 79.77
C VAL B 2133 -21.58 -20.47 80.86
N TYR B 2134 -22.69 -19.76 81.06
CA TYR B 2134 -23.70 -20.22 82.01
C TYR B 2134 -24.36 -21.51 81.52
N THR B 2135 -24.68 -21.59 80.23
CA THR B 2135 -25.24 -22.81 79.66
C THR B 2135 -24.27 -23.98 79.80
N ASN B 2136 -22.98 -23.73 79.59
CA ASN B 2136 -21.99 -24.80 79.72
C ASN B 2136 -21.86 -25.25 81.17
N GLN B 2137 -21.82 -24.31 82.11
CA GLN B 2137 -21.87 -24.67 83.53
C GLN B 2137 -23.07 -25.57 83.82
N TRP B 2138 -24.26 -25.16 83.39
CA TRP B 2138 -25.47 -25.91 83.71
C TRP B 2138 -25.44 -27.29 83.06
N VAL B 2139 -24.97 -27.39 81.83
CA VAL B 2139 -24.98 -28.68 81.15
C VAL B 2139 -23.95 -29.62 81.76
N ASN B 2140 -22.81 -29.07 82.19
CA ASN B 2140 -21.85 -29.91 82.90
C ASN B 2140 -22.36 -30.31 84.28
N GLU B 2141 -23.27 -29.51 84.85
CA GLU B 2141 -23.75 -29.79 86.20
C GLU B 2141 -24.66 -31.01 86.24
N ASN B 2142 -25.63 -31.09 85.30
CA ASN B 2142 -26.62 -32.18 85.37
C ASN B 2142 -27.04 -32.59 83.96
N ILE B 2143 -26.17 -33.37 83.31
CA ILE B 2143 -26.53 -33.99 82.03
C ILE B 2143 -25.89 -35.37 81.98
N THR B 2144 -25.21 -35.76 83.05
CA THR B 2144 -24.42 -36.98 83.06
C THR B 2144 -25.30 -38.22 82.86
N LEU B 2145 -24.64 -39.35 82.62
CA LEU B 2145 -25.34 -40.60 82.40
C LEU B 2145 -26.16 -41.02 83.62
N ALA B 2146 -25.76 -40.57 84.81
CA ALA B 2146 -26.51 -40.90 86.02
C ALA B 2146 -27.96 -40.42 85.93
N ASN B 2147 -28.21 -39.33 85.22
CA ASN B 2147 -29.56 -38.84 84.99
C ASN B 2147 -30.24 -39.50 83.79
N GLY B 2148 -29.53 -40.36 83.08
CA GLY B 2148 -30.10 -41.08 81.96
C GLY B 2148 -29.85 -40.46 80.61
N TYR B 2149 -28.71 -39.80 80.40
CA TYR B 2149 -28.37 -39.17 79.12
C TYR B 2149 -27.16 -39.88 78.55
N ILE B 2150 -27.38 -40.68 77.50
CA ILE B 2150 -26.30 -41.34 76.78
C ILE B 2150 -25.59 -40.32 75.90
N SER B 2151 -24.26 -40.25 76.01
CA SER B 2151 -23.50 -39.28 75.24
C SER B 2151 -23.72 -39.47 73.74
N ALA B 2152 -23.82 -38.35 73.02
CA ALA B 2152 -24.14 -38.39 71.60
C ALA B 2152 -23.08 -39.06 70.75
N ASP B 2153 -21.85 -39.15 71.25
CA ASP B 2153 -20.76 -39.69 70.44
C ASP B 2153 -20.93 -41.18 70.14
N SER B 2154 -21.77 -41.88 70.91
CA SER B 2154 -21.94 -43.32 70.70
C SER B 2154 -22.83 -43.61 69.50
N ARG B 2155 -23.96 -42.90 69.38
CA ARG B 2155 -24.93 -43.18 68.33
C ARG B 2155 -24.39 -42.72 66.98
N THR B 2156 -24.12 -43.68 66.09
CA THR B 2156 -23.72 -43.41 64.73
C THR B 2156 -24.52 -44.30 63.79
N VAL B 2157 -24.84 -43.78 62.61
CA VAL B 2157 -25.62 -44.54 61.63
C VAL B 2157 -24.85 -45.78 61.21
N ASP B 2158 -25.56 -46.91 61.13
CA ASP B 2158 -24.99 -48.15 60.61
C ASP B 2158 -25.20 -48.18 59.10
N ASN B 2159 -24.10 -48.02 58.35
CA ASN B 2159 -24.16 -47.99 56.89
C ASN B 2159 -23.64 -49.31 56.35
N PRO B 2160 -24.43 -50.07 55.58
CA PRO B 2160 -23.91 -51.32 55.02
C PRO B 2160 -23.02 -51.05 53.82
N ALA B 2161 -23.31 -49.95 53.11
CA ALA B 2161 -22.57 -49.64 51.89
C ALA B 2161 -21.07 -49.55 52.16
N ASP B 2162 -20.69 -49.08 53.35
CA ASP B 2162 -19.27 -48.96 53.67
C ASP B 2162 -18.57 -50.28 53.44
N LYS B 2163 -19.15 -51.37 53.96
CA LYS B 2163 -18.57 -52.69 53.75
C LYS B 2163 -18.39 -52.97 52.27
N ILE B 2164 -19.47 -52.79 51.49
CA ILE B 2164 -19.39 -53.00 50.06
C ILE B 2164 -18.31 -52.11 49.46
N LEU B 2165 -18.28 -50.84 49.87
CA LEU B 2165 -17.31 -49.91 49.29
C LEU B 2165 -15.89 -50.29 49.68
N GLU B 2166 -15.72 -50.97 50.81
CA GLU B 2166 -14.39 -51.44 51.18
C GLU B 2166 -13.96 -52.58 50.27
N GLN B 2167 -14.91 -53.45 49.89
CA GLN B 2167 -14.57 -54.66 49.15
C GLN B 2167 -14.59 -54.48 47.64
N ASN B 2168 -14.82 -53.26 47.14
CA ASN B 2168 -14.94 -53.06 45.70
C ASN B 2168 -14.36 -51.73 45.28
N SER B 2169 -13.54 -51.74 44.24
CA SER B 2169 -12.96 -50.52 43.69
C SER B 2169 -13.85 -49.96 42.59
N LEU B 2170 -13.62 -48.67 42.27
CA LEU B 2170 -14.50 -47.96 41.33
C LEU B 2170 -14.50 -48.62 39.96
N GLU B 2171 -13.35 -49.13 39.52
CA GLU B 2171 -13.28 -49.81 38.23
C GLU B 2171 -14.18 -51.04 38.21
N ASN B 2172 -14.04 -51.90 39.23
CA ASN B 2172 -14.91 -53.06 39.34
C ASN B 2172 -16.36 -52.66 39.49
N ILE B 2173 -16.63 -51.52 40.11
CA ILE B 2173 -18.00 -51.02 40.20
C ILE B 2173 -18.55 -50.74 38.82
N LEU B 2174 -17.79 -50.03 38.00
CA LEU B 2174 -18.30 -49.61 36.70
C LEU B 2174 -18.42 -50.77 35.74
N PHE B 2175 -17.47 -51.69 35.74
CA PHE B 2175 -17.50 -52.75 34.73
C PHE B 2175 -18.14 -54.04 35.22
N SER B 2176 -18.11 -54.29 36.52
CA SER B 2176 -18.80 -55.42 37.15
C SER B 2176 -18.34 -56.73 36.48
N GLN B 2177 -19.26 -57.57 36.01
CA GLN B 2177 -18.95 -58.83 35.31
C GLN B 2177 -18.08 -59.75 36.14
N ASN B 2178 -18.09 -59.60 37.46
CA ASN B 2178 -17.31 -60.46 38.35
C ASN B 2178 -18.01 -61.79 38.57
N ASN B 2179 -17.23 -62.87 38.55
CA ASN B 2179 -17.78 -64.21 38.69
C ASN B 2179 -18.32 -64.43 40.10
N VAL B 2180 -19.39 -65.22 40.21
CA VAL B 2180 -20.00 -65.58 41.48
C VAL B 2180 -20.45 -67.02 41.40
N VAL B 2181 -20.79 -67.59 42.55
CA VAL B 2181 -21.22 -68.98 42.64
C VAL B 2181 -22.55 -69.17 41.91
CL CL C . 24.82 37.32 -28.10
CL CL D . 37.24 2.25 -40.28
CL CL E . 30.16 2.42 -24.52
CL CL F . -1.18 26.80 -30.73
CL CL G . 21.29 -17.20 -47.79
CL CL H . 5.91 -9.45 -10.65
CL CL I . 41.00 22.26 -19.15
CL CL J . 58.59 17.79 -48.09
CL CL K . 46.78 5.54 -25.49
CL CL L . 57.45 15.93 -18.91
CL CL M . 32.23 10.91 -32.27
NA NA N . 27.91 -23.98 -34.53
NA NA O . 54.34 42.21 -34.64
NA NA P . 16.86 18.38 -70.79
NA NA Q . 24.59 -23.88 -34.46
CL CL R . -31.92 -3.74 22.62
CL CL S . -56.28 -15.25 6.03
CL CL T . -12.40 -26.50 42.22
CL CL U . -9.52 15.60 29.59
CL CL V . -20.25 -13.77 5.43
CL CL W . -36.87 3.85 36.31
CL CL X . -46.26 -10.09 29.62
CL CL Y . -29.66 1.09 -4.24
CL CL Z . -48.55 -22.29 34.33
CL CL AA . -33.16 -11.82 30.80
NA NA BA . -52.21 0.11 3.34
NA NA CA . -52.07 -49.70 29.95
#